data_7LQT
#
_entry.id   7LQT
#
_entity_poly.entity_id   1
_entity_poly.type   'polypeptide(L)'
_entity_poly.pdbx_seq_one_letter_code
;MGSGPIDPKELLKGLDSFLTRDGEVKSVDGIAKIFSLMKEARKMVSRCTYLNIILQTRAPEVLVKFIDVGGYKLLNSWLT
YSKTTNNIPLLQQILLTLQHLPLTVDHLKQNNTAKLVKQLSKSSEDEELRKLASVLVSDWMAVIRSQSGGGSGGGSDLDY
DSVQPYFYCDEEEN
;
_entity_poly.pdbx_strand_id   A
#
# COMPACT_ATOMS: atom_id res chain seq x y z
N MET A 1 31.52 9.64 18.18
CA MET A 1 30.88 10.68 17.35
C MET A 1 30.20 11.74 18.26
N GLY A 2 30.86 12.90 18.41
CA GLY A 2 30.33 14.01 19.22
C GLY A 2 29.26 14.82 18.47
N SER A 3 29.38 14.84 17.13
CA SER A 3 28.43 15.52 16.24
C SER A 3 27.13 14.70 16.08
N GLY A 4 25.99 15.41 15.91
CA GLY A 4 24.69 14.76 15.72
C GLY A 4 24.11 15.04 14.32
N PRO A 5 23.07 14.27 13.86
CA PRO A 5 22.42 14.50 12.55
C PRO A 5 21.41 15.67 12.59
N ILE A 6 20.58 15.78 11.53
CA ILE A 6 19.52 16.81 11.42
C ILE A 6 18.15 16.13 11.29
N ASP A 7 17.11 16.77 11.85
CA ASP A 7 15.72 16.28 11.78
C ASP A 7 15.15 16.61 10.38
N PRO A 8 14.87 15.58 9.53
CA PRO A 8 14.31 15.81 8.17
C PRO A 8 12.76 15.82 8.14
N LYS A 9 12.15 15.42 9.26
CA LYS A 9 10.71 15.13 9.35
C LYS A 9 9.89 16.42 9.40
N GLU A 10 10.41 17.42 10.14
CA GLU A 10 9.76 18.73 10.36
C GLU A 10 9.53 19.49 9.04
N LEU A 11 10.38 19.21 8.03
CA LEU A 11 10.27 19.81 6.69
C LEU A 11 8.95 19.38 5.98
N LEU A 12 8.54 18.12 6.21
CA LEU A 12 7.30 17.55 5.63
C LEU A 12 6.12 17.67 6.62
N LYS A 13 6.47 17.78 7.91
CA LYS A 13 5.50 17.93 9.01
C LYS A 13 4.96 19.37 9.07
N GLY A 14 5.62 20.31 8.36
CA GLY A 14 5.07 21.66 8.17
C GLY A 14 3.71 21.65 7.44
N LEU A 15 3.49 20.59 6.62
CA LEU A 15 2.22 20.38 5.88
C LEU A 15 1.13 19.76 6.80
N ASP A 16 1.57 19.12 7.91
CA ASP A 16 0.66 18.43 8.87
C ASP A 16 -0.32 19.41 9.54
N SER A 17 0.06 20.70 9.57
CA SER A 17 -0.77 21.80 10.08
C SER A 17 -2.04 21.99 9.21
N PHE A 18 -1.94 21.65 7.91
CA PHE A 18 -3.05 21.73 6.93
C PHE A 18 -3.95 20.47 7.01
N LEU A 19 -3.51 19.46 7.77
CA LEU A 19 -4.36 18.30 8.16
C LEU A 19 -4.87 18.50 9.60
N THR A 20 -5.64 17.53 10.11
CA THR A 20 -6.07 17.50 11.52
C THR A 20 -4.87 17.34 12.48
N ARG A 21 -5.10 17.62 13.78
CA ARG A 21 -4.02 17.66 14.80
C ARG A 21 -3.38 16.27 15.05
N ASP A 22 -4.13 15.21 14.75
CA ASP A 22 -3.65 13.81 14.89
C ASP A 22 -2.88 13.35 13.62
N GLY A 23 -2.92 14.19 12.57
CA GLY A 23 -2.24 13.92 11.30
C GLY A 23 -2.99 12.93 10.42
N GLU A 24 -4.34 12.96 10.51
CA GLU A 24 -5.21 12.06 9.77
C GLU A 24 -5.47 12.62 8.35
N VAL A 25 -6.34 13.65 8.31
CA VAL A 25 -6.78 14.31 7.08
C VAL A 25 -7.73 15.45 7.46
N LYS A 26 -7.58 16.62 6.82
CA LYS A 26 -8.53 17.72 7.00
C LYS A 26 -9.70 17.55 6.01
N SER A 27 -9.39 17.68 4.71
CA SER A 27 -10.40 17.74 3.65
C SER A 27 -9.88 17.09 2.35
N VAL A 28 -10.75 17.11 1.32
CA VAL A 28 -10.43 16.69 -0.05
C VAL A 28 -9.44 17.70 -0.72
N ASP A 29 -9.41 18.93 -0.20
CA ASP A 29 -8.36 19.92 -0.56
C ASP A 29 -7.01 19.49 0.02
N GLY A 30 -7.06 18.97 1.27
CA GLY A 30 -5.89 18.51 1.99
C GLY A 30 -5.15 17.37 1.29
N ILE A 31 -5.90 16.36 0.80
CA ILE A 31 -5.30 15.20 0.11
C ILE A 31 -4.58 15.63 -1.19
N ALA A 32 -5.11 16.66 -1.88
CA ALA A 32 -4.63 17.09 -3.21
C ALA A 32 -3.27 17.81 -3.13
N LYS A 33 -3.10 18.67 -2.11
CA LYS A 33 -1.81 19.37 -1.88
C LYS A 33 -0.73 18.38 -1.39
N ILE A 34 -1.15 17.44 -0.52
CA ILE A 34 -0.30 16.32 -0.06
C ILE A 34 0.12 15.46 -1.26
N PHE A 35 -0.85 15.20 -2.15
CA PHE A 35 -0.71 14.31 -3.32
C PHE A 35 0.43 14.77 -4.23
N SER A 36 0.40 16.07 -4.57
CA SER A 36 1.37 16.69 -5.48
C SER A 36 2.80 16.70 -4.89
N LEU A 37 2.91 16.96 -3.57
CA LEU A 37 4.22 17.07 -2.89
C LEU A 37 4.82 15.68 -2.54
N MET A 38 3.96 14.69 -2.23
CA MET A 38 4.40 13.29 -1.91
C MET A 38 4.72 12.53 -3.21
N LYS A 39 4.12 13.01 -4.33
CA LYS A 39 4.36 12.47 -5.69
C LYS A 39 5.84 12.56 -6.08
N GLU A 40 6.49 13.68 -5.64
CA GLU A 40 7.92 13.93 -5.87
C GLU A 40 8.77 12.78 -5.30
N ALA A 41 8.45 12.41 -4.04
CA ALA A 41 8.92 11.15 -3.40
C ALA A 41 10.47 11.05 -3.28
N ARG A 42 11.16 12.19 -3.49
CA ARG A 42 12.63 12.22 -3.63
C ARG A 42 13.33 12.21 -2.26
N LYS A 43 12.54 12.27 -1.17
CA LYS A 43 13.05 12.11 0.21
C LYS A 43 12.43 10.82 0.81
N MET A 44 13.28 9.98 1.44
CA MET A 44 12.84 8.75 2.16
C MET A 44 11.86 9.09 3.30
N VAL A 45 12.11 10.23 3.95
CA VAL A 45 11.25 10.73 5.04
C VAL A 45 9.89 11.22 4.48
N SER A 46 9.90 11.85 3.27
CA SER A 46 8.66 12.29 2.58
C SER A 46 7.78 11.07 2.25
N ARG A 47 8.43 9.94 1.98
CA ARG A 47 7.75 8.66 1.74
C ARG A 47 7.00 8.20 3.00
N CYS A 48 7.74 7.98 4.09
CA CYS A 48 7.20 7.38 5.32
C CYS A 48 6.18 8.30 6.04
N THR A 49 6.44 9.62 6.02
CA THR A 49 5.61 10.64 6.69
C THR A 49 4.22 10.72 6.03
N TYR A 50 4.19 11.03 4.72
CA TYR A 50 2.92 11.26 3.99
C TYR A 50 2.10 9.96 3.87
N LEU A 51 2.75 8.80 3.56
CA LEU A 51 2.07 7.48 3.50
C LEU A 51 1.39 7.12 4.84
N ASN A 52 2.00 7.57 5.96
CA ASN A 52 1.46 7.35 7.31
C ASN A 52 0.22 8.24 7.54
N ILE A 53 0.25 9.46 6.96
CA ILE A 53 -0.90 10.39 7.00
C ILE A 53 -2.09 9.82 6.18
N ILE A 54 -1.78 9.25 4.98
CA ILE A 54 -2.80 8.64 4.09
C ILE A 54 -3.36 7.35 4.72
N LEU A 55 -2.52 6.71 5.55
CA LEU A 55 -2.90 5.54 6.35
C LEU A 55 -3.88 5.97 7.46
N GLN A 56 -3.62 7.13 8.09
CA GLN A 56 -4.47 7.68 9.18
C GLN A 56 -5.68 8.46 8.61
N THR A 57 -5.69 8.70 7.28
CA THR A 57 -6.82 9.31 6.58
C THR A 57 -8.06 8.37 6.69
N ARG A 58 -8.87 8.58 7.73
CA ARG A 58 -10.00 7.68 8.05
C ARG A 58 -11.29 8.07 7.28
N ALA A 59 -11.15 8.99 6.31
CA ALA A 59 -12.25 9.45 5.45
C ALA A 59 -12.22 8.69 4.10
N PRO A 60 -13.05 7.61 3.92
CA PRO A 60 -12.93 6.64 2.78
C PRO A 60 -13.12 7.27 1.37
N GLU A 61 -13.86 8.40 1.29
CA GLU A 61 -14.06 9.16 0.04
C GLU A 61 -12.73 9.78 -0.44
N VAL A 62 -11.96 10.27 0.53
CA VAL A 62 -10.64 10.88 0.28
C VAL A 62 -9.66 9.82 -0.32
N LEU A 63 -9.84 8.55 0.09
CA LEU A 63 -9.02 7.42 -0.42
C LEU A 63 -9.38 7.06 -1.88
N VAL A 64 -10.68 6.94 -2.18
CA VAL A 64 -11.14 6.50 -3.52
C VAL A 64 -10.84 7.58 -4.58
N LYS A 65 -10.85 8.87 -4.17
CA LYS A 65 -10.51 9.97 -5.09
C LYS A 65 -8.98 10.13 -5.17
N PHE A 66 -8.23 9.66 -4.14
CA PHE A 66 -6.74 9.59 -4.19
C PHE A 66 -6.33 8.65 -5.33
N ILE A 67 -6.99 7.48 -5.37
CA ILE A 67 -6.84 6.48 -6.45
C ILE A 67 -7.14 7.13 -7.83
N ASP A 68 -8.26 7.89 -7.87
CA ASP A 68 -8.77 8.56 -9.08
C ASP A 68 -7.77 9.59 -9.65
N VAL A 69 -7.29 10.51 -8.79
CA VAL A 69 -6.49 11.70 -9.22
C VAL A 69 -5.08 11.35 -9.70
N GLY A 70 -4.65 10.08 -9.55
CA GLY A 70 -3.34 9.61 -10.04
C GLY A 70 -2.64 8.70 -9.06
N GLY A 71 -3.17 8.65 -7.80
CA GLY A 71 -2.59 7.88 -6.71
C GLY A 71 -2.50 6.38 -6.99
N TYR A 72 -3.42 5.86 -7.84
CA TYR A 72 -3.42 4.45 -8.28
C TYR A 72 -2.06 4.07 -8.92
N LYS A 73 -1.63 4.89 -9.90
CA LYS A 73 -0.38 4.68 -10.64
C LYS A 73 0.83 4.91 -9.72
N LEU A 74 0.68 5.89 -8.81
CA LEU A 74 1.72 6.27 -7.84
C LEU A 74 1.95 5.17 -6.79
N LEU A 75 0.91 4.39 -6.44
CA LEU A 75 1.05 3.26 -5.48
C LEU A 75 1.97 2.17 -6.08
N ASN A 76 1.79 1.89 -7.38
CA ASN A 76 2.62 0.93 -8.13
C ASN A 76 4.03 1.52 -8.38
N SER A 77 4.09 2.85 -8.57
CA SER A 77 5.34 3.58 -8.85
C SER A 77 6.27 3.53 -7.62
N TRP A 78 5.71 3.87 -6.44
CA TRP A 78 6.46 3.90 -5.17
C TRP A 78 6.79 2.47 -4.72
N LEU A 79 5.91 1.50 -5.04
CA LEU A 79 6.14 0.06 -4.73
C LEU A 79 7.43 -0.42 -5.45
N THR A 80 7.51 -0.12 -6.75
CA THR A 80 8.67 -0.48 -7.61
C THR A 80 9.93 0.31 -7.19
N TYR A 81 9.72 1.61 -6.89
CA TYR A 81 10.79 2.55 -6.47
C TYR A 81 11.46 2.11 -5.16
N SER A 82 10.65 1.57 -4.25
CA SER A 82 11.12 1.08 -2.94
C SER A 82 11.71 -0.33 -3.06
N LYS A 83 11.20 -1.12 -4.03
CA LYS A 83 11.61 -2.53 -4.21
C LYS A 83 13.03 -2.63 -4.81
N THR A 84 13.46 -1.57 -5.52
CA THR A 84 14.84 -1.48 -6.08
C THR A 84 15.89 -1.54 -4.94
N THR A 85 15.70 -0.67 -3.93
CA THR A 85 16.53 -0.65 -2.71
C THR A 85 16.07 -1.73 -1.69
N ASN A 86 14.80 -2.18 -1.85
CA ASN A 86 14.09 -3.11 -0.93
C ASN A 86 14.24 -2.65 0.53
N ASN A 87 13.68 -1.46 0.80
CA ASN A 87 13.72 -0.82 2.12
C ASN A 87 12.52 -1.33 2.94
N ILE A 88 12.78 -2.23 3.91
CA ILE A 88 11.73 -3.01 4.62
C ILE A 88 10.61 -2.12 5.27
N PRO A 89 10.93 -1.08 6.14
CA PRO A 89 9.90 -0.21 6.78
C PRO A 89 9.09 0.63 5.74
N LEU A 90 9.65 0.78 4.53
CA LEU A 90 9.01 1.53 3.44
C LEU A 90 8.01 0.63 2.68
N LEU A 91 8.46 -0.58 2.26
CA LEU A 91 7.61 -1.57 1.52
C LEU A 91 6.32 -1.87 2.30
N GLN A 92 6.47 -2.13 3.61
CA GLN A 92 5.36 -2.54 4.48
C GLN A 92 4.35 -1.40 4.67
N GLN A 93 4.83 -0.14 4.61
CA GLN A 93 3.97 1.06 4.75
C GLN A 93 3.18 1.33 3.47
N ILE A 94 3.81 1.08 2.30
CA ILE A 94 3.15 1.29 0.98
C ILE A 94 1.96 0.32 0.83
N LEU A 95 2.23 -0.98 1.10
CA LEU A 95 1.21 -2.04 0.98
C LEU A 95 0.12 -1.88 2.06
N LEU A 96 0.48 -1.29 3.22
CA LEU A 96 -0.46 -1.05 4.34
C LEU A 96 -1.38 0.16 4.03
N THR A 97 -0.83 1.16 3.30
CA THR A 97 -1.58 2.36 2.86
C THR A 97 -2.62 1.97 1.78
N LEU A 98 -2.23 1.11 0.84
CA LEU A 98 -3.15 0.60 -0.20
C LEU A 98 -4.06 -0.53 0.35
N GLN A 99 -3.69 -1.09 1.52
CA GLN A 99 -4.57 -1.97 2.33
C GLN A 99 -5.66 -1.13 3.02
N HIS A 100 -5.31 0.15 3.34
CA HIS A 100 -6.23 1.08 4.01
C HIS A 100 -7.34 1.54 3.04
N LEU A 101 -6.96 1.87 1.79
CA LEU A 101 -7.93 2.25 0.75
C LEU A 101 -8.57 1.00 0.12
N PRO A 102 -9.90 1.03 -0.22
CA PRO A 102 -10.59 -0.09 -0.89
C PRO A 102 -10.12 -0.24 -2.36
N LEU A 103 -9.25 -1.23 -2.60
CA LEU A 103 -8.66 -1.49 -3.93
C LEU A 103 -9.40 -2.68 -4.58
N THR A 104 -9.64 -2.62 -5.90
CA THR A 104 -10.44 -3.63 -6.64
C THR A 104 -9.55 -4.71 -7.28
N VAL A 105 -10.19 -5.79 -7.78
CA VAL A 105 -9.47 -6.87 -8.52
C VAL A 105 -8.93 -6.33 -9.85
N ASP A 106 -9.67 -5.40 -10.47
CA ASP A 106 -9.26 -4.67 -11.68
C ASP A 106 -7.89 -4.00 -11.46
N HIS A 107 -7.79 -3.27 -10.32
CA HIS A 107 -6.60 -2.51 -9.94
C HIS A 107 -5.38 -3.43 -9.77
N LEU A 108 -5.46 -4.37 -8.81
CA LEU A 108 -4.33 -5.25 -8.42
C LEU A 108 -3.81 -6.11 -9.59
N LYS A 109 -4.71 -6.40 -10.54
CA LYS A 109 -4.40 -7.20 -11.75
C LYS A 109 -3.69 -6.33 -12.80
N GLN A 110 -4.20 -5.11 -12.98
CA GLN A 110 -3.76 -4.19 -14.05
C GLN A 110 -2.32 -3.71 -13.80
N ASN A 111 -2.07 -3.23 -12.56
CA ASN A 111 -0.73 -2.77 -12.13
C ASN A 111 0.20 -3.95 -11.75
N ASN A 112 -0.37 -5.18 -11.73
CA ASN A 112 0.35 -6.46 -11.41
C ASN A 112 0.86 -6.49 -9.95
N THR A 113 0.41 -5.53 -9.12
CA THR A 113 0.87 -5.40 -7.72
C THR A 113 0.38 -6.58 -6.87
N ALA A 114 -0.70 -7.27 -7.33
CA ALA A 114 -1.17 -8.55 -6.75
C ALA A 114 -0.04 -9.59 -6.71
N LYS A 115 0.66 -9.72 -7.83
CA LYS A 115 1.81 -10.63 -7.99
C LYS A 115 3.00 -10.18 -7.11
N LEU A 116 3.29 -8.86 -7.17
CA LEU A 116 4.44 -8.24 -6.47
C LEU A 116 4.32 -8.38 -4.94
N VAL A 117 3.11 -8.20 -4.41
CA VAL A 117 2.86 -8.32 -2.96
C VAL A 117 2.73 -9.80 -2.54
N LYS A 118 2.25 -10.66 -3.46
CA LYS A 118 2.01 -12.07 -3.14
C LYS A 118 3.33 -12.83 -3.02
N GLN A 119 4.31 -12.54 -3.90
CA GLN A 119 5.65 -13.15 -3.84
C GLN A 119 6.37 -12.76 -2.53
N LEU A 120 6.05 -11.55 -2.00
CA LEU A 120 6.49 -11.10 -0.66
C LEU A 120 5.89 -12.02 0.42
N SER A 121 4.54 -12.21 0.35
CA SER A 121 3.78 -13.02 1.34
C SER A 121 3.84 -14.54 1.03
N LYS A 122 4.62 -14.92 -0.01
CA LYS A 122 5.00 -16.33 -0.27
C LYS A 122 6.22 -16.68 0.58
N SER A 123 7.30 -15.90 0.37
CA SER A 123 8.57 -16.08 1.09
C SER A 123 9.48 -14.85 0.83
N SER A 124 9.52 -13.92 1.79
CA SER A 124 10.57 -12.90 1.87
C SER A 124 11.40 -13.17 3.13
N GLU A 125 12.62 -12.61 3.17
CA GLU A 125 13.62 -12.85 4.24
C GLU A 125 13.34 -12.04 5.53
N ASP A 126 12.12 -11.50 5.64
CA ASP A 126 11.72 -10.64 6.75
C ASP A 126 10.29 -11.01 7.17
N GLU A 127 10.01 -10.92 8.49
CA GLU A 127 8.69 -11.24 9.06
C GLU A 127 7.65 -10.14 8.76
N GLU A 128 7.97 -8.90 9.21
CA GLU A 128 6.98 -7.79 9.35
C GLU A 128 6.37 -7.35 8.02
N LEU A 129 7.18 -7.34 6.95
CA LEU A 129 6.74 -6.88 5.62
C LEU A 129 5.69 -7.87 5.05
N ARG A 130 5.99 -9.20 5.18
CA ARG A 130 5.21 -10.27 4.54
C ARG A 130 3.97 -10.65 5.34
N LYS A 131 3.97 -10.41 6.66
CA LYS A 131 2.81 -10.71 7.52
C LYS A 131 1.75 -9.61 7.35
N LEU A 132 2.19 -8.34 7.18
CA LEU A 132 1.30 -7.22 6.78
C LEU A 132 0.78 -7.45 5.35
N ALA A 133 1.67 -7.94 4.47
CA ALA A 133 1.35 -8.31 3.07
C ALA A 133 0.39 -9.51 3.03
N SER A 134 0.47 -10.38 4.05
CA SER A 134 -0.37 -11.57 4.16
C SER A 134 -1.82 -11.16 4.50
N VAL A 135 -1.96 -10.21 5.45
CA VAL A 135 -3.28 -9.63 5.83
C VAL A 135 -3.93 -8.95 4.60
N LEU A 136 -3.08 -8.25 3.82
CA LEU A 136 -3.48 -7.56 2.59
C LEU A 136 -4.00 -8.55 1.52
N VAL A 137 -3.21 -9.61 1.22
CA VAL A 137 -3.58 -10.60 0.19
C VAL A 137 -4.76 -11.46 0.65
N SER A 138 -4.92 -11.65 1.98
CA SER A 138 -6.05 -12.41 2.57
C SER A 138 -7.35 -11.59 2.48
N ASP A 139 -7.21 -10.26 2.61
CA ASP A 139 -8.30 -9.30 2.38
C ASP A 139 -8.73 -9.34 0.91
N TRP A 140 -7.72 -9.29 0.02
CA TRP A 140 -7.90 -9.33 -1.43
C TRP A 140 -8.54 -10.65 -1.88
N MET A 141 -8.05 -11.79 -1.35
CA MET A 141 -8.54 -13.13 -1.77
C MET A 141 -9.94 -13.41 -1.18
N ALA A 142 -10.29 -12.69 -0.09
CA ALA A 142 -11.64 -12.73 0.49
C ALA A 142 -12.64 -12.07 -0.49
N VAL A 143 -12.22 -10.90 -1.03
CA VAL A 143 -12.97 -10.15 -2.06
C VAL A 143 -13.09 -11.00 -3.35
N ILE A 144 -11.94 -11.54 -3.81
CA ILE A 144 -11.83 -12.33 -5.06
C ILE A 144 -12.71 -13.60 -5.00
N ARG A 145 -12.69 -14.27 -3.84
CA ARG A 145 -13.49 -15.49 -3.58
C ARG A 145 -14.99 -15.16 -3.60
N SER A 146 -15.31 -13.96 -3.10
CA SER A 146 -16.67 -13.41 -3.07
C SER A 146 -17.14 -13.00 -4.49
N GLN A 147 -16.18 -12.62 -5.37
CA GLN A 147 -16.46 -12.28 -6.79
C GLN A 147 -16.62 -13.57 -7.62
N SER A 148 -15.90 -14.63 -7.18
CA SER A 148 -15.94 -15.96 -7.82
C SER A 148 -17.32 -16.61 -7.60
N GLY A 149 -17.79 -16.54 -6.35
CA GLY A 149 -19.06 -17.15 -5.95
C GLY A 149 -18.98 -17.69 -4.53
N GLY A 150 -17.84 -18.34 -4.23
CA GLY A 150 -17.58 -18.86 -2.88
C GLY A 150 -16.37 -19.78 -2.83
N GLY A 151 -16.32 -20.60 -1.77
CA GLY A 151 -15.18 -21.47 -1.48
C GLY A 151 -14.91 -21.48 0.03
N SER A 152 -14.41 -22.61 0.55
CA SER A 152 -14.14 -22.78 2.00
C SER A 152 -12.84 -22.06 2.39
N GLY A 153 -11.68 -22.64 2.02
CA GLY A 153 -10.37 -22.14 2.46
C GLY A 153 -10.02 -22.63 3.87
N GLY A 154 -10.89 -22.29 4.84
CA GLY A 154 -10.74 -22.74 6.23
C GLY A 154 -9.93 -21.76 7.07
N GLY A 155 -8.71 -21.46 6.58
CA GLY A 155 -7.76 -20.60 7.28
C GLY A 155 -6.53 -21.38 7.66
N SER A 156 -6.73 -22.43 8.48
CA SER A 156 -5.68 -23.38 8.88
C SER A 156 -5.55 -24.47 7.80
N ASP A 157 -4.34 -25.08 7.71
CA ASP A 157 -3.98 -26.12 6.70
C ASP A 157 -4.02 -25.56 5.25
N LEU A 158 -4.06 -24.21 5.15
CA LEU A 158 -4.32 -23.50 3.89
C LEU A 158 -2.98 -23.15 3.22
N ASP A 159 -2.68 -23.88 2.13
CA ASP A 159 -1.38 -23.90 1.46
C ASP A 159 -1.18 -22.67 0.55
N TYR A 160 0.10 -22.41 0.19
CA TYR A 160 0.52 -21.27 -0.66
C TYR A 160 -0.07 -21.34 -2.08
N ASP A 161 -0.40 -22.55 -2.55
CA ASP A 161 -1.06 -22.76 -3.86
C ASP A 161 -2.59 -22.52 -3.75
N SER A 162 -3.17 -22.87 -2.59
CA SER A 162 -4.64 -22.73 -2.35
C SER A 162 -5.03 -21.29 -1.91
N VAL A 163 -4.02 -20.41 -1.77
CA VAL A 163 -4.24 -18.96 -1.51
C VAL A 163 -3.87 -18.14 -2.77
N GLN A 164 -4.16 -18.71 -3.96
CA GLN A 164 -3.82 -18.11 -5.27
C GLN A 164 -5.06 -17.93 -6.21
N PRO A 165 -6.27 -17.46 -5.73
CA PRO A 165 -7.52 -17.51 -6.53
C PRO A 165 -7.38 -16.78 -7.89
N TYR A 166 -6.99 -15.49 -7.84
CA TYR A 166 -6.58 -14.70 -9.02
C TYR A 166 -5.11 -14.26 -8.86
N PHE A 167 -4.33 -15.02 -8.06
CA PHE A 167 -2.86 -14.81 -7.94
C PHE A 167 -2.09 -15.90 -8.71
N TYR A 168 -2.84 -16.86 -9.30
CA TYR A 168 -2.26 -17.96 -10.11
C TYR A 168 -1.46 -17.43 -11.31
N CYS A 169 -0.14 -17.54 -11.20
CA CYS A 169 0.80 -17.31 -12.30
C CYS A 169 1.17 -18.69 -12.85
N ASP A 170 0.54 -19.08 -13.98
CA ASP A 170 0.68 -20.43 -14.59
C ASP A 170 1.95 -20.54 -15.46
N GLU A 171 3.07 -20.03 -14.93
CA GLU A 171 4.38 -20.04 -15.61
C GLU A 171 4.96 -21.47 -15.56
N GLU A 172 4.55 -22.28 -16.56
CA GLU A 172 4.88 -23.70 -16.64
C GLU A 172 6.37 -23.92 -16.93
N GLU A 173 7.10 -24.19 -15.85
CA GLU A 173 8.45 -24.73 -15.88
C GLU A 173 8.44 -26.15 -16.49
N ASN A 174 7.29 -26.84 -16.32
CA ASN A 174 7.02 -28.17 -16.88
C ASN A 174 6.90 -28.05 -18.41
N MET A 1 30.86 28.86 14.55
CA MET A 1 30.60 28.24 15.87
C MET A 1 29.43 27.26 15.75
N GLY A 2 29.72 25.96 15.88
CA GLY A 2 28.69 24.92 15.76
C GLY A 2 28.45 24.49 14.31
N SER A 3 28.14 23.20 14.12
CA SER A 3 27.89 22.60 12.79
C SER A 3 26.71 21.61 12.88
N GLY A 4 25.76 21.88 13.81
CA GLY A 4 24.64 20.98 14.11
C GLY A 4 23.65 20.84 12.95
N PRO A 5 23.05 19.62 12.72
CA PRO A 5 22.15 19.36 11.57
C PRO A 5 20.73 19.93 11.78
N ILE A 6 19.84 19.71 10.79
CA ILE A 6 18.42 20.12 10.85
C ILE A 6 17.51 18.89 10.63
N ASP A 7 16.39 18.85 11.36
CA ASP A 7 15.43 17.73 11.34
C ASP A 7 14.47 17.87 10.15
N PRO A 8 14.51 16.93 9.15
CA PRO A 8 13.68 17.02 7.91
C PRO A 8 12.19 16.73 8.16
N LYS A 9 11.89 15.97 9.23
CA LYS A 9 10.51 15.57 9.59
C LYS A 9 9.64 16.82 9.82
N GLU A 10 10.26 17.86 10.39
CA GLU A 10 9.63 19.19 10.58
C GLU A 10 9.20 19.81 9.24
N LEU A 11 10.14 19.84 8.27
CA LEU A 11 9.93 20.50 6.97
C LEU A 11 8.83 19.79 6.15
N LEU A 12 8.83 18.44 6.19
CA LEU A 12 7.88 17.61 5.42
C LEU A 12 6.56 17.38 6.18
N LYS A 13 6.48 17.83 7.45
CA LYS A 13 5.20 17.89 8.19
C LYS A 13 4.89 19.37 8.55
N GLY A 14 5.60 20.31 7.90
CA GLY A 14 5.36 21.74 8.05
C GLY A 14 4.00 22.19 7.55
N LEU A 15 3.40 21.41 6.64
CA LEU A 15 2.06 21.67 6.09
C LEU A 15 0.95 21.07 6.99
N ASP A 16 1.28 20.84 8.27
CA ASP A 16 0.39 20.22 9.29
C ASP A 16 -0.94 21.00 9.45
N SER A 17 -0.88 22.31 9.18
CA SER A 17 -2.04 23.22 9.23
C SER A 17 -3.18 22.76 8.30
N PHE A 18 -2.82 22.07 7.22
CA PHE A 18 -3.77 21.61 6.18
C PHE A 18 -4.33 20.20 6.47
N LEU A 19 -4.01 19.66 7.67
CA LEU A 19 -4.59 18.40 8.20
C LEU A 19 -5.28 18.69 9.55
N THR A 20 -5.86 17.65 10.17
CA THR A 20 -6.38 17.72 11.55
C THR A 20 -5.21 17.74 12.56
N ARG A 21 -5.55 17.89 13.84
CA ARG A 21 -4.57 17.88 14.94
C ARG A 21 -3.94 16.47 15.11
N ASP A 22 -4.66 15.44 14.62
CA ASP A 22 -4.17 14.05 14.56
C ASP A 22 -3.36 13.80 13.27
N GLY A 23 -3.51 14.69 12.27
CA GLY A 23 -2.81 14.56 10.99
C GLY A 23 -3.46 13.56 10.05
N GLU A 24 -4.79 13.43 10.18
CA GLU A 24 -5.62 12.53 9.37
C GLU A 24 -5.86 13.18 8.00
N VAL A 25 -6.74 14.21 8.00
CA VAL A 25 -7.12 14.97 6.80
C VAL A 25 -8.08 16.10 7.22
N LYS A 26 -7.85 17.31 6.68
CA LYS A 26 -8.76 18.45 6.90
C LYS A 26 -9.92 18.41 5.90
N SER A 27 -9.57 18.42 4.61
CA SER A 27 -10.54 18.53 3.50
C SER A 27 -10.15 17.64 2.32
N VAL A 28 -11.00 17.63 1.27
CA VAL A 28 -10.72 16.94 -0.01
C VAL A 28 -9.55 17.63 -0.75
N ASP A 29 -9.36 18.94 -0.48
CA ASP A 29 -8.17 19.70 -0.92
C ASP A 29 -6.92 19.21 -0.19
N GLY A 30 -7.10 18.78 1.07
CA GLY A 30 -6.01 18.28 1.92
C GLY A 30 -5.20 17.17 1.27
N ILE A 31 -5.90 16.17 0.71
CA ILE A 31 -5.24 15.04 0.02
C ILE A 31 -4.55 15.50 -1.29
N ALA A 32 -5.08 16.55 -1.95
CA ALA A 32 -4.56 17.03 -3.25
C ALA A 32 -3.16 17.67 -3.11
N LYS A 33 -2.99 18.49 -2.06
CA LYS A 33 -1.72 19.17 -1.77
C LYS A 33 -0.70 18.20 -1.13
N ILE A 34 -1.21 17.26 -0.31
CA ILE A 34 -0.41 16.15 0.24
C ILE A 34 0.12 15.28 -0.91
N PHE A 35 -0.76 15.02 -1.89
CA PHE A 35 -0.45 14.22 -3.08
C PHE A 35 0.67 14.86 -3.89
N SER A 36 0.51 16.15 -4.21
CA SER A 36 1.41 16.89 -5.10
C SER A 36 2.87 16.89 -4.58
N LEU A 37 3.04 16.97 -3.25
CA LEU A 37 4.38 16.94 -2.62
C LEU A 37 4.91 15.48 -2.52
N MET A 38 4.11 14.56 -1.94
CA MET A 38 4.53 13.16 -1.67
C MET A 38 4.81 12.38 -2.96
N LYS A 39 4.17 12.83 -4.07
CA LYS A 39 4.22 12.21 -5.40
C LYS A 39 5.67 12.03 -5.88
N GLU A 40 6.55 12.95 -5.45
CA GLU A 40 7.98 12.90 -5.74
C GLU A 40 8.60 11.60 -5.21
N ALA A 41 8.38 11.34 -3.90
CA ALA A 41 9.08 10.31 -3.11
C ALA A 41 10.62 10.50 -3.24
N ARG A 42 10.99 11.78 -3.35
CA ARG A 42 12.36 12.28 -3.63
C ARG A 42 13.38 11.73 -2.62
N LYS A 43 12.95 11.64 -1.37
CA LYS A 43 13.71 10.99 -0.30
C LYS A 43 12.72 10.23 0.59
N MET A 44 13.25 9.35 1.47
CA MET A 44 12.43 8.54 2.38
C MET A 44 11.51 9.42 3.26
N VAL A 45 12.03 10.56 3.73
CA VAL A 45 11.30 11.48 4.61
C VAL A 45 10.09 12.14 3.88
N SER A 46 10.28 12.53 2.60
CA SER A 46 9.27 13.28 1.82
C SER A 46 8.05 12.41 1.52
N ARG A 47 8.25 11.10 1.36
CA ARG A 47 7.15 10.13 1.26
C ARG A 47 6.63 9.70 2.66
N CYS A 48 7.53 9.66 3.68
CA CYS A 48 7.24 9.05 5.02
C CYS A 48 6.12 9.77 5.79
N THR A 49 6.31 11.09 6.03
CA THR A 49 5.37 11.91 6.82
C THR A 49 3.96 11.91 6.22
N TYR A 50 3.93 12.04 4.88
CA TYR A 50 2.69 12.08 4.09
C TYR A 50 2.01 10.69 4.03
N LEU A 51 2.82 9.61 3.98
CA LEU A 51 2.31 8.23 3.94
C LEU A 51 1.58 7.91 5.25
N ASN A 52 2.13 8.42 6.37
CA ASN A 52 1.54 8.28 7.70
C ASN A 52 0.17 8.99 7.74
N ILE A 53 0.11 10.19 7.12
CA ILE A 53 -1.12 10.98 6.99
C ILE A 53 -2.23 10.18 6.26
N ILE A 54 -1.85 9.47 5.17
CA ILE A 54 -2.80 8.66 4.36
C ILE A 54 -3.39 7.53 5.22
N LEU A 55 -2.51 6.87 6.00
CA LEU A 55 -2.90 5.78 6.92
C LEU A 55 -3.79 6.29 8.05
N GLN A 56 -3.60 7.56 8.44
CA GLN A 56 -4.41 8.21 9.48
C GLN A 56 -5.72 8.78 8.90
N THR A 57 -5.77 8.97 7.56
CA THR A 57 -6.96 9.50 6.87
C THR A 57 -8.15 8.54 7.06
N ARG A 58 -9.07 8.93 7.97
CA ARG A 58 -10.26 8.14 8.31
C ARG A 58 -11.38 8.34 7.26
N ALA A 59 -11.28 9.43 6.49
CA ALA A 59 -12.32 9.85 5.54
C ALA A 59 -12.25 9.04 4.23
N PRO A 60 -13.20 8.07 3.98
CA PRO A 60 -13.13 7.13 2.82
C PRO A 60 -13.22 7.84 1.45
N GLU A 61 -13.96 8.97 1.40
CA GLU A 61 -14.10 9.80 0.18
C GLU A 61 -12.73 10.33 -0.29
N VAL A 62 -11.89 10.67 0.70
CA VAL A 62 -10.55 11.18 0.46
C VAL A 62 -9.61 10.07 -0.09
N LEU A 63 -9.79 8.82 0.40
CA LEU A 63 -8.99 7.65 -0.07
C LEU A 63 -9.34 7.26 -1.52
N VAL A 64 -10.64 7.23 -1.84
CA VAL A 64 -11.10 6.81 -3.18
C VAL A 64 -10.73 7.85 -4.24
N LYS A 65 -10.74 9.15 -3.86
CA LYS A 65 -10.40 10.25 -4.77
C LYS A 65 -8.87 10.38 -4.88
N PHE A 66 -8.13 9.86 -3.87
CA PHE A 66 -6.66 9.75 -3.91
C PHE A 66 -6.22 8.79 -5.03
N ILE A 67 -7.03 7.74 -5.25
CA ILE A 67 -6.82 6.79 -6.35
C ILE A 67 -6.96 7.52 -7.72
N ASP A 68 -7.97 8.41 -7.80
CA ASP A 68 -8.29 9.18 -9.02
C ASP A 68 -7.18 10.20 -9.37
N VAL A 69 -6.69 10.95 -8.37
CA VAL A 69 -5.72 12.06 -8.60
C VAL A 69 -4.37 11.55 -9.13
N GLY A 70 -4.05 10.27 -8.86
CA GLY A 70 -2.80 9.65 -9.32
C GLY A 70 -2.12 8.80 -8.26
N GLY A 71 -2.74 8.73 -7.07
CA GLY A 71 -2.26 7.88 -5.97
C GLY A 71 -2.22 6.40 -6.35
N TYR A 72 -3.15 6.01 -7.24
CA TYR A 72 -3.20 4.68 -7.86
C TYR A 72 -1.84 4.29 -8.49
N LYS A 73 -1.24 5.25 -9.21
CA LYS A 73 0.07 5.08 -9.85
C LYS A 73 1.19 5.02 -8.79
N LEU A 74 1.06 5.86 -7.74
CA LEU A 74 2.08 6.01 -6.68
C LEU A 74 2.35 4.69 -5.94
N LEU A 75 1.27 4.00 -5.54
CA LEU A 75 1.38 2.71 -4.80
C LEU A 75 2.10 1.63 -5.66
N ASN A 76 1.99 1.74 -6.99
CA ASN A 76 2.66 0.82 -7.93
C ASN A 76 4.15 1.19 -8.10
N SER A 77 4.40 2.49 -8.36
CA SER A 77 5.73 3.03 -8.69
C SER A 77 6.70 2.93 -7.50
N TRP A 78 6.18 3.30 -6.31
CA TRP A 78 6.93 3.32 -5.05
C TRP A 78 7.28 1.90 -4.58
N LEU A 79 6.43 0.92 -4.94
CA LEU A 79 6.65 -0.51 -4.60
C LEU A 79 7.99 -0.96 -5.18
N THR A 80 8.16 -0.70 -6.49
CA THR A 80 9.39 -1.03 -7.23
C THR A 80 10.58 -0.15 -6.77
N TYR A 81 10.30 1.13 -6.45
CA TYR A 81 11.32 2.11 -5.97
C TYR A 81 11.94 1.67 -4.64
N SER A 82 11.09 1.14 -3.75
CA SER A 82 11.51 0.65 -2.41
C SER A 82 12.10 -0.77 -2.50
N LYS A 83 11.68 -1.54 -3.53
CA LYS A 83 12.09 -2.95 -3.70
C LYS A 83 13.51 -3.03 -4.27
N THR A 84 13.84 -2.11 -5.21
CA THR A 84 15.16 -2.06 -5.87
C THR A 84 16.25 -1.60 -4.88
N THR A 85 15.84 -0.82 -3.86
CA THR A 85 16.70 -0.41 -2.75
C THR A 85 16.64 -1.47 -1.61
N ASN A 86 15.49 -2.17 -1.55
CA ASN A 86 15.15 -3.20 -0.54
C ASN A 86 15.21 -2.62 0.89
N ASN A 87 14.10 -2.01 1.31
CA ASN A 87 13.95 -1.40 2.66
C ASN A 87 12.68 -1.96 3.31
N ILE A 88 12.84 -2.81 4.36
CA ILE A 88 11.73 -3.58 4.98
C ILE A 88 10.54 -2.67 5.45
N PRO A 89 10.77 -1.55 6.25
CA PRO A 89 9.69 -0.62 6.68
C PRO A 89 8.98 0.05 5.49
N LEU A 90 9.73 0.33 4.42
CA LEU A 90 9.24 1.11 3.28
C LEU A 90 8.27 0.26 2.42
N LEU A 91 8.59 -1.05 2.23
CA LEU A 91 7.72 -2.01 1.48
C LEU A 91 6.36 -2.20 2.18
N GLN A 92 6.43 -2.47 3.51
CA GLN A 92 5.24 -2.83 4.31
C GLN A 92 4.24 -1.67 4.41
N GLN A 93 4.76 -0.41 4.38
CA GLN A 93 3.92 0.80 4.40
C GLN A 93 3.05 0.92 3.13
N ILE A 94 3.66 0.60 1.97
CA ILE A 94 3.02 0.72 0.64
C ILE A 94 1.82 -0.23 0.54
N LEU A 95 2.08 -1.52 0.83
CA LEU A 95 1.05 -2.56 0.77
C LEU A 95 -0.04 -2.32 1.86
N LEU A 96 0.35 -1.62 2.95
CA LEU A 96 -0.55 -1.23 4.06
C LEU A 96 -1.48 -0.07 3.58
N THR A 97 -0.95 0.82 2.72
CA THR A 97 -1.70 2.00 2.24
C THR A 97 -2.78 1.60 1.23
N LEU A 98 -2.44 0.70 0.31
CA LEU A 98 -3.42 0.17 -0.67
C LEU A 98 -4.38 -0.85 -0.01
N GLN A 99 -3.98 -1.35 1.18
CA GLN A 99 -4.88 -2.13 2.08
C GLN A 99 -5.88 -1.17 2.77
N HIS A 100 -5.38 0.03 3.12
CA HIS A 100 -6.14 1.06 3.86
C HIS A 100 -7.20 1.73 2.94
N LEU A 101 -6.82 2.05 1.69
CA LEU A 101 -7.77 2.61 0.69
C LEU A 101 -8.56 1.44 0.04
N PRO A 102 -9.85 1.67 -0.40
CA PRO A 102 -10.66 0.63 -1.06
C PRO A 102 -10.12 0.26 -2.48
N LEU A 103 -9.15 -0.66 -2.50
CA LEU A 103 -8.52 -1.15 -3.73
C LEU A 103 -9.36 -2.33 -4.28
N THR A 104 -9.84 -2.20 -5.53
CA THR A 104 -10.64 -3.25 -6.18
C THR A 104 -9.73 -4.30 -6.83
N VAL A 105 -10.31 -5.48 -7.16
CA VAL A 105 -9.60 -6.54 -7.90
C VAL A 105 -9.17 -6.02 -9.28
N ASP A 106 -10.02 -5.17 -9.89
CA ASP A 106 -9.72 -4.46 -11.16
C ASP A 106 -8.39 -3.68 -11.06
N HIS A 107 -8.25 -2.91 -9.98
CA HIS A 107 -7.05 -2.08 -9.71
C HIS A 107 -5.77 -2.94 -9.61
N LEU A 108 -5.80 -3.95 -8.72
CA LEU A 108 -4.64 -4.81 -8.43
C LEU A 108 -4.36 -5.84 -9.55
N LYS A 109 -5.28 -5.95 -10.53
CA LYS A 109 -5.06 -6.75 -11.76
C LYS A 109 -4.49 -5.92 -12.90
N GLN A 110 -4.80 -4.61 -12.93
CA GLN A 110 -4.39 -3.73 -14.05
C GLN A 110 -2.87 -3.50 -14.04
N ASN A 111 -2.34 -3.13 -12.86
CA ASN A 111 -0.86 -3.06 -12.63
C ASN A 111 -0.30 -4.45 -12.28
N ASN A 112 -1.22 -5.40 -12.02
CA ASN A 112 -0.93 -6.75 -11.49
C ASN A 112 -0.18 -6.65 -10.15
N THR A 113 -0.60 -5.66 -9.34
CA THR A 113 -0.06 -5.39 -7.99
C THR A 113 -0.20 -6.63 -7.07
N ALA A 114 -1.22 -7.45 -7.38
CA ALA A 114 -1.47 -8.75 -6.71
C ALA A 114 -0.23 -9.66 -6.76
N LYS A 115 0.39 -9.72 -7.95
CA LYS A 115 1.61 -10.52 -8.17
C LYS A 115 2.80 -9.94 -7.39
N LEU A 116 2.87 -8.59 -7.34
CA LEU A 116 3.94 -7.84 -6.64
C LEU A 116 3.87 -8.07 -5.12
N VAL A 117 2.66 -8.20 -4.58
CA VAL A 117 2.44 -8.50 -3.15
C VAL A 117 2.66 -10.00 -2.86
N LYS A 118 2.27 -10.86 -3.83
CA LYS A 118 2.34 -12.33 -3.69
C LYS A 118 3.79 -12.84 -3.62
N GLN A 119 4.66 -12.25 -4.47
CA GLN A 119 6.10 -12.58 -4.54
C GLN A 119 6.83 -12.18 -3.23
N LEU A 120 6.28 -11.20 -2.50
CA LEU A 120 6.72 -10.85 -1.14
C LEU A 120 6.17 -11.89 -0.13
N SER A 121 4.84 -12.09 -0.18
CA SER A 121 4.06 -12.88 0.79
C SER A 121 4.42 -14.38 0.79
N LYS A 122 5.00 -14.88 -0.32
CA LYS A 122 5.36 -16.31 -0.45
C LYS A 122 6.52 -16.69 0.50
N SER A 123 7.54 -15.79 0.59
CA SER A 123 8.74 -15.96 1.43
C SER A 123 9.76 -14.86 1.08
N SER A 124 9.68 -13.72 1.79
CA SER A 124 10.75 -12.69 1.81
C SER A 124 11.85 -13.06 2.83
N GLU A 125 12.91 -12.24 2.88
CA GLU A 125 14.02 -12.40 3.85
C GLU A 125 13.58 -12.02 5.28
N ASP A 126 12.56 -11.13 5.37
CA ASP A 126 11.99 -10.67 6.65
C ASP A 126 10.53 -11.14 6.78
N GLU A 127 10.11 -11.42 8.02
CA GLU A 127 8.76 -11.94 8.32
C GLU A 127 7.67 -10.86 8.21
N GLU A 128 7.85 -9.71 8.91
CA GLU A 128 6.76 -8.73 9.10
C GLU A 128 6.26 -8.12 7.77
N LEU A 129 7.18 -7.93 6.82
CA LEU A 129 6.84 -7.32 5.52
C LEU A 129 5.93 -8.28 4.71
N ARG A 130 6.27 -9.60 4.74
CA ARG A 130 5.53 -10.65 4.01
C ARG A 130 4.26 -11.05 4.79
N LYS A 131 4.28 -10.82 6.12
CA LYS A 131 3.16 -11.15 7.02
C LYS A 131 1.98 -10.19 6.78
N LEU A 132 2.28 -8.87 6.75
CA LEU A 132 1.30 -7.82 6.40
C LEU A 132 0.82 -8.00 4.95
N ALA A 133 1.75 -8.44 4.07
CA ALA A 133 1.45 -8.77 2.67
C ALA A 133 0.52 -10.00 2.59
N SER A 134 0.70 -10.94 3.53
CA SER A 134 -0.12 -12.17 3.60
C SER A 134 -1.55 -11.86 4.09
N VAL A 135 -1.68 -10.95 5.08
CA VAL A 135 -2.99 -10.46 5.57
C VAL A 135 -3.76 -9.77 4.41
N LEU A 136 -2.99 -9.04 3.61
CA LEU A 136 -3.48 -8.33 2.41
C LEU A 136 -3.96 -9.33 1.32
N VAL A 137 -3.13 -10.35 1.04
CA VAL A 137 -3.43 -11.42 0.05
C VAL A 137 -4.63 -12.27 0.51
N SER A 138 -4.76 -12.46 1.84
CA SER A 138 -5.85 -13.26 2.44
C SER A 138 -7.20 -12.52 2.35
N ASP A 139 -7.16 -11.18 2.53
CA ASP A 139 -8.34 -10.32 2.39
C ASP A 139 -8.78 -10.27 0.91
N TRP A 140 -7.79 -10.23 0.01
CA TRP A 140 -8.02 -10.23 -1.44
C TRP A 140 -8.63 -11.56 -1.90
N MET A 141 -8.05 -12.71 -1.50
CA MET A 141 -8.55 -14.04 -1.91
C MET A 141 -9.92 -14.32 -1.27
N ALA A 142 -10.23 -13.62 -0.15
CA ALA A 142 -11.54 -13.69 0.50
C ALA A 142 -12.65 -13.12 -0.41
N VAL A 143 -12.47 -11.87 -0.89
CA VAL A 143 -13.44 -11.20 -1.78
C VAL A 143 -13.45 -11.85 -3.19
N ILE A 144 -12.27 -12.36 -3.60
CA ILE A 144 -12.08 -13.04 -4.90
C ILE A 144 -12.83 -14.38 -4.93
N ARG A 145 -12.73 -15.18 -3.85
CA ARG A 145 -13.42 -16.48 -3.77
C ARG A 145 -14.93 -16.28 -3.49
N SER A 146 -15.27 -15.10 -2.92
CA SER A 146 -16.67 -14.76 -2.60
C SER A 146 -17.47 -14.48 -3.87
N GLN A 147 -16.87 -13.75 -4.83
CA GLN A 147 -17.52 -13.43 -6.12
C GLN A 147 -17.53 -14.67 -7.05
N SER A 148 -16.45 -15.48 -6.97
CA SER A 148 -16.27 -16.69 -7.79
C SER A 148 -17.24 -17.80 -7.34
N GLY A 149 -17.39 -17.95 -6.02
CA GLY A 149 -18.27 -18.95 -5.41
C GLY A 149 -17.66 -19.56 -4.16
N GLY A 150 -16.41 -20.06 -4.30
CA GLY A 150 -15.65 -20.61 -3.16
C GLY A 150 -14.89 -21.87 -3.55
N GLY A 151 -14.87 -22.87 -2.66
CA GLY A 151 -14.17 -24.13 -2.89
C GLY A 151 -14.32 -25.12 -1.75
N SER A 152 -13.32 -26.02 -1.61
CA SER A 152 -13.31 -27.08 -0.59
C SER A 152 -11.86 -27.45 -0.23
N GLY A 153 -11.69 -28.23 0.85
CA GLY A 153 -10.37 -28.64 1.35
C GLY A 153 -10.13 -28.13 2.77
N GLY A 154 -8.88 -27.72 3.06
CA GLY A 154 -8.52 -27.17 4.38
C GLY A 154 -7.45 -26.10 4.27
N GLY A 155 -7.19 -25.42 5.41
CA GLY A 155 -6.17 -24.36 5.48
C GLY A 155 -4.80 -24.92 5.82
N SER A 156 -4.36 -25.89 4.99
CA SER A 156 -3.08 -26.61 5.12
C SER A 156 -2.95 -27.55 3.92
N ASP A 157 -1.71 -27.73 3.41
CA ASP A 157 -1.40 -28.61 2.24
C ASP A 157 -2.13 -28.14 0.96
N LEU A 158 -2.55 -26.86 0.95
CA LEU A 158 -3.31 -26.28 -0.17
C LEU A 158 -2.34 -25.72 -1.21
N ASP A 159 -2.61 -25.98 -2.50
CA ASP A 159 -1.67 -25.73 -3.61
C ASP A 159 -1.76 -24.30 -4.13
N TYR A 160 -0.80 -23.94 -5.01
CA TYR A 160 -0.65 -22.59 -5.56
C TYR A 160 -1.90 -22.17 -6.35
N ASP A 161 -2.32 -23.05 -7.29
CA ASP A 161 -3.44 -22.78 -8.22
C ASP A 161 -4.74 -22.37 -7.48
N SER A 162 -4.95 -22.98 -6.31
CA SER A 162 -6.12 -22.73 -5.46
C SER A 162 -6.01 -21.36 -4.77
N VAL A 163 -4.79 -21.01 -4.31
CA VAL A 163 -4.52 -19.76 -3.57
C VAL A 163 -4.14 -18.60 -4.51
N GLN A 164 -4.31 -18.79 -5.85
CA GLN A 164 -4.06 -17.72 -6.84
C GLN A 164 -5.14 -17.68 -7.98
N PRO A 165 -6.47 -17.78 -7.66
CA PRO A 165 -7.52 -17.96 -8.70
C PRO A 165 -7.65 -16.75 -9.65
N TYR A 166 -7.39 -15.54 -9.09
CA TYR A 166 -7.31 -14.28 -9.87
C TYR A 166 -5.87 -13.73 -9.82
N PHE A 167 -5.12 -14.02 -8.73
CA PHE A 167 -3.75 -13.46 -8.50
C PHE A 167 -2.80 -13.83 -9.65
N TYR A 168 -2.98 -15.04 -10.16
CA TYR A 168 -2.18 -15.62 -11.24
C TYR A 168 -3.09 -16.58 -12.03
N CYS A 169 -2.54 -17.31 -13.01
CA CYS A 169 -3.26 -18.39 -13.70
C CYS A 169 -3.24 -19.65 -12.82
N ASP A 170 -4.43 -20.18 -12.49
CA ASP A 170 -4.57 -21.49 -11.81
C ASP A 170 -4.11 -22.62 -12.77
N GLU A 171 -4.19 -22.32 -14.08
CA GLU A 171 -3.70 -23.20 -15.15
C GLU A 171 -2.15 -23.15 -15.16
N GLU A 172 -1.55 -24.06 -14.38
CA GLU A 172 -0.10 -24.32 -14.38
C GLU A 172 0.17 -25.65 -13.66
N GLU A 173 1.03 -26.48 -14.26
CA GLU A 173 1.38 -27.81 -13.74
C GLU A 173 2.76 -27.78 -13.06
N ASN A 174 2.89 -26.91 -12.04
CA ASN A 174 4.13 -26.78 -11.25
C ASN A 174 4.15 -27.91 -10.17
N MET A 1 29.36 19.29 18.57
CA MET A 1 30.35 18.46 17.85
C MET A 1 30.76 19.13 16.53
N GLY A 2 31.74 18.51 15.84
CA GLY A 2 32.19 18.97 14.51
C GLY A 2 31.24 18.51 13.40
N SER A 3 30.25 17.66 13.75
CA SER A 3 29.22 17.18 12.83
C SER A 3 27.87 17.12 13.56
N GLY A 4 26.76 17.25 12.80
CA GLY A 4 25.42 17.19 13.36
C GLY A 4 24.38 17.59 12.31
N PRO A 5 23.95 16.65 11.41
CA PRO A 5 22.92 16.95 10.37
C PRO A 5 21.54 17.22 11.01
N ILE A 6 20.83 18.21 10.45
CA ILE A 6 19.49 18.60 10.92
C ILE A 6 18.45 17.49 10.63
N ASP A 7 17.36 17.49 11.41
CA ASP A 7 16.23 16.58 11.20
C ASP A 7 15.55 16.85 9.83
N PRO A 8 15.34 15.80 8.98
CA PRO A 8 14.68 15.96 7.66
C PRO A 8 13.13 15.96 7.72
N LYS A 9 12.52 15.31 8.73
CA LYS A 9 11.04 15.08 8.74
C LYS A 9 10.25 16.33 9.15
N GLU A 10 10.94 17.28 9.82
CA GLU A 10 10.37 18.58 10.21
C GLU A 10 9.94 19.41 8.98
N LEU A 11 10.70 19.24 7.88
CA LEU A 11 10.42 19.91 6.60
C LEU A 11 9.04 19.47 6.05
N LEU A 12 8.62 18.22 6.38
CA LEU A 12 7.36 17.63 5.88
C LEU A 12 6.20 17.85 6.87
N LYS A 13 6.50 17.99 8.17
CA LYS A 13 5.47 18.33 9.18
C LYS A 13 5.20 19.85 9.17
N GLY A 14 5.99 20.60 8.37
CA GLY A 14 5.73 22.02 8.11
C GLY A 14 4.34 22.30 7.53
N LEU A 15 3.80 21.36 6.71
CA LEU A 15 2.46 21.48 6.11
C LEU A 15 1.35 20.85 7.00
N ASP A 16 1.64 20.71 8.31
CA ASP A 16 0.68 20.16 9.32
C ASP A 16 -0.61 21.00 9.39
N SER A 17 -0.50 22.29 9.04
CA SER A 17 -1.61 23.25 9.04
C SER A 17 -2.70 22.89 8.00
N PHE A 18 -2.37 22.03 7.03
CA PHE A 18 -3.31 21.53 6.00
C PHE A 18 -3.98 20.22 6.45
N LEU A 19 -3.64 19.74 7.67
CA LEU A 19 -4.31 18.60 8.34
C LEU A 19 -4.98 19.12 9.62
N THR A 20 -5.89 18.31 10.21
CA THR A 20 -6.57 18.66 11.48
C THR A 20 -5.61 18.53 12.68
N ARG A 21 -6.14 18.93 13.86
CA ARG A 21 -5.48 18.73 15.16
C ARG A 21 -5.30 17.23 15.51
N ASP A 22 -6.10 16.38 14.84
CA ASP A 22 -5.99 14.91 14.96
C ASP A 22 -4.85 14.36 14.09
N GLY A 23 -4.36 15.18 13.15
CA GLY A 23 -3.20 14.85 12.31
C GLY A 23 -3.50 13.84 11.21
N GLU A 24 -4.78 13.75 10.82
CA GLU A 24 -5.25 12.82 9.78
C GLU A 24 -5.45 13.60 8.46
N VAL A 25 -6.53 14.38 8.39
CA VAL A 25 -6.90 15.13 7.17
C VAL A 25 -7.81 16.31 7.56
N LYS A 26 -7.62 17.48 6.93
CA LYS A 26 -8.49 18.64 7.11
C LYS A 26 -9.81 18.40 6.34
N SER A 27 -9.67 18.18 5.03
CA SER A 27 -10.79 17.94 4.11
C SER A 27 -10.30 17.17 2.86
N VAL A 28 -11.21 16.94 1.92
CA VAL A 28 -10.94 16.29 0.63
C VAL A 28 -9.92 17.10 -0.22
N ASP A 29 -9.78 18.39 0.09
CA ASP A 29 -8.75 19.28 -0.50
C ASP A 29 -7.36 18.94 0.07
N GLY A 30 -7.36 18.57 1.37
CA GLY A 30 -6.13 18.25 2.11
C GLY A 30 -5.35 17.07 1.53
N ILE A 31 -6.08 16.03 1.09
CA ILE A 31 -5.46 14.84 0.45
C ILE A 31 -4.89 15.20 -0.95
N ALA A 32 -5.52 16.17 -1.64
CA ALA A 32 -5.14 16.56 -3.02
C ALA A 32 -3.79 17.28 -3.05
N LYS A 33 -3.58 18.18 -2.09
CA LYS A 33 -2.32 18.93 -1.92
C LYS A 33 -1.23 18.02 -1.31
N ILE A 34 -1.63 17.12 -0.39
CA ILE A 34 -0.73 16.07 0.15
C ILE A 34 -0.27 15.15 -1.00
N PHE A 35 -1.19 14.90 -1.96
CA PHE A 35 -0.94 14.04 -3.13
C PHE A 35 0.13 14.67 -4.04
N SER A 36 -0.01 15.98 -4.33
CA SER A 36 0.92 16.71 -5.22
C SER A 36 2.33 16.79 -4.59
N LEU A 37 2.39 16.91 -3.25
CA LEU A 37 3.66 16.99 -2.50
C LEU A 37 4.30 15.60 -2.31
N MET A 38 3.49 14.55 -2.11
CA MET A 38 3.98 13.17 -1.91
C MET A 38 4.43 12.55 -3.25
N LYS A 39 3.88 13.11 -4.33
CA LYS A 39 4.29 12.77 -5.71
C LYS A 39 5.72 13.27 -5.99
N GLU A 40 6.08 14.42 -5.37
CA GLU A 40 7.42 15.02 -5.45
C GLU A 40 8.35 14.48 -4.34
N ALA A 41 7.77 13.77 -3.38
CA ALA A 41 8.51 13.16 -2.26
C ALA A 41 9.32 11.95 -2.77
N ARG A 42 10.53 12.25 -3.24
CA ARG A 42 11.45 11.29 -3.90
C ARG A 42 12.33 10.56 -2.88
N LYS A 43 12.73 11.28 -1.80
CA LYS A 43 13.55 10.72 -0.73
C LYS A 43 12.68 9.87 0.23
N MET A 44 13.32 8.87 0.88
CA MET A 44 12.62 7.87 1.73
C MET A 44 11.82 8.55 2.86
N VAL A 45 12.48 9.46 3.60
CA VAL A 45 11.90 10.11 4.79
C VAL A 45 10.63 10.93 4.47
N SER A 46 10.64 11.64 3.32
CA SER A 46 9.56 12.54 2.96
C SER A 46 8.25 11.78 2.68
N ARG A 47 8.30 10.85 1.71
CA ARG A 47 7.14 10.04 1.32
C ARG A 47 6.69 9.09 2.45
N CYS A 48 7.64 8.70 3.33
CA CYS A 48 7.34 7.88 4.54
C CYS A 48 6.44 8.68 5.52
N THR A 49 6.72 10.00 5.65
CA THR A 49 5.93 10.90 6.50
C THR A 49 4.49 11.04 5.96
N TYR A 50 4.37 11.25 4.64
CA TYR A 50 3.06 11.38 3.96
C TYR A 50 2.25 10.08 4.09
N LEU A 51 2.86 8.93 3.73
CA LEU A 51 2.25 7.58 3.88
C LEU A 51 1.75 7.34 5.31
N ASN A 52 2.51 7.83 6.30
CA ASN A 52 2.16 7.68 7.73
C ASN A 52 0.84 8.42 8.02
N ILE A 53 0.77 9.68 7.54
CA ILE A 53 -0.43 10.55 7.68
C ILE A 53 -1.66 9.86 7.05
N ILE A 54 -1.46 9.23 5.87
CA ILE A 54 -2.52 8.52 5.12
C ILE A 54 -3.05 7.31 5.93
N LEU A 55 -2.12 6.56 6.52
CA LEU A 55 -2.42 5.38 7.35
C LEU A 55 -3.15 5.78 8.66
N GLN A 56 -2.99 7.06 9.07
CA GLN A 56 -3.73 7.65 10.21
C GLN A 56 -5.11 8.14 9.77
N THR A 57 -5.20 8.61 8.51
CA THR A 57 -6.43 9.15 7.92
C THR A 57 -7.51 8.05 7.78
N ARG A 58 -8.53 8.08 8.64
CA ARG A 58 -9.62 7.08 8.63
C ARG A 58 -10.69 7.43 7.56
N ALA A 59 -10.66 8.69 7.05
CA ALA A 59 -11.69 9.22 6.13
C ALA A 59 -11.67 8.45 4.78
N PRO A 60 -12.70 7.59 4.49
CA PRO A 60 -12.71 6.75 3.26
C PRO A 60 -12.92 7.59 1.97
N GLU A 61 -13.53 8.78 2.15
CA GLU A 61 -13.77 9.78 1.08
C GLU A 61 -12.47 10.13 0.36
N VAL A 62 -11.48 10.54 1.14
CA VAL A 62 -10.23 11.07 0.63
C VAL A 62 -9.35 9.93 0.06
N LEU A 63 -9.51 8.70 0.59
CA LEU A 63 -8.76 7.51 0.15
C LEU A 63 -9.22 7.02 -1.23
N VAL A 64 -10.54 6.95 -1.44
CA VAL A 64 -11.11 6.45 -2.71
C VAL A 64 -10.81 7.41 -3.88
N LYS A 65 -10.89 8.73 -3.61
CA LYS A 65 -10.61 9.75 -4.64
C LYS A 65 -9.10 9.98 -4.84
N PHE A 66 -8.29 9.59 -3.83
CA PHE A 66 -6.81 9.59 -3.92
C PHE A 66 -6.35 8.67 -5.06
N ILE A 67 -7.01 7.50 -5.16
CA ILE A 67 -6.80 6.52 -6.25
C ILE A 67 -7.08 7.19 -7.62
N ASP A 68 -8.22 7.89 -7.68
CA ASP A 68 -8.75 8.53 -8.91
C ASP A 68 -7.78 9.59 -9.49
N VAL A 69 -7.31 10.52 -8.62
CA VAL A 69 -6.48 11.67 -9.05
C VAL A 69 -5.07 11.27 -9.54
N GLY A 70 -4.67 10.02 -9.30
CA GLY A 70 -3.37 9.49 -9.77
C GLY A 70 -2.69 8.61 -8.74
N GLY A 71 -3.26 8.53 -7.52
CA GLY A 71 -2.72 7.68 -6.42
C GLY A 71 -2.65 6.20 -6.79
N TYR A 72 -3.56 5.79 -7.69
CA TYR A 72 -3.53 4.45 -8.33
C TYR A 72 -2.16 4.17 -8.97
N LYS A 73 -1.72 5.12 -9.79
CA LYS A 73 -0.45 5.05 -10.54
C LYS A 73 0.75 5.29 -9.61
N LEU A 74 0.51 6.10 -8.56
CA LEU A 74 1.56 6.59 -7.65
C LEU A 74 2.02 5.48 -6.70
N LEU A 75 1.08 4.64 -6.23
CA LEU A 75 1.40 3.45 -5.40
C LEU A 75 2.20 2.41 -6.21
N ASN A 76 1.86 2.27 -7.51
CA ASN A 76 2.60 1.40 -8.44
C ASN A 76 4.00 1.97 -8.69
N SER A 77 4.09 3.30 -8.83
CA SER A 77 5.36 4.01 -9.08
C SER A 77 6.34 3.77 -7.92
N TRP A 78 5.85 3.98 -6.68
CA TRP A 78 6.61 3.71 -5.45
C TRP A 78 6.96 2.23 -5.28
N LEU A 79 6.05 1.32 -5.68
CA LEU A 79 6.30 -0.14 -5.54
C LEU A 79 7.50 -0.51 -6.43
N THR A 80 7.52 0.02 -7.66
CA THR A 80 8.62 -0.18 -8.64
C THR A 80 9.92 0.50 -8.16
N TYR A 81 9.79 1.73 -7.67
CA TYR A 81 10.91 2.62 -7.29
C TYR A 81 11.68 2.05 -6.10
N SER A 82 10.93 1.69 -5.06
CA SER A 82 11.46 1.20 -3.79
C SER A 82 11.80 -0.31 -3.86
N LYS A 83 11.27 -1.02 -4.87
CA LYS A 83 11.54 -2.48 -5.09
C LYS A 83 13.06 -2.76 -5.20
N THR A 84 13.75 -1.84 -5.88
CA THR A 84 15.19 -1.94 -6.16
C THR A 84 16.02 -1.90 -4.85
N THR A 85 15.61 -1.03 -3.92
CA THR A 85 16.27 -0.88 -2.62
C THR A 85 15.85 -2.04 -1.67
N ASN A 86 14.55 -2.39 -1.76
CA ASN A 86 13.91 -3.46 -0.95
C ASN A 86 14.04 -3.17 0.57
N ASN A 87 13.89 -1.88 0.94
CA ASN A 87 13.85 -1.46 2.35
C ASN A 87 12.59 -2.04 3.01
N ILE A 88 12.78 -2.95 3.97
CA ILE A 88 11.69 -3.69 4.63
C ILE A 88 10.65 -2.71 5.31
N PRO A 89 11.07 -1.64 6.10
CA PRO A 89 10.13 -0.64 6.68
C PRO A 89 9.35 0.15 5.61
N LEU A 90 9.97 0.32 4.43
CA LEU A 90 9.44 1.18 3.36
C LEU A 90 8.38 0.44 2.52
N LEU A 91 8.76 -0.74 2.02
CA LEU A 91 7.91 -1.57 1.11
C LEU A 91 6.62 -2.04 1.80
N GLN A 92 6.72 -2.34 3.11
CA GLN A 92 5.55 -2.78 3.91
C GLN A 92 4.52 -1.64 4.04
N GLN A 93 5.01 -0.38 4.11
CA GLN A 93 4.14 0.81 4.17
C GLN A 93 3.41 1.03 2.84
N ILE A 94 4.12 0.79 1.72
CA ILE A 94 3.55 0.99 0.35
C ILE A 94 2.35 0.04 0.15
N LEU A 95 2.57 -1.26 0.42
CA LEU A 95 1.55 -2.29 0.27
C LEU A 95 0.43 -2.12 1.34
N LEU A 96 0.79 -1.53 2.50
CA LEU A 96 -0.17 -1.24 3.58
C LEU A 96 -1.06 -0.03 3.24
N THR A 97 -0.53 0.92 2.44
CA THR A 97 -1.28 2.12 2.03
C THR A 97 -2.31 1.76 0.95
N LEU A 98 -1.94 0.85 0.02
CA LEU A 98 -2.87 0.32 -0.99
C LEU A 98 -3.80 -0.76 -0.42
N GLN A 99 -3.46 -1.28 0.78
CA GLN A 99 -4.39 -2.09 1.64
C GLN A 99 -5.40 -1.13 2.30
N HIS A 100 -4.89 0.03 2.75
CA HIS A 100 -5.64 1.05 3.52
C HIS A 100 -6.72 1.72 2.64
N LEU A 101 -6.41 1.92 1.35
CA LEU A 101 -7.41 2.32 0.34
C LEU A 101 -8.01 1.04 -0.29
N PRO A 102 -9.31 1.04 -0.69
CA PRO A 102 -9.94 -0.14 -1.34
C PRO A 102 -9.39 -0.37 -2.78
N LEU A 103 -8.39 -1.26 -2.89
CA LEU A 103 -7.79 -1.65 -4.18
C LEU A 103 -8.60 -2.81 -4.78
N THR A 104 -8.99 -2.70 -6.06
CA THR A 104 -9.86 -3.69 -6.72
C THR A 104 -9.04 -4.80 -7.40
N VAL A 105 -9.72 -5.91 -7.78
CA VAL A 105 -9.10 -7.07 -8.48
C VAL A 105 -8.66 -6.69 -9.91
N ASP A 106 -9.25 -5.61 -10.44
CA ASP A 106 -8.83 -4.98 -11.69
C ASP A 106 -7.42 -4.38 -11.52
N HIS A 107 -7.28 -3.49 -10.52
CA HIS A 107 -6.06 -2.70 -10.26
C HIS A 107 -4.79 -3.57 -10.10
N LEU A 108 -4.91 -4.63 -9.28
CA LEU A 108 -3.78 -5.54 -8.95
C LEU A 108 -3.35 -6.39 -10.17
N LYS A 109 -4.19 -6.47 -11.21
CA LYS A 109 -3.85 -7.15 -12.48
C LYS A 109 -3.16 -6.18 -13.43
N GLN A 110 -3.64 -4.93 -13.46
CA GLN A 110 -3.18 -3.92 -14.43
C GLN A 110 -1.78 -3.37 -14.07
N ASN A 111 -1.32 -3.63 -12.83
CA ASN A 111 0.06 -3.31 -12.40
C ASN A 111 0.80 -4.58 -11.94
N ASN A 112 0.16 -5.76 -12.12
CA ASN A 112 0.71 -7.09 -11.70
C ASN A 112 0.99 -7.15 -10.17
N THR A 113 0.33 -6.24 -9.40
CA THR A 113 0.56 -6.07 -7.95
C THR A 113 0.27 -7.36 -7.17
N ALA A 114 -0.68 -8.17 -7.68
CA ALA A 114 -1.04 -9.48 -7.09
C ALA A 114 0.17 -10.42 -7.00
N LYS A 115 0.93 -10.50 -8.10
CA LYS A 115 2.15 -11.33 -8.23
C LYS A 115 3.26 -10.81 -7.28
N LEU A 116 3.46 -9.48 -7.33
CA LEU A 116 4.55 -8.78 -6.62
C LEU A 116 4.41 -8.86 -5.09
N VAL A 117 3.17 -8.80 -4.59
CA VAL A 117 2.86 -8.93 -3.15
C VAL A 117 2.87 -10.41 -2.70
N LYS A 118 2.40 -11.29 -3.58
CA LYS A 118 2.22 -12.73 -3.27
C LYS A 118 3.58 -13.40 -2.97
N GLN A 119 4.59 -13.11 -3.81
CA GLN A 119 5.97 -13.64 -3.64
C GLN A 119 6.60 -13.17 -2.30
N LEU A 120 6.23 -11.95 -1.86
CA LEU A 120 6.69 -11.37 -0.58
C LEU A 120 6.10 -12.16 0.60
N SER A 121 4.77 -12.40 0.52
CA SER A 121 4.00 -13.13 1.55
C SER A 121 4.41 -14.63 1.60
N LYS A 122 4.93 -15.14 0.47
CA LYS A 122 5.36 -16.56 0.32
C LYS A 122 6.78 -16.78 0.85
N SER A 123 7.70 -15.88 0.51
CA SER A 123 9.14 -16.06 0.79
C SER A 123 9.82 -14.71 1.08
N SER A 124 9.72 -14.25 2.33
CA SER A 124 10.61 -13.26 2.90
C SER A 124 11.07 -13.72 4.31
N GLU A 125 12.29 -13.35 4.72
CA GLU A 125 12.83 -13.73 6.05
C GLU A 125 12.24 -12.82 7.14
N ASP A 126 11.86 -11.59 6.75
CA ASP A 126 11.22 -10.61 7.64
C ASP A 126 9.72 -10.92 7.74
N GLU A 127 9.26 -11.18 8.97
CA GLU A 127 7.85 -11.51 9.26
C GLU A 127 6.95 -10.30 8.97
N GLU A 128 7.42 -9.11 9.35
CA GLU A 128 6.64 -7.85 9.32
C GLU A 128 6.08 -7.50 7.92
N LEU A 129 6.92 -7.62 6.87
CA LEU A 129 6.51 -7.23 5.50
C LEU A 129 5.47 -8.24 4.95
N ARG A 130 5.73 -9.54 5.20
CA ARG A 130 4.91 -10.65 4.68
C ARG A 130 3.61 -10.81 5.48
N LYS A 131 3.64 -10.33 6.74
CA LYS A 131 2.46 -10.29 7.62
C LYS A 131 1.41 -9.35 7.02
N LEU A 132 1.85 -8.10 6.77
CA LEU A 132 1.02 -7.04 6.15
C LEU A 132 0.64 -7.43 4.70
N ALA A 133 1.56 -8.11 3.99
CA ALA A 133 1.34 -8.60 2.62
C ALA A 133 0.31 -9.74 2.58
N SER A 134 0.29 -10.56 3.64
CA SER A 134 -0.68 -11.68 3.79
C SER A 134 -2.08 -11.14 4.14
N VAL A 135 -2.13 -10.05 4.94
CA VAL A 135 -3.40 -9.33 5.26
C VAL A 135 -3.97 -8.69 3.98
N LEU A 136 -3.05 -8.21 3.13
CA LEU A 136 -3.38 -7.59 1.84
C LEU A 136 -3.94 -8.62 0.84
N VAL A 137 -3.27 -9.79 0.75
CA VAL A 137 -3.75 -10.91 -0.07
C VAL A 137 -5.08 -11.46 0.49
N SER A 138 -5.22 -11.42 1.83
CA SER A 138 -6.45 -11.85 2.54
C SER A 138 -7.63 -10.91 2.20
N ASP A 139 -7.32 -9.61 2.06
CA ASP A 139 -8.30 -8.57 1.70
C ASP A 139 -8.80 -8.79 0.26
N TRP A 140 -7.83 -8.95 -0.66
CA TRP A 140 -8.08 -9.21 -2.08
C TRP A 140 -8.89 -10.50 -2.29
N MET A 141 -8.45 -11.59 -1.64
CA MET A 141 -9.05 -12.94 -1.80
C MET A 141 -10.43 -13.00 -1.15
N ALA A 142 -10.68 -12.13 -0.15
CA ALA A 142 -12.00 -12.01 0.51
C ALA A 142 -13.05 -11.51 -0.50
N VAL A 143 -12.67 -10.47 -1.25
CA VAL A 143 -13.49 -9.91 -2.35
C VAL A 143 -13.77 -10.98 -3.41
N ILE A 144 -12.69 -11.69 -3.79
CA ILE A 144 -12.74 -12.76 -4.81
C ILE A 144 -13.66 -13.93 -4.36
N ARG A 145 -13.56 -14.28 -3.08
CA ARG A 145 -14.25 -15.45 -2.48
C ARG A 145 -15.77 -15.26 -2.57
N SER A 146 -16.21 -14.03 -2.24
CA SER A 146 -17.63 -13.68 -2.15
C SER A 146 -18.26 -13.39 -3.55
N GLN A 147 -17.46 -12.84 -4.49
CA GLN A 147 -17.98 -12.45 -5.84
C GLN A 147 -18.20 -13.69 -6.73
N SER A 148 -17.31 -14.69 -6.62
CA SER A 148 -17.34 -15.90 -7.47
C SER A 148 -17.96 -17.08 -6.72
N GLY A 149 -17.59 -17.24 -5.44
CA GLY A 149 -17.92 -18.43 -4.66
C GLY A 149 -16.97 -19.60 -4.94
N GLY A 150 -15.80 -19.27 -5.54
CA GLY A 150 -14.80 -20.25 -5.93
C GLY A 150 -14.06 -20.84 -4.73
N GLY A 151 -14.39 -22.11 -4.39
CA GLY A 151 -13.76 -22.84 -3.31
C GLY A 151 -14.70 -23.12 -2.15
N SER A 152 -14.19 -23.84 -1.14
CA SER A 152 -14.98 -24.27 0.03
C SER A 152 -14.08 -24.32 1.28
N GLY A 153 -14.67 -24.68 2.43
CA GLY A 153 -13.95 -24.78 3.70
C GLY A 153 -14.31 -26.05 4.46
N GLY A 154 -13.42 -26.48 5.37
CA GLY A 154 -13.66 -27.67 6.18
C GLY A 154 -12.38 -28.19 6.82
N GLY A 155 -11.34 -28.35 5.99
CA GLY A 155 -10.04 -28.88 6.44
C GLY A 155 -9.17 -27.83 7.12
N SER A 156 -8.32 -28.26 8.08
CA SER A 156 -7.42 -27.38 8.85
C SER A 156 -6.10 -27.09 8.07
N ASP A 157 -6.00 -27.67 6.86
CA ASP A 157 -4.86 -27.47 5.93
C ASP A 157 -5.00 -26.13 5.18
N LEU A 158 -3.92 -25.71 4.52
CA LEU A 158 -3.89 -24.50 3.68
C LEU A 158 -2.78 -24.67 2.62
N ASP A 159 -3.18 -24.66 1.33
CA ASP A 159 -2.28 -24.90 0.19
C ASP A 159 -2.55 -23.87 -0.92
N TYR A 160 -1.55 -23.69 -1.82
CA TYR A 160 -1.60 -22.72 -2.93
C TYR A 160 -2.77 -23.01 -3.89
N ASP A 161 -3.12 -24.29 -4.02
CA ASP A 161 -4.23 -24.79 -4.87
C ASP A 161 -5.58 -24.12 -4.52
N SER A 162 -5.80 -23.90 -3.22
CA SER A 162 -7.07 -23.38 -2.69
C SER A 162 -7.08 -21.84 -2.57
N VAL A 163 -5.95 -21.18 -2.90
CA VAL A 163 -5.79 -19.72 -2.72
C VAL A 163 -5.21 -19.07 -4.00
N GLN A 164 -5.67 -19.57 -5.17
CA GLN A 164 -5.15 -19.13 -6.51
C GLN A 164 -6.24 -18.79 -7.57
N PRO A 165 -7.38 -18.12 -7.22
CA PRO A 165 -8.46 -17.84 -8.20
C PRO A 165 -8.03 -16.76 -9.21
N TYR A 166 -7.62 -15.59 -8.69
CA TYR A 166 -7.00 -14.51 -9.49
C TYR A 166 -5.52 -14.36 -9.09
N PHE A 167 -4.95 -15.42 -8.50
CA PHE A 167 -3.52 -15.46 -8.11
C PHE A 167 -2.75 -16.50 -8.95
N TYR A 168 -3.42 -17.05 -9.98
CA TYR A 168 -2.84 -18.04 -10.91
C TYR A 168 -3.34 -17.74 -12.32
N CYS A 169 -2.43 -17.83 -13.30
CA CYS A 169 -2.69 -17.45 -14.71
C CYS A 169 -3.21 -18.65 -15.52
N ASP A 170 -4.19 -19.38 -14.92
CA ASP A 170 -4.72 -20.66 -15.44
C ASP A 170 -3.55 -21.69 -15.54
N GLU A 171 -2.91 -21.75 -16.73
CA GLU A 171 -1.70 -22.55 -17.04
C GLU A 171 -1.44 -22.43 -18.55
N GLU A 172 -1.84 -21.28 -19.11
CA GLU A 172 -1.89 -21.03 -20.56
C GLU A 172 -0.50 -21.08 -21.21
N GLU A 173 -0.43 -21.75 -22.36
CA GLU A 173 0.77 -21.81 -23.22
C GLU A 173 0.58 -20.90 -24.46
N ASN A 174 -0.52 -20.10 -24.43
CA ASN A 174 -0.89 -19.17 -25.52
C ASN A 174 0.20 -18.07 -25.67
N MET A 1 30.97 26.21 15.84
CA MET A 1 31.10 24.74 15.73
C MET A 1 29.79 24.07 16.20
N GLY A 2 29.09 23.40 15.27
CA GLY A 2 27.84 22.70 15.55
C GLY A 2 27.59 21.56 14.58
N SER A 3 28.41 20.51 14.71
CA SER A 3 28.32 19.31 13.86
C SER A 3 27.14 18.42 14.31
N GLY A 4 26.13 18.29 13.43
CA GLY A 4 24.95 17.47 13.69
C GLY A 4 24.33 16.95 12.39
N PRO A 5 23.33 16.03 12.45
CA PRO A 5 22.64 15.50 11.25
C PRO A 5 21.56 16.49 10.72
N ILE A 6 20.78 16.04 9.72
CA ILE A 6 19.67 16.82 9.14
C ILE A 6 18.36 16.02 9.25
N ASP A 7 17.27 16.69 9.67
CA ASP A 7 15.93 16.11 9.73
C ASP A 7 15.03 16.77 8.68
N PRO A 8 14.69 16.07 7.55
CA PRO A 8 13.75 16.61 6.54
C PRO A 8 12.27 16.51 6.97
N LYS A 9 11.99 15.67 7.99
CA LYS A 9 10.61 15.35 8.44
C LYS A 9 9.93 16.54 9.12
N GLU A 10 10.72 17.42 9.77
CA GLU A 10 10.21 18.65 10.43
C GLU A 10 9.71 19.67 9.38
N LEU A 11 10.33 19.65 8.19
CA LEU A 11 9.89 20.46 7.03
C LEU A 11 8.53 19.96 6.52
N LEU A 12 8.35 18.62 6.58
CA LEU A 12 7.14 17.91 6.09
C LEU A 12 6.11 17.72 7.22
N LYS A 13 6.51 18.12 8.44
CA LYS A 13 5.61 18.22 9.60
C LYS A 13 5.13 19.68 9.73
N GLY A 14 5.83 20.61 9.03
CA GLY A 14 5.44 22.00 8.93
C GLY A 14 4.10 22.22 8.21
N LEU A 15 3.66 21.21 7.42
CA LEU A 15 2.34 21.21 6.75
C LEU A 15 1.22 20.65 7.65
N ASP A 16 1.48 20.62 8.98
CA ASP A 16 0.49 20.23 10.03
C ASP A 16 -0.78 21.11 9.97
N SER A 17 -0.59 22.35 9.47
CA SER A 17 -1.66 23.35 9.28
C SER A 17 -2.68 22.94 8.18
N PHE A 18 -2.35 21.88 7.41
CA PHE A 18 -3.24 21.35 6.34
C PHE A 18 -3.98 20.09 6.82
N LEU A 19 -3.72 19.68 8.08
CA LEU A 19 -4.48 18.62 8.77
C LEU A 19 -5.29 19.25 9.92
N THR A 20 -6.23 18.48 10.46
CA THR A 20 -6.99 18.85 11.66
C THR A 20 -6.15 18.65 12.93
N ARG A 21 -6.68 19.13 14.08
CA ARG A 21 -6.06 18.95 15.42
C ARG A 21 -5.92 17.45 15.76
N ASP A 22 -6.81 16.64 15.17
CA ASP A 22 -6.78 15.17 15.26
C ASP A 22 -5.48 14.62 14.62
N GLY A 23 -5.09 15.21 13.48
CA GLY A 23 -3.93 14.75 12.71
C GLY A 23 -4.30 13.70 11.67
N GLU A 24 -5.59 13.63 11.34
CA GLU A 24 -6.13 12.64 10.38
C GLU A 24 -6.08 13.24 8.96
N VAL A 25 -6.93 14.26 8.75
CA VAL A 25 -7.13 14.93 7.46
C VAL A 25 -8.07 16.12 7.66
N LYS A 26 -7.93 17.16 6.83
CA LYS A 26 -8.83 18.31 6.83
C LYS A 26 -9.92 18.08 5.75
N SER A 27 -9.49 18.03 4.47
CA SER A 27 -10.39 17.86 3.29
C SER A 27 -9.63 17.29 2.07
N VAL A 28 -10.35 17.18 0.91
CA VAL A 28 -9.75 16.79 -0.38
C VAL A 28 -8.67 17.80 -0.86
N ASP A 29 -8.75 19.05 -0.36
CA ASP A 29 -7.69 20.07 -0.54
C ASP A 29 -6.34 19.55 -0.02
N GLY A 30 -6.37 19.07 1.23
CA GLY A 30 -5.18 18.58 1.94
C GLY A 30 -4.51 17.41 1.25
N ILE A 31 -5.32 16.40 0.84
CA ILE A 31 -4.80 15.18 0.20
C ILE A 31 -4.15 15.48 -1.17
N ALA A 32 -4.69 16.48 -1.91
CA ALA A 32 -4.28 16.77 -3.31
C ALA A 32 -2.91 17.47 -3.36
N LYS A 33 -2.67 18.38 -2.41
CA LYS A 33 -1.36 19.07 -2.29
C LYS A 33 -0.32 18.17 -1.60
N ILE A 34 -0.77 17.32 -0.66
CA ILE A 34 0.08 16.28 -0.06
C ILE A 34 0.46 15.23 -1.13
N PHE A 35 -0.49 14.99 -2.07
CA PHE A 35 -0.31 14.06 -3.18
C PHE A 35 0.81 14.54 -4.12
N SER A 36 0.77 15.83 -4.49
CA SER A 36 1.75 16.43 -5.40
C SER A 36 3.16 16.45 -4.78
N LEU A 37 3.22 16.64 -3.44
CA LEU A 37 4.48 16.69 -2.67
C LEU A 37 5.07 15.27 -2.43
N MET A 38 4.20 14.26 -2.23
CA MET A 38 4.64 12.85 -2.07
C MET A 38 4.95 12.22 -3.45
N LYS A 39 4.35 12.80 -4.50
CA LYS A 39 4.56 12.40 -5.91
C LYS A 39 6.02 12.63 -6.34
N GLU A 40 6.64 13.66 -5.76
CA GLU A 40 8.06 13.97 -5.97
C GLU A 40 8.94 12.77 -5.56
N ALA A 41 8.52 12.10 -4.46
CA ALA A 41 9.12 10.85 -3.96
C ALA A 41 10.64 10.99 -3.74
N ARG A 42 11.05 12.19 -3.30
CA ARG A 42 12.46 12.62 -3.23
C ARG A 42 13.31 11.66 -2.37
N LYS A 43 12.82 11.33 -1.17
CA LYS A 43 13.54 10.46 -0.23
C LYS A 43 12.58 9.42 0.36
N MET A 44 13.12 8.27 0.80
CA MET A 44 12.32 7.19 1.40
C MET A 44 11.73 7.62 2.77
N VAL A 45 12.52 8.41 3.53
CA VAL A 45 12.11 8.92 4.85
C VAL A 45 11.07 10.07 4.70
N SER A 46 11.17 10.83 3.59
CA SER A 46 10.24 11.93 3.30
C SER A 46 8.85 11.35 2.98
N ARG A 47 8.85 10.23 2.24
CA ARG A 47 7.63 9.49 1.90
C ARG A 47 7.06 8.78 3.13
N CYS A 48 7.95 8.29 4.02
CA CYS A 48 7.55 7.63 5.28
C CYS A 48 6.65 8.56 6.15
N THR A 49 6.90 9.88 6.01
CA THR A 49 6.08 10.93 6.64
C THR A 49 4.68 11.00 5.98
N TYR A 50 4.65 11.15 4.64
CA TYR A 50 3.40 11.34 3.85
C TYR A 50 2.48 10.11 3.91
N LEU A 51 3.01 8.92 3.60
CA LEU A 51 2.27 7.64 3.66
C LEU A 51 1.60 7.43 5.04
N ASN A 52 2.30 7.86 6.13
CA ASN A 52 1.78 7.78 7.51
C ASN A 52 0.51 8.67 7.65
N ILE A 53 0.57 9.87 7.05
CA ILE A 53 -0.55 10.82 7.05
C ILE A 53 -1.78 10.21 6.33
N ILE A 54 -1.53 9.49 5.21
CA ILE A 54 -2.60 8.86 4.39
C ILE A 54 -3.28 7.72 5.18
N LEU A 55 -2.46 7.00 5.96
CA LEU A 55 -2.91 5.91 6.85
C LEU A 55 -3.81 6.46 7.99
N GLN A 56 -3.56 7.71 8.40
CA GLN A 56 -4.37 8.42 9.41
C GLN A 56 -5.57 9.14 8.75
N THR A 57 -5.46 9.42 7.45
CA THR A 57 -6.55 10.02 6.66
C THR A 57 -7.71 9.02 6.55
N ARG A 58 -8.73 9.21 7.39
CA ARG A 58 -9.86 8.26 7.53
C ARG A 58 -11.09 8.68 6.71
N ALA A 59 -10.89 9.65 5.81
CA ALA A 59 -11.97 10.26 5.02
C ALA A 59 -12.22 9.44 3.73
N PRO A 60 -13.39 8.73 3.61
CA PRO A 60 -13.66 7.76 2.51
C PRO A 60 -13.66 8.38 1.10
N GLU A 61 -14.28 9.57 0.93
CA GLU A 61 -14.33 10.27 -0.38
C GLU A 61 -12.92 10.73 -0.80
N VAL A 62 -12.12 11.11 0.21
CA VAL A 62 -10.70 11.48 0.04
C VAL A 62 -9.87 10.25 -0.41
N LEU A 63 -10.19 9.08 0.18
CA LEU A 63 -9.49 7.79 -0.09
C LEU A 63 -9.72 7.31 -1.52
N VAL A 64 -10.98 7.35 -1.97
CA VAL A 64 -11.36 6.85 -3.31
C VAL A 64 -10.85 7.78 -4.42
N LYS A 65 -10.79 9.12 -4.17
CA LYS A 65 -10.23 10.08 -5.13
C LYS A 65 -8.69 10.04 -5.14
N PHE A 66 -8.08 9.60 -4.02
CA PHE A 66 -6.60 9.44 -3.92
C PHE A 66 -6.12 8.40 -4.95
N ILE A 67 -6.87 7.31 -5.07
CA ILE A 67 -6.62 6.25 -6.06
C ILE A 67 -6.69 6.81 -7.51
N ASP A 68 -7.76 7.59 -7.76
CA ASP A 68 -8.10 8.12 -9.09
C ASP A 68 -7.09 9.17 -9.60
N VAL A 69 -6.72 10.12 -8.71
CA VAL A 69 -5.80 11.25 -9.07
C VAL A 69 -4.39 10.74 -9.43
N GLY A 70 -4.05 9.54 -8.96
CA GLY A 70 -2.79 8.88 -9.31
C GLY A 70 -2.11 8.22 -8.13
N GLY A 71 -2.65 8.40 -6.92
CA GLY A 71 -2.04 7.91 -5.67
C GLY A 71 -1.73 6.42 -5.65
N TYR A 72 -2.72 5.58 -6.01
CA TYR A 72 -2.53 4.12 -6.11
C TYR A 72 -1.57 3.76 -7.28
N LYS A 73 -1.71 4.53 -8.36
CA LYS A 73 -0.87 4.35 -9.58
C LYS A 73 0.61 4.67 -9.26
N LEU A 74 0.81 5.55 -8.25
CA LEU A 74 2.13 5.89 -7.72
C LEU A 74 2.62 4.80 -6.76
N LEU A 75 1.70 4.18 -5.98
CA LEU A 75 2.06 3.08 -5.04
C LEU A 75 2.75 1.90 -5.78
N ASN A 76 2.32 1.65 -7.03
CA ASN A 76 2.91 0.63 -7.91
C ASN A 76 4.26 1.09 -8.49
N SER A 77 4.31 2.39 -8.85
CA SER A 77 5.55 3.05 -9.31
C SER A 77 6.63 2.98 -8.19
N TRP A 78 6.17 3.12 -6.93
CA TRP A 78 7.00 3.11 -5.73
C TRP A 78 7.32 1.67 -5.30
N LEU A 79 6.49 0.69 -5.70
CA LEU A 79 6.75 -0.73 -5.39
C LEU A 79 8.05 -1.16 -6.10
N THR A 80 8.12 -0.86 -7.40
CA THR A 80 9.27 -1.17 -8.26
C THR A 80 10.50 -0.31 -7.87
N TYR A 81 10.24 1.00 -7.65
CA TYR A 81 11.26 2.00 -7.31
C TYR A 81 11.95 1.69 -5.97
N SER A 82 11.14 1.46 -4.94
CA SER A 82 11.62 1.26 -3.54
C SER A 82 12.22 -0.12 -3.34
N LYS A 83 11.95 -1.04 -4.28
CA LYS A 83 12.56 -2.37 -4.32
C LYS A 83 14.10 -2.27 -4.54
N THR A 84 14.55 -1.23 -5.27
CA THR A 84 15.99 -1.03 -5.60
C THR A 84 16.79 -0.73 -4.32
N THR A 85 16.32 0.26 -3.54
CA THR A 85 16.90 0.60 -2.24
C THR A 85 16.56 -0.50 -1.20
N ASN A 86 15.43 -1.18 -1.44
CA ASN A 86 14.93 -2.30 -0.64
C ASN A 86 14.74 -1.88 0.82
N ASN A 87 13.68 -1.10 1.06
CA ASN A 87 13.31 -0.61 2.39
C ASN A 87 11.97 -1.23 2.81
N ILE A 88 12.04 -2.24 3.68
CA ILE A 88 10.86 -2.98 4.20
C ILE A 88 9.85 -2.03 4.94
N PRO A 89 10.30 -1.14 5.91
CA PRO A 89 9.39 -0.18 6.60
C PRO A 89 8.66 0.78 5.63
N LEU A 90 9.26 1.01 4.45
CA LEU A 90 8.69 1.87 3.40
C LEU A 90 7.68 1.08 2.52
N LEU A 91 8.11 -0.12 2.09
CA LEU A 91 7.34 -1.00 1.18
C LEU A 91 6.03 -1.48 1.85
N GLN A 92 6.09 -1.68 3.18
CA GLN A 92 4.92 -2.10 3.96
C GLN A 92 3.91 -0.96 4.05
N GLN A 93 4.38 0.31 4.17
CA GLN A 93 3.51 1.51 4.20
C GLN A 93 2.72 1.65 2.89
N ILE A 94 3.41 1.38 1.76
CA ILE A 94 2.79 1.37 0.40
C ILE A 94 1.63 0.35 0.36
N LEU A 95 1.94 -0.85 0.87
CA LEU A 95 1.01 -1.98 0.99
C LEU A 95 -0.15 -1.67 1.97
N LEU A 96 0.18 -0.96 3.06
CA LEU A 96 -0.79 -0.59 4.11
C LEU A 96 -1.77 0.45 3.59
N THR A 97 -1.28 1.33 2.70
CA THR A 97 -2.09 2.42 2.15
C THR A 97 -3.10 1.87 1.15
N LEU A 98 -2.67 0.99 0.24
CA LEU A 98 -3.59 0.34 -0.73
C LEU A 98 -4.51 -0.70 -0.02
N GLN A 99 -4.12 -1.11 1.20
CA GLN A 99 -4.98 -1.94 2.09
C GLN A 99 -6.01 -1.02 2.83
N HIS A 100 -5.57 0.21 3.15
CA HIS A 100 -6.35 1.21 3.92
C HIS A 100 -7.63 1.64 3.19
N LEU A 101 -7.51 2.01 1.89
CA LEU A 101 -8.69 2.34 1.05
C LEU A 101 -9.24 1.05 0.40
N PRO A 102 -10.61 0.95 0.18
CA PRO A 102 -11.25 -0.26 -0.42
C PRO A 102 -10.71 -0.57 -1.85
N LEU A 103 -9.69 -1.44 -1.90
CA LEU A 103 -9.00 -1.79 -3.15
C LEU A 103 -9.72 -2.96 -3.83
N THR A 104 -10.30 -2.70 -5.01
CA THR A 104 -11.04 -3.71 -5.78
C THR A 104 -10.07 -4.63 -6.55
N VAL A 105 -10.58 -5.80 -6.99
CA VAL A 105 -9.80 -6.76 -7.80
C VAL A 105 -9.34 -6.12 -9.13
N ASP A 106 -10.16 -5.19 -9.64
CA ASP A 106 -9.88 -4.42 -10.87
C ASP A 106 -8.56 -3.62 -10.76
N HIS A 107 -8.35 -2.97 -9.60
CA HIS A 107 -7.16 -2.15 -9.31
C HIS A 107 -5.87 -2.99 -9.35
N LEU A 108 -5.87 -4.06 -8.53
CA LEU A 108 -4.71 -4.98 -8.37
C LEU A 108 -4.51 -5.87 -9.62
N LYS A 109 -5.50 -5.89 -10.53
CA LYS A 109 -5.40 -6.60 -11.81
C LYS A 109 -4.85 -5.67 -12.91
N GLN A 110 -5.18 -4.36 -12.81
CA GLN A 110 -4.74 -3.34 -13.78
C GLN A 110 -3.21 -3.26 -13.83
N ASN A 111 -2.60 -3.17 -12.66
CA ASN A 111 -1.14 -3.07 -12.49
C ASN A 111 -0.52 -4.43 -12.13
N ASN A 112 -1.37 -5.49 -12.08
CA ASN A 112 -0.96 -6.88 -11.72
C ASN A 112 -0.33 -6.95 -10.31
N THR A 113 -0.74 -6.00 -9.45
CA THR A 113 -0.25 -5.86 -8.05
C THR A 113 -0.50 -7.14 -7.22
N ALA A 114 -1.52 -7.90 -7.67
CA ALA A 114 -1.88 -9.23 -7.15
C ALA A 114 -0.64 -10.13 -7.06
N LYS A 115 0.09 -10.25 -8.19
CA LYS A 115 1.30 -11.09 -8.29
C LYS A 115 2.48 -10.48 -7.52
N LEU A 116 2.59 -9.12 -7.58
CA LEU A 116 3.68 -8.36 -6.94
C LEU A 116 3.73 -8.61 -5.42
N VAL A 117 2.56 -8.55 -4.77
CA VAL A 117 2.44 -8.77 -3.31
C VAL A 117 2.46 -10.28 -2.97
N LYS A 118 1.96 -11.12 -3.90
CA LYS A 118 1.88 -12.59 -3.71
C LYS A 118 3.29 -13.22 -3.54
N GLN A 119 4.29 -12.66 -4.23
CA GLN A 119 5.70 -13.10 -4.10
C GLN A 119 6.35 -12.54 -2.82
N LEU A 120 5.86 -11.36 -2.34
CA LEU A 120 6.32 -10.74 -1.06
C LEU A 120 5.91 -11.61 0.14
N SER A 121 4.68 -12.16 0.09
CA SER A 121 4.14 -13.03 1.15
C SER A 121 4.85 -14.40 1.20
N LYS A 122 5.61 -14.74 0.13
CA LYS A 122 6.34 -16.03 0.02
C LYS A 122 7.85 -15.82 0.24
N SER A 123 8.54 -15.21 -0.76
CA SER A 123 10.00 -15.00 -0.75
C SER A 123 10.33 -13.72 0.01
N SER A 124 10.16 -13.79 1.33
CA SER A 124 10.49 -12.72 2.27
C SER A 124 11.93 -12.85 2.78
N GLU A 125 12.57 -11.70 3.02
CA GLU A 125 13.85 -11.62 3.75
C GLU A 125 13.59 -11.34 5.24
N ASP A 126 12.36 -10.87 5.53
CA ASP A 126 11.93 -10.51 6.90
C ASP A 126 10.49 -10.98 7.12
N GLU A 127 10.15 -11.30 8.36
CA GLU A 127 8.81 -11.80 8.72
C GLU A 127 7.72 -10.71 8.61
N GLU A 128 8.05 -9.47 9.02
CA GLU A 128 7.04 -8.38 9.09
C GLU A 128 6.47 -8.01 7.72
N LEU A 129 7.31 -8.12 6.67
CA LEU A 129 6.91 -7.77 5.29
C LEU A 129 5.93 -8.82 4.73
N ARG A 130 6.22 -10.12 4.98
CA ARG A 130 5.39 -11.23 4.49
C ARG A 130 4.10 -11.33 5.31
N LYS A 131 4.15 -10.87 6.57
CA LYS A 131 3.05 -10.99 7.54
C LYS A 131 1.93 -10.01 7.17
N LEU A 132 2.32 -8.76 6.85
CA LEU A 132 1.39 -7.73 6.37
C LEU A 132 0.91 -8.04 4.94
N ALA A 133 1.81 -8.64 4.14
CA ALA A 133 1.49 -9.12 2.77
C ALA A 133 0.54 -10.32 2.83
N SER A 134 0.65 -11.12 3.90
CA SER A 134 -0.21 -12.29 4.12
C SER A 134 -1.64 -11.84 4.42
N VAL A 135 -1.79 -10.75 5.22
CA VAL A 135 -3.11 -10.13 5.53
C VAL A 135 -3.75 -9.56 4.25
N LEU A 136 -2.91 -8.88 3.44
CA LEU A 136 -3.35 -8.18 2.22
C LEU A 136 -3.84 -9.19 1.15
N VAL A 137 -3.02 -10.23 0.89
CA VAL A 137 -3.35 -11.30 -0.09
C VAL A 137 -4.50 -12.19 0.46
N SER A 138 -4.61 -12.31 1.80
CA SER A 138 -5.72 -13.04 2.46
C SER A 138 -7.06 -12.28 2.26
N ASP A 139 -6.98 -10.94 2.35
CA ASP A 139 -8.13 -10.03 2.13
C ASP A 139 -8.60 -10.14 0.67
N TRP A 140 -7.62 -10.08 -0.24
CA TRP A 140 -7.83 -10.19 -1.67
C TRP A 140 -8.44 -11.55 -2.03
N MET A 141 -7.84 -12.66 -1.56
CA MET A 141 -8.34 -14.02 -1.91
C MET A 141 -9.69 -14.32 -1.23
N ALA A 142 -10.02 -13.59 -0.14
CA ALA A 142 -11.32 -13.71 0.54
C ALA A 142 -12.45 -13.27 -0.41
N VAL A 143 -12.32 -12.03 -0.95
CA VAL A 143 -13.30 -11.47 -1.89
C VAL A 143 -13.23 -12.19 -3.27
N ILE A 144 -12.00 -12.56 -3.68
CA ILE A 144 -11.74 -13.23 -4.97
C ILE A 144 -12.41 -14.62 -5.05
N ARG A 145 -12.19 -15.46 -4.01
CA ARG A 145 -12.77 -16.82 -3.92
C ARG A 145 -14.30 -16.76 -3.81
N SER A 146 -14.80 -15.78 -3.04
CA SER A 146 -16.25 -15.53 -2.85
C SER A 146 -16.93 -15.22 -4.20
N GLN A 147 -16.30 -14.34 -5.00
CA GLN A 147 -16.81 -13.96 -6.33
C GLN A 147 -16.61 -15.08 -7.36
N SER A 148 -15.60 -15.93 -7.13
CA SER A 148 -15.25 -17.03 -8.04
C SER A 148 -16.16 -18.25 -7.82
N GLY A 149 -16.71 -18.39 -6.61
CA GLY A 149 -17.59 -19.52 -6.28
C GLY A 149 -17.95 -19.58 -4.82
N GLY A 150 -16.93 -19.67 -3.95
CA GLY A 150 -17.12 -19.84 -2.52
C GLY A 150 -15.81 -20.11 -1.79
N GLY A 151 -15.77 -21.20 -1.02
CA GLY A 151 -14.62 -21.51 -0.16
C GLY A 151 -14.38 -20.40 0.87
N SER A 152 -15.46 -20.03 1.56
CA SER A 152 -15.51 -18.85 2.45
C SER A 152 -14.93 -19.18 3.84
N GLY A 153 -13.61 -19.44 3.87
CA GLY A 153 -12.91 -19.83 5.10
C GLY A 153 -13.40 -21.15 5.70
N GLY A 154 -13.11 -21.35 7.01
CA GLY A 154 -13.61 -22.49 7.78
C GLY A 154 -13.15 -23.83 7.20
N GLY A 155 -14.12 -24.62 6.71
CA GLY A 155 -13.85 -25.91 6.07
C GLY A 155 -13.80 -25.77 4.56
N SER A 156 -12.59 -25.82 3.99
CA SER A 156 -12.35 -25.67 2.55
C SER A 156 -10.99 -26.29 2.19
N ASP A 157 -10.85 -26.75 0.94
CA ASP A 157 -9.61 -27.40 0.44
C ASP A 157 -8.57 -26.34 -0.03
N LEU A 158 -8.47 -25.22 0.72
CA LEU A 158 -7.60 -24.07 0.34
C LEU A 158 -6.12 -24.53 0.27
N ASP A 159 -5.48 -24.15 -0.82
CA ASP A 159 -4.18 -24.66 -1.25
C ASP A 159 -3.57 -23.63 -2.20
N TYR A 160 -2.27 -23.72 -2.47
CA TYR A 160 -1.57 -22.80 -3.41
C TYR A 160 -2.26 -22.69 -4.79
N ASP A 161 -3.03 -23.72 -5.17
CA ASP A 161 -3.86 -23.70 -6.40
C ASP A 161 -5.27 -23.11 -6.12
N SER A 162 -5.87 -23.50 -4.98
CA SER A 162 -7.26 -23.11 -4.63
C SER A 162 -7.37 -21.62 -4.22
N VAL A 163 -6.28 -21.05 -3.69
CA VAL A 163 -6.26 -19.68 -3.14
C VAL A 163 -5.96 -18.62 -4.21
N GLN A 164 -5.89 -19.04 -5.49
CA GLN A 164 -5.50 -18.15 -6.62
C GLN A 164 -6.49 -18.18 -7.84
N PRO A 165 -7.83 -17.95 -7.63
CA PRO A 165 -8.80 -17.80 -8.77
C PRO A 165 -8.56 -16.52 -9.63
N TYR A 166 -8.03 -15.46 -9.01
CA TYR A 166 -7.62 -14.21 -9.72
C TYR A 166 -6.15 -13.86 -9.46
N PHE A 167 -5.38 -14.83 -8.93
CA PHE A 167 -3.91 -14.77 -8.95
C PHE A 167 -3.38 -15.77 -10.00
N TYR A 168 -4.31 -16.53 -10.62
CA TYR A 168 -4.02 -17.54 -11.64
C TYR A 168 -5.30 -17.78 -12.47
N CYS A 169 -5.13 -18.10 -13.75
CA CYS A 169 -6.23 -18.42 -14.66
C CYS A 169 -6.43 -19.95 -14.74
N ASP A 170 -7.52 -20.46 -14.14
CA ASP A 170 -7.83 -21.91 -14.09
C ASP A 170 -8.35 -22.42 -15.46
N GLU A 171 -8.37 -23.75 -15.62
CA GLU A 171 -8.83 -24.42 -16.85
C GLU A 171 -9.32 -25.83 -16.50
N GLU A 172 -10.61 -25.95 -16.17
CA GLU A 172 -11.25 -27.21 -15.74
C GLU A 172 -12.25 -27.69 -16.82
N GLU A 173 -12.44 -29.02 -16.91
CA GLU A 173 -13.38 -29.64 -17.85
C GLU A 173 -14.41 -30.45 -17.04
N ASN A 174 -15.43 -29.74 -16.54
CA ASN A 174 -16.55 -30.34 -15.78
C ASN A 174 -17.86 -30.10 -16.57
N MET A 1 27.75 11.38 20.44
CA MET A 1 28.99 11.68 21.22
C MET A 1 29.30 13.18 21.26
N GLY A 2 28.71 13.94 20.32
CA GLY A 2 28.90 15.38 20.23
C GLY A 2 27.94 16.00 19.21
N SER A 3 28.46 16.31 18.02
CA SER A 3 27.65 16.80 16.89
C SER A 3 26.97 15.61 16.18
N GLY A 4 25.73 15.31 16.60
CA GLY A 4 24.95 14.23 16.00
C GLY A 4 24.38 14.61 14.62
N PRO A 5 23.89 13.62 13.81
CA PRO A 5 23.23 13.91 12.51
C PRO A 5 21.85 14.61 12.72
N ILE A 6 21.41 15.36 11.70
CA ILE A 6 20.11 16.07 11.73
C ILE A 6 18.95 15.08 11.53
N ASP A 7 17.76 15.42 12.06
CA ASP A 7 16.53 14.62 11.85
C ASP A 7 15.59 15.40 10.90
N PRO A 8 15.65 15.09 9.56
CA PRO A 8 14.98 15.90 8.50
C PRO A 8 13.46 15.72 8.45
N LYS A 9 12.92 14.66 9.09
CA LYS A 9 11.48 14.33 9.04
C LYS A 9 10.62 15.39 9.74
N GLU A 10 11.25 16.12 10.68
CA GLU A 10 10.62 17.23 11.41
C GLU A 10 10.23 18.38 10.45
N LEU A 11 10.99 18.50 9.34
CA LEU A 11 10.74 19.52 8.31
C LEU A 11 9.52 19.14 7.45
N LEU A 12 9.37 17.82 7.20
CA LEU A 12 8.19 17.26 6.49
C LEU A 12 6.97 17.21 7.44
N LYS A 13 7.24 17.18 8.75
CA LYS A 13 6.22 17.17 9.81
C LYS A 13 5.76 18.61 10.12
N GLY A 14 6.61 19.61 9.77
CA GLY A 14 6.35 21.02 10.05
C GLY A 14 5.03 21.54 9.48
N LEU A 15 4.61 20.96 8.33
CA LEU A 15 3.36 21.35 7.63
C LEU A 15 2.13 20.55 8.14
N ASP A 16 2.23 19.99 9.37
CA ASP A 16 1.12 19.26 10.04
C ASP A 16 -0.18 20.08 10.10
N SER A 17 -0.02 21.42 10.11
CA SER A 17 -1.13 22.40 10.16
C SER A 17 -2.10 22.25 8.95
N PHE A 18 -1.60 21.72 7.82
CA PHE A 18 -2.44 21.44 6.60
C PHE A 18 -3.59 20.48 6.93
N LEU A 19 -3.32 19.57 7.88
CA LEU A 19 -4.28 18.56 8.34
C LEU A 19 -4.92 19.04 9.65
N THR A 20 -6.05 18.42 10.04
CA THR A 20 -6.78 18.74 11.28
C THR A 20 -5.90 18.54 12.53
N ARG A 21 -6.39 19.08 13.68
CA ARG A 21 -5.72 18.94 14.99
C ARG A 21 -5.77 17.49 15.51
N ASP A 22 -6.60 16.63 14.89
CA ASP A 22 -6.58 15.16 15.14
C ASP A 22 -5.39 14.51 14.40
N GLY A 23 -4.93 15.19 13.33
CA GLY A 23 -3.74 14.76 12.59
C GLY A 23 -4.03 13.67 11.58
N GLU A 24 -4.75 14.01 10.50
CA GLU A 24 -5.06 13.08 9.41
C GLU A 24 -5.42 13.82 8.11
N VAL A 25 -6.40 14.73 8.18
CA VAL A 25 -6.91 15.45 7.01
C VAL A 25 -7.83 16.60 7.45
N LYS A 26 -7.74 17.74 6.78
CA LYS A 26 -8.65 18.88 7.02
C LYS A 26 -9.86 18.81 6.07
N SER A 27 -9.56 18.67 4.78
CA SER A 27 -10.58 18.73 3.71
C SER A 27 -10.23 17.74 2.58
N VAL A 28 -11.09 17.68 1.55
CA VAL A 28 -10.90 16.80 0.37
C VAL A 28 -9.71 17.27 -0.49
N ASP A 29 -9.37 18.57 -0.41
CA ASP A 29 -8.15 19.13 -1.04
C ASP A 29 -6.89 18.84 -0.19
N GLY A 30 -7.09 18.34 1.05
CA GLY A 30 -6.00 17.94 1.93
C GLY A 30 -5.17 16.82 1.36
N ILE A 31 -5.84 15.85 0.70
CA ILE A 31 -5.16 14.75 0.00
C ILE A 31 -4.53 15.26 -1.32
N ALA A 32 -5.18 16.21 -2.00
CA ALA A 32 -4.75 16.70 -3.33
C ALA A 32 -3.34 17.34 -3.29
N LYS A 33 -3.11 18.18 -2.27
CA LYS A 33 -1.82 18.86 -2.08
C LYS A 33 -0.74 17.87 -1.59
N ILE A 34 -1.12 17.01 -0.62
CA ILE A 34 -0.24 15.95 -0.08
C ILE A 34 0.11 14.91 -1.18
N PHE A 35 -0.83 14.74 -2.13
CA PHE A 35 -0.68 13.83 -3.27
C PHE A 35 0.47 14.30 -4.14
N SER A 36 0.50 15.62 -4.41
CA SER A 36 1.55 16.26 -5.22
C SER A 36 2.94 16.12 -4.55
N LEU A 37 2.96 16.24 -3.20
CA LEU A 37 4.20 16.17 -2.40
C LEU A 37 4.79 14.74 -2.39
N MET A 38 3.93 13.72 -2.17
CA MET A 38 4.35 12.29 -2.16
C MET A 38 4.52 11.73 -3.59
N LYS A 39 3.87 12.40 -4.57
CA LYS A 39 3.98 12.05 -6.01
C LYS A 39 5.43 12.14 -6.46
N GLU A 40 6.00 13.35 -6.26
CA GLU A 40 7.40 13.65 -6.55
C GLU A 40 8.31 12.80 -5.67
N ALA A 41 7.93 12.73 -4.37
CA ALA A 41 8.62 11.93 -3.34
C ALA A 41 10.06 12.39 -3.13
N ARG A 42 10.97 11.93 -4.04
CA ARG A 42 12.40 12.28 -4.09
C ARG A 42 13.20 11.59 -2.96
N LYS A 43 12.80 11.82 -1.71
CA LYS A 43 13.41 11.20 -0.52
C LYS A 43 12.48 10.09 0.03
N MET A 44 13.07 9.09 0.71
CA MET A 44 12.31 8.02 1.39
C MET A 44 11.64 8.55 2.67
N VAL A 45 12.24 9.60 3.28
CA VAL A 45 11.73 10.21 4.51
C VAL A 45 10.35 10.88 4.27
N SER A 46 10.19 11.54 3.11
CA SER A 46 8.93 12.18 2.71
C SER A 46 7.90 11.10 2.32
N ARG A 47 8.40 9.99 1.75
CA ARG A 47 7.59 8.79 1.44
C ARG A 47 6.97 8.17 2.70
N CYS A 48 7.66 8.27 3.84
CA CYS A 48 7.16 7.77 5.13
C CYS A 48 6.17 8.75 5.79
N THR A 49 6.56 10.05 5.84
CA THR A 49 5.84 11.09 6.60
C THR A 49 4.40 11.33 6.08
N TYR A 50 4.30 11.72 4.78
CA TYR A 50 3.00 12.05 4.13
C TYR A 50 2.08 10.83 4.07
N LEU A 51 2.68 9.65 3.88
CA LEU A 51 1.96 8.38 3.71
C LEU A 51 1.24 7.96 5.00
N ASN A 52 1.93 8.11 6.15
CA ASN A 52 1.38 7.73 7.48
C ASN A 52 0.14 8.57 7.83
N ILE A 53 0.19 9.85 7.44
CA ILE A 53 -0.93 10.81 7.60
C ILE A 53 -2.22 10.26 6.94
N ILE A 54 -2.04 9.66 5.76
CA ILE A 54 -3.13 9.10 4.93
C ILE A 54 -3.66 7.79 5.54
N LEU A 55 -2.77 7.06 6.23
CA LEU A 55 -3.14 5.81 6.95
C LEU A 55 -3.92 6.15 8.23
N GLN A 56 -3.74 7.38 8.74
CA GLN A 56 -4.51 7.90 9.90
C GLN A 56 -5.85 8.51 9.44
N THR A 57 -5.99 8.79 8.12
CA THR A 57 -7.20 9.41 7.56
C THR A 57 -8.39 8.44 7.57
N ARG A 58 -9.46 8.83 8.29
CA ARG A 58 -10.73 8.08 8.39
C ARG A 58 -11.66 8.42 7.20
N ALA A 59 -11.52 9.66 6.66
CA ALA A 59 -12.46 10.23 5.68
C ALA A 59 -12.41 9.46 4.33
N PRO A 60 -13.43 8.59 4.03
CA PRO A 60 -13.36 7.64 2.88
C PRO A 60 -13.32 8.35 1.51
N GLU A 61 -13.85 9.60 1.45
CA GLU A 61 -13.81 10.44 0.24
C GLU A 61 -12.37 10.72 -0.16
N VAL A 62 -11.61 11.20 0.84
CA VAL A 62 -10.19 11.57 0.73
C VAL A 62 -9.35 10.39 0.15
N LEU A 63 -9.71 9.16 0.56
CA LEU A 63 -9.02 7.94 0.13
C LEU A 63 -9.38 7.56 -1.32
N VAL A 64 -10.68 7.41 -1.61
CA VAL A 64 -11.14 6.90 -2.92
C VAL A 64 -10.86 7.90 -4.06
N LYS A 65 -10.79 9.21 -3.72
CA LYS A 65 -10.54 10.27 -4.69
C LYS A 65 -9.03 10.40 -4.98
N PHE A 66 -8.19 9.85 -4.06
CA PHE A 66 -6.73 9.74 -4.27
C PHE A 66 -6.44 8.82 -5.47
N ILE A 67 -7.27 7.79 -5.65
CA ILE A 67 -7.21 6.89 -6.81
C ILE A 67 -7.55 7.65 -8.11
N ASP A 68 -8.64 8.47 -8.03
CA ASP A 68 -9.17 9.25 -9.18
C ASP A 68 -8.13 10.23 -9.73
N VAL A 69 -7.37 10.90 -8.84
CA VAL A 69 -6.37 11.92 -9.24
C VAL A 69 -5.07 11.30 -9.80
N GLY A 70 -5.02 9.96 -9.91
CA GLY A 70 -3.84 9.25 -10.45
C GLY A 70 -2.90 8.78 -9.35
N GLY A 71 -3.40 8.78 -8.10
CA GLY A 71 -2.64 8.26 -6.95
C GLY A 71 -2.44 6.76 -7.01
N TYR A 72 -3.36 6.06 -7.70
CA TYR A 72 -3.23 4.62 -8.01
C TYR A 72 -1.89 4.34 -8.74
N LYS A 73 -1.58 5.19 -9.74
CA LYS A 73 -0.35 5.07 -10.57
C LYS A 73 0.90 5.14 -9.67
N LEU A 74 0.79 5.94 -8.61
CA LEU A 74 1.86 6.15 -7.63
C LEU A 74 2.13 4.89 -6.79
N LEU A 75 1.09 4.13 -6.41
CA LEU A 75 1.24 2.89 -5.60
C LEU A 75 2.19 1.88 -6.29
N ASN A 76 2.05 1.78 -7.62
CA ASN A 76 2.88 0.90 -8.45
C ASN A 76 4.31 1.46 -8.59
N SER A 77 4.39 2.80 -8.78
CA SER A 77 5.68 3.51 -8.98
C SER A 77 6.56 3.40 -7.72
N TRP A 78 5.94 3.62 -6.55
CA TRP A 78 6.60 3.53 -5.23
C TRP A 78 7.00 2.09 -4.94
N LEU A 79 6.13 1.13 -5.33
CA LEU A 79 6.36 -0.31 -5.11
C LEU A 79 7.72 -0.70 -5.73
N THR A 80 7.87 -0.41 -7.03
CA THR A 80 9.10 -0.72 -7.80
C THR A 80 10.31 0.10 -7.28
N TYR A 81 10.09 1.40 -7.04
CA TYR A 81 11.11 2.35 -6.52
C TYR A 81 11.78 1.82 -5.25
N SER A 82 10.94 1.35 -4.33
CA SER A 82 11.35 0.86 -3.02
C SER A 82 11.86 -0.60 -3.09
N LYS A 83 11.34 -1.39 -4.06
CA LYS A 83 11.66 -2.84 -4.19
C LYS A 83 13.07 -3.02 -4.78
N THR A 84 13.45 -2.14 -5.71
CA THR A 84 14.76 -2.19 -6.38
C THR A 84 15.91 -1.96 -5.39
N THR A 85 15.72 -0.96 -4.51
CA THR A 85 16.65 -0.68 -3.39
C THR A 85 16.38 -1.60 -2.18
N ASN A 86 15.15 -2.18 -2.15
CA ASN A 86 14.69 -3.15 -1.13
C ASN A 86 14.72 -2.52 0.27
N ASN A 87 13.78 -1.60 0.52
CA ASN A 87 13.66 -0.91 1.82
C ASN A 87 12.46 -1.48 2.56
N ILE A 88 12.74 -2.32 3.57
CA ILE A 88 11.71 -3.02 4.37
C ILE A 88 10.64 -2.05 4.97
N PRO A 89 11.04 -0.86 5.61
CA PRO A 89 10.06 0.14 6.12
C PRO A 89 9.16 0.73 5.01
N LEU A 90 9.69 0.82 3.78
CA LEU A 90 8.93 1.39 2.64
C LEU A 90 7.92 0.37 2.07
N LEU A 91 8.38 -0.86 1.71
CA LEU A 91 7.52 -1.88 1.04
C LEU A 91 6.24 -2.17 1.84
N GLN A 92 6.41 -2.41 3.16
CA GLN A 92 5.30 -2.75 4.07
C GLN A 92 4.25 -1.61 4.14
N GLN A 93 4.73 -0.35 4.05
CA GLN A 93 3.89 0.87 4.13
C GLN A 93 3.13 1.14 2.82
N ILE A 94 3.77 0.83 1.68
CA ILE A 94 3.16 1.02 0.34
C ILE A 94 1.96 0.09 0.18
N LEU A 95 2.19 -1.20 0.49
CA LEU A 95 1.13 -2.22 0.42
C LEU A 95 0.10 -2.01 1.56
N LEU A 96 0.53 -1.35 2.67
CA LEU A 96 -0.36 -0.96 3.79
C LEU A 96 -1.37 0.10 3.30
N THR A 97 -0.89 1.01 2.42
CA THR A 97 -1.71 2.13 1.91
C THR A 97 -2.79 1.61 0.97
N LEU A 98 -2.41 0.73 0.03
CA LEU A 98 -3.37 0.11 -0.92
C LEU A 98 -4.26 -0.95 -0.22
N GLN A 99 -3.84 -1.40 0.99
CA GLN A 99 -4.68 -2.21 1.90
C GLN A 99 -5.69 -1.27 2.61
N HIS A 100 -5.20 -0.09 3.03
CA HIS A 100 -5.95 0.88 3.85
C HIS A 100 -7.22 1.36 3.12
N LEU A 101 -7.05 1.84 1.88
CA LEU A 101 -8.18 2.35 1.07
C LEU A 101 -8.76 1.19 0.21
N PRO A 102 -10.08 1.25 -0.15
CA PRO A 102 -10.72 0.20 -0.99
C PRO A 102 -10.03 0.04 -2.38
N LEU A 103 -9.13 -0.94 -2.48
CA LEU A 103 -8.45 -1.29 -3.75
C LEU A 103 -9.23 -2.44 -4.43
N THR A 104 -9.68 -2.21 -5.67
CA THR A 104 -10.48 -3.19 -6.43
C THR A 104 -9.58 -4.27 -7.06
N VAL A 105 -10.20 -5.40 -7.48
CA VAL A 105 -9.51 -6.47 -8.24
C VAL A 105 -8.98 -5.92 -9.59
N ASP A 106 -9.71 -4.94 -10.14
CA ASP A 106 -9.31 -4.18 -11.35
C ASP A 106 -7.91 -3.55 -11.19
N HIS A 107 -7.72 -2.84 -10.05
CA HIS A 107 -6.47 -2.10 -9.76
C HIS A 107 -5.25 -3.04 -9.68
N LEU A 108 -5.38 -4.11 -8.87
CA LEU A 108 -4.28 -5.07 -8.61
C LEU A 108 -3.99 -5.96 -9.83
N LYS A 109 -4.90 -5.97 -10.82
CA LYS A 109 -4.70 -6.66 -12.11
C LYS A 109 -4.08 -5.75 -13.16
N GLN A 110 -4.45 -4.45 -13.12
CA GLN A 110 -4.04 -3.46 -14.14
C GLN A 110 -2.51 -3.22 -14.13
N ASN A 111 -1.84 -3.50 -12.99
CA ASN A 111 -0.36 -3.44 -12.90
C ASN A 111 0.22 -4.73 -12.28
N ASN A 112 -0.67 -5.74 -12.06
CA ASN A 112 -0.31 -7.08 -11.51
C ASN A 112 0.27 -6.99 -10.07
N THR A 113 -0.31 -6.06 -9.25
CA THR A 113 0.01 -5.93 -7.79
C THR A 113 -0.22 -7.26 -7.06
N ALA A 114 -1.19 -8.05 -7.58
CA ALA A 114 -1.55 -9.39 -7.08
C ALA A 114 -0.32 -10.28 -6.87
N LYS A 115 0.45 -10.47 -7.95
CA LYS A 115 1.65 -11.32 -7.95
C LYS A 115 2.82 -10.64 -7.19
N LEU A 116 2.94 -9.30 -7.39
CA LEU A 116 4.05 -8.49 -6.83
C LEU A 116 4.08 -8.50 -5.28
N VAL A 117 2.89 -8.44 -4.67
CA VAL A 117 2.74 -8.49 -3.20
C VAL A 117 2.85 -9.94 -2.69
N LYS A 118 2.26 -10.88 -3.46
CA LYS A 118 2.16 -12.31 -3.05
C LYS A 118 3.54 -13.00 -3.01
N GLN A 119 4.44 -12.58 -3.90
CA GLN A 119 5.83 -13.08 -3.94
C GLN A 119 6.64 -12.56 -2.73
N LEU A 120 6.24 -11.36 -2.22
CA LEU A 120 6.82 -10.76 -1.00
C LEU A 120 6.27 -11.46 0.27
N SER A 121 5.17 -12.24 0.12
CA SER A 121 4.53 -12.98 1.24
C SER A 121 5.13 -14.40 1.38
N LYS A 122 5.87 -14.85 0.33
CA LYS A 122 6.37 -16.26 0.21
C LYS A 122 7.33 -16.65 1.35
N SER A 123 8.50 -15.99 1.41
CA SER A 123 9.60 -16.40 2.31
C SER A 123 10.58 -15.24 2.56
N SER A 124 10.06 -13.99 2.58
CA SER A 124 10.84 -12.80 2.95
C SER A 124 11.26 -12.90 4.43
N GLU A 125 12.55 -12.63 4.71
CA GLU A 125 13.15 -12.90 6.04
C GLU A 125 12.58 -11.98 7.12
N ASP A 126 12.21 -10.75 6.73
CA ASP A 126 11.53 -9.81 7.62
C ASP A 126 10.07 -10.22 7.74
N GLU A 127 9.69 -10.73 8.93
CA GLU A 127 8.33 -11.19 9.24
C GLU A 127 7.30 -10.09 8.95
N GLU A 128 7.67 -8.84 9.31
CA GLU A 128 6.80 -7.65 9.22
C GLU A 128 6.29 -7.35 7.79
N LEU A 129 7.18 -7.36 6.78
CA LEU A 129 6.81 -6.97 5.40
C LEU A 129 5.87 -8.04 4.80
N ARG A 130 6.21 -9.31 5.06
CA ARG A 130 5.48 -10.47 4.49
C ARG A 130 4.17 -10.72 5.25
N LYS A 131 4.11 -10.26 6.51
CA LYS A 131 2.92 -10.39 7.38
C LYS A 131 1.79 -9.52 6.83
N LEU A 132 2.11 -8.22 6.67
CA LEU A 132 1.18 -7.22 6.12
C LEU A 132 0.83 -7.55 4.66
N ALA A 133 1.80 -8.13 3.93
CA ALA A 133 1.60 -8.59 2.55
C ALA A 133 0.66 -9.81 2.50
N SER A 134 0.85 -10.75 3.43
CA SER A 134 0.10 -12.02 3.48
C SER A 134 -1.37 -11.79 3.90
N VAL A 135 -1.62 -10.86 4.85
CA VAL A 135 -2.98 -10.52 5.30
C VAL A 135 -3.71 -9.72 4.21
N LEU A 136 -2.93 -8.97 3.41
CA LEU A 136 -3.43 -8.23 2.24
C LEU A 136 -3.86 -9.21 1.12
N VAL A 137 -3.03 -10.22 0.86
CA VAL A 137 -3.31 -11.28 -0.14
C VAL A 137 -4.41 -12.22 0.38
N SER A 138 -4.52 -12.37 1.71
CA SER A 138 -5.58 -13.18 2.35
C SER A 138 -6.93 -12.46 2.27
N ASP A 139 -6.87 -11.13 2.37
CA ASP A 139 -8.04 -10.24 2.23
C ASP A 139 -8.50 -10.19 0.76
N TRP A 140 -7.50 -10.16 -0.15
CA TRP A 140 -7.73 -10.22 -1.60
C TRP A 140 -8.39 -11.53 -1.98
N MET A 141 -7.78 -12.66 -1.61
CA MET A 141 -8.27 -14.01 -1.98
C MET A 141 -9.64 -14.30 -1.37
N ALA A 142 -9.95 -13.63 -0.26
CA ALA A 142 -11.27 -13.69 0.39
C ALA A 142 -12.35 -13.06 -0.50
N VAL A 143 -12.11 -11.79 -0.93
CA VAL A 143 -13.08 -11.05 -1.78
C VAL A 143 -13.12 -11.64 -3.20
N ILE A 144 -11.98 -12.21 -3.65
CA ILE A 144 -11.82 -12.84 -4.97
C ILE A 144 -12.60 -14.18 -5.04
N ARG A 145 -12.57 -14.93 -3.93
CA ARG A 145 -13.33 -16.18 -3.80
C ARG A 145 -14.84 -15.85 -3.76
N SER A 146 -15.15 -14.66 -3.22
CA SER A 146 -16.52 -14.10 -3.17
C SER A 146 -16.95 -13.54 -4.55
N GLN A 147 -15.97 -13.13 -5.40
CA GLN A 147 -16.23 -12.71 -6.80
C GLN A 147 -16.69 -13.93 -7.62
N SER A 148 -16.02 -15.07 -7.38
CA SER A 148 -16.27 -16.32 -8.10
C SER A 148 -17.51 -17.05 -7.54
N GLY A 149 -17.69 -16.99 -6.20
CA GLY A 149 -18.72 -17.78 -5.52
C GLY A 149 -19.13 -17.15 -4.19
N GLY A 150 -18.30 -17.34 -3.16
CA GLY A 150 -18.61 -16.86 -1.82
C GLY A 150 -17.44 -16.98 -0.85
N GLY A 151 -17.64 -16.54 0.38
CA GLY A 151 -16.63 -16.61 1.44
C GLY A 151 -16.62 -17.97 2.13
N SER A 152 -16.44 -17.97 3.47
CA SER A 152 -16.41 -19.18 4.31
C SER A 152 -15.30 -20.14 3.84
N GLY A 153 -14.06 -19.64 3.88
CA GLY A 153 -12.89 -20.38 3.43
C GLY A 153 -11.63 -19.87 4.10
N GLY A 154 -11.51 -20.16 5.42
CA GLY A 154 -10.33 -19.83 6.19
C GLY A 154 -9.22 -20.86 5.98
N GLY A 155 -8.74 -20.94 4.73
CA GLY A 155 -7.77 -21.95 4.31
C GLY A 155 -8.38 -23.35 4.29
N SER A 156 -8.41 -24.00 5.48
CA SER A 156 -8.90 -25.39 5.67
C SER A 156 -8.08 -26.39 4.81
N ASP A 157 -6.79 -26.02 4.60
CA ASP A 157 -5.87 -26.70 3.68
C ASP A 157 -6.42 -26.62 2.24
N LEU A 158 -6.15 -25.50 1.57
CA LEU A 158 -6.71 -25.18 0.24
C LEU A 158 -5.58 -25.25 -0.81
N ASP A 159 -5.88 -25.89 -1.97
CA ASP A 159 -4.88 -26.20 -3.02
C ASP A 159 -4.29 -24.93 -3.69
N TYR A 160 -3.08 -25.08 -4.29
CA TYR A 160 -2.36 -23.98 -4.99
C TYR A 160 -3.24 -23.27 -6.03
N ASP A 161 -3.89 -24.04 -6.91
CA ASP A 161 -4.72 -23.47 -7.99
C ASP A 161 -5.98 -22.79 -7.43
N SER A 162 -6.43 -23.26 -6.25
CA SER A 162 -7.59 -22.71 -5.55
C SER A 162 -7.21 -21.41 -4.79
N VAL A 163 -5.94 -21.33 -4.33
CA VAL A 163 -5.40 -20.13 -3.64
C VAL A 163 -4.65 -19.20 -4.62
N GLN A 164 -4.59 -19.59 -5.92
CA GLN A 164 -4.15 -18.71 -7.05
C GLN A 164 -5.27 -18.65 -8.13
N PRO A 165 -6.51 -18.10 -7.83
CA PRO A 165 -7.55 -17.91 -8.85
C PRO A 165 -7.31 -16.62 -9.68
N TYR A 166 -6.93 -15.53 -8.99
CA TYR A 166 -6.65 -14.22 -9.60
C TYR A 166 -5.25 -13.74 -9.16
N PHE A 167 -4.29 -14.68 -9.11
CA PHE A 167 -2.88 -14.38 -8.74
C PHE A 167 -1.89 -14.97 -9.76
N TYR A 168 -2.22 -16.16 -10.30
CA TYR A 168 -1.33 -16.91 -11.21
C TYR A 168 -1.24 -16.22 -12.59
N CYS A 169 -0.06 -16.35 -13.23
CA CYS A 169 0.20 -15.91 -14.60
C CYS A 169 1.47 -16.61 -15.10
N ASP A 170 1.50 -16.99 -16.39
CA ASP A 170 2.66 -17.67 -17.02
C ASP A 170 3.93 -16.79 -16.96
N GLU A 171 3.73 -15.46 -16.98
CA GLU A 171 4.82 -14.48 -16.88
C GLU A 171 5.24 -14.30 -15.41
N GLU A 172 6.17 -15.18 -14.97
CA GLU A 172 6.81 -15.07 -13.66
C GLU A 172 8.17 -14.37 -13.78
N GLU A 173 8.87 -14.30 -12.65
CA GLU A 173 10.22 -13.70 -12.55
C GLU A 173 11.14 -14.64 -11.73
N ASN A 174 10.70 -15.90 -11.56
CA ASN A 174 11.37 -16.92 -10.73
C ASN A 174 12.68 -17.38 -11.41
N MET A 1 30.48 17.25 18.43
CA MET A 1 31.14 18.45 18.99
C MET A 1 31.43 19.46 17.88
N GLY A 2 31.16 20.76 18.15
CA GLY A 2 31.43 21.85 17.18
C GLY A 2 30.20 22.17 16.33
N SER A 3 29.61 21.12 15.72
CA SER A 3 28.38 21.21 14.91
C SER A 3 27.28 20.34 15.55
N GLY A 4 26.10 20.31 14.90
CA GLY A 4 24.97 19.48 15.35
C GLY A 4 24.32 18.72 14.19
N PRO A 5 23.23 17.95 14.43
CA PRO A 5 22.52 17.20 13.36
C PRO A 5 21.59 18.10 12.51
N ILE A 6 21.26 17.63 11.29
CA ILE A 6 20.27 18.27 10.40
C ILE A 6 19.07 17.31 10.24
N ASP A 7 17.95 17.66 10.87
CA ASP A 7 16.73 16.86 10.84
C ASP A 7 15.82 17.37 9.70
N PRO A 8 15.62 16.59 8.59
CA PRO A 8 14.75 16.99 7.47
C PRO A 8 13.26 16.68 7.76
N LYS A 9 13.01 15.93 8.84
CA LYS A 9 11.69 15.35 9.14
C LYS A 9 10.69 16.46 9.53
N GLU A 10 11.14 17.39 10.41
CA GLU A 10 10.33 18.54 10.88
C GLU A 10 9.87 19.44 9.70
N LEU A 11 10.71 19.49 8.66
CA LEU A 11 10.47 20.31 7.45
C LEU A 11 9.24 19.79 6.66
N LEU A 12 9.01 18.46 6.71
CA LEU A 12 7.84 17.82 6.07
C LEU A 12 6.70 17.60 7.11
N LYS A 13 7.08 17.48 8.39
CA LYS A 13 6.15 17.18 9.52
C LYS A 13 5.21 18.38 9.75
N GLY A 14 5.68 19.59 9.37
CA GLY A 14 4.88 20.81 9.48
C GLY A 14 3.64 20.85 8.57
N LEU A 15 3.38 19.76 7.80
CA LEU A 15 2.10 19.58 7.08
C LEU A 15 0.93 19.51 8.10
N ASP A 16 1.28 19.15 9.34
CA ASP A 16 0.39 19.12 10.51
C ASP A 16 -0.38 20.47 10.70
N SER A 17 0.28 21.59 10.32
CA SER A 17 -0.33 22.93 10.34
C SER A 17 -1.50 23.01 9.34
N PHE A 18 -1.32 22.42 8.15
CA PHE A 18 -2.32 22.39 7.07
C PHE A 18 -3.44 21.39 7.41
N LEU A 19 -3.08 20.36 8.21
CA LEU A 19 -4.03 19.35 8.74
C LEU A 19 -4.76 19.93 9.97
N THR A 20 -5.86 19.28 10.37
CA THR A 20 -6.61 19.65 11.57
C THR A 20 -5.96 18.98 12.82
N ARG A 21 -6.39 19.42 14.02
CA ARG A 21 -5.83 18.94 15.31
C ARG A 21 -6.15 17.44 15.59
N ASP A 22 -7.00 16.85 14.74
CA ASP A 22 -7.25 15.39 14.69
C ASP A 22 -5.93 14.63 14.40
N GLY A 23 -5.10 15.24 13.51
CA GLY A 23 -3.74 14.79 13.24
C GLY A 23 -3.62 13.80 12.10
N GLU A 24 -4.70 13.62 11.33
CA GLU A 24 -4.72 12.71 10.16
C GLU A 24 -4.90 13.51 8.87
N VAL A 25 -6.10 14.09 8.70
CA VAL A 25 -6.51 14.80 7.49
C VAL A 25 -7.37 16.02 7.88
N LYS A 26 -7.10 17.16 7.23
CA LYS A 26 -7.96 18.34 7.34
C LYS A 26 -9.20 18.13 6.46
N SER A 27 -8.95 18.09 5.14
CA SER A 27 -9.98 17.99 4.10
C SER A 27 -9.41 17.27 2.89
N VAL A 28 -10.23 17.10 1.85
CA VAL A 28 -9.77 16.59 0.54
C VAL A 28 -8.87 17.62 -0.18
N ASP A 29 -8.99 18.90 0.23
CA ASP A 29 -8.02 19.97 -0.11
C ASP A 29 -6.60 19.59 0.40
N GLY A 30 -6.57 18.94 1.59
CA GLY A 30 -5.34 18.50 2.24
C GLY A 30 -4.64 17.38 1.50
N ILE A 31 -5.40 16.33 1.12
CA ILE A 31 -4.83 15.20 0.35
C ILE A 31 -4.38 15.65 -1.05
N ALA A 32 -5.04 16.68 -1.62
CA ALA A 32 -4.71 17.19 -2.98
C ALA A 32 -3.31 17.84 -3.03
N LYS A 33 -3.03 18.72 -2.05
CA LYS A 33 -1.71 19.40 -1.95
C LYS A 33 -0.61 18.38 -1.58
N ILE A 34 -0.96 17.44 -0.67
CA ILE A 34 -0.07 16.33 -0.24
C ILE A 34 0.24 15.42 -1.44
N PHE A 35 -0.78 15.19 -2.29
CA PHE A 35 -0.69 14.26 -3.44
C PHE A 35 0.40 14.72 -4.41
N SER A 36 0.32 16.00 -4.82
CA SER A 36 1.24 16.57 -5.81
C SER A 36 2.70 16.62 -5.28
N LEU A 37 2.84 16.86 -3.97
CA LEU A 37 4.16 16.99 -3.31
C LEU A 37 4.80 15.59 -3.03
N MET A 38 3.96 14.60 -2.67
CA MET A 38 4.40 13.20 -2.38
C MET A 38 4.64 12.43 -3.70
N LYS A 39 3.99 12.93 -4.78
CA LYS A 39 4.10 12.38 -6.14
C LYS A 39 5.55 12.37 -6.63
N GLU A 40 6.32 13.41 -6.23
CA GLU A 40 7.75 13.52 -6.54
C GLU A 40 8.51 12.29 -5.98
N ALA A 41 8.24 11.98 -4.69
CA ALA A 41 8.75 10.78 -3.98
C ALA A 41 10.27 10.61 -4.07
N ARG A 42 10.97 11.75 -4.21
CA ARG A 42 12.43 11.78 -4.42
C ARG A 42 13.17 11.38 -3.14
N LYS A 43 12.80 12.02 -2.02
CA LYS A 43 13.38 11.75 -0.70
C LYS A 43 12.64 10.59 -0.04
N MET A 44 13.41 9.65 0.52
CA MET A 44 12.86 8.50 1.27
C MET A 44 12.13 8.97 2.53
N VAL A 45 12.76 9.96 3.23
CA VAL A 45 12.24 10.52 4.48
C VAL A 45 10.88 11.21 4.26
N SER A 46 10.82 12.06 3.21
CA SER A 46 9.63 12.84 2.85
C SER A 46 8.48 11.92 2.43
N ARG A 47 8.83 10.91 1.62
CA ARG A 47 7.89 9.91 1.11
C ARG A 47 7.19 9.20 2.28
N CYS A 48 7.99 8.67 3.21
CA CYS A 48 7.50 7.90 4.37
C CYS A 48 6.63 8.78 5.32
N THR A 49 6.93 10.10 5.36
CA THR A 49 6.16 11.08 6.16
C THR A 49 4.71 11.17 5.64
N TYR A 50 4.55 11.38 4.32
CA TYR A 50 3.22 11.55 3.69
C TYR A 50 2.45 10.21 3.70
N LEU A 51 3.13 9.10 3.34
CA LEU A 51 2.53 7.75 3.36
C LEU A 51 1.99 7.38 4.75
N ASN A 52 2.64 7.90 5.82
CA ASN A 52 2.16 7.74 7.21
C ASN A 52 0.76 8.39 7.36
N ILE A 53 0.65 9.66 6.90
CA ILE A 53 -0.62 10.45 6.98
C ILE A 53 -1.77 9.74 6.22
N ILE A 54 -1.46 9.11 5.08
CA ILE A 54 -2.48 8.42 4.23
C ILE A 54 -3.05 7.21 4.99
N LEU A 55 -2.16 6.52 5.72
CA LEU A 55 -2.49 5.36 6.56
C LEU A 55 -3.28 5.78 7.82
N GLN A 56 -3.02 7.00 8.31
CA GLN A 56 -3.72 7.56 9.48
C GLN A 56 -5.16 7.88 9.10
N THR A 57 -5.31 8.58 7.94
CA THR A 57 -6.59 9.10 7.44
C THR A 57 -7.67 8.00 7.37
N ARG A 58 -8.58 8.00 8.36
CA ARG A 58 -9.67 7.03 8.46
C ARG A 58 -10.90 7.49 7.65
N ALA A 59 -10.85 8.75 7.14
CA ALA A 59 -11.94 9.31 6.30
C ALA A 59 -11.96 8.63 4.92
N PRO A 60 -12.95 7.71 4.64
CA PRO A 60 -12.93 6.83 3.45
C PRO A 60 -13.08 7.60 2.12
N GLU A 61 -13.71 8.80 2.18
CA GLU A 61 -13.90 9.66 1.00
C GLU A 61 -12.54 10.07 0.42
N VAL A 62 -11.57 10.34 1.32
CA VAL A 62 -10.21 10.76 0.95
C VAL A 62 -9.48 9.63 0.19
N LEU A 63 -9.67 8.38 0.65
CA LEU A 63 -9.01 7.19 0.07
C LEU A 63 -9.57 6.83 -1.32
N VAL A 64 -10.90 6.91 -1.46
CA VAL A 64 -11.57 6.59 -2.74
C VAL A 64 -11.25 7.67 -3.81
N LYS A 65 -11.12 8.95 -3.39
CA LYS A 65 -10.82 10.06 -4.32
C LYS A 65 -9.30 10.17 -4.58
N PHE A 66 -8.48 9.55 -3.71
CA PHE A 66 -7.02 9.45 -3.92
C PHE A 66 -6.74 8.65 -5.20
N ILE A 67 -7.58 7.62 -5.45
CA ILE A 67 -7.50 6.82 -6.69
C ILE A 67 -7.84 7.69 -7.91
N ASP A 68 -8.90 8.52 -7.77
CA ASP A 68 -9.43 9.38 -8.85
C ASP A 68 -8.39 10.40 -9.33
N VAL A 69 -7.72 11.08 -8.37
CA VAL A 69 -6.72 12.13 -8.66
C VAL A 69 -5.44 11.57 -9.35
N GLY A 70 -5.31 10.23 -9.39
CA GLY A 70 -4.19 9.55 -10.06
C GLY A 70 -3.29 8.79 -9.09
N GLY A 71 -3.73 8.68 -7.83
CA GLY A 71 -2.96 8.02 -6.76
C GLY A 71 -2.76 6.53 -6.99
N TYR A 72 -3.71 5.89 -7.69
CA TYR A 72 -3.62 4.47 -8.11
C TYR A 72 -2.32 4.22 -8.90
N LYS A 73 -2.01 5.14 -9.82
CA LYS A 73 -0.77 5.12 -10.63
C LYS A 73 0.46 5.14 -9.70
N LEU A 74 0.43 6.08 -8.74
CA LEU A 74 1.51 6.30 -7.78
C LEU A 74 1.74 5.06 -6.89
N LEU A 75 0.66 4.30 -6.58
CA LEU A 75 0.74 3.08 -5.73
C LEU A 75 1.69 2.03 -6.35
N ASN A 76 1.53 1.78 -7.66
CA ASN A 76 2.38 0.82 -8.40
C ASN A 76 3.74 1.43 -8.77
N SER A 77 3.78 2.78 -8.91
CA SER A 77 5.02 3.51 -9.26
C SER A 77 6.06 3.45 -8.11
N TRP A 78 5.58 3.72 -6.88
CA TRP A 78 6.39 3.66 -5.66
C TRP A 78 6.81 2.21 -5.38
N LEU A 79 5.91 1.25 -5.69
CA LEU A 79 6.16 -0.20 -5.50
C LEU A 79 7.35 -0.64 -6.37
N THR A 80 7.24 -0.39 -7.70
CA THR A 80 8.25 -0.79 -8.71
C THR A 80 9.63 -0.15 -8.41
N TYR A 81 9.61 1.11 -7.95
CA TYR A 81 10.83 1.84 -7.54
C TYR A 81 11.45 1.22 -6.28
N SER A 82 10.66 1.13 -5.20
CA SER A 82 11.14 0.71 -3.87
C SER A 82 11.64 -0.74 -3.87
N LYS A 83 11.17 -1.53 -4.85
CA LYS A 83 11.57 -2.93 -5.04
C LYS A 83 13.11 -3.03 -5.24
N THR A 84 13.73 -2.00 -5.89
CA THR A 84 15.19 -1.99 -6.17
C THR A 84 16.02 -1.68 -4.90
N THR A 85 15.40 -1.09 -3.88
CA THR A 85 16.08 -0.82 -2.58
C THR A 85 15.74 -1.96 -1.58
N ASN A 86 14.52 -2.52 -1.73
CA ASN A 86 13.97 -3.63 -0.92
C ASN A 86 14.04 -3.33 0.60
N ASN A 87 13.88 -2.04 0.95
CA ASN A 87 13.87 -1.57 2.35
C ASN A 87 12.57 -2.00 3.03
N ILE A 88 12.69 -2.84 4.08
CA ILE A 88 11.53 -3.43 4.80
C ILE A 88 10.49 -2.35 5.25
N PRO A 89 10.90 -1.23 5.99
CA PRO A 89 9.95 -0.20 6.47
C PRO A 89 9.30 0.60 5.32
N LEU A 90 9.97 0.65 4.16
CA LEU A 90 9.51 1.47 3.01
C LEU A 90 8.45 0.68 2.20
N LEU A 91 8.79 -0.58 1.84
CA LEU A 91 7.92 -1.49 1.05
C LEU A 91 6.57 -1.75 1.73
N GLN A 92 6.64 -2.00 3.06
CA GLN A 92 5.45 -2.35 3.84
C GLN A 92 4.45 -1.18 3.89
N GLN A 93 4.97 0.07 4.00
CA GLN A 93 4.13 1.30 4.01
C GLN A 93 3.29 1.41 2.72
N ILE A 94 3.91 1.06 1.57
CA ILE A 94 3.29 1.18 0.23
C ILE A 94 2.16 0.14 0.07
N LEU A 95 2.43 -1.12 0.44
CA LEU A 95 1.42 -2.21 0.35
C LEU A 95 0.29 -1.95 1.36
N LEU A 96 0.64 -1.29 2.48
CA LEU A 96 -0.32 -0.86 3.51
C LEU A 96 -1.26 0.23 2.98
N THR A 97 -0.72 1.10 2.09
CA THR A 97 -1.49 2.25 1.57
C THR A 97 -2.62 1.77 0.66
N LEU A 98 -2.28 0.89 -0.29
CA LEU A 98 -3.27 0.28 -1.21
C LEU A 98 -4.15 -0.79 -0.49
N GLN A 99 -3.72 -1.22 0.72
CA GLN A 99 -4.52 -2.08 1.63
C GLN A 99 -5.61 -1.24 2.36
N HIS A 100 -5.17 -0.10 2.91
CA HIS A 100 -6.03 0.84 3.68
C HIS A 100 -7.01 1.54 2.72
N LEU A 101 -6.55 1.73 1.50
CA LEU A 101 -7.31 2.22 0.37
C LEU A 101 -8.11 1.05 -0.23
N PRO A 102 -9.45 1.20 -0.47
CA PRO A 102 -10.27 0.17 -1.15
C PRO A 102 -9.81 -0.06 -2.62
N LEU A 103 -9.30 -1.27 -2.91
CA LEU A 103 -8.75 -1.62 -4.23
C LEU A 103 -9.51 -2.85 -4.78
N THR A 104 -9.99 -2.74 -6.03
CA THR A 104 -10.79 -3.81 -6.69
C THR A 104 -9.87 -4.84 -7.36
N VAL A 105 -10.44 -6.04 -7.67
CA VAL A 105 -9.75 -7.11 -8.41
C VAL A 105 -9.30 -6.62 -9.80
N ASP A 106 -10.07 -5.69 -10.40
CA ASP A 106 -9.69 -5.02 -11.65
C ASP A 106 -8.36 -4.26 -11.45
N HIS A 107 -8.35 -3.34 -10.48
CA HIS A 107 -7.19 -2.45 -10.20
C HIS A 107 -5.89 -3.24 -9.94
N LEU A 108 -5.92 -4.17 -8.97
CA LEU A 108 -4.74 -4.99 -8.58
C LEU A 108 -4.28 -5.92 -9.74
N LYS A 109 -5.14 -6.09 -10.75
CA LYS A 109 -4.84 -6.86 -11.96
C LYS A 109 -4.19 -5.96 -13.03
N GLN A 110 -4.65 -4.69 -13.15
CA GLN A 110 -4.20 -3.76 -14.22
C GLN A 110 -2.73 -3.38 -13.99
N ASN A 111 -2.40 -3.04 -12.72
CA ASN A 111 -1.01 -2.74 -12.30
C ASN A 111 -0.26 -4.04 -11.94
N ASN A 112 -1.06 -5.10 -11.68
CA ASN A 112 -0.59 -6.50 -11.47
C ASN A 112 0.27 -6.63 -10.19
N THR A 113 0.08 -5.68 -9.25
CA THR A 113 0.80 -5.61 -7.96
C THR A 113 0.47 -6.83 -7.06
N ALA A 114 -0.68 -7.48 -7.33
CA ALA A 114 -1.15 -8.69 -6.61
C ALA A 114 -0.08 -9.81 -6.54
N LYS A 115 0.45 -10.18 -7.73
CA LYS A 115 1.52 -11.19 -7.85
C LYS A 115 2.82 -10.71 -7.15
N LEU A 116 3.12 -9.41 -7.32
CA LEU A 116 4.33 -8.75 -6.77
C LEU A 116 4.34 -8.77 -5.22
N VAL A 117 3.22 -8.43 -4.57
CA VAL A 117 3.15 -8.34 -3.11
C VAL A 117 3.23 -9.75 -2.46
N LYS A 118 2.78 -10.78 -3.20
CA LYS A 118 2.87 -12.19 -2.75
C LYS A 118 4.35 -12.62 -2.52
N GLN A 119 5.31 -12.08 -3.32
CA GLN A 119 6.75 -12.46 -3.19
C GLN A 119 7.27 -12.11 -1.77
N LEU A 120 6.70 -11.03 -1.20
CA LEU A 120 7.09 -10.51 0.12
C LEU A 120 6.61 -11.45 1.25
N SER A 121 5.40 -12.03 1.10
CA SER A 121 4.78 -12.89 2.12
C SER A 121 5.46 -14.28 2.18
N LYS A 122 6.03 -14.74 1.03
CA LYS A 122 6.59 -16.11 0.90
C LYS A 122 8.12 -16.14 1.22
N SER A 123 8.84 -15.03 0.93
CA SER A 123 10.29 -14.93 1.20
C SER A 123 10.59 -13.64 1.97
N SER A 124 10.19 -13.64 3.24
CA SER A 124 10.44 -12.54 4.19
C SER A 124 11.49 -12.94 5.25
N GLU A 125 12.18 -11.93 5.78
CA GLU A 125 13.05 -12.06 6.95
C GLU A 125 12.25 -11.60 8.18
N ASP A 126 11.66 -10.41 8.06
CA ASP A 126 10.86 -9.78 9.12
C ASP A 126 9.42 -10.33 9.07
N GLU A 127 8.94 -10.84 10.22
CA GLU A 127 7.57 -11.40 10.36
C GLU A 127 6.50 -10.32 10.14
N GLU A 128 6.85 -9.05 10.42
CA GLU A 128 5.95 -7.90 10.26
C GLU A 128 5.52 -7.71 8.79
N LEU A 129 6.49 -7.73 7.84
CA LEU A 129 6.21 -7.42 6.43
C LEU A 129 5.37 -8.52 5.78
N ARG A 130 5.62 -9.80 6.19
CA ARG A 130 4.89 -10.95 5.64
C ARG A 130 3.45 -10.96 6.18
N LYS A 131 3.26 -10.48 7.43
CA LYS A 131 1.94 -10.41 8.08
C LYS A 131 1.02 -9.45 7.32
N LEU A 132 1.57 -8.27 7.01
CA LEU A 132 0.88 -7.19 6.29
C LEU A 132 0.56 -7.63 4.83
N ALA A 133 1.53 -8.31 4.20
CA ALA A 133 1.41 -8.82 2.82
C ALA A 133 0.43 -10.01 2.74
N SER A 134 0.40 -10.84 3.81
CA SER A 134 -0.47 -12.03 3.87
C SER A 134 -1.94 -11.65 4.07
N VAL A 135 -2.21 -10.70 4.99
CA VAL A 135 -3.59 -10.24 5.24
C VAL A 135 -4.13 -9.49 4.01
N LEU A 136 -3.21 -8.85 3.26
CA LEU A 136 -3.52 -8.15 2.02
C LEU A 136 -3.97 -9.14 0.91
N VAL A 137 -3.11 -10.14 0.60
CA VAL A 137 -3.40 -11.14 -0.43
C VAL A 137 -4.56 -12.07 -0.03
N SER A 138 -4.77 -12.25 1.30
CA SER A 138 -5.87 -13.07 1.86
C SER A 138 -7.22 -12.37 1.64
N ASP A 139 -7.23 -11.05 1.90
CA ASP A 139 -8.41 -10.18 1.68
C ASP A 139 -8.74 -10.11 0.18
N TRP A 140 -7.67 -9.95 -0.63
CA TRP A 140 -7.76 -9.88 -2.09
C TRP A 140 -8.31 -11.19 -2.69
N MET A 141 -7.79 -12.35 -2.23
CA MET A 141 -8.21 -13.67 -2.76
C MET A 141 -9.67 -13.97 -2.35
N ALA A 142 -10.10 -13.38 -1.20
CA ALA A 142 -11.48 -13.49 -0.72
C ALA A 142 -12.45 -12.82 -1.71
N VAL A 143 -12.06 -11.62 -2.19
CA VAL A 143 -12.83 -10.88 -3.21
C VAL A 143 -12.83 -11.69 -4.53
N ILE A 144 -11.65 -12.21 -4.89
CA ILE A 144 -11.43 -12.99 -6.13
C ILE A 144 -12.36 -14.23 -6.22
N ARG A 145 -12.47 -15.01 -5.12
CA ARG A 145 -13.30 -16.24 -5.11
C ARG A 145 -14.80 -15.92 -5.00
N SER A 146 -15.13 -14.68 -4.56
CA SER A 146 -16.51 -14.17 -4.63
C SER A 146 -16.79 -13.48 -5.98
N GLN A 147 -15.75 -13.28 -6.81
CA GLN A 147 -15.89 -12.82 -8.22
C GLN A 147 -16.12 -14.02 -9.14
N SER A 148 -15.46 -15.15 -8.83
CA SER A 148 -15.56 -16.39 -9.61
C SER A 148 -15.55 -17.59 -8.64
N GLY A 149 -16.57 -18.47 -8.77
CA GLY A 149 -16.73 -19.62 -7.89
C GLY A 149 -15.70 -20.72 -8.13
N GLY A 150 -15.17 -21.30 -7.03
CA GLY A 150 -14.19 -22.37 -7.09
C GLY A 150 -14.13 -23.16 -5.78
N GLY A 151 -14.07 -24.50 -5.87
CA GLY A 151 -14.00 -25.36 -4.70
C GLY A 151 -12.57 -25.43 -4.13
N SER A 152 -11.75 -26.30 -4.72
CA SER A 152 -10.34 -26.52 -4.32
C SER A 152 -9.63 -27.42 -5.35
N GLY A 153 -8.32 -27.65 -5.16
CA GLY A 153 -7.53 -28.49 -6.07
C GLY A 153 -7.83 -29.98 -5.92
N GLY A 154 -8.22 -30.38 -4.71
CA GLY A 154 -8.51 -31.78 -4.39
C GLY A 154 -9.63 -31.89 -3.36
N GLY A 155 -9.32 -31.54 -2.11
CA GLY A 155 -10.26 -31.64 -1.01
C GLY A 155 -9.66 -31.11 0.29
N SER A 156 -10.28 -30.04 0.85
CA SER A 156 -9.84 -29.33 2.09
C SER A 156 -8.37 -28.85 2.02
N ASP A 157 -7.83 -28.71 0.80
CA ASP A 157 -6.43 -28.28 0.57
C ASP A 157 -6.35 -26.75 0.45
N LEU A 158 -5.18 -26.21 0.79
CA LEU A 158 -4.90 -24.79 0.79
C LEU A 158 -3.39 -24.60 0.57
N ASP A 159 -3.01 -24.36 -0.69
CA ASP A 159 -1.60 -24.25 -1.11
C ASP A 159 -1.53 -23.39 -2.39
N TYR A 160 -0.31 -23.21 -2.97
CA TYR A 160 -0.08 -22.44 -4.21
C TYR A 160 -0.88 -23.01 -5.42
N ASP A 161 -2.16 -22.60 -5.47
CA ASP A 161 -3.20 -23.08 -6.40
C ASP A 161 -4.55 -22.57 -5.87
N SER A 162 -4.86 -22.97 -4.62
CA SER A 162 -6.04 -22.51 -3.88
C SER A 162 -5.84 -21.04 -3.45
N VAL A 163 -4.65 -20.74 -2.87
CA VAL A 163 -4.27 -19.37 -2.47
C VAL A 163 -3.75 -18.55 -3.67
N GLN A 164 -3.69 -19.19 -4.87
CA GLN A 164 -3.28 -18.53 -6.13
C GLN A 164 -4.38 -18.70 -7.20
N PRO A 165 -5.58 -18.05 -7.03
CA PRO A 165 -6.60 -18.02 -8.08
C PRO A 165 -6.19 -16.99 -9.16
N TYR A 166 -6.56 -15.70 -9.00
CA TYR A 166 -6.17 -14.62 -9.93
C TYR A 166 -4.78 -14.05 -9.58
N PHE A 167 -3.95 -14.87 -8.90
CA PHE A 167 -2.51 -14.59 -8.76
C PHE A 167 -1.71 -15.54 -9.68
N TYR A 168 -2.41 -16.57 -10.23
CA TYR A 168 -1.79 -17.61 -11.08
C TYR A 168 -2.44 -17.58 -12.48
N CYS A 169 -3.79 -17.75 -12.53
CA CYS A 169 -4.58 -17.79 -13.77
C CYS A 169 -5.97 -17.15 -13.56
N ASP A 170 -6.48 -16.48 -14.61
CA ASP A 170 -7.77 -15.75 -14.54
C ASP A 170 -8.46 -15.67 -15.92
N GLU A 171 -7.91 -16.38 -16.91
CA GLU A 171 -8.41 -16.36 -18.30
C GLU A 171 -8.52 -17.80 -18.85
N GLU A 172 -8.92 -18.74 -17.97
CA GLU A 172 -9.07 -20.17 -18.32
C GLU A 172 -10.39 -20.75 -17.78
N GLU A 173 -11.12 -21.44 -18.67
CA GLU A 173 -12.29 -22.26 -18.31
C GLU A 173 -12.06 -23.66 -18.92
N ASN A 174 -11.15 -24.42 -18.28
CA ASN A 174 -10.70 -25.72 -18.77
C ASN A 174 -11.00 -26.79 -17.68
N MET A 1 18.77 16.64 26.71
CA MET A 1 19.29 16.94 25.35
C MET A 1 20.82 16.71 25.34
N GLY A 2 21.37 16.47 24.14
CA GLY A 2 22.81 16.28 23.98
C GLY A 2 23.20 15.95 22.56
N SER A 3 23.23 14.64 22.25
CA SER A 3 23.62 14.12 20.92
C SER A 3 22.94 12.76 20.68
N GLY A 4 23.10 12.22 19.46
CA GLY A 4 22.50 10.95 19.06
C GLY A 4 22.27 10.89 17.56
N PRO A 5 21.16 10.28 17.07
CA PRO A 5 20.80 10.32 15.64
C PRO A 5 20.08 11.62 15.24
N ILE A 6 19.96 11.86 13.92
CA ILE A 6 19.28 13.04 13.35
C ILE A 6 18.11 12.57 12.46
N ASP A 7 16.89 13.00 12.82
CA ASP A 7 15.65 12.60 12.14
C ASP A 7 15.15 13.73 11.22
N PRO A 8 15.21 13.54 9.86
CA PRO A 8 14.68 14.52 8.89
C PRO A 8 13.15 14.42 8.67
N LYS A 9 12.48 13.43 9.31
CA LYS A 9 11.05 13.21 9.17
C LYS A 9 10.24 14.36 9.80
N GLU A 10 10.75 14.91 10.93
CA GLU A 10 10.13 16.07 11.64
C GLU A 10 9.82 17.24 10.69
N LEU A 11 10.74 17.47 9.75
CA LEU A 11 10.68 18.59 8.79
C LEU A 11 9.46 18.43 7.85
N LEU A 12 9.18 17.18 7.44
CA LEU A 12 8.03 16.83 6.58
C LEU A 12 6.75 16.65 7.43
N LYS A 13 6.93 16.27 8.71
CA LYS A 13 5.83 16.04 9.66
C LYS A 13 5.25 17.38 10.13
N GLY A 14 5.96 18.49 9.83
CA GLY A 14 5.44 19.85 10.03
C GLY A 14 4.18 20.15 9.22
N LEU A 15 3.89 19.30 8.21
CA LEU A 15 2.66 19.36 7.41
C LEU A 15 1.40 19.05 8.27
N ASP A 16 1.61 18.40 9.45
CA ASP A 16 0.53 18.10 10.42
C ASP A 16 -0.25 19.38 10.86
N SER A 17 0.43 20.52 10.77
CA SER A 17 -0.14 21.85 11.05
C SER A 17 -1.33 22.18 10.10
N PHE A 18 -1.25 21.71 8.85
CA PHE A 18 -2.29 21.93 7.82
C PHE A 18 -3.53 21.04 8.05
N LEU A 19 -3.39 20.00 8.90
CA LEU A 19 -4.53 19.17 9.33
C LEU A 19 -5.23 19.80 10.55
N THR A 20 -6.47 19.36 10.77
CA THR A 20 -7.27 19.69 11.96
C THR A 20 -6.74 18.92 13.22
N ARG A 21 -7.24 19.28 14.42
CA ARG A 21 -6.67 18.81 15.72
C ARG A 21 -6.70 17.27 15.88
N ASP A 22 -7.74 16.62 15.34
CA ASP A 22 -7.86 15.13 15.32
C ASP A 22 -6.72 14.52 14.47
N GLY A 23 -6.25 15.27 13.46
CA GLY A 23 -5.06 14.92 12.69
C GLY A 23 -5.28 13.84 11.65
N GLU A 24 -6.55 13.57 11.35
CA GLU A 24 -6.94 12.55 10.38
C GLU A 24 -6.80 13.12 8.97
N VAL A 25 -7.60 14.16 8.71
CA VAL A 25 -7.64 14.88 7.44
C VAL A 25 -8.41 16.19 7.66
N LYS A 26 -7.94 17.28 7.05
CA LYS A 26 -8.58 18.60 7.19
C LYS A 26 -9.72 18.70 6.16
N SER A 27 -9.42 18.33 4.90
CA SER A 27 -10.37 18.41 3.78
C SER A 27 -9.95 17.49 2.63
N VAL A 28 -10.84 17.37 1.62
CA VAL A 28 -10.57 16.66 0.36
C VAL A 28 -9.53 17.45 -0.48
N ASP A 29 -9.44 18.77 -0.23
CA ASP A 29 -8.35 19.62 -0.74
C ASP A 29 -6.99 19.09 -0.26
N GLY A 30 -6.99 18.63 1.01
CA GLY A 30 -5.81 18.08 1.66
C GLY A 30 -5.19 16.89 0.91
N ILE A 31 -6.03 15.90 0.53
CA ILE A 31 -5.54 14.70 -0.18
C ILE A 31 -4.99 15.04 -1.59
N ALA A 32 -5.52 16.12 -2.22
CA ALA A 32 -5.13 16.53 -3.59
C ALA A 32 -3.75 17.20 -3.62
N LYS A 33 -3.52 18.10 -2.64
CA LYS A 33 -2.23 18.80 -2.50
C LYS A 33 -1.15 17.83 -1.98
N ILE A 34 -1.54 16.93 -1.06
CA ILE A 34 -0.66 15.86 -0.55
C ILE A 34 -0.28 14.89 -1.68
N PHE A 35 -1.24 14.63 -2.58
CA PHE A 35 -1.05 13.77 -3.75
C PHE A 35 0.13 14.29 -4.60
N SER A 36 0.09 15.59 -4.94
CA SER A 36 1.11 16.24 -5.79
C SER A 36 2.49 16.25 -5.09
N LEU A 37 2.49 16.41 -3.75
CA LEU A 37 3.73 16.49 -2.93
C LEU A 37 4.41 15.11 -2.80
N MET A 38 3.61 14.06 -2.54
CA MET A 38 4.09 12.67 -2.35
C MET A 38 4.44 12.03 -3.70
N LYS A 39 3.81 12.57 -4.78
CA LYS A 39 3.99 12.11 -6.17
C LYS A 39 5.47 12.12 -6.58
N GLU A 40 6.18 13.19 -6.17
CA GLU A 40 7.62 13.37 -6.44
C GLU A 40 8.45 12.23 -5.81
N ALA A 41 8.14 11.95 -4.51
CA ALA A 41 8.72 10.83 -3.75
C ALA A 41 10.27 10.90 -3.71
N ARG A 42 10.77 12.14 -3.61
CA ARG A 42 12.19 12.48 -3.80
C ARG A 42 13.11 11.65 -2.89
N LYS A 43 12.70 11.45 -1.62
CA LYS A 43 13.40 10.55 -0.69
C LYS A 43 12.43 9.60 0.02
N MET A 44 12.99 8.52 0.58
CA MET A 44 12.24 7.46 1.28
C MET A 44 11.60 7.99 2.59
N VAL A 45 12.33 8.86 3.30
CA VAL A 45 11.88 9.43 4.57
C VAL A 45 10.73 10.42 4.35
N SER A 46 10.83 11.21 3.27
CA SER A 46 9.87 12.28 2.96
C SER A 46 8.51 11.70 2.57
N ARG A 47 8.52 10.78 1.58
CA ARG A 47 7.27 10.19 1.04
C ARG A 47 6.53 9.36 2.11
N CYS A 48 7.26 8.59 2.93
CA CYS A 48 6.66 7.71 3.96
C CYS A 48 6.03 8.52 5.11
N THR A 49 6.38 9.84 5.23
CA THR A 49 5.71 10.76 6.14
C THR A 49 4.28 11.08 5.63
N TYR A 50 4.16 11.25 4.29
CA TYR A 50 2.85 11.45 3.62
C TYR A 50 2.00 10.20 3.75
N LEU A 51 2.62 9.02 3.46
CA LEU A 51 1.99 7.69 3.64
C LEU A 51 1.44 7.52 5.07
N ASN A 52 2.15 8.06 6.08
CA ASN A 52 1.72 8.04 7.49
C ASN A 52 0.40 8.82 7.67
N ILE A 53 0.35 10.03 7.07
CA ILE A 53 -0.82 10.94 7.12
C ILE A 53 -2.05 10.26 6.45
N ILE A 54 -1.79 9.50 5.38
CA ILE A 54 -2.82 8.75 4.65
C ILE A 54 -3.44 7.65 5.55
N LEU A 55 -2.57 6.90 6.23
CA LEU A 55 -2.96 5.76 7.09
C LEU A 55 -3.81 6.19 8.28
N GLN A 56 -3.55 7.40 8.80
CA GLN A 56 -4.29 7.96 9.95
C GLN A 56 -5.54 8.74 9.50
N THR A 57 -5.69 8.94 8.17
CA THR A 57 -6.93 9.52 7.59
C THR A 57 -8.10 8.53 7.74
N ARG A 58 -9.12 8.91 8.52
CA ARG A 58 -10.31 8.07 8.76
C ARG A 58 -11.26 8.07 7.53
N ALA A 59 -11.36 9.23 6.84
CA ALA A 59 -12.34 9.45 5.75
C ALA A 59 -11.94 8.68 4.45
N PRO A 60 -12.67 7.58 4.08
CA PRO A 60 -12.34 6.78 2.87
C PRO A 60 -12.78 7.46 1.55
N GLU A 61 -13.53 8.57 1.66
CA GLU A 61 -13.98 9.39 0.50
C GLU A 61 -12.76 10.02 -0.21
N VAL A 62 -11.78 10.47 0.59
CA VAL A 62 -10.56 11.07 0.06
C VAL A 62 -9.61 9.96 -0.48
N LEU A 63 -9.73 8.74 0.10
CA LEU A 63 -8.93 7.56 -0.31
C LEU A 63 -9.35 7.04 -1.69
N VAL A 64 -10.66 6.91 -1.91
CA VAL A 64 -11.20 6.40 -3.17
C VAL A 64 -10.93 7.40 -4.32
N LYS A 65 -11.06 8.71 -4.02
CA LYS A 65 -10.81 9.77 -5.03
C LYS A 65 -9.28 9.95 -5.25
N PHE A 66 -8.47 9.58 -4.23
CA PHE A 66 -6.99 9.59 -4.35
C PHE A 66 -6.55 8.63 -5.45
N ILE A 67 -7.23 7.49 -5.54
CA ILE A 67 -7.01 6.51 -6.62
C ILE A 67 -7.26 7.16 -7.99
N ASP A 68 -8.44 7.82 -8.13
CA ASP A 68 -8.93 8.41 -9.39
C ASP A 68 -7.97 9.46 -9.96
N VAL A 69 -7.38 10.30 -9.08
CA VAL A 69 -6.50 11.41 -9.49
C VAL A 69 -5.10 10.90 -9.95
N GLY A 70 -4.85 9.59 -9.81
CA GLY A 70 -3.60 8.95 -10.26
C GLY A 70 -2.82 8.34 -9.11
N GLY A 71 -3.42 8.30 -7.92
CA GLY A 71 -2.79 7.77 -6.71
C GLY A 71 -2.44 6.30 -6.80
N TYR A 72 -3.28 5.51 -7.50
CA TYR A 72 -2.99 4.07 -7.77
C TYR A 72 -1.62 3.92 -8.47
N LYS A 73 -1.40 4.74 -9.53
CA LYS A 73 -0.14 4.74 -10.31
C LYS A 73 1.06 4.96 -9.38
N LEU A 74 0.89 5.90 -8.43
CA LEU A 74 1.93 6.27 -7.46
C LEU A 74 2.37 5.08 -6.61
N LEU A 75 1.40 4.38 -6.01
CA LEU A 75 1.68 3.22 -5.13
C LEU A 75 2.37 2.07 -5.90
N ASN A 76 2.02 1.91 -7.18
CA ASN A 76 2.65 0.91 -8.08
C ASN A 76 4.06 1.37 -8.50
N SER A 77 4.24 2.70 -8.65
CA SER A 77 5.48 3.33 -9.13
C SER A 77 6.57 3.27 -8.04
N TRP A 78 6.18 3.62 -6.80
CA TRP A 78 7.07 3.62 -5.63
C TRP A 78 7.45 2.19 -5.27
N LEU A 79 6.50 1.25 -5.45
CA LEU A 79 6.74 -0.18 -5.19
C LEU A 79 7.88 -0.68 -6.10
N THR A 80 7.76 -0.38 -7.42
CA THR A 80 8.75 -0.76 -8.45
C THR A 80 10.15 -0.19 -8.11
N TYR A 81 10.18 1.12 -7.83
CA TYR A 81 11.42 1.87 -7.54
C TYR A 81 12.11 1.33 -6.25
N SER A 82 11.31 1.14 -5.20
CA SER A 82 11.82 0.74 -3.87
C SER A 82 12.09 -0.77 -3.78
N LYS A 83 11.51 -1.57 -4.71
CA LYS A 83 11.64 -3.04 -4.71
C LYS A 83 13.09 -3.47 -5.07
N THR A 84 13.77 -2.63 -5.88
CA THR A 84 15.16 -2.84 -6.29
C THR A 84 16.09 -2.89 -5.06
N THR A 85 16.00 -1.83 -4.24
CA THR A 85 16.77 -1.68 -3.00
C THR A 85 16.21 -2.56 -1.85
N ASN A 86 14.89 -2.88 -1.95
CA ASN A 86 14.15 -3.78 -1.03
C ASN A 86 14.37 -3.37 0.45
N ASN A 87 13.87 -2.17 0.77
CA ASN A 87 13.93 -1.62 2.13
C ASN A 87 12.71 -2.14 2.93
N ILE A 88 13.01 -2.87 4.01
CA ILE A 88 12.01 -3.61 4.82
C ILE A 88 10.85 -2.71 5.33
N PRO A 89 11.12 -1.52 6.02
CA PRO A 89 10.05 -0.64 6.52
C PRO A 89 9.41 0.24 5.42
N LEU A 90 10.03 0.29 4.22
CA LEU A 90 9.57 1.15 3.10
C LEU A 90 8.45 0.43 2.32
N LEU A 91 8.77 -0.78 1.81
CA LEU A 91 7.88 -1.58 0.93
C LEU A 91 6.56 -1.93 1.64
N GLN A 92 6.67 -2.27 2.94
CA GLN A 92 5.51 -2.63 3.76
C GLN A 92 4.54 -1.42 3.89
N GLN A 93 5.11 -0.21 3.99
CA GLN A 93 4.35 1.06 4.09
C GLN A 93 3.65 1.41 2.78
N ILE A 94 4.31 1.13 1.64
CA ILE A 94 3.74 1.37 0.30
C ILE A 94 2.46 0.52 0.13
N LEU A 95 2.60 -0.79 0.33
CA LEU A 95 1.48 -1.73 0.22
C LEU A 95 0.46 -1.53 1.36
N LEU A 96 0.91 -0.94 2.50
CA LEU A 96 0.03 -0.58 3.65
C LEU A 96 -0.93 0.56 3.25
N THR A 97 -0.41 1.51 2.45
CA THR A 97 -1.16 2.70 2.02
C THR A 97 -2.23 2.33 0.97
N LEU A 98 -1.86 1.43 0.03
CA LEU A 98 -2.84 0.89 -0.94
C LEU A 98 -3.78 -0.14 -0.27
N GLN A 99 -3.37 -0.68 0.89
CA GLN A 99 -4.22 -1.54 1.73
C GLN A 99 -5.30 -0.69 2.42
N HIS A 100 -4.90 0.52 2.84
CA HIS A 100 -5.76 1.47 3.57
C HIS A 100 -6.90 2.00 2.67
N LEU A 101 -6.59 2.27 1.39
CA LEU A 101 -7.61 2.59 0.37
C LEU A 101 -8.22 1.28 -0.17
N PRO A 102 -9.53 1.28 -0.61
CA PRO A 102 -10.16 0.11 -1.26
C PRO A 102 -9.47 -0.28 -2.59
N LEU A 103 -8.41 -1.10 -2.48
CA LEU A 103 -7.66 -1.61 -3.64
C LEU A 103 -8.46 -2.80 -4.23
N THR A 104 -9.10 -2.55 -5.39
CA THR A 104 -10.00 -3.52 -6.04
C THR A 104 -9.20 -4.61 -6.77
N VAL A 105 -9.90 -5.69 -7.15
CA VAL A 105 -9.30 -6.78 -7.95
C VAL A 105 -8.95 -6.32 -9.38
N ASP A 106 -9.60 -5.23 -9.82
CA ASP A 106 -9.28 -4.52 -11.07
C ASP A 106 -7.90 -3.83 -10.95
N HIS A 107 -7.69 -3.09 -9.82
CA HIS A 107 -6.45 -2.33 -9.57
C HIS A 107 -5.22 -3.26 -9.53
N LEU A 108 -5.26 -4.30 -8.67
CA LEU A 108 -4.13 -5.26 -8.51
C LEU A 108 -3.81 -6.01 -9.83
N LYS A 109 -4.81 -6.13 -10.71
CA LYS A 109 -4.67 -6.85 -11.99
C LYS A 109 -4.22 -5.91 -13.13
N GLN A 110 -4.40 -4.59 -12.93
CA GLN A 110 -4.13 -3.56 -13.97
C GLN A 110 -2.63 -3.49 -14.32
N ASN A 111 -1.77 -3.48 -13.29
CA ASN A 111 -0.28 -3.44 -13.45
C ASN A 111 0.38 -4.57 -12.65
N ASN A 112 -0.28 -5.77 -12.67
CA ASN A 112 0.17 -7.02 -11.99
C ASN A 112 0.62 -6.80 -10.52
N THR A 113 0.05 -5.75 -9.88
CA THR A 113 0.40 -5.30 -8.51
C THR A 113 0.12 -6.41 -7.46
N ALA A 114 -0.80 -7.32 -7.84
CA ALA A 114 -1.11 -8.54 -7.09
C ALA A 114 0.15 -9.38 -6.83
N LYS A 115 0.86 -9.72 -7.93
CA LYS A 115 2.08 -10.56 -7.90
C LYS A 115 3.21 -9.88 -7.10
N LEU A 116 3.29 -8.54 -7.22
CA LEU A 116 4.36 -7.72 -6.61
C LEU A 116 4.30 -7.80 -5.07
N VAL A 117 3.09 -7.75 -4.51
CA VAL A 117 2.85 -7.91 -3.06
C VAL A 117 2.87 -9.41 -2.66
N LYS A 118 2.38 -10.27 -3.58
CA LYS A 118 2.19 -11.72 -3.35
C LYS A 118 3.52 -12.46 -3.15
N GLN A 119 4.54 -12.07 -3.93
CA GLN A 119 5.89 -12.67 -3.81
C GLN A 119 6.50 -12.35 -2.43
N LEU A 120 6.23 -11.11 -1.91
CA LEU A 120 6.65 -10.68 -0.56
C LEU A 120 5.95 -11.54 0.53
N SER A 121 4.62 -11.73 0.37
CA SER A 121 3.77 -12.37 1.39
C SER A 121 4.10 -13.87 1.60
N LYS A 122 4.76 -14.51 0.61
CA LYS A 122 5.07 -15.97 0.64
C LYS A 122 6.07 -16.31 1.75
N SER A 123 7.36 -15.93 1.56
CA SER A 123 8.43 -16.21 2.54
C SER A 123 9.60 -15.24 2.30
N SER A 124 9.43 -13.99 2.78
CA SER A 124 10.45 -12.94 2.66
C SER A 124 11.48 -13.05 3.80
N GLU A 125 12.54 -12.21 3.71
CA GLU A 125 13.67 -12.22 4.64
C GLU A 125 13.27 -11.76 6.06
N ASP A 126 12.13 -11.04 6.18
CA ASP A 126 11.63 -10.54 7.47
C ASP A 126 10.13 -10.84 7.58
N GLU A 127 9.67 -11.02 8.84
CA GLU A 127 8.27 -11.30 9.16
C GLU A 127 7.39 -10.05 8.93
N GLU A 128 7.87 -8.88 9.39
CA GLU A 128 7.05 -7.64 9.42
C GLU A 128 6.58 -7.22 8.01
N LEU A 129 7.50 -7.22 7.03
CA LEU A 129 7.22 -6.72 5.67
C LEU A 129 6.20 -7.63 4.96
N ARG A 130 6.37 -8.95 5.17
CA ARG A 130 5.52 -9.97 4.57
C ARG A 130 4.19 -10.09 5.34
N LYS A 131 4.18 -9.65 6.62
CA LYS A 131 2.97 -9.67 7.48
C LYS A 131 1.91 -8.70 6.94
N LEU A 132 2.32 -7.43 6.68
CA LEU A 132 1.43 -6.42 6.03
C LEU A 132 0.98 -6.93 4.66
N ALA A 133 1.91 -7.57 3.94
CA ALA A 133 1.65 -8.14 2.60
C ALA A 133 0.72 -9.36 2.68
N SER A 134 0.82 -10.15 3.77
CA SER A 134 0.06 -11.42 3.94
C SER A 134 -1.41 -11.13 4.19
N VAL A 135 -1.67 -10.22 5.14
CA VAL A 135 -3.03 -9.79 5.50
C VAL A 135 -3.66 -9.00 4.33
N LEU A 136 -2.83 -8.32 3.53
CA LEU A 136 -3.28 -7.59 2.32
C LEU A 136 -3.72 -8.56 1.20
N VAL A 137 -2.91 -9.59 0.93
CA VAL A 137 -3.24 -10.64 -0.06
C VAL A 137 -4.43 -11.49 0.43
N SER A 138 -4.57 -11.59 1.77
CA SER A 138 -5.71 -12.27 2.43
C SER A 138 -6.99 -11.41 2.34
N ASP A 139 -6.80 -10.07 2.34
CA ASP A 139 -7.89 -9.09 2.18
C ASP A 139 -8.38 -9.11 0.74
N TRP A 140 -7.42 -9.21 -0.19
CA TRP A 140 -7.68 -9.29 -1.62
C TRP A 140 -8.39 -10.60 -1.97
N MET A 141 -7.91 -11.74 -1.42
CA MET A 141 -8.53 -13.05 -1.70
C MET A 141 -9.92 -13.12 -1.07
N ALA A 142 -10.15 -12.38 0.03
CA ALA A 142 -11.45 -12.31 0.72
C ALA A 142 -12.51 -11.69 -0.20
N VAL A 143 -12.19 -10.53 -0.80
CA VAL A 143 -13.09 -9.83 -1.76
C VAL A 143 -13.18 -10.58 -3.10
N ILE A 144 -12.12 -11.33 -3.46
CA ILE A 144 -12.13 -12.24 -4.63
C ILE A 144 -13.21 -13.33 -4.46
N ARG A 145 -13.16 -14.02 -3.32
CA ARG A 145 -14.04 -15.19 -3.03
C ARG A 145 -15.50 -14.76 -2.86
N SER A 146 -15.73 -13.60 -2.23
CA SER A 146 -17.07 -13.08 -1.95
C SER A 146 -17.82 -12.76 -3.26
N GLN A 147 -17.16 -11.98 -4.13
CA GLN A 147 -17.73 -11.55 -5.43
C GLN A 147 -17.89 -12.72 -6.42
N SER A 148 -17.08 -13.78 -6.24
CA SER A 148 -17.09 -14.95 -7.14
C SER A 148 -17.83 -16.15 -6.50
N GLY A 149 -18.49 -15.92 -5.35
CA GLY A 149 -19.25 -16.96 -4.65
C GLY A 149 -18.37 -17.79 -3.70
N GLY A 150 -17.43 -18.56 -4.28
CA GLY A 150 -16.48 -19.37 -3.51
C GLY A 150 -16.99 -20.79 -3.27
N GLY A 151 -16.07 -21.76 -3.22
CA GLY A 151 -16.42 -23.16 -2.98
C GLY A 151 -15.19 -24.03 -2.74
N SER A 152 -14.22 -23.45 -2.02
CA SER A 152 -12.95 -24.12 -1.67
C SER A 152 -12.98 -24.64 -0.21
N GLY A 153 -11.83 -25.15 0.26
CA GLY A 153 -11.67 -25.62 1.64
C GLY A 153 -10.19 -25.70 2.02
N GLY A 154 -9.91 -25.76 3.33
CA GLY A 154 -8.53 -25.80 3.82
C GLY A 154 -8.43 -26.27 5.27
N GLY A 155 -8.91 -27.50 5.51
CA GLY A 155 -8.89 -28.10 6.85
C GLY A 155 -7.48 -28.55 7.25
N SER A 156 -6.71 -27.59 7.81
CA SER A 156 -5.28 -27.73 8.22
C SER A 156 -4.33 -27.66 7.00
N ASP A 157 -4.61 -28.48 5.96
CA ASP A 157 -3.89 -28.45 4.69
C ASP A 157 -4.55 -27.43 3.74
N LEU A 158 -3.74 -26.54 3.18
CA LEU A 158 -4.21 -25.47 2.28
C LEU A 158 -3.05 -25.00 1.40
N ASP A 159 -3.23 -25.07 0.07
CA ASP A 159 -2.23 -24.60 -0.90
C ASP A 159 -2.56 -23.17 -1.34
N TYR A 160 -1.54 -22.50 -1.91
CA TYR A 160 -1.70 -21.17 -2.51
C TYR A 160 -2.71 -21.24 -3.68
N ASP A 161 -2.68 -22.36 -4.43
CA ASP A 161 -3.56 -22.62 -5.61
C ASP A 161 -5.05 -22.44 -5.27
N SER A 162 -5.45 -22.95 -4.08
CA SER A 162 -6.83 -22.87 -3.57
C SER A 162 -7.25 -21.41 -3.34
N VAL A 163 -6.32 -20.62 -2.78
CA VAL A 163 -6.53 -19.19 -2.47
C VAL A 163 -5.97 -18.29 -3.61
N GLN A 164 -5.91 -18.87 -4.84
CA GLN A 164 -5.64 -18.13 -6.09
C GLN A 164 -6.78 -18.36 -7.14
N PRO A 165 -8.05 -17.91 -6.87
CA PRO A 165 -9.11 -17.86 -7.91
C PRO A 165 -8.81 -16.77 -8.98
N TYR A 166 -8.17 -15.67 -8.55
CA TYR A 166 -7.81 -14.54 -9.45
C TYR A 166 -6.30 -14.27 -9.46
N PHE A 167 -5.55 -14.76 -8.43
CA PHE A 167 -4.09 -14.53 -8.38
C PHE A 167 -3.37 -15.45 -9.38
N TYR A 168 -3.27 -14.95 -10.62
CA TYR A 168 -2.49 -15.57 -11.69
C TYR A 168 -1.49 -14.55 -12.23
N CYS A 169 -0.76 -14.94 -13.30
CA CYS A 169 0.44 -14.20 -13.80
C CYS A 169 1.58 -14.27 -12.76
N ASP A 170 1.42 -15.16 -11.76
CA ASP A 170 2.38 -15.33 -10.66
C ASP A 170 3.64 -16.05 -11.18
N GLU A 171 4.78 -15.39 -11.01
CA GLU A 171 6.02 -15.74 -11.68
C GLU A 171 7.20 -15.39 -10.77
N GLU A 172 8.09 -16.37 -10.55
CA GLU A 172 9.29 -16.20 -9.73
C GLU A 172 10.27 -17.35 -9.99
N GLU A 173 11.56 -17.04 -9.82
CA GLU A 173 12.68 -17.97 -10.03
C GLU A 173 12.94 -18.86 -8.79
N ASN A 174 12.12 -18.65 -7.73
CA ASN A 174 12.19 -19.40 -6.46
C ASN A 174 11.91 -20.91 -6.70
N MET A 1 32.81 14.25 11.91
CA MET A 1 33.40 15.26 12.82
C MET A 1 33.87 16.47 12.01
N GLY A 2 33.01 17.51 11.94
CA GLY A 2 33.26 18.69 11.11
C GLY A 2 31.97 19.43 10.76
N SER A 3 30.88 18.67 10.55
CA SER A 3 29.59 19.22 10.11
C SER A 3 28.44 18.37 10.70
N GLY A 4 27.33 19.04 11.05
CA GLY A 4 26.16 18.37 11.64
C GLY A 4 25.15 17.91 10.57
N PRO A 5 24.80 16.59 10.50
CA PRO A 5 23.82 16.07 9.50
C PRO A 5 22.42 16.69 9.70
N ILE A 6 22.03 17.56 8.76
CA ILE A 6 20.77 18.32 8.80
C ILE A 6 19.54 17.39 8.69
N ASP A 7 18.67 17.42 9.71
CA ASP A 7 17.45 16.58 9.78
C ASP A 7 16.26 17.34 9.15
N PRO A 8 15.71 16.86 7.99
CA PRO A 8 14.51 17.46 7.39
C PRO A 8 13.19 16.91 7.99
N LYS A 9 13.27 15.77 8.71
CA LYS A 9 12.08 15.00 9.16
C LYS A 9 11.11 15.84 10.02
N GLU A 10 11.65 16.59 10.99
CA GLU A 10 10.84 17.42 11.91
C GLU A 10 10.20 18.62 11.17
N LEU A 11 10.88 19.09 10.11
CA LEU A 11 10.39 20.18 9.24
C LEU A 11 9.14 19.70 8.48
N LEU A 12 9.23 18.45 7.98
CA LEU A 12 8.17 17.76 7.23
C LEU A 12 7.03 17.30 8.17
N LYS A 13 7.38 17.09 9.45
CA LYS A 13 6.42 16.75 10.52
C LYS A 13 5.61 18.00 10.92
N GLY A 14 6.25 19.19 10.78
CA GLY A 14 5.61 20.49 11.04
C GLY A 14 4.46 20.82 10.09
N LEU A 15 4.34 20.04 9.01
CA LEU A 15 3.27 20.17 8.01
C LEU A 15 1.90 19.64 8.55
N ASP A 16 1.90 19.07 9.79
CA ASP A 16 0.67 18.61 10.49
C ASP A 16 -0.38 19.75 10.66
N SER A 17 0.07 21.01 10.52
CA SER A 17 -0.78 22.22 10.51
C SER A 17 -1.89 22.16 9.43
N PHE A 18 -1.58 21.49 8.30
CA PHE A 18 -2.52 21.30 7.16
C PHE A 18 -3.49 20.13 7.42
N LEU A 19 -3.24 19.36 8.49
CA LEU A 19 -4.12 18.24 8.91
C LEU A 19 -4.93 18.64 10.16
N THR A 20 -5.83 17.73 10.59
CA THR A 20 -6.66 17.93 11.78
C THR A 20 -5.84 17.77 13.06
N ARG A 21 -6.35 18.35 14.16
CA ARG A 21 -5.78 18.20 15.52
C ARG A 21 -5.84 16.73 15.97
N ASP A 22 -6.79 15.98 15.38
CA ASP A 22 -6.93 14.53 15.58
C ASP A 22 -5.72 13.79 14.97
N GLY A 23 -5.24 14.33 13.83
CA GLY A 23 -4.15 13.73 13.07
C GLY A 23 -4.64 12.55 12.26
N GLU A 24 -5.61 12.81 11.36
CA GLU A 24 -6.23 11.79 10.49
C GLU A 24 -6.21 12.29 9.04
N VAL A 25 -7.06 13.29 8.75
CA VAL A 25 -7.16 13.95 7.43
C VAL A 25 -8.06 15.18 7.56
N LYS A 26 -7.67 16.30 6.92
CA LYS A 26 -8.43 17.55 6.97
C LYS A 26 -9.52 17.57 5.89
N SER A 27 -9.10 17.53 4.61
CA SER A 27 -9.99 17.80 3.45
C SER A 27 -9.55 17.04 2.19
N VAL A 28 -10.43 17.07 1.14
CA VAL A 28 -10.12 16.51 -0.19
C VAL A 28 -9.16 17.43 -0.98
N ASP A 29 -9.11 18.72 -0.61
CA ASP A 29 -8.08 19.67 -1.12
C ASP A 29 -6.78 19.52 -0.30
N GLY A 30 -6.95 19.07 0.97
CA GLY A 30 -5.82 18.81 1.88
C GLY A 30 -4.93 17.68 1.38
N ILE A 31 -5.56 16.55 1.01
CA ILE A 31 -4.88 15.42 0.37
C ILE A 31 -4.27 15.84 -0.98
N ALA A 32 -4.95 16.75 -1.72
CA ALA A 32 -4.54 17.14 -3.09
C ALA A 32 -3.18 17.87 -3.11
N LYS A 33 -2.95 18.73 -2.10
CA LYS A 33 -1.66 19.46 -1.97
C LYS A 33 -0.55 18.55 -1.38
N ILE A 34 -0.96 17.65 -0.44
CA ILE A 34 -0.07 16.60 0.10
C ILE A 34 0.37 15.66 -1.03
N PHE A 35 -0.57 15.40 -1.94
CA PHE A 35 -0.40 14.45 -3.04
C PHE A 35 0.59 15.01 -4.05
N SER A 36 0.38 16.27 -4.47
CA SER A 36 1.19 16.93 -5.51
C SER A 36 2.66 17.04 -5.06
N LEU A 37 2.88 17.24 -3.75
CA LEU A 37 4.22 17.29 -3.14
C LEU A 37 4.85 15.88 -3.19
N MET A 38 4.09 14.89 -2.67
CA MET A 38 4.51 13.48 -2.56
C MET A 38 4.64 12.80 -3.95
N LYS A 39 3.95 13.37 -4.96
CA LYS A 39 3.88 12.83 -6.34
C LYS A 39 5.25 12.84 -7.04
N GLU A 40 6.11 13.78 -6.62
CA GLU A 40 7.45 13.94 -7.18
C GLU A 40 8.39 12.80 -6.75
N ALA A 41 8.05 12.18 -5.60
CA ALA A 41 8.81 11.09 -4.97
C ALA A 41 10.27 11.49 -4.71
N ARG A 42 11.23 10.90 -5.48
CA ARG A 42 12.68 11.15 -5.35
C ARG A 42 13.20 10.94 -3.90
N LYS A 43 12.97 11.95 -3.05
CA LYS A 43 13.39 11.94 -1.64
C LYS A 43 12.35 11.22 -0.77
N MET A 44 12.70 10.00 -0.32
CA MET A 44 11.81 9.12 0.47
C MET A 44 11.45 9.72 1.84
N VAL A 45 12.34 10.55 2.41
CA VAL A 45 12.18 11.09 3.78
C VAL A 45 10.82 11.82 3.98
N SER A 46 10.43 12.62 2.98
CA SER A 46 9.19 13.41 3.00
C SER A 46 7.99 12.55 2.63
N ARG A 47 8.16 11.72 1.61
CA ARG A 47 7.07 10.92 1.02
C ARG A 47 6.58 9.83 1.99
N CYS A 48 7.49 9.33 2.84
CA CYS A 48 7.17 8.35 3.90
C CYS A 48 6.41 9.04 5.05
N THR A 49 6.73 10.34 5.29
CA THR A 49 6.02 11.18 6.28
C THR A 49 4.56 11.43 5.81
N TYR A 50 4.36 11.61 4.48
CA TYR A 50 3.02 11.80 3.90
C TYR A 50 2.23 10.49 3.92
N LEU A 51 2.92 9.35 3.68
CA LEU A 51 2.30 8.00 3.74
C LEU A 51 1.65 7.73 5.10
N ASN A 52 2.30 8.24 6.18
CA ASN A 52 1.76 8.18 7.56
C ASN A 52 0.35 8.80 7.61
N ILE A 53 0.21 9.98 6.97
CA ILE A 53 -1.08 10.71 6.87
C ILE A 53 -2.12 9.89 6.07
N ILE A 54 -1.68 9.22 4.99
CA ILE A 54 -2.61 8.50 4.07
C ILE A 54 -3.14 7.20 4.74
N LEU A 55 -2.32 6.62 5.64
CA LEU A 55 -2.69 5.44 6.44
C LEU A 55 -3.77 5.80 7.48
N GLN A 56 -3.63 6.99 8.10
CA GLN A 56 -4.57 7.49 9.13
C GLN A 56 -5.75 8.27 8.49
N THR A 57 -5.74 8.43 7.15
CA THR A 57 -6.87 9.02 6.41
C THR A 57 -8.10 8.11 6.51
N ARG A 58 -9.02 8.49 7.41
CA ARG A 58 -10.22 7.69 7.73
C ARG A 58 -11.34 7.86 6.67
N ALA A 59 -11.34 9.03 6.00
CA ALA A 59 -12.41 9.43 5.07
C ALA A 59 -12.30 8.67 3.73
N PRO A 60 -13.27 7.74 3.41
CA PRO A 60 -13.22 6.92 2.17
C PRO A 60 -13.41 7.77 0.89
N GLU A 61 -14.00 8.98 1.02
CA GLU A 61 -14.13 9.95 -0.08
C GLU A 61 -12.73 10.41 -0.53
N VAL A 62 -11.92 10.79 0.47
CA VAL A 62 -10.53 11.23 0.28
C VAL A 62 -9.68 10.07 -0.33
N LEU A 63 -10.01 8.84 0.07
CA LEU A 63 -9.30 7.63 -0.36
C LEU A 63 -9.60 7.25 -1.83
N VAL A 64 -10.87 7.32 -2.25
CA VAL A 64 -11.25 6.95 -3.64
C VAL A 64 -10.80 8.01 -4.65
N LYS A 65 -10.77 9.30 -4.22
CA LYS A 65 -10.23 10.39 -5.06
C LYS A 65 -8.70 10.35 -5.08
N PHE A 66 -8.08 9.72 -4.05
CA PHE A 66 -6.62 9.50 -3.99
C PHE A 66 -6.21 8.57 -5.15
N ILE A 67 -7.03 7.55 -5.41
CA ILE A 67 -6.84 6.64 -6.55
C ILE A 67 -6.97 7.43 -7.88
N ASP A 68 -8.03 8.27 -7.96
CA ASP A 68 -8.38 9.07 -9.16
C ASP A 68 -7.25 10.02 -9.60
N VAL A 69 -6.70 10.79 -8.63
CA VAL A 69 -5.67 11.82 -8.90
C VAL A 69 -4.33 11.21 -9.35
N GLY A 70 -4.18 9.88 -9.19
CA GLY A 70 -2.99 9.15 -9.66
C GLY A 70 -2.30 8.36 -8.57
N GLY A 71 -2.95 8.26 -7.38
CA GLY A 71 -2.40 7.57 -6.22
C GLY A 71 -2.12 6.10 -6.45
N TYR A 72 -3.02 5.42 -7.18
CA TYR A 72 -2.84 4.01 -7.60
C TYR A 72 -1.52 3.86 -8.39
N LYS A 73 -1.33 4.74 -9.39
CA LYS A 73 -0.15 4.75 -10.28
C LYS A 73 1.13 4.92 -9.46
N LEU A 74 1.08 5.88 -8.52
CA LEU A 74 2.22 6.23 -7.67
C LEU A 74 2.59 5.08 -6.72
N LEU A 75 1.58 4.40 -6.13
CA LEU A 75 1.80 3.28 -5.19
C LEU A 75 2.58 2.14 -5.87
N ASN A 76 2.26 1.88 -7.15
CA ASN A 76 2.95 0.84 -7.96
C ASN A 76 4.36 1.31 -8.37
N SER A 77 4.49 2.61 -8.67
CA SER A 77 5.79 3.24 -9.02
C SER A 77 6.76 3.22 -7.83
N TRP A 78 6.21 3.46 -6.62
CA TRP A 78 6.98 3.47 -5.36
C TRP A 78 7.28 2.03 -4.94
N LEU A 79 6.36 1.09 -5.24
CA LEU A 79 6.51 -0.33 -4.86
C LEU A 79 7.75 -0.92 -5.56
N THR A 80 7.80 -0.78 -6.90
CA THR A 80 8.92 -1.30 -7.73
C THR A 80 10.24 -0.53 -7.45
N TYR A 81 10.11 0.77 -7.10
CA TYR A 81 11.26 1.63 -6.77
C TYR A 81 11.87 1.22 -5.42
N SER A 82 11.01 0.97 -4.43
CA SER A 82 11.42 0.59 -3.07
C SER A 82 11.89 -0.88 -3.05
N LYS A 83 11.38 -1.66 -4.02
CA LYS A 83 11.71 -3.08 -4.18
C LYS A 83 13.17 -3.24 -4.64
N THR A 84 13.53 -2.53 -5.72
CA THR A 84 14.89 -2.60 -6.32
C THR A 84 15.96 -2.00 -5.37
N THR A 85 15.54 -1.05 -4.50
CA THR A 85 16.42 -0.48 -3.45
C THR A 85 16.32 -1.29 -2.13
N ASN A 86 15.24 -2.09 -2.01
CA ASN A 86 14.91 -2.94 -0.84
C ASN A 86 14.84 -2.12 0.46
N ASN A 87 13.68 -1.48 0.69
CA ASN A 87 13.40 -0.69 1.91
C ASN A 87 12.19 -1.30 2.63
N ILE A 88 12.48 -2.22 3.58
CA ILE A 88 11.45 -3.01 4.30
C ILE A 88 10.39 -2.13 5.03
N PRO A 89 10.78 -1.00 5.78
CA PRO A 89 9.81 -0.02 6.32
C PRO A 89 8.86 0.54 5.25
N LEU A 90 9.42 0.81 4.05
CA LEU A 90 8.71 1.51 2.97
C LEU A 90 7.72 0.57 2.25
N LEU A 91 8.17 -0.65 1.84
CA LEU A 91 7.32 -1.65 1.12
C LEU A 91 6.02 -1.93 1.89
N GLN A 92 6.17 -2.25 3.19
CA GLN A 92 5.04 -2.66 4.05
C GLN A 92 4.03 -1.52 4.27
N GLN A 93 4.51 -0.24 4.22
CA GLN A 93 3.64 0.95 4.32
C GLN A 93 2.90 1.23 3.00
N ILE A 94 3.59 1.00 1.87
CA ILE A 94 3.02 1.20 0.51
C ILE A 94 1.86 0.21 0.29
N LEU A 95 2.10 -1.07 0.62
CA LEU A 95 1.09 -2.12 0.49
C LEU A 95 0.00 -1.97 1.58
N LEU A 96 0.35 -1.32 2.71
CA LEU A 96 -0.61 -0.99 3.80
C LEU A 96 -1.60 0.09 3.29
N THR A 97 -1.10 1.03 2.46
CA THR A 97 -1.92 2.13 1.93
C THR A 97 -3.02 1.58 1.00
N LEU A 98 -2.60 0.71 0.05
CA LEU A 98 -3.51 0.06 -0.91
C LEU A 98 -4.33 -1.09 -0.24
N GLN A 99 -3.90 -1.53 0.96
CA GLN A 99 -4.68 -2.42 1.84
C GLN A 99 -5.83 -1.62 2.49
N HIS A 100 -5.46 -0.42 2.99
CA HIS A 100 -6.34 0.42 3.83
C HIS A 100 -7.60 0.89 3.08
N LEU A 101 -7.40 1.44 1.87
CA LEU A 101 -8.50 2.03 1.09
C LEU A 101 -9.20 0.95 0.20
N PRO A 102 -10.48 1.16 -0.23
CA PRO A 102 -11.17 0.24 -1.16
C PRO A 102 -10.51 0.23 -2.56
N LEU A 103 -9.66 -0.78 -2.82
CA LEU A 103 -8.99 -0.98 -4.11
C LEU A 103 -9.62 -2.23 -4.78
N THR A 104 -9.99 -2.12 -6.07
CA THR A 104 -10.69 -3.22 -6.78
C THR A 104 -9.69 -4.25 -7.32
N VAL A 105 -10.21 -5.46 -7.65
CA VAL A 105 -9.45 -6.51 -8.34
C VAL A 105 -8.97 -6.03 -9.73
N ASP A 106 -9.80 -5.22 -10.39
CA ASP A 106 -9.47 -4.59 -11.69
C ASP A 106 -8.14 -3.80 -11.59
N HIS A 107 -7.99 -3.03 -10.50
CA HIS A 107 -6.80 -2.21 -10.24
C HIS A 107 -5.56 -3.11 -10.00
N LEU A 108 -5.65 -4.05 -9.06
CA LEU A 108 -4.51 -4.93 -8.70
C LEU A 108 -4.17 -5.96 -9.81
N LYS A 109 -5.08 -6.10 -10.80
CA LYS A 109 -4.84 -6.94 -12.01
C LYS A 109 -4.27 -6.12 -13.18
N GLN A 110 -4.48 -4.79 -13.16
CA GLN A 110 -3.98 -3.88 -14.22
C GLN A 110 -2.44 -3.99 -14.32
N ASN A 111 -1.75 -3.75 -13.19
CA ASN A 111 -0.26 -3.87 -13.09
C ASN A 111 0.16 -5.20 -12.42
N ASN A 112 -0.84 -6.08 -12.16
CA ASN A 112 -0.65 -7.40 -11.50
C ASN A 112 0.10 -7.24 -10.13
N THR A 113 -0.38 -6.25 -9.35
CA THR A 113 0.08 -5.97 -7.98
C THR A 113 -0.21 -7.17 -7.04
N ALA A 114 -1.20 -7.99 -7.44
CA ALA A 114 -1.61 -9.23 -6.76
C ALA A 114 -0.44 -10.24 -6.63
N LYS A 115 0.30 -10.42 -7.74
CA LYS A 115 1.50 -11.30 -7.76
C LYS A 115 2.61 -10.69 -6.87
N LEU A 116 2.75 -9.35 -6.94
CA LEU A 116 3.81 -8.60 -6.23
C LEU A 116 3.71 -8.79 -4.69
N VAL A 117 2.48 -8.69 -4.14
CA VAL A 117 2.25 -8.90 -2.70
C VAL A 117 2.36 -10.39 -2.33
N LYS A 118 1.92 -11.28 -3.25
CA LYS A 118 1.87 -12.71 -3.00
C LYS A 118 3.28 -13.31 -2.86
N GLN A 119 4.24 -12.75 -3.61
CA GLN A 119 5.64 -13.17 -3.57
C GLN A 119 6.36 -12.56 -2.34
N LEU A 120 5.88 -11.40 -1.85
CA LEU A 120 6.41 -10.77 -0.62
C LEU A 120 5.99 -11.55 0.65
N SER A 121 4.82 -12.20 0.59
CA SER A 121 4.27 -12.98 1.73
C SER A 121 4.86 -14.41 1.78
N LYS A 122 5.54 -14.87 0.70
CA LYS A 122 6.16 -16.22 0.64
C LYS A 122 7.70 -16.12 0.66
N SER A 123 8.24 -15.05 0.06
CA SER A 123 9.70 -14.85 -0.12
C SER A 123 10.10 -13.52 0.54
N SER A 124 9.94 -13.48 1.87
CA SER A 124 10.32 -12.35 2.70
C SER A 124 11.65 -12.59 3.42
N GLU A 125 12.39 -11.51 3.71
CA GLU A 125 13.60 -11.58 4.53
C GLU A 125 13.27 -11.39 6.03
N ASP A 126 12.05 -10.85 6.31
CA ASP A 126 11.63 -10.49 7.67
C ASP A 126 10.16 -10.84 7.90
N GLU A 127 9.80 -11.01 9.19
CA GLU A 127 8.43 -11.36 9.62
C GLU A 127 7.46 -10.16 9.46
N GLU A 128 7.97 -8.93 9.71
CA GLU A 128 7.14 -7.70 9.70
C GLU A 128 6.53 -7.43 8.32
N LEU A 129 7.35 -7.58 7.26
CA LEU A 129 6.94 -7.25 5.88
C LEU A 129 5.95 -8.29 5.35
N ARG A 130 6.20 -9.58 5.68
CA ARG A 130 5.34 -10.69 5.24
C ARG A 130 4.02 -10.72 6.01
N LYS A 131 4.05 -10.18 7.26
CA LYS A 131 2.85 -10.10 8.12
C LYS A 131 1.81 -9.20 7.46
N LEU A 132 2.23 -7.95 7.17
CA LEU A 132 1.36 -6.95 6.54
C LEU A 132 0.98 -7.37 5.09
N ALA A 133 1.91 -8.07 4.42
CA ALA A 133 1.69 -8.61 3.06
C ALA A 133 0.63 -9.72 3.07
N SER A 134 0.67 -10.60 4.08
CA SER A 134 -0.27 -11.74 4.19
C SER A 134 -1.66 -11.29 4.70
N VAL A 135 -1.70 -10.17 5.47
CA VAL A 135 -2.96 -9.48 5.83
C VAL A 135 -3.65 -8.99 4.54
N LEU A 136 -2.82 -8.41 3.65
CA LEU A 136 -3.27 -7.89 2.35
C LEU A 136 -3.71 -9.03 1.42
N VAL A 137 -2.98 -10.15 1.43
CA VAL A 137 -3.33 -11.36 0.64
C VAL A 137 -4.66 -11.95 1.15
N SER A 138 -4.85 -11.96 2.48
CA SER A 138 -6.08 -12.50 3.13
C SER A 138 -7.30 -11.59 2.83
N ASP A 139 -7.06 -10.27 2.85
CA ASP A 139 -8.10 -9.26 2.60
C ASP A 139 -8.58 -9.35 1.15
N TRP A 140 -7.60 -9.31 0.23
CA TRP A 140 -7.83 -9.41 -1.20
C TRP A 140 -8.46 -10.77 -1.58
N MET A 141 -7.93 -11.89 -1.05
CA MET A 141 -8.41 -13.25 -1.44
C MET A 141 -9.86 -13.48 -1.00
N ALA A 142 -10.29 -12.78 0.06
CA ALA A 142 -11.69 -12.79 0.52
C ALA A 142 -12.60 -12.14 -0.54
N VAL A 143 -12.18 -10.94 -1.00
CA VAL A 143 -12.87 -10.18 -2.07
C VAL A 143 -12.87 -10.99 -3.38
N ILE A 144 -11.69 -11.54 -3.71
CA ILE A 144 -11.44 -12.28 -4.96
C ILE A 144 -12.27 -13.58 -4.99
N ARG A 145 -12.40 -14.24 -3.83
CA ARG A 145 -13.16 -15.51 -3.72
C ARG A 145 -14.65 -15.24 -4.00
N SER A 146 -15.12 -14.05 -3.60
CA SER A 146 -16.49 -13.60 -3.88
C SER A 146 -16.76 -13.46 -5.41
N GLN A 147 -15.68 -13.28 -6.20
CA GLN A 147 -15.75 -13.39 -7.68
C GLN A 147 -15.63 -14.87 -8.09
N SER A 148 -14.45 -15.45 -7.85
CA SER A 148 -14.09 -16.83 -8.24
C SER A 148 -14.40 -17.80 -7.08
N GLY A 149 -15.62 -18.34 -7.06
CA GLY A 149 -16.06 -19.32 -6.05
C GLY A 149 -17.13 -18.76 -5.11
N GLY A 150 -16.73 -18.37 -3.90
CA GLY A 150 -17.64 -17.75 -2.92
C GLY A 150 -17.19 -18.03 -1.49
N GLY A 151 -17.36 -19.29 -1.06
CA GLY A 151 -17.01 -19.72 0.30
C GLY A 151 -17.48 -21.15 0.59
N SER A 152 -17.32 -21.57 1.86
CA SER A 152 -17.66 -22.92 2.36
C SER A 152 -16.70 -24.01 1.83
N GLY A 153 -15.50 -23.58 1.40
CA GLY A 153 -14.47 -24.49 0.87
C GLY A 153 -13.08 -24.02 1.27
N GLY A 154 -12.38 -24.83 2.09
CA GLY A 154 -11.06 -24.48 2.60
C GLY A 154 -11.14 -23.83 3.99
N GLY A 155 -10.88 -24.63 5.03
CA GLY A 155 -10.85 -24.13 6.41
C GLY A 155 -9.51 -23.49 6.73
N SER A 156 -8.51 -24.34 6.98
CA SER A 156 -7.10 -23.92 7.13
C SER A 156 -6.27 -24.45 5.95
N ASP A 157 -6.97 -25.02 4.94
CA ASP A 157 -6.36 -25.67 3.77
C ASP A 157 -5.55 -24.66 2.94
N LEU A 158 -4.21 -24.74 3.08
CA LEU A 158 -3.27 -23.89 2.33
C LEU A 158 -2.69 -24.73 1.18
N ASP A 159 -3.12 -24.38 -0.04
CA ASP A 159 -2.53 -24.86 -1.30
C ASP A 159 -2.16 -23.61 -2.08
N TYR A 160 -0.91 -23.49 -2.56
CA TYR A 160 -0.41 -22.28 -3.25
C TYR A 160 -1.30 -21.86 -4.43
N ASP A 161 -1.69 -22.84 -5.27
CA ASP A 161 -2.60 -22.62 -6.42
C ASP A 161 -3.98 -22.07 -5.95
N SER A 162 -4.48 -22.62 -4.84
CA SER A 162 -5.81 -22.29 -4.29
C SER A 162 -5.81 -20.93 -3.55
N VAL A 163 -4.67 -20.59 -2.89
CA VAL A 163 -4.50 -19.31 -2.16
C VAL A 163 -4.00 -18.22 -3.12
N GLN A 164 -3.83 -18.60 -4.40
CA GLN A 164 -3.64 -17.67 -5.53
C GLN A 164 -4.83 -17.79 -6.51
N PRO A 165 -6.07 -17.28 -6.17
CA PRO A 165 -7.18 -17.25 -7.14
C PRO A 165 -6.89 -16.21 -8.26
N TYR A 166 -6.80 -14.92 -7.90
CA TYR A 166 -6.33 -13.86 -8.85
C TYR A 166 -4.98 -13.29 -8.37
N PHE A 167 -4.21 -14.06 -7.59
CA PHE A 167 -2.79 -13.75 -7.35
C PHE A 167 -1.91 -14.56 -8.32
N TYR A 168 -2.53 -15.59 -8.92
CA TYR A 168 -1.88 -16.50 -9.88
C TYR A 168 -1.51 -15.76 -11.16
N CYS A 169 -0.45 -16.24 -11.81
CA CYS A 169 0.08 -15.66 -13.05
C CYS A 169 0.77 -16.75 -13.88
N ASP A 170 1.22 -16.38 -15.08
CA ASP A 170 2.08 -17.24 -15.91
C ASP A 170 3.44 -17.40 -15.21
N GLU A 171 3.86 -18.65 -15.00
CA GLU A 171 5.16 -18.95 -14.36
C GLU A 171 6.33 -18.49 -15.28
N GLU A 172 6.79 -17.25 -15.01
CA GLU A 172 7.89 -16.63 -15.77
C GLU A 172 8.95 -16.16 -14.77
N GLU A 173 9.97 -17.00 -14.61
CA GLU A 173 11.16 -16.74 -13.77
C GLU A 173 12.39 -16.53 -14.67
N ASN A 174 12.15 -16.52 -16.00
CA ASN A 174 13.19 -16.48 -17.02
C ASN A 174 13.78 -15.04 -17.13
N MET A 1 26.68 20.04 24.21
CA MET A 1 27.12 20.14 22.80
C MET A 1 25.92 20.48 21.91
N GLY A 2 26.02 21.62 21.19
CA GLY A 2 24.98 22.03 20.23
C GLY A 2 25.15 21.33 18.89
N SER A 3 25.18 19.99 18.93
CA SER A 3 25.44 19.14 17.77
C SER A 3 24.13 18.48 17.31
N GLY A 4 23.71 18.78 16.07
CA GLY A 4 22.49 18.25 15.48
C GLY A 4 22.76 17.48 14.18
N PRO A 5 22.30 16.20 14.03
CA PRO A 5 22.38 15.46 12.75
C PRO A 5 21.34 16.01 11.73
N ILE A 6 21.57 15.70 10.44
CA ILE A 6 20.62 16.03 9.35
C ILE A 6 19.30 15.22 9.55
N ASP A 7 18.30 15.89 10.15
CA ASP A 7 16.97 15.33 10.36
C ASP A 7 15.92 16.09 9.49
N PRO A 8 15.73 15.65 8.20
CA PRO A 8 14.79 16.29 7.25
C PRO A 8 13.32 15.88 7.51
N LYS A 9 13.14 14.90 8.41
CA LYS A 9 11.84 14.33 8.76
C LYS A 9 10.94 15.39 9.39
N GLU A 10 11.54 16.18 10.30
CA GLU A 10 10.84 17.22 11.08
C GLU A 10 10.39 18.39 10.18
N LEU A 11 11.03 18.53 9.01
CA LEU A 11 10.70 19.59 8.02
C LEU A 11 9.34 19.29 7.34
N LEU A 12 9.22 18.09 6.75
CA LEU A 12 8.00 17.67 6.00
C LEU A 12 6.86 17.26 6.97
N LYS A 13 7.24 16.66 8.11
CA LYS A 13 6.30 16.37 9.21
C LYS A 13 5.91 17.67 9.95
N GLY A 14 6.76 18.70 9.81
CA GLY A 14 6.47 20.04 10.33
C GLY A 14 5.29 20.71 9.63
N LEU A 15 4.97 20.21 8.41
CA LEU A 15 3.79 20.67 7.62
C LEU A 15 2.45 20.20 8.27
N ASP A 16 2.54 19.33 9.32
CA ASP A 16 1.38 18.75 10.08
C ASP A 16 0.28 19.78 10.46
N SER A 17 0.66 21.06 10.49
CA SER A 17 -0.26 22.19 10.70
C SER A 17 -1.36 22.32 9.59
N PHE A 18 -1.30 21.49 8.51
CA PHE A 18 -2.35 21.49 7.47
C PHE A 18 -3.55 20.65 7.89
N LEU A 19 -3.35 19.68 8.83
CA LEU A 19 -4.43 18.78 9.32
C LEU A 19 -5.47 19.54 10.17
N THR A 20 -6.53 18.82 10.55
CA THR A 20 -7.50 19.27 11.56
C THR A 20 -6.95 19.02 12.98
N ARG A 21 -7.72 19.45 14.00
CA ARG A 21 -7.33 19.32 15.43
C ARG A 21 -7.13 17.85 15.86
N ASP A 22 -7.79 16.91 15.15
CA ASP A 22 -7.70 15.45 15.44
C ASP A 22 -6.47 14.82 14.73
N GLY A 23 -6.02 15.45 13.63
CA GLY A 23 -4.91 14.93 12.84
C GLY A 23 -5.32 13.88 11.82
N GLU A 24 -6.63 13.82 11.54
CA GLU A 24 -7.22 12.94 10.54
C GLU A 24 -6.87 13.43 9.13
N VAL A 25 -7.57 14.49 8.69
CA VAL A 25 -7.41 15.14 7.38
C VAL A 25 -8.10 16.50 7.44
N LYS A 26 -7.62 17.48 6.65
CA LYS A 26 -8.28 18.77 6.54
C LYS A 26 -9.57 18.59 5.70
N SER A 27 -9.38 18.29 4.40
CA SER A 27 -10.47 18.12 3.43
C SER A 27 -9.99 17.32 2.19
N VAL A 28 -10.88 17.22 1.18
CA VAL A 28 -10.57 16.63 -0.14
C VAL A 28 -9.53 17.50 -0.91
N ASP A 29 -9.48 18.79 -0.57
CA ASP A 29 -8.40 19.70 -1.03
C ASP A 29 -7.04 19.24 -0.49
N GLY A 30 -7.05 18.79 0.79
CA GLY A 30 -5.86 18.35 1.50
C GLY A 30 -5.16 17.16 0.86
N ILE A 31 -5.95 16.14 0.46
CA ILE A 31 -5.42 14.90 -0.16
C ILE A 31 -4.82 15.18 -1.56
N ALA A 32 -5.38 16.16 -2.28
CA ALA A 32 -5.00 16.49 -3.67
C ALA A 32 -3.64 17.20 -3.73
N LYS A 33 -3.47 18.22 -2.87
CA LYS A 33 -2.22 18.98 -2.75
C LYS A 33 -1.10 18.10 -2.14
N ILE A 34 -1.49 17.21 -1.22
CA ILE A 34 -0.57 16.22 -0.61
C ILE A 34 -0.15 15.19 -1.66
N PHE A 35 -1.07 14.84 -2.57
CA PHE A 35 -0.77 13.89 -3.66
C PHE A 35 0.35 14.43 -4.54
N SER A 36 0.23 15.70 -4.97
CA SER A 36 1.19 16.33 -5.88
C SER A 36 2.61 16.44 -5.26
N LEU A 37 2.65 16.67 -3.93
CA LEU A 37 3.93 16.82 -3.17
C LEU A 37 4.57 15.43 -2.89
N MET A 38 3.75 14.46 -2.44
CA MET A 38 4.21 13.09 -2.08
C MET A 38 4.58 12.29 -3.34
N LYS A 39 3.97 12.68 -4.48
CA LYS A 39 4.22 12.07 -5.81
C LYS A 39 5.69 12.20 -6.20
N GLU A 40 6.21 13.41 -5.93
CA GLU A 40 7.62 13.76 -6.18
C GLU A 40 8.51 13.01 -5.19
N ALA A 41 8.21 13.19 -3.88
CA ALA A 41 8.94 12.58 -2.75
C ALA A 41 10.46 12.58 -2.97
N ARG A 42 11.12 13.70 -2.58
CA ARG A 42 12.54 13.95 -2.85
C ARG A 42 13.42 12.76 -2.48
N LYS A 43 13.23 12.25 -1.25
CA LYS A 43 13.97 11.11 -0.70
C LYS A 43 12.98 10.00 -0.28
N MET A 44 13.50 8.85 0.16
CA MET A 44 12.67 7.71 0.61
C MET A 44 11.90 8.04 1.90
N VAL A 45 12.54 8.83 2.77
CA VAL A 45 12.00 9.21 4.09
C VAL A 45 10.88 10.27 3.94
N SER A 46 10.91 11.02 2.82
CA SER A 46 9.89 12.02 2.47
C SER A 46 8.48 11.37 2.39
N ARG A 47 8.44 10.11 1.94
CA ARG A 47 7.21 9.29 1.88
C ARG A 47 6.69 8.92 3.28
N CYS A 48 7.62 8.56 4.18
CA CYS A 48 7.30 7.96 5.51
C CYS A 48 6.31 8.82 6.32
N THR A 49 6.43 10.16 6.21
CA THR A 49 5.56 11.11 6.93
C THR A 49 4.17 11.23 6.24
N TYR A 50 4.13 11.30 4.90
CA TYR A 50 2.87 11.49 4.16
C TYR A 50 2.00 10.21 4.18
N LEU A 51 2.61 9.04 3.87
CA LEU A 51 1.94 7.71 3.97
C LEU A 51 1.35 7.48 5.38
N ASN A 52 2.06 8.00 6.41
CA ASN A 52 1.59 7.94 7.82
C ASN A 52 0.26 8.70 7.98
N ILE A 53 0.21 9.93 7.40
CA ILE A 53 -0.98 10.80 7.43
C ILE A 53 -2.18 10.15 6.70
N ILE A 54 -1.89 9.47 5.55
CA ILE A 54 -2.92 8.80 4.72
C ILE A 54 -3.59 7.66 5.54
N LEU A 55 -2.76 6.96 6.34
CA LEU A 55 -3.23 5.90 7.26
C LEU A 55 -4.06 6.49 8.42
N GLN A 56 -3.69 7.72 8.87
CA GLN A 56 -4.41 8.44 9.96
C GLN A 56 -5.79 8.92 9.46
N THR A 57 -5.88 9.18 8.14
CA THR A 57 -7.12 9.59 7.49
C THR A 57 -8.05 8.39 7.30
N ARG A 58 -9.10 8.27 8.13
CA ARG A 58 -10.08 7.17 8.02
C ARG A 58 -11.18 7.50 6.98
N ALA A 59 -11.27 8.80 6.58
CA ALA A 59 -12.32 9.30 5.67
C ALA A 59 -12.19 8.67 4.27
N PRO A 60 -13.06 7.68 3.90
CA PRO A 60 -12.88 6.87 2.67
C PRO A 60 -13.16 7.66 1.37
N GLU A 61 -13.78 8.85 1.53
CA GLU A 61 -14.06 9.80 0.44
C GLU A 61 -12.77 10.22 -0.25
N VAL A 62 -11.78 10.62 0.57
CA VAL A 62 -10.50 11.11 0.07
C VAL A 62 -9.59 9.93 -0.37
N LEU A 63 -9.81 8.72 0.20
CA LEU A 63 -9.03 7.50 -0.16
C LEU A 63 -9.36 7.02 -1.58
N VAL A 64 -10.66 6.96 -1.94
CA VAL A 64 -11.10 6.59 -3.30
C VAL A 64 -10.73 7.69 -4.31
N LYS A 65 -10.77 8.94 -3.83
CA LYS A 65 -10.36 10.14 -4.59
C LYS A 65 -8.84 10.11 -4.82
N PHE A 66 -8.10 9.57 -3.83
CA PHE A 66 -6.65 9.43 -3.91
C PHE A 66 -6.29 8.43 -5.01
N ILE A 67 -7.06 7.33 -5.12
CA ILE A 67 -6.92 6.35 -6.21
C ILE A 67 -7.22 7.01 -7.58
N ASP A 68 -8.27 7.85 -7.58
CA ASP A 68 -8.80 8.51 -8.79
C ASP A 68 -7.78 9.48 -9.42
N VAL A 69 -7.05 10.22 -8.56
CA VAL A 69 -6.02 11.19 -9.00
C VAL A 69 -4.72 10.48 -9.46
N GLY A 70 -4.68 9.14 -9.34
CA GLY A 70 -3.52 8.34 -9.74
C GLY A 70 -2.66 7.93 -8.56
N GLY A 71 -3.28 7.86 -7.38
CA GLY A 71 -2.63 7.39 -6.16
C GLY A 71 -2.24 5.93 -6.24
N TYR A 72 -3.12 5.09 -6.85
CA TYR A 72 -2.83 3.66 -7.06
C TYR A 72 -1.55 3.48 -7.92
N LYS A 73 -1.48 4.17 -9.07
CA LYS A 73 -0.33 4.05 -10.03
C LYS A 73 0.96 4.59 -9.37
N LEU A 74 0.78 5.53 -8.43
CA LEU A 74 1.87 6.15 -7.67
C LEU A 74 2.42 5.19 -6.61
N LEU A 75 1.53 4.47 -5.90
CA LEU A 75 1.91 3.44 -4.91
C LEU A 75 2.65 2.29 -5.61
N ASN A 76 2.17 1.93 -6.82
CA ASN A 76 2.79 0.89 -7.66
C ASN A 76 4.14 1.37 -8.22
N SER A 77 4.26 2.70 -8.46
CA SER A 77 5.53 3.33 -8.91
C SER A 77 6.60 3.24 -7.80
N TRP A 78 6.16 3.49 -6.55
CA TRP A 78 6.99 3.36 -5.36
C TRP A 78 7.35 1.90 -5.09
N LEU A 79 6.44 0.97 -5.42
CA LEU A 79 6.67 -0.49 -5.26
C LEU A 79 7.83 -0.90 -6.21
N THR A 80 7.77 -0.38 -7.46
CA THR A 80 8.79 -0.61 -8.49
C THR A 80 10.14 0.06 -8.14
N TYR A 81 10.05 1.22 -7.49
CA TYR A 81 11.22 1.99 -7.05
C TYR A 81 11.94 1.29 -5.88
N SER A 82 11.14 0.90 -4.87
CA SER A 82 11.65 0.41 -3.59
C SER A 82 12.09 -1.06 -3.65
N LYS A 83 11.62 -1.82 -4.65
CA LYS A 83 11.98 -3.26 -4.80
C LYS A 83 13.47 -3.41 -5.20
N THR A 84 13.98 -2.42 -5.97
CA THR A 84 15.33 -2.47 -6.57
C THR A 84 16.41 -2.32 -5.47
N THR A 85 16.24 -1.31 -4.62
CA THR A 85 17.09 -1.07 -3.45
C THR A 85 16.70 -2.01 -2.28
N ASN A 86 15.41 -2.43 -2.28
CA ASN A 86 14.80 -3.24 -1.22
C ASN A 86 14.82 -2.47 0.11
N ASN A 87 13.92 -1.48 0.20
CA ASN A 87 13.74 -0.64 1.39
C ASN A 87 12.53 -1.16 2.15
N ILE A 88 12.77 -2.05 3.13
CA ILE A 88 11.69 -2.74 3.88
C ILE A 88 10.69 -1.76 4.59
N PRO A 89 11.16 -0.65 5.28
CA PRO A 89 10.24 0.38 5.86
C PRO A 89 9.33 1.04 4.79
N LEU A 90 9.75 1.01 3.51
CA LEU A 90 8.91 1.45 2.38
C LEU A 90 7.97 0.32 1.92
N LEU A 91 8.53 -0.87 1.53
CA LEU A 91 7.77 -2.00 0.89
C LEU A 91 6.44 -2.29 1.62
N GLN A 92 6.55 -2.48 2.95
CA GLN A 92 5.41 -2.81 3.82
C GLN A 92 4.41 -1.64 3.93
N GLN A 93 4.92 -0.41 4.02
CA GLN A 93 4.10 0.82 4.15
C GLN A 93 3.38 1.16 2.83
N ILE A 94 3.98 0.80 1.70
CA ILE A 94 3.42 1.02 0.36
C ILE A 94 2.16 0.16 0.19
N LEU A 95 2.34 -1.15 0.41
CA LEU A 95 1.25 -2.13 0.28
C LEU A 95 0.21 -1.95 1.42
N LEU A 96 0.66 -1.37 2.56
CA LEU A 96 -0.21 -1.03 3.72
C LEU A 96 -1.13 0.17 3.41
N THR A 97 -0.60 1.16 2.66
CA THR A 97 -1.37 2.36 2.27
C THR A 97 -2.42 1.99 1.22
N LEU A 98 -2.07 1.07 0.28
CA LEU A 98 -3.03 0.56 -0.71
C LEU A 98 -3.97 -0.52 -0.10
N GLN A 99 -3.58 -1.09 1.06
CA GLN A 99 -4.46 -1.96 1.89
C GLN A 99 -5.57 -1.09 2.52
N HIS A 100 -5.14 0.11 2.97
CA HIS A 100 -5.98 1.08 3.68
C HIS A 100 -7.06 1.69 2.74
N LEU A 101 -6.69 1.98 1.48
CA LEU A 101 -7.67 2.42 0.45
C LEU A 101 -8.35 1.19 -0.20
N PRO A 102 -9.60 1.32 -0.75
CA PRO A 102 -10.32 0.20 -1.42
C PRO A 102 -9.59 -0.31 -2.68
N LEU A 103 -8.68 -1.27 -2.48
CA LEU A 103 -7.89 -1.88 -3.58
C LEU A 103 -8.67 -3.08 -4.14
N THR A 104 -9.34 -2.85 -5.27
CA THR A 104 -10.21 -3.84 -5.93
C THR A 104 -9.38 -4.85 -6.76
N VAL A 105 -10.06 -5.89 -7.32
CA VAL A 105 -9.42 -6.87 -8.20
C VAL A 105 -9.04 -6.25 -9.56
N ASP A 106 -9.79 -5.19 -9.90
CA ASP A 106 -9.52 -4.33 -11.06
C ASP A 106 -8.13 -3.65 -10.90
N HIS A 107 -7.90 -3.07 -9.71
CA HIS A 107 -6.65 -2.35 -9.40
C HIS A 107 -5.44 -3.32 -9.42
N LEU A 108 -5.45 -4.34 -8.54
CA LEU A 108 -4.31 -5.29 -8.37
C LEU A 108 -3.90 -5.99 -9.69
N LYS A 109 -4.85 -6.07 -10.63
CA LYS A 109 -4.66 -6.74 -11.92
C LYS A 109 -4.06 -5.78 -12.97
N GLN A 110 -4.40 -4.48 -12.86
CA GLN A 110 -3.97 -3.42 -13.83
C GLN A 110 -2.44 -3.43 -14.08
N ASN A 111 -1.66 -3.59 -13.00
CA ASN A 111 -0.18 -3.63 -13.06
C ASN A 111 0.36 -5.00 -12.59
N ASN A 112 -0.55 -5.98 -12.40
CA ASN A 112 -0.23 -7.31 -11.78
C ASN A 112 0.40 -7.12 -10.38
N THR A 113 -0.01 -6.03 -9.69
CA THR A 113 0.49 -5.62 -8.37
C THR A 113 0.29 -6.74 -7.32
N ALA A 114 -0.78 -7.53 -7.52
CA ALA A 114 -1.08 -8.72 -6.70
C ALA A 114 0.09 -9.71 -6.70
N LYS A 115 0.59 -10.00 -7.90
CA LYS A 115 1.70 -10.94 -8.15
C LYS A 115 3.04 -10.39 -7.58
N LEU A 116 3.17 -9.04 -7.58
CA LEU A 116 4.32 -8.33 -6.96
C LEU A 116 4.31 -8.49 -5.43
N VAL A 117 3.10 -8.46 -4.85
CA VAL A 117 2.90 -8.62 -3.39
C VAL A 117 3.04 -10.11 -2.97
N LYS A 118 2.72 -11.03 -3.92
CA LYS A 118 2.82 -12.49 -3.71
C LYS A 118 4.22 -12.90 -3.22
N GLN A 119 5.27 -12.52 -3.99
CA GLN A 119 6.68 -12.93 -3.71
C GLN A 119 7.15 -12.49 -2.29
N LEU A 120 6.56 -11.39 -1.78
CA LEU A 120 6.78 -10.92 -0.40
C LEU A 120 6.11 -11.92 0.59
N SER A 121 4.79 -12.11 0.42
CA SER A 121 3.95 -12.93 1.32
C SER A 121 4.20 -14.46 1.17
N LYS A 122 5.00 -14.85 0.17
CA LYS A 122 5.45 -16.26 -0.01
C LYS A 122 6.63 -16.54 0.93
N SER A 123 7.72 -15.79 0.75
CA SER A 123 8.96 -15.96 1.53
C SER A 123 9.86 -14.72 1.33
N SER A 124 9.73 -13.75 2.22
CA SER A 124 10.59 -12.55 2.25
C SER A 124 11.53 -12.60 3.48
N GLU A 125 12.48 -11.64 3.52
CA GLU A 125 13.56 -11.63 4.53
C GLU A 125 13.04 -11.38 5.97
N ASP A 126 12.08 -10.46 6.12
CA ASP A 126 11.50 -10.10 7.43
C ASP A 126 10.06 -10.58 7.48
N GLU A 127 9.61 -11.02 8.68
CA GLU A 127 8.25 -11.52 8.90
C GLU A 127 7.21 -10.39 8.81
N GLU A 128 7.59 -9.19 9.30
CA GLU A 128 6.64 -8.06 9.46
C GLU A 128 6.12 -7.53 8.10
N LEU A 129 7.02 -7.41 7.11
CA LEU A 129 6.69 -6.79 5.80
C LEU A 129 5.68 -7.65 5.03
N ARG A 130 5.91 -8.97 5.11
CA ARG A 130 5.07 -9.98 4.45
C ARG A 130 3.82 -10.26 5.28
N LYS A 131 3.86 -9.93 6.59
CA LYS A 131 2.67 -10.01 7.46
C LYS A 131 1.57 -9.06 6.95
N LEU A 132 1.93 -7.76 6.71
CA LEU A 132 1.00 -6.78 6.10
C LEU A 132 0.56 -7.27 4.69
N ALA A 133 1.52 -7.87 3.96
CA ALA A 133 1.28 -8.39 2.60
C ALA A 133 0.37 -9.63 2.60
N SER A 134 0.43 -10.40 3.71
CA SER A 134 -0.38 -11.63 3.87
C SER A 134 -1.83 -11.26 4.23
N VAL A 135 -1.97 -10.24 5.09
CA VAL A 135 -3.28 -9.63 5.44
C VAL A 135 -3.90 -8.97 4.20
N LEU A 136 -3.04 -8.38 3.35
CA LEU A 136 -3.44 -7.71 2.10
C LEU A 136 -3.98 -8.71 1.07
N VAL A 137 -3.21 -9.79 0.82
CA VAL A 137 -3.61 -10.88 -0.09
C VAL A 137 -4.80 -11.66 0.50
N SER A 138 -4.93 -11.67 1.85
CA SER A 138 -6.08 -12.28 2.54
C SER A 138 -7.35 -11.45 2.31
N ASP A 139 -7.20 -10.11 2.34
CA ASP A 139 -8.30 -9.14 2.10
C ASP A 139 -8.78 -9.24 0.64
N TRP A 140 -7.79 -9.38 -0.25
CA TRP A 140 -8.00 -9.58 -1.69
C TRP A 140 -8.71 -10.93 -1.95
N MET A 141 -8.13 -12.04 -1.48
CA MET A 141 -8.66 -13.39 -1.74
C MET A 141 -10.07 -13.56 -1.15
N ALA A 142 -10.37 -12.76 -0.10
CA ALA A 142 -11.70 -12.74 0.54
C ALA A 142 -12.76 -12.09 -0.37
N VAL A 143 -12.44 -10.92 -0.98
CA VAL A 143 -13.38 -10.23 -1.89
C VAL A 143 -13.53 -11.02 -3.21
N ILE A 144 -12.45 -11.70 -3.64
CA ILE A 144 -12.46 -12.59 -4.84
C ILE A 144 -13.32 -13.83 -4.57
N ARG A 145 -13.22 -14.35 -3.34
CA ARG A 145 -14.00 -15.51 -2.87
C ARG A 145 -15.50 -15.13 -2.75
N SER A 146 -15.74 -13.86 -2.40
CA SER A 146 -17.09 -13.29 -2.30
C SER A 146 -17.69 -13.03 -3.70
N GLN A 147 -16.82 -12.86 -4.72
CA GLN A 147 -17.26 -12.77 -6.13
C GLN A 147 -17.62 -14.17 -6.66
N SER A 148 -16.66 -15.10 -6.52
CA SER A 148 -16.76 -16.46 -7.02
C SER A 148 -15.92 -17.40 -6.12
N GLY A 149 -16.56 -18.45 -5.59
CA GLY A 149 -15.91 -19.45 -4.73
C GLY A 149 -16.73 -19.71 -3.47
N GLY A 150 -16.69 -18.74 -2.55
CA GLY A 150 -17.38 -18.85 -1.26
C GLY A 150 -16.73 -19.84 -0.31
N GLY A 151 -17.39 -20.08 0.84
CA GLY A 151 -16.91 -21.08 1.81
C GLY A 151 -16.83 -20.52 3.22
N SER A 152 -16.37 -21.36 4.16
CA SER A 152 -16.22 -21.02 5.57
C SER A 152 -14.89 -20.27 5.82
N GLY A 153 -14.95 -19.22 6.66
CA GLY A 153 -13.80 -18.38 6.99
C GLY A 153 -12.87 -19.05 8.00
N GLY A 154 -11.65 -19.42 7.55
CA GLY A 154 -10.65 -20.03 8.42
C GLY A 154 -9.43 -20.50 7.63
N GLY A 155 -8.27 -20.61 8.30
CA GLY A 155 -7.02 -21.05 7.69
C GLY A 155 -6.87 -22.57 7.69
N SER A 156 -7.90 -23.26 7.15
CA SER A 156 -7.96 -24.73 7.07
C SER A 156 -8.80 -25.13 5.84
N ASP A 157 -8.33 -26.20 5.13
CA ASP A 157 -8.93 -26.68 3.85
C ASP A 157 -8.82 -25.63 2.73
N LEU A 158 -7.88 -24.69 2.91
CA LEU A 158 -7.62 -23.60 1.95
C LEU A 158 -6.13 -23.69 1.52
N ASP A 159 -5.91 -24.20 0.31
CA ASP A 159 -4.58 -24.57 -0.23
C ASP A 159 -3.94 -23.39 -0.99
N TYR A 160 -2.63 -23.52 -1.31
CA TYR A 160 -1.88 -22.49 -2.05
C TYR A 160 -2.48 -22.23 -3.47
N ASP A 161 -3.00 -23.29 -4.12
CA ASP A 161 -3.63 -23.17 -5.45
C ASP A 161 -5.03 -22.51 -5.37
N SER A 162 -5.76 -22.77 -4.27
CA SER A 162 -7.10 -22.18 -4.06
C SER A 162 -6.99 -20.71 -3.62
N VAL A 163 -5.81 -20.31 -3.08
CA VAL A 163 -5.52 -18.88 -2.79
C VAL A 163 -4.83 -18.21 -4.00
N GLN A 164 -5.04 -18.79 -5.21
CA GLN A 164 -4.67 -18.17 -6.51
C GLN A 164 -5.90 -18.00 -7.48
N PRO A 165 -7.13 -17.61 -7.00
CA PRO A 165 -8.35 -17.57 -7.85
C PRO A 165 -8.40 -16.30 -8.77
N TYR A 166 -7.38 -15.44 -8.60
CA TYR A 166 -7.21 -14.18 -9.36
C TYR A 166 -5.73 -13.77 -9.34
N PHE A 167 -4.84 -14.72 -8.96
CA PHE A 167 -3.40 -14.45 -8.75
C PHE A 167 -2.54 -15.37 -9.66
N TYR A 168 -3.19 -15.98 -10.66
CA TYR A 168 -2.56 -16.93 -11.61
C TYR A 168 -1.36 -16.30 -12.36
N CYS A 169 -0.26 -17.07 -12.47
CA CYS A 169 0.86 -16.75 -13.37
C CYS A 169 0.44 -17.06 -14.82
N ASP A 170 -0.36 -18.14 -14.96
CA ASP A 170 -1.03 -18.52 -16.21
C ASP A 170 -2.49 -18.90 -15.88
N GLU A 171 -3.46 -18.16 -16.44
CA GLU A 171 -4.90 -18.41 -16.22
C GLU A 171 -5.37 -19.61 -17.07
N GLU A 172 -5.07 -20.82 -16.57
CA GLU A 172 -5.39 -22.08 -17.25
C GLU A 172 -6.54 -22.78 -16.52
N GLU A 173 -7.30 -23.61 -17.25
CA GLU A 173 -8.47 -24.32 -16.71
C GLU A 173 -8.51 -25.77 -17.23
N ASN A 174 -7.78 -26.65 -16.50
CA ASN A 174 -7.73 -28.09 -16.76
C ASN A 174 -7.20 -28.79 -15.49
N MET A 1 25.78 11.47 23.87
CA MET A 1 24.37 11.00 23.78
C MET A 1 23.67 11.61 22.55
N GLY A 2 22.57 10.97 22.11
CA GLY A 2 21.77 11.45 20.98
C GLY A 2 20.83 12.58 21.40
N SER A 3 21.41 13.75 21.67
CA SER A 3 20.70 14.96 22.14
C SER A 3 19.67 15.45 21.11
N GLY A 4 19.92 15.17 19.83
CA GLY A 4 18.98 15.46 18.76
C GLY A 4 19.50 14.94 17.42
N PRO A 5 19.37 13.60 17.15
CA PRO A 5 19.83 12.99 15.87
C PRO A 5 19.01 13.53 14.68
N ILE A 6 19.72 14.09 13.68
CA ILE A 6 19.09 14.69 12.48
C ILE A 6 18.21 13.65 11.74
N ASP A 7 16.90 13.91 11.71
CA ASP A 7 15.92 13.05 11.06
C ASP A 7 15.37 13.78 9.81
N PRO A 8 15.39 13.12 8.61
CA PRO A 8 14.92 13.75 7.35
C PRO A 8 13.38 13.82 7.25
N LYS A 9 12.67 12.92 7.94
CA LYS A 9 11.19 12.82 7.86
C LYS A 9 10.53 14.02 8.56
N GLU A 10 11.05 14.36 9.78
CA GLU A 10 10.48 15.42 10.64
C GLU A 10 10.44 16.80 9.93
N LEU A 11 11.43 17.00 9.03
CA LEU A 11 11.57 18.22 8.23
C LEU A 11 10.34 18.44 7.32
N LEU A 12 9.84 17.34 6.74
CA LEU A 12 8.64 17.34 5.86
C LEU A 12 7.36 16.99 6.64
N LYS A 13 7.53 16.41 7.83
CA LYS A 13 6.41 16.01 8.71
C LYS A 13 5.91 17.22 9.53
N GLY A 14 6.75 18.27 9.61
CA GLY A 14 6.43 19.51 10.33
C GLY A 14 5.15 20.21 9.85
N LEU A 15 4.71 19.93 8.61
CA LEU A 15 3.43 20.43 8.06
C LEU A 15 2.18 19.68 8.59
N ASP A 16 2.36 18.94 9.70
CA ASP A 16 1.29 18.29 10.47
C ASP A 16 0.13 19.26 10.79
N SER A 17 0.51 20.53 11.04
CA SER A 17 -0.40 21.64 11.39
C SER A 17 -1.44 21.95 10.27
N PHE A 18 -1.13 21.55 9.01
CA PHE A 18 -1.99 21.80 7.83
C PHE A 18 -3.19 20.85 7.80
N LEU A 19 -3.07 19.68 8.45
CA LEU A 19 -4.20 18.75 8.65
C LEU A 19 -5.08 19.28 9.79
N THR A 20 -6.25 18.65 10.02
CA THR A 20 -7.19 19.03 11.11
C THR A 20 -6.53 18.94 12.50
N ARG A 21 -7.15 19.60 13.48
CA ARG A 21 -6.73 19.56 14.90
C ARG A 21 -6.86 18.13 15.48
N ASP A 22 -7.75 17.32 14.88
CA ASP A 22 -7.88 15.86 15.15
C ASP A 22 -6.62 15.11 14.71
N GLY A 23 -5.96 15.64 13.67
CA GLY A 23 -4.71 15.08 13.15
C GLY A 23 -4.93 14.05 12.06
N GLU A 24 -6.16 14.00 11.52
CA GLU A 24 -6.55 12.99 10.53
C GLU A 24 -6.18 13.47 9.11
N VAL A 25 -7.03 14.34 8.56
CA VAL A 25 -6.88 14.86 7.21
C VAL A 25 -7.58 16.22 7.19
N LYS A 26 -6.96 17.17 6.49
CA LYS A 26 -7.51 18.52 6.34
C LYS A 26 -8.85 18.46 5.58
N SER A 27 -8.78 18.07 4.29
CA SER A 27 -9.91 18.17 3.36
C SER A 27 -9.69 17.27 2.12
N VAL A 28 -10.63 17.39 1.17
CA VAL A 28 -10.57 16.74 -0.16
C VAL A 28 -9.43 17.37 -1.02
N ASP A 29 -9.10 18.62 -0.71
CA ASP A 29 -7.92 19.33 -1.28
C ASP A 29 -6.67 19.06 -0.45
N GLY A 30 -6.86 18.80 0.86
CA GLY A 30 -5.76 18.49 1.79
C GLY A 30 -4.99 17.23 1.40
N ILE A 31 -5.71 16.23 0.88
CA ILE A 31 -5.11 14.99 0.34
C ILE A 31 -4.41 15.27 -1.01
N ALA A 32 -4.99 16.14 -1.86
CA ALA A 32 -4.51 16.39 -3.23
C ALA A 32 -3.13 17.10 -3.24
N LYS A 33 -2.95 18.04 -2.31
CA LYS A 33 -1.69 18.80 -2.17
C LYS A 33 -0.60 17.95 -1.49
N ILE A 34 -1.03 17.08 -0.56
CA ILE A 34 -0.12 16.14 0.13
C ILE A 34 0.30 15.01 -0.85
N PHE A 35 -0.61 14.69 -1.79
CA PHE A 35 -0.41 13.73 -2.88
C PHE A 35 0.69 14.22 -3.81
N SER A 36 0.55 15.49 -4.26
CA SER A 36 1.48 16.10 -5.22
C SER A 36 2.89 16.32 -4.62
N LEU A 37 2.95 16.58 -3.30
CA LEU A 37 4.22 16.74 -2.58
C LEU A 37 4.96 15.39 -2.50
N MET A 38 4.25 14.35 -2.03
CA MET A 38 4.84 13.01 -1.85
C MET A 38 5.10 12.32 -3.22
N LYS A 39 4.37 12.77 -4.26
CA LYS A 39 4.50 12.26 -5.65
C LYS A 39 5.92 12.46 -6.19
N GLU A 40 6.58 13.53 -5.70
CA GLU A 40 7.99 13.85 -6.02
C GLU A 40 8.91 12.69 -5.61
N ALA A 41 8.66 12.14 -4.40
CA ALA A 41 9.24 10.86 -3.90
C ALA A 41 10.78 10.82 -3.92
N ARG A 42 11.40 12.02 -3.98
CA ARG A 42 12.86 12.19 -4.16
C ARG A 42 13.62 11.56 -2.99
N LYS A 43 13.20 11.89 -1.77
CA LYS A 43 13.59 11.14 -0.56
C LYS A 43 12.48 10.15 -0.22
N MET A 44 12.78 8.84 -0.33
CA MET A 44 11.84 7.77 0.03
C MET A 44 11.49 7.82 1.52
N VAL A 45 12.49 8.18 2.34
CA VAL A 45 12.38 8.21 3.79
C VAL A 45 11.46 9.37 4.24
N SER A 46 11.67 10.55 3.64
CA SER A 46 10.91 11.76 3.96
C SER A 46 9.48 11.69 3.39
N ARG A 47 9.31 10.88 2.32
CA ARG A 47 7.98 10.57 1.77
C ARG A 47 7.22 9.61 2.70
N CYS A 48 7.94 8.65 3.31
CA CYS A 48 7.36 7.53 4.10
C CYS A 48 6.42 8.03 5.22
N THR A 49 6.76 9.20 5.81
CA THR A 49 6.00 9.80 6.91
C THR A 49 4.58 10.27 6.46
N TYR A 50 4.43 10.60 5.16
CA TYR A 50 3.14 11.02 4.57
C TYR A 50 2.17 9.83 4.46
N LEU A 51 2.69 8.66 4.05
CA LEU A 51 1.90 7.39 3.95
C LEU A 51 1.27 6.99 5.31
N ASN A 52 1.92 7.40 6.41
CA ASN A 52 1.37 7.27 7.78
C ASN A 52 0.01 7.98 7.91
N ILE A 53 -0.06 9.24 7.43
CA ILE A 53 -1.29 10.05 7.45
C ILE A 53 -2.36 9.37 6.58
N ILE A 54 -1.97 8.90 5.38
CA ILE A 54 -2.91 8.27 4.42
C ILE A 54 -3.49 6.96 4.99
N LEU A 55 -2.66 6.28 5.80
CA LEU A 55 -3.01 5.02 6.47
C LEU A 55 -4.05 5.26 7.59
N GLN A 56 -3.97 6.39 8.30
CA GLN A 56 -4.89 6.71 9.41
C GLN A 56 -6.09 7.57 8.94
N THR A 57 -6.08 8.00 7.66
CA THR A 57 -7.18 8.80 7.08
C THR A 57 -8.42 7.91 6.87
N ARG A 58 -9.32 7.93 7.88
CA ARG A 58 -10.55 7.13 7.88
C ARG A 58 -11.70 7.83 7.11
N ALA A 59 -11.39 8.98 6.46
CA ALA A 59 -12.35 9.68 5.59
C ALA A 59 -12.43 8.94 4.22
N PRO A 60 -13.59 8.26 3.90
CA PRO A 60 -13.69 7.35 2.74
C PRO A 60 -13.61 8.09 1.38
N GLU A 61 -14.23 9.28 1.33
CA GLU A 61 -14.26 10.14 0.13
C GLU A 61 -12.85 10.60 -0.29
N VAL A 62 -11.99 10.80 0.72
CA VAL A 62 -10.61 11.22 0.55
C VAL A 62 -9.76 10.09 -0.08
N LEU A 63 -10.05 8.84 0.36
CA LEU A 63 -9.32 7.63 -0.09
C LEU A 63 -9.67 7.27 -1.55
N VAL A 64 -10.96 7.33 -1.88
CA VAL A 64 -11.47 6.95 -3.22
C VAL A 64 -11.02 7.98 -4.28
N LYS A 65 -10.94 9.28 -3.89
CA LYS A 65 -10.51 10.34 -4.81
C LYS A 65 -8.98 10.39 -4.91
N PHE A 66 -8.26 9.80 -3.92
CA PHE A 66 -6.79 9.64 -3.98
C PHE A 66 -6.42 8.73 -5.16
N ILE A 67 -7.20 7.65 -5.32
CA ILE A 67 -7.09 6.71 -6.44
C ILE A 67 -7.34 7.46 -7.78
N ASP A 68 -8.39 8.31 -7.77
CA ASP A 68 -8.91 9.03 -8.95
C ASP A 68 -7.93 10.13 -9.45
N VAL A 69 -7.20 10.80 -8.53
CA VAL A 69 -6.26 11.91 -8.90
C VAL A 69 -4.94 11.38 -9.49
N GLY A 70 -4.80 10.05 -9.59
CA GLY A 70 -3.61 9.41 -10.17
C GLY A 70 -2.80 8.65 -9.14
N GLY A 71 -3.30 8.60 -7.88
CA GLY A 71 -2.68 7.85 -6.80
C GLY A 71 -2.61 6.35 -7.09
N TYR A 72 -3.58 5.86 -7.89
CA TYR A 72 -3.62 4.47 -8.37
C TYR A 72 -2.31 4.05 -9.07
N LYS A 73 -1.88 4.87 -10.05
CA LYS A 73 -0.67 4.58 -10.85
C LYS A 73 0.59 4.96 -10.05
N LEU A 74 0.43 5.93 -9.16
CA LEU A 74 1.52 6.42 -8.31
C LEU A 74 1.92 5.37 -7.25
N LEU A 75 0.96 4.51 -6.84
CA LEU A 75 1.23 3.35 -5.96
C LEU A 75 2.16 2.35 -6.67
N ASN A 76 1.97 2.19 -7.99
CA ASN A 76 2.83 1.33 -8.84
C ASN A 76 4.21 1.98 -9.05
N SER A 77 4.23 3.31 -9.21
CA SER A 77 5.47 4.10 -9.39
C SER A 77 6.37 3.98 -8.16
N TRP A 78 5.74 4.08 -6.98
CA TRP A 78 6.38 3.90 -5.68
C TRP A 78 6.90 2.48 -5.51
N LEU A 79 6.06 1.49 -5.85
CA LEU A 79 6.37 0.05 -5.66
C LEU A 79 7.63 -0.34 -6.45
N THR A 80 7.70 0.13 -7.71
CA THR A 80 8.80 -0.18 -8.64
C THR A 80 10.16 0.34 -8.09
N TYR A 81 10.18 1.62 -7.66
CA TYR A 81 11.44 2.27 -7.20
C TYR A 81 11.80 1.83 -5.76
N SER A 82 10.78 1.42 -4.99
CA SER A 82 10.98 0.92 -3.62
C SER A 82 11.50 -0.52 -3.63
N LYS A 83 11.17 -1.26 -4.71
CA LYS A 83 11.55 -2.68 -4.87
C LYS A 83 13.08 -2.82 -5.01
N THR A 84 13.67 -1.96 -5.87
CA THR A 84 15.13 -1.98 -6.15
C THR A 84 15.95 -1.47 -4.93
N THR A 85 15.36 -0.58 -4.12
CA THR A 85 15.99 -0.09 -2.87
C THR A 85 15.74 -1.11 -1.73
N ASN A 86 14.63 -1.89 -1.87
CA ASN A 86 14.24 -2.98 -0.95
C ASN A 86 14.05 -2.48 0.51
N ASN A 87 13.56 -1.23 0.63
CA ASN A 87 13.44 -0.55 1.93
C ASN A 87 12.18 -1.03 2.66
N ILE A 88 12.38 -1.92 3.65
CA ILE A 88 11.30 -2.59 4.42
C ILE A 88 10.25 -1.59 5.01
N PRO A 89 10.65 -0.45 5.73
CA PRO A 89 9.68 0.51 6.32
C PRO A 89 8.82 1.20 5.23
N LEU A 90 9.39 1.35 4.03
CA LEU A 90 8.74 2.00 2.89
C LEU A 90 7.73 1.04 2.23
N LEU A 91 8.20 -0.19 1.91
CA LEU A 91 7.41 -1.24 1.23
C LEU A 91 6.11 -1.53 1.99
N GLN A 92 6.25 -1.71 3.33
CA GLN A 92 5.10 -2.00 4.20
C GLN A 92 4.12 -0.82 4.24
N GLN A 93 4.64 0.43 4.22
CA GLN A 93 3.80 1.65 4.19
C GLN A 93 3.01 1.78 2.88
N ILE A 94 3.65 1.43 1.74
CA ILE A 94 3.03 1.51 0.39
C ILE A 94 1.88 0.49 0.28
N LEU A 95 2.14 -0.76 0.72
CA LEU A 95 1.12 -1.83 0.66
C LEU A 95 0.01 -1.60 1.70
N LEU A 96 0.34 -0.89 2.80
CA LEU A 96 -0.65 -0.47 3.83
C LEU A 96 -1.58 0.64 3.30
N THR A 97 -1.02 1.52 2.47
CA THR A 97 -1.78 2.63 1.85
C THR A 97 -2.86 2.07 0.92
N LEU A 98 -2.45 1.14 0.02
CA LEU A 98 -3.39 0.50 -0.92
C LEU A 98 -4.28 -0.54 -0.23
N GLN A 99 -3.87 -1.00 0.97
CA GLN A 99 -4.70 -1.88 1.82
C GLN A 99 -5.84 -1.07 2.47
N HIS A 100 -5.53 0.19 2.83
CA HIS A 100 -6.45 1.06 3.56
C HIS A 100 -7.53 1.66 2.63
N LEU A 101 -7.14 1.98 1.38
CA LEU A 101 -8.09 2.45 0.35
C LEU A 101 -8.75 1.23 -0.37
N PRO A 102 -9.95 1.40 -1.02
CA PRO A 102 -10.62 0.30 -1.78
C PRO A 102 -9.83 -0.12 -3.05
N LEU A 103 -8.91 -1.09 -2.88
CA LEU A 103 -8.08 -1.64 -3.96
C LEU A 103 -8.79 -2.89 -4.53
N THR A 104 -9.33 -2.77 -5.75
CA THR A 104 -10.15 -3.82 -6.38
C THR A 104 -9.27 -4.89 -7.06
N VAL A 105 -9.90 -6.04 -7.41
CA VAL A 105 -9.22 -7.16 -8.09
C VAL A 105 -8.71 -6.74 -9.49
N ASP A 106 -9.41 -5.77 -10.11
CA ASP A 106 -9.03 -5.21 -11.42
C ASP A 106 -7.74 -4.37 -11.31
N HIS A 107 -7.63 -3.61 -10.20
CA HIS A 107 -6.45 -2.74 -9.91
C HIS A 107 -5.15 -3.58 -9.84
N LEU A 108 -5.18 -4.62 -8.98
CA LEU A 108 -4.00 -5.48 -8.69
C LEU A 108 -3.62 -6.40 -9.87
N LYS A 109 -4.54 -6.58 -10.84
CA LYS A 109 -4.25 -7.30 -12.11
C LYS A 109 -3.55 -6.37 -13.10
N GLN A 110 -4.08 -5.14 -13.19
CA GLN A 110 -3.73 -4.18 -14.24
C GLN A 110 -2.28 -3.67 -14.06
N ASN A 111 -1.84 -3.53 -12.80
CA ASN A 111 -0.45 -3.13 -12.44
C ASN A 111 0.32 -4.28 -11.76
N ASN A 112 -0.15 -5.54 -11.99
CA ASN A 112 0.55 -6.80 -11.58
C ASN A 112 0.82 -6.88 -10.06
N THR A 113 0.12 -6.05 -9.27
CA THR A 113 0.35 -5.88 -7.83
C THR A 113 0.08 -7.19 -7.05
N ALA A 114 -0.77 -8.07 -7.64
CA ALA A 114 -1.12 -9.39 -7.07
C ALA A 114 0.11 -10.29 -6.91
N LYS A 115 0.88 -10.45 -8.01
CA LYS A 115 2.08 -11.32 -8.04
C LYS A 115 3.28 -10.64 -7.32
N LEU A 116 3.29 -9.29 -7.32
CA LEU A 116 4.32 -8.49 -6.62
C LEU A 116 4.20 -8.67 -5.10
N VAL A 117 2.98 -8.55 -4.56
CA VAL A 117 2.71 -8.71 -3.12
C VAL A 117 2.79 -10.19 -2.68
N LYS A 118 2.53 -11.11 -3.64
CA LYS A 118 2.61 -12.56 -3.41
C LYS A 118 4.00 -12.93 -2.85
N GLN A 119 5.06 -12.55 -3.57
CA GLN A 119 6.45 -12.82 -3.13
C GLN A 119 6.81 -11.99 -1.88
N LEU A 120 6.15 -10.82 -1.70
CA LEU A 120 6.34 -9.98 -0.50
C LEU A 120 5.78 -10.68 0.75
N SER A 121 4.78 -11.57 0.59
CA SER A 121 4.23 -12.37 1.69
C SER A 121 4.94 -13.73 1.83
N LYS A 122 5.48 -14.25 0.69
CA LYS A 122 6.14 -15.58 0.66
C LYS A 122 7.67 -15.45 0.91
N SER A 123 8.36 -14.90 -0.09
CA SER A 123 9.84 -14.99 -0.23
C SER A 123 10.60 -13.86 0.51
N SER A 124 9.87 -12.94 1.16
CA SER A 124 10.48 -11.83 1.91
C SER A 124 10.88 -12.31 3.32
N GLU A 125 12.09 -11.92 3.75
CA GLU A 125 12.70 -12.43 5.00
C GLU A 125 12.09 -11.82 6.27
N ASP A 126 11.80 -10.50 6.23
CA ASP A 126 11.26 -9.76 7.38
C ASP A 126 9.80 -10.16 7.60
N GLU A 127 9.50 -10.62 8.84
CA GLU A 127 8.16 -11.04 9.24
C GLU A 127 7.17 -9.87 9.13
N GLU A 128 7.63 -8.67 9.54
CA GLU A 128 6.82 -7.44 9.57
C GLU A 128 6.16 -7.12 8.20
N LEU A 129 6.97 -7.14 7.13
CA LEU A 129 6.52 -6.76 5.78
C LEU A 129 5.68 -7.90 5.18
N ARG A 130 6.08 -9.17 5.45
CA ARG A 130 5.41 -10.34 4.87
C ARG A 130 4.05 -10.60 5.55
N LYS A 131 3.93 -10.14 6.81
CA LYS A 131 2.72 -10.32 7.65
C LYS A 131 1.63 -9.34 7.20
N LEU A 132 2.06 -8.09 6.97
CA LEU A 132 1.21 -7.01 6.44
C LEU A 132 0.80 -7.32 4.98
N ALA A 133 1.74 -7.92 4.23
CA ALA A 133 1.49 -8.39 2.86
C ALA A 133 0.61 -9.65 2.87
N SER A 134 0.72 -10.49 3.91
CA SER A 134 -0.04 -11.76 4.03
C SER A 134 -1.52 -11.48 4.26
N VAL A 135 -1.82 -10.56 5.21
CA VAL A 135 -3.22 -10.14 5.50
C VAL A 135 -3.81 -9.38 4.30
N LEU A 136 -2.94 -8.69 3.54
CA LEU A 136 -3.33 -7.98 2.32
C LEU A 136 -3.81 -8.98 1.23
N VAL A 137 -2.99 -10.02 0.94
CA VAL A 137 -3.33 -11.07 -0.04
C VAL A 137 -4.51 -11.91 0.48
N SER A 138 -4.61 -12.03 1.82
CA SER A 138 -5.66 -12.82 2.49
C SER A 138 -7.01 -12.07 2.41
N ASP A 139 -6.95 -10.73 2.43
CA ASP A 139 -8.14 -9.86 2.29
C ASP A 139 -8.60 -9.86 0.83
N TRP A 140 -7.61 -9.94 -0.08
CA TRP A 140 -7.84 -10.00 -1.52
C TRP A 140 -8.48 -11.35 -1.91
N MET A 141 -8.01 -12.45 -1.32
CA MET A 141 -8.62 -13.78 -1.57
C MET A 141 -9.94 -13.93 -0.81
N ALA A 142 -10.13 -13.13 0.26
CA ALA A 142 -11.37 -13.12 1.06
C ALA A 142 -12.51 -12.45 0.28
N VAL A 143 -12.21 -11.30 -0.38
CA VAL A 143 -13.20 -10.59 -1.22
C VAL A 143 -13.50 -11.42 -2.48
N ILE A 144 -12.46 -12.09 -3.03
CA ILE A 144 -12.63 -13.03 -4.15
C ILE A 144 -13.51 -14.24 -3.74
N ARG A 145 -13.29 -14.75 -2.52
CA ARG A 145 -14.01 -15.93 -2.00
C ARG A 145 -15.49 -15.58 -1.72
N SER A 146 -15.75 -14.33 -1.30
CA SER A 146 -17.10 -13.87 -0.95
C SER A 146 -17.91 -13.48 -2.22
N GLN A 147 -17.22 -12.97 -3.26
CA GLN A 147 -17.87 -12.54 -4.53
C GLN A 147 -18.03 -13.72 -5.50
N SER A 148 -17.09 -14.68 -5.44
CA SER A 148 -17.02 -15.84 -6.37
C SER A 148 -17.23 -17.16 -5.61
N GLY A 149 -18.00 -17.09 -4.51
CA GLY A 149 -18.33 -18.28 -3.72
C GLY A 149 -19.09 -17.94 -2.46
N GLY A 150 -19.32 -18.96 -1.62
CA GLY A 150 -19.93 -18.80 -0.30
C GLY A 150 -18.87 -18.68 0.79
N GLY A 151 -18.58 -19.82 1.46
CA GLY A 151 -17.57 -19.90 2.52
C GLY A 151 -17.95 -19.13 3.79
N SER A 152 -19.27 -19.06 4.08
CA SER A 152 -19.81 -18.33 5.26
C SER A 152 -19.45 -19.08 6.56
N GLY A 153 -19.90 -20.35 6.66
CA GLY A 153 -19.54 -21.23 7.77
C GLY A 153 -18.24 -21.95 7.50
N GLY A 154 -17.17 -21.16 7.32
CA GLY A 154 -15.86 -21.69 6.99
C GLY A 154 -14.94 -20.59 6.48
N GLY A 155 -14.19 -20.90 5.41
CA GLY A 155 -13.19 -19.97 4.85
C GLY A 155 -11.79 -20.23 5.38
N SER A 156 -11.68 -21.03 6.47
CA SER A 156 -10.39 -21.48 7.03
C SER A 156 -9.88 -22.70 6.24
N ASP A 157 -10.82 -23.39 5.55
CA ASP A 157 -10.54 -24.51 4.63
C ASP A 157 -10.05 -23.99 3.25
N LEU A 158 -9.97 -22.66 3.10
CA LEU A 158 -9.50 -22.01 1.86
C LEU A 158 -7.98 -22.24 1.69
N ASP A 159 -7.62 -23.23 0.85
CA ASP A 159 -6.22 -23.57 0.52
C ASP A 159 -6.18 -24.48 -0.71
N TYR A 160 -5.11 -24.32 -1.52
CA TYR A 160 -4.83 -25.10 -2.75
C TYR A 160 -5.97 -25.00 -3.79
N ASP A 161 -5.67 -24.36 -4.97
CA ASP A 161 -6.63 -24.09 -6.07
C ASP A 161 -7.58 -22.92 -5.71
N SER A 162 -8.25 -23.03 -4.57
CA SER A 162 -9.15 -22.01 -4.03
C SER A 162 -8.40 -20.71 -3.63
N VAL A 163 -7.07 -20.81 -3.43
CA VAL A 163 -6.18 -19.65 -3.15
C VAL A 163 -5.43 -19.19 -4.43
N GLN A 164 -5.85 -19.68 -5.60
CA GLN A 164 -5.38 -19.17 -6.90
C GLN A 164 -6.53 -19.14 -7.96
N PRO A 165 -7.78 -18.68 -7.61
CA PRO A 165 -8.92 -18.72 -8.56
C PRO A 165 -8.81 -17.59 -9.60
N TYR A 166 -8.25 -16.43 -9.17
CA TYR A 166 -7.95 -15.28 -10.04
C TYR A 166 -6.43 -15.04 -10.06
N PHE A 167 -5.71 -15.51 -9.01
CA PHE A 167 -4.25 -15.29 -8.88
C PHE A 167 -3.45 -16.07 -9.94
N TYR A 168 -3.99 -17.24 -10.35
CA TYR A 168 -3.37 -18.09 -11.39
C TYR A 168 -3.55 -17.43 -12.76
N CYS A 169 -2.46 -17.40 -13.52
CA CYS A 169 -2.43 -16.86 -14.89
C CYS A 169 -2.83 -17.97 -15.87
N ASP A 170 -3.44 -17.57 -17.01
CA ASP A 170 -3.92 -18.51 -18.04
C ASP A 170 -2.74 -19.31 -18.63
N GLU A 171 -2.59 -20.55 -18.12
CA GLU A 171 -1.48 -21.45 -18.45
C GLU A 171 -2.00 -22.89 -18.46
N GLU A 172 -1.56 -23.68 -19.46
CA GLU A 172 -1.96 -25.09 -19.63
C GLU A 172 -0.90 -26.02 -19.03
N GLU A 173 -1.29 -26.74 -17.97
CA GLU A 173 -0.50 -27.82 -17.36
C GLU A 173 -1.25 -29.14 -17.61
N ASN A 174 -1.16 -29.62 -18.86
CA ASN A 174 -1.85 -30.85 -19.32
C ASN A 174 -0.95 -32.09 -19.04
N MET A 1 31.88 25.62 18.19
CA MET A 1 31.30 24.47 17.46
C MET A 1 29.91 24.13 18.01
N GLY A 2 28.96 23.88 17.09
CA GLY A 2 27.60 23.50 17.45
C GLY A 2 26.83 23.05 16.22
N SER A 3 27.40 22.07 15.50
CA SER A 3 26.85 21.57 14.22
C SER A 3 25.61 20.69 14.45
N GLY A 4 24.72 20.66 13.45
CA GLY A 4 23.49 19.87 13.50
C GLY A 4 23.20 19.21 12.15
N PRO A 5 23.17 17.83 12.06
CA PRO A 5 22.84 17.09 10.81
C PRO A 5 21.50 17.54 10.19
N ILE A 6 21.52 17.81 8.87
CA ILE A 6 20.33 18.26 8.11
C ILE A 6 19.24 17.14 8.05
N ASP A 7 18.25 17.24 8.96
CA ASP A 7 17.14 16.29 9.03
C ASP A 7 15.94 16.86 8.22
N PRO A 8 15.59 16.26 7.05
CA PRO A 8 14.50 16.75 6.15
C PRO A 8 13.08 16.41 6.68
N LYS A 9 13.02 15.40 7.57
CA LYS A 9 11.76 14.88 8.11
C LYS A 9 11.17 15.84 9.17
N GLU A 10 12.04 16.66 9.81
CA GLU A 10 11.62 17.70 10.79
C GLU A 10 10.74 18.78 10.13
N LEU A 11 11.03 19.08 8.86
CA LEU A 11 10.25 20.05 8.08
C LEU A 11 8.82 19.49 7.82
N LEU A 12 8.77 18.18 7.53
CA LEU A 12 7.52 17.49 7.17
C LEU A 12 6.76 17.02 8.43
N LYS A 13 7.47 17.04 9.57
CA LYS A 13 6.89 16.86 10.91
C LYS A 13 6.16 18.16 11.31
N GLY A 14 6.80 19.30 10.99
CA GLY A 14 6.20 20.63 11.20
C GLY A 14 5.05 20.93 10.24
N LEU A 15 4.99 20.18 9.12
CA LEU A 15 3.93 20.30 8.08
C LEU A 15 2.54 19.88 8.66
N ASP A 16 2.57 19.13 9.79
CA ASP A 16 1.38 18.60 10.53
C ASP A 16 0.29 19.68 10.81
N SER A 17 0.67 20.95 10.74
CA SER A 17 -0.25 22.10 10.91
C SER A 17 -1.33 22.21 9.80
N PHE A 18 -1.36 21.26 8.82
CA PHE A 18 -2.36 21.28 7.73
C PHE A 18 -3.55 20.33 8.00
N LEU A 19 -3.46 19.42 9.00
CA LEU A 19 -4.57 18.46 9.30
C LEU A 19 -5.71 19.11 10.13
N THR A 20 -6.77 18.33 10.39
CA THR A 20 -7.84 18.69 11.34
C THR A 20 -7.34 18.52 12.79
N ARG A 21 -8.22 18.82 13.78
CA ARG A 21 -7.89 18.66 15.22
C ARG A 21 -7.71 17.18 15.59
N ASP A 22 -8.28 16.27 14.75
CA ASP A 22 -8.16 14.81 14.91
C ASP A 22 -6.82 14.31 14.36
N GLY A 23 -6.22 15.08 13.43
CA GLY A 23 -4.95 14.73 12.80
C GLY A 23 -5.11 13.61 11.75
N GLU A 24 -6.36 13.43 11.26
CA GLU A 24 -6.70 12.39 10.28
C GLU A 24 -6.32 12.83 8.85
N VAL A 25 -6.84 13.98 8.45
CA VAL A 25 -6.74 14.53 7.09
C VAL A 25 -7.07 16.03 7.16
N LYS A 26 -6.63 16.79 6.16
CA LYS A 26 -7.11 18.17 5.97
C LYS A 26 -8.57 18.13 5.47
N SER A 27 -8.74 17.59 4.24
CA SER A 27 -10.03 17.53 3.54
C SER A 27 -9.86 16.81 2.18
N VAL A 28 -10.94 16.84 1.36
CA VAL A 28 -10.98 16.23 0.02
C VAL A 28 -10.05 17.00 -0.98
N ASP A 29 -9.78 18.30 -0.68
CA ASP A 29 -8.75 19.10 -1.40
C ASP A 29 -7.37 18.95 -0.72
N GLY A 30 -7.39 18.59 0.57
CA GLY A 30 -6.17 18.41 1.36
C GLY A 30 -5.33 17.23 0.90
N ILE A 31 -6.00 16.21 0.38
CA ILE A 31 -5.36 15.03 -0.23
C ILE A 31 -4.82 15.38 -1.64
N ALA A 32 -5.50 16.31 -2.34
CA ALA A 32 -5.12 16.75 -3.71
C ALA A 32 -3.73 17.43 -3.71
N LYS A 33 -3.55 18.34 -2.75
CA LYS A 33 -2.33 19.12 -2.60
C LYS A 33 -1.18 18.25 -2.06
N ILE A 34 -1.50 17.33 -1.11
CA ILE A 34 -0.50 16.45 -0.50
C ILE A 34 -0.08 15.37 -1.51
N PHE A 35 -1.02 15.01 -2.42
CA PHE A 35 -0.76 14.14 -3.58
C PHE A 35 0.32 14.77 -4.45
N SER A 36 0.16 16.07 -4.75
CA SER A 36 1.08 16.82 -5.62
C SER A 36 2.52 16.84 -5.06
N LEU A 37 2.64 16.97 -3.72
CA LEU A 37 3.95 17.01 -3.04
C LEU A 37 4.60 15.61 -3.00
N MET A 38 3.80 14.59 -2.60
CA MET A 38 4.27 13.18 -2.49
C MET A 38 4.49 12.56 -3.89
N LYS A 39 3.87 13.17 -4.92
CA LYS A 39 4.01 12.76 -6.33
C LYS A 39 5.43 13.00 -6.83
N GLU A 40 6.05 14.09 -6.33
CA GLU A 40 7.48 14.39 -6.57
C GLU A 40 8.33 13.23 -6.05
N ALA A 41 7.91 12.70 -4.88
CA ALA A 41 8.40 11.45 -4.28
C ALA A 41 9.84 11.60 -3.74
N ARG A 42 10.81 11.70 -4.69
CA ARG A 42 12.27 11.91 -4.49
C ARG A 42 12.89 11.16 -3.28
N LYS A 43 12.66 11.66 -2.05
CA LYS A 43 13.31 11.19 -0.83
C LYS A 43 12.31 10.37 -0.02
N MET A 44 12.43 9.03 -0.09
CA MET A 44 11.44 8.09 0.46
C MET A 44 11.40 8.09 2.00
N VAL A 45 12.54 8.38 2.66
CA VAL A 45 12.64 8.39 4.14
C VAL A 45 11.79 9.55 4.71
N SER A 46 11.76 10.68 3.98
CA SER A 46 10.94 11.86 4.31
C SER A 46 9.50 11.69 3.81
N ARG A 47 9.35 10.97 2.68
CA ARG A 47 8.05 10.71 2.03
C ARG A 47 7.12 9.89 2.94
N CYS A 48 7.73 9.08 3.83
CA CYS A 48 7.03 8.22 4.79
C CYS A 48 6.08 9.03 5.72
N THR A 49 6.37 10.34 5.90
CA THR A 49 5.50 11.24 6.67
C THR A 49 4.12 11.39 6.00
N TYR A 50 4.14 11.64 4.67
CA TYR A 50 2.93 11.79 3.84
C TYR A 50 2.11 10.48 3.86
N LEU A 51 2.78 9.36 3.55
CA LEU A 51 2.19 8.01 3.60
C LEU A 51 1.52 7.70 4.97
N ASN A 52 2.18 8.14 6.07
CA ASN A 52 1.66 7.95 7.45
C ASN A 52 0.36 8.73 7.63
N ILE A 53 0.34 9.97 7.13
CA ILE A 53 -0.83 10.88 7.20
C ILE A 53 -2.04 10.30 6.43
N ILE A 54 -1.75 9.59 5.31
CA ILE A 54 -2.79 8.89 4.52
C ILE A 54 -3.43 7.78 5.37
N LEU A 55 -2.57 7.04 6.09
CA LEU A 55 -3.00 5.91 6.95
C LEU A 55 -3.82 6.42 8.15
N GLN A 56 -3.59 7.67 8.58
CA GLN A 56 -4.37 8.34 9.64
C GLN A 56 -5.77 8.76 9.12
N THR A 57 -5.87 8.97 7.80
CA THR A 57 -7.12 9.35 7.13
C THR A 57 -8.14 8.19 7.18
N ARG A 58 -9.14 8.33 8.05
CA ARG A 58 -10.30 7.41 8.16
C ARG A 58 -11.39 7.79 7.12
N ALA A 59 -11.26 9.00 6.55
CA ALA A 59 -12.24 9.59 5.62
C ALA A 59 -12.28 8.83 4.27
N PRO A 60 -13.38 8.06 3.97
CA PRO A 60 -13.41 7.06 2.87
C PRO A 60 -13.42 7.68 1.45
N GLU A 61 -14.05 8.85 1.31
CA GLU A 61 -14.18 9.54 0.01
C GLU A 61 -12.85 10.19 -0.40
N VAL A 62 -12.01 10.51 0.60
CA VAL A 62 -10.64 11.00 0.39
C VAL A 62 -9.75 9.91 -0.28
N LEU A 63 -10.00 8.64 0.10
CA LEU A 63 -9.25 7.45 -0.41
C LEU A 63 -9.51 7.22 -1.91
N VAL A 64 -10.80 7.17 -2.28
CA VAL A 64 -11.23 6.93 -3.68
C VAL A 64 -10.82 8.11 -4.60
N LYS A 65 -10.81 9.33 -4.02
CA LYS A 65 -10.41 10.56 -4.71
C LYS A 65 -8.88 10.58 -4.93
N PHE A 66 -8.12 9.98 -3.97
CA PHE A 66 -6.65 9.85 -4.09
C PHE A 66 -6.29 8.94 -5.28
N ILE A 67 -7.06 7.85 -5.43
CA ILE A 67 -6.93 6.93 -6.58
C ILE A 67 -7.24 7.67 -7.90
N ASP A 68 -8.30 8.49 -7.85
CA ASP A 68 -8.88 9.18 -9.03
C ASP A 68 -7.95 10.32 -9.55
N VAL A 69 -7.26 11.03 -8.63
CA VAL A 69 -6.30 12.11 -9.02
C VAL A 69 -5.01 11.53 -9.61
N GLY A 70 -4.80 10.21 -9.45
CA GLY A 70 -3.65 9.51 -10.06
C GLY A 70 -2.71 8.92 -9.02
N GLY A 71 -3.13 8.93 -7.73
CA GLY A 71 -2.37 8.26 -6.65
C GLY A 71 -2.20 6.77 -6.89
N TYR A 72 -3.16 6.19 -7.64
CA TYR A 72 -3.08 4.82 -8.18
C TYR A 72 -1.71 4.57 -8.91
N LYS A 73 -1.34 5.53 -9.80
CA LYS A 73 -0.09 5.48 -10.59
C LYS A 73 1.16 5.58 -9.68
N LEU A 74 1.00 6.33 -8.59
CA LEU A 74 2.06 6.56 -7.60
C LEU A 74 2.38 5.27 -6.82
N LEU A 75 1.36 4.51 -6.38
CA LEU A 75 1.56 3.23 -5.65
C LEU A 75 2.32 2.20 -6.54
N ASN A 76 2.05 2.26 -7.86
CA ASN A 76 2.75 1.44 -8.87
C ASN A 76 4.24 1.82 -8.95
N SER A 77 4.49 3.14 -9.04
CA SER A 77 5.84 3.70 -9.25
C SER A 77 6.71 3.56 -7.97
N TRP A 78 6.10 3.74 -6.79
CA TRP A 78 6.78 3.65 -5.49
C TRP A 78 7.20 2.22 -5.19
N LEU A 79 6.35 1.24 -5.57
CA LEU A 79 6.66 -0.20 -5.39
C LEU A 79 7.95 -0.54 -6.16
N THR A 80 7.99 -0.14 -7.45
CA THR A 80 9.13 -0.38 -8.36
C THR A 80 10.41 0.35 -7.86
N TYR A 81 10.25 1.61 -7.42
CA TYR A 81 11.34 2.45 -6.89
C TYR A 81 11.97 1.85 -5.62
N SER A 82 11.10 1.39 -4.71
CA SER A 82 11.52 0.82 -3.42
C SER A 82 12.06 -0.59 -3.60
N LYS A 83 11.79 -1.21 -4.77
CA LYS A 83 12.46 -2.44 -5.20
C LYS A 83 13.83 -2.14 -5.84
N THR A 84 13.96 -0.95 -6.45
CA THR A 84 15.24 -0.49 -7.05
C THR A 84 16.31 -0.29 -5.94
N THR A 85 15.88 0.30 -4.81
CA THR A 85 16.72 0.42 -3.60
C THR A 85 16.55 -0.83 -2.69
N ASN A 86 15.44 -1.57 -2.91
CA ASN A 86 15.08 -2.82 -2.18
C ASN A 86 15.14 -2.64 -0.65
N ASN A 87 14.17 -1.88 -0.10
CA ASN A 87 14.10 -1.56 1.33
C ASN A 87 12.79 -2.11 1.93
N ILE A 88 12.96 -3.04 2.89
CA ILE A 88 11.86 -3.70 3.62
C ILE A 88 10.94 -2.67 4.36
N PRO A 89 11.48 -1.63 5.14
CA PRO A 89 10.61 -0.67 5.89
C PRO A 89 9.80 0.27 4.96
N LEU A 90 10.25 0.42 3.70
CA LEU A 90 9.53 1.24 2.71
C LEU A 90 8.43 0.40 2.03
N LEU A 91 8.81 -0.82 1.59
CA LEU A 91 7.92 -1.77 0.88
C LEU A 91 6.68 -2.13 1.73
N GLN A 92 6.88 -2.28 3.04
CA GLN A 92 5.78 -2.60 3.99
C GLN A 92 4.73 -1.48 3.99
N GLN A 93 5.19 -0.22 3.86
CA GLN A 93 4.34 0.99 3.93
C GLN A 93 3.57 1.19 2.63
N ILE A 94 4.18 0.85 1.49
CA ILE A 94 3.55 0.96 0.16
C ILE A 94 2.34 0.02 0.09
N LEU A 95 2.57 -1.26 0.45
CA LEU A 95 1.52 -2.28 0.45
C LEU A 95 0.47 -1.95 1.53
N LEU A 96 0.93 -1.38 2.66
CA LEU A 96 0.07 -0.97 3.79
C LEU A 96 -0.90 0.15 3.37
N THR A 97 -0.47 1.03 2.44
CA THR A 97 -1.27 2.17 1.96
C THR A 97 -2.27 1.72 0.88
N LEU A 98 -1.88 0.78 0.00
CA LEU A 98 -2.82 0.22 -1.02
C LEU A 98 -3.79 -0.81 -0.40
N GLN A 99 -3.43 -1.31 0.81
CA GLN A 99 -4.33 -2.10 1.67
C GLN A 99 -5.34 -1.16 2.37
N HIS A 100 -4.83 0.01 2.77
CA HIS A 100 -5.62 1.08 3.40
C HIS A 100 -6.73 1.59 2.46
N LEU A 101 -6.35 1.90 1.20
CA LEU A 101 -7.29 2.42 0.18
C LEU A 101 -7.97 1.23 -0.55
N PRO A 102 -9.21 1.43 -1.12
CA PRO A 102 -9.92 0.35 -1.87
C PRO A 102 -9.27 0.06 -3.24
N LEU A 103 -8.19 -0.74 -3.24
CA LEU A 103 -7.54 -1.21 -4.46
C LEU A 103 -8.36 -2.42 -4.99
N THR A 104 -9.23 -2.15 -5.98
CA THR A 104 -10.22 -3.15 -6.49
C THR A 104 -9.52 -4.30 -7.23
N VAL A 105 -10.27 -5.39 -7.51
CA VAL A 105 -9.75 -6.58 -8.24
C VAL A 105 -9.29 -6.20 -9.68
N ASP A 106 -9.80 -5.06 -10.17
CA ASP A 106 -9.39 -4.44 -11.44
C ASP A 106 -8.00 -3.81 -11.27
N HIS A 107 -7.86 -2.95 -10.24
CA HIS A 107 -6.62 -2.17 -9.97
C HIS A 107 -5.41 -3.09 -9.71
N LEU A 108 -5.60 -4.03 -8.75
CA LEU A 108 -4.53 -4.94 -8.29
C LEU A 108 -4.12 -5.93 -9.39
N LYS A 109 -5.01 -6.17 -10.37
CA LYS A 109 -4.73 -7.08 -11.49
C LYS A 109 -4.03 -6.34 -12.63
N GLN A 110 -4.35 -5.04 -12.77
CA GLN A 110 -3.84 -4.18 -13.86
C GLN A 110 -2.30 -4.06 -13.79
N ASN A 111 -1.79 -3.89 -12.56
CA ASN A 111 -0.34 -3.84 -12.27
C ASN A 111 0.19 -5.25 -11.90
N ASN A 112 -0.76 -6.17 -11.66
CA ASN A 112 -0.52 -7.52 -11.09
C ASN A 112 0.19 -7.39 -9.71
N THR A 113 -0.28 -6.39 -8.93
CA THR A 113 0.14 -6.14 -7.55
C THR A 113 -0.17 -7.36 -6.66
N ALA A 114 -1.16 -8.17 -7.10
CA ALA A 114 -1.56 -9.43 -6.46
C ALA A 114 -0.38 -10.40 -6.28
N LYS A 115 0.35 -10.66 -7.38
CA LYS A 115 1.52 -11.57 -7.36
C LYS A 115 2.72 -10.91 -6.62
N LEU A 116 2.81 -9.56 -6.71
CA LEU A 116 3.88 -8.77 -6.09
C LEU A 116 3.84 -8.88 -4.54
N VAL A 117 2.64 -8.74 -3.97
CA VAL A 117 2.42 -8.88 -2.52
C VAL A 117 2.40 -10.37 -2.07
N LYS A 118 1.98 -11.28 -2.98
CA LYS A 118 1.91 -12.75 -2.71
C LYS A 118 3.32 -13.31 -2.42
N GLN A 119 4.28 -12.95 -3.28
CA GLN A 119 5.68 -13.42 -3.18
C GLN A 119 6.35 -12.85 -1.90
N LEU A 120 5.88 -11.68 -1.43
CA LEU A 120 6.34 -11.07 -0.16
C LEU A 120 5.84 -11.86 1.07
N SER A 121 4.72 -12.59 0.91
CA SER A 121 4.13 -13.41 2.00
C SER A 121 4.89 -14.76 2.14
N LYS A 122 5.55 -15.25 1.07
CA LYS A 122 6.23 -16.57 1.07
C LYS A 122 7.78 -16.44 1.06
N SER A 123 8.31 -15.62 0.12
CA SER A 123 9.77 -15.44 -0.12
C SER A 123 10.32 -14.28 0.75
N SER A 124 9.69 -14.09 1.91
CA SER A 124 10.03 -13.06 2.87
C SER A 124 11.36 -13.35 3.59
N GLU A 125 11.91 -12.29 4.19
CA GLU A 125 13.12 -12.38 5.02
C GLU A 125 12.86 -11.78 6.42
N ASP A 126 11.69 -11.12 6.60
CA ASP A 126 11.35 -10.47 7.88
C ASP A 126 9.86 -10.68 8.21
N GLU A 127 9.55 -10.66 9.51
CA GLU A 127 8.19 -10.85 10.04
C GLU A 127 7.27 -9.71 9.61
N GLU A 128 7.77 -8.46 9.74
CA GLU A 128 6.99 -7.22 9.49
C GLU A 128 6.37 -7.20 8.07
N LEU A 129 7.19 -7.54 7.06
CA LEU A 129 6.82 -7.41 5.64
C LEU A 129 5.81 -8.50 5.26
N ARG A 130 6.01 -9.74 5.79
CA ARG A 130 5.16 -10.90 5.45
C ARG A 130 3.86 -10.91 6.25
N LYS A 131 3.87 -10.26 7.43
CA LYS A 131 2.68 -10.16 8.30
C LYS A 131 1.63 -9.27 7.62
N LEU A 132 2.09 -8.09 7.17
CA LEU A 132 1.25 -7.13 6.44
C LEU A 132 0.87 -7.68 5.05
N ALA A 133 1.83 -8.36 4.39
CA ALA A 133 1.63 -8.94 3.05
C ALA A 133 0.55 -10.05 3.07
N SER A 134 0.65 -10.95 4.06
CA SER A 134 -0.24 -12.13 4.17
C SER A 134 -1.71 -11.70 4.37
N VAL A 135 -1.96 -10.83 5.37
CA VAL A 135 -3.33 -10.36 5.70
C VAL A 135 -3.92 -9.54 4.51
N LEU A 136 -3.03 -8.90 3.75
CA LEU A 136 -3.39 -8.13 2.55
C LEU A 136 -3.92 -9.09 1.44
N VAL A 137 -3.14 -10.14 1.13
CA VAL A 137 -3.51 -11.14 0.09
C VAL A 137 -4.78 -11.92 0.53
N SER A 138 -4.89 -12.13 1.87
CA SER A 138 -6.05 -12.81 2.48
C SER A 138 -7.33 -11.98 2.29
N ASP A 139 -7.20 -10.65 2.44
CA ASP A 139 -8.29 -9.68 2.21
C ASP A 139 -8.74 -9.71 0.73
N TRP A 140 -7.75 -9.68 -0.16
CA TRP A 140 -7.98 -9.63 -1.61
C TRP A 140 -8.64 -10.91 -2.13
N MET A 141 -8.19 -12.08 -1.67
CA MET A 141 -8.80 -13.36 -2.09
C MET A 141 -10.18 -13.55 -1.43
N ALA A 142 -10.39 -12.90 -0.27
CA ALA A 142 -11.65 -13.00 0.49
C ALA A 142 -12.78 -12.25 -0.23
N VAL A 143 -12.50 -11.01 -0.67
CA VAL A 143 -13.49 -10.19 -1.41
C VAL A 143 -13.85 -10.88 -2.75
N ILE A 144 -12.87 -11.57 -3.35
CA ILE A 144 -13.07 -12.38 -4.57
C ILE A 144 -13.94 -13.62 -4.25
N ARG A 145 -13.63 -14.28 -3.13
CA ARG A 145 -14.29 -15.55 -2.73
C ARG A 145 -15.78 -15.31 -2.38
N SER A 146 -16.09 -14.06 -1.96
CA SER A 146 -17.46 -13.66 -1.61
C SER A 146 -18.24 -13.12 -2.84
N GLN A 147 -17.58 -12.28 -3.67
CA GLN A 147 -18.23 -11.60 -4.82
C GLN A 147 -18.33 -12.54 -6.04
N SER A 148 -17.19 -13.15 -6.40
CA SER A 148 -17.11 -14.09 -7.55
C SER A 148 -17.56 -15.49 -7.12
N GLY A 149 -17.04 -15.95 -5.98
CA GLY A 149 -17.31 -17.31 -5.46
C GLY A 149 -16.14 -18.24 -5.71
N GLY A 150 -16.17 -19.42 -5.05
CA GLY A 150 -15.15 -20.46 -5.20
C GLY A 150 -14.78 -21.11 -3.87
N GLY A 151 -14.13 -22.29 -3.95
CA GLY A 151 -13.65 -22.98 -2.76
C GLY A 151 -14.75 -23.67 -1.95
N SER A 152 -15.71 -24.29 -2.66
CA SER A 152 -16.81 -25.04 -2.04
C SER A 152 -16.27 -26.33 -1.40
N GLY A 153 -16.03 -26.28 -0.09
CA GLY A 153 -15.41 -27.37 0.68
C GLY A 153 -14.08 -26.92 1.23
N GLY A 154 -14.12 -25.81 2.00
CA GLY A 154 -12.93 -25.25 2.62
C GLY A 154 -12.47 -26.07 3.83
N GLY A 155 -11.20 -25.93 4.19
CA GLY A 155 -10.61 -26.64 5.32
C GLY A 155 -9.16 -26.26 5.54
N SER A 156 -8.44 -27.05 6.34
CA SER A 156 -7.03 -26.81 6.64
C SER A 156 -6.14 -27.62 5.66
N ASP A 157 -6.16 -27.19 4.38
CA ASP A 157 -5.34 -27.76 3.29
C ASP A 157 -5.18 -26.70 2.19
N LEU A 158 -4.04 -26.01 2.21
CA LEU A 158 -3.79 -24.82 1.36
C LEU A 158 -2.34 -24.84 0.83
N ASP A 159 -2.16 -24.34 -0.40
CA ASP A 159 -0.83 -24.21 -1.03
C ASP A 159 -0.77 -22.89 -1.84
N TYR A 160 0.32 -22.71 -2.62
CA TYR A 160 0.59 -21.46 -3.36
C TYR A 160 -0.29 -21.30 -4.61
N ASP A 161 -0.79 -22.42 -5.16
CA ASP A 161 -1.78 -22.40 -6.27
C ASP A 161 -3.17 -22.02 -5.70
N SER A 162 -3.47 -22.53 -4.50
CA SER A 162 -4.75 -22.26 -3.80
C SER A 162 -4.93 -20.75 -3.50
N VAL A 163 -3.82 -20.05 -3.19
CA VAL A 163 -3.85 -18.60 -2.90
C VAL A 163 -3.77 -17.74 -4.18
N GLN A 164 -4.15 -18.33 -5.34
CA GLN A 164 -4.22 -17.63 -6.63
C GLN A 164 -5.62 -17.81 -7.31
N PRO A 165 -6.77 -17.75 -6.55
CA PRO A 165 -8.09 -18.28 -7.03
C PRO A 165 -8.66 -17.50 -8.24
N TYR A 166 -8.24 -16.25 -8.36
CA TYR A 166 -8.59 -15.33 -9.47
C TYR A 166 -7.31 -14.66 -9.99
N PHE A 167 -6.18 -14.89 -9.29
CA PHE A 167 -4.91 -14.22 -9.58
C PHE A 167 -4.11 -14.96 -10.67
N TYR A 168 -4.69 -16.02 -11.28
CA TYR A 168 -4.04 -16.79 -12.36
C TYR A 168 -3.91 -15.91 -13.64
N CYS A 169 -2.74 -15.28 -13.79
CA CYS A 169 -2.40 -14.55 -15.03
C CYS A 169 -1.90 -15.54 -16.08
N ASP A 170 -1.27 -16.60 -15.56
CA ASP A 170 -0.97 -17.84 -16.29
C ASP A 170 -1.77 -18.96 -15.62
N GLU A 171 -2.39 -19.83 -16.43
CA GLU A 171 -3.31 -20.86 -15.94
C GLU A 171 -3.22 -22.10 -16.84
N GLU A 172 -2.57 -23.16 -16.32
CA GLU A 172 -2.40 -24.43 -17.03
C GLU A 172 -3.64 -25.32 -16.85
N GLU A 173 -3.68 -26.41 -17.63
CA GLU A 173 -4.79 -27.38 -17.62
C GLU A 173 -4.50 -28.54 -16.64
N ASN A 174 -3.60 -28.29 -15.67
CA ASN A 174 -3.24 -29.25 -14.62
C ASN A 174 -4.32 -29.20 -13.50
N MET A 1 26.94 25.29 17.22
CA MET A 1 28.08 24.35 17.45
C MET A 1 28.91 24.20 16.15
N GLY A 2 28.19 24.07 15.01
CA GLY A 2 28.82 23.96 13.69
C GLY A 2 27.87 23.39 12.64
N SER A 3 28.14 23.69 11.35
CA SER A 3 27.37 23.16 10.22
C SER A 3 27.81 21.72 9.92
N GLY A 4 26.85 20.79 9.92
CA GLY A 4 27.11 19.38 9.64
C GLY A 4 25.87 18.68 9.12
N PRO A 5 24.92 18.25 10.01
CA PRO A 5 23.66 17.58 9.59
C PRO A 5 22.56 18.60 9.17
N ILE A 6 21.64 18.13 8.32
CA ILE A 6 20.42 18.85 7.92
C ILE A 6 19.23 17.86 7.96
N ASP A 7 18.38 17.99 9.00
CA ASP A 7 17.23 17.08 9.23
C ASP A 7 16.04 17.47 8.33
N PRO A 8 15.67 16.62 7.31
CA PRO A 8 14.57 16.94 6.36
C PRO A 8 13.16 16.71 6.94
N LYS A 9 13.05 15.92 8.03
CA LYS A 9 11.75 15.44 8.57
C LYS A 9 10.82 16.59 8.96
N GLU A 10 11.40 17.66 9.56
CA GLU A 10 10.64 18.84 10.02
C GLU A 10 10.11 19.68 8.83
N LEU A 11 10.79 19.59 7.67
CA LEU A 11 10.37 20.28 6.43
C LEU A 11 9.05 19.66 5.91
N LEU A 12 9.01 18.30 5.89
CA LEU A 12 7.81 17.55 5.43
C LEU A 12 6.70 17.55 6.52
N LYS A 13 7.12 17.79 7.78
CA LYS A 13 6.19 17.97 8.93
C LYS A 13 5.64 19.42 8.94
N GLY A 14 6.35 20.34 8.26
CA GLY A 14 6.06 21.79 8.30
C GLY A 14 4.67 22.20 7.76
N LEU A 15 3.97 21.27 7.09
CA LEU A 15 2.64 21.51 6.48
C LEU A 15 1.55 20.62 7.12
N ASP A 16 1.85 19.98 8.27
CA ASP A 16 0.94 19.01 8.93
C ASP A 16 -0.32 19.70 9.48
N SER A 17 -0.24 21.03 9.67
CA SER A 17 -1.34 21.88 10.13
C SER A 17 -2.46 22.03 9.07
N PHE A 18 -2.14 21.71 7.78
CA PHE A 18 -3.15 21.67 6.69
C PHE A 18 -4.01 20.40 6.77
N LEU A 19 -3.62 19.46 7.66
CA LEU A 19 -4.41 18.28 8.03
C LEU A 19 -4.99 18.52 9.44
N THR A 20 -5.73 17.54 9.98
CA THR A 20 -6.17 17.55 11.39
C THR A 20 -4.95 17.46 12.34
N ARG A 21 -5.17 17.73 13.64
CA ARG A 21 -4.11 17.62 14.67
C ARG A 21 -3.65 16.15 14.84
N ASP A 22 -4.53 15.21 14.45
CA ASP A 22 -4.24 13.76 14.46
C ASP A 22 -3.25 13.41 13.31
N GLY A 23 -3.21 14.27 12.28
CA GLY A 23 -2.34 14.11 11.12
C GLY A 23 -3.00 13.27 10.04
N GLU A 24 -4.31 13.50 9.81
CA GLU A 24 -5.15 12.71 8.89
C GLU A 24 -5.41 13.50 7.59
N VAL A 25 -6.38 14.43 7.67
CA VAL A 25 -6.85 15.21 6.53
C VAL A 25 -7.88 16.23 7.05
N LYS A 26 -7.80 17.48 6.57
CA LYS A 26 -8.76 18.52 6.95
C LYS A 26 -9.93 18.46 5.93
N SER A 27 -9.58 18.51 4.63
CA SER A 27 -10.53 18.42 3.50
C SER A 27 -9.84 17.82 2.26
N VAL A 28 -10.59 17.77 1.13
CA VAL A 28 -10.10 17.26 -0.17
C VAL A 28 -8.91 18.11 -0.71
N ASP A 29 -8.81 19.35 -0.25
CA ASP A 29 -7.64 20.22 -0.50
C ASP A 29 -6.37 19.63 0.15
N GLY A 30 -6.52 19.17 1.40
CA GLY A 30 -5.44 18.62 2.21
C GLY A 30 -4.84 17.35 1.62
N ILE A 31 -5.71 16.40 1.21
CA ILE A 31 -5.28 15.13 0.58
C ILE A 31 -4.58 15.39 -0.77
N ALA A 32 -5.05 16.42 -1.52
CA ALA A 32 -4.55 16.72 -2.88
C ALA A 32 -3.14 17.32 -2.85
N LYS A 33 -2.88 18.23 -1.89
CA LYS A 33 -1.55 18.85 -1.72
C LYS A 33 -0.54 17.84 -1.13
N ILE A 34 -1.05 16.96 -0.25
CA ILE A 34 -0.27 15.83 0.30
C ILE A 34 0.04 14.81 -0.82
N PHE A 35 -0.93 14.59 -1.72
CA PHE A 35 -0.81 13.64 -2.83
C PHE A 35 0.29 14.07 -3.80
N SER A 36 0.25 15.35 -4.19
CA SER A 36 1.22 15.94 -5.12
C SER A 36 2.62 15.93 -4.48
N LEU A 37 2.71 16.23 -3.17
CA LEU A 37 4.00 16.35 -2.46
C LEU A 37 4.63 14.96 -2.22
N MET A 38 3.78 13.94 -1.91
CA MET A 38 4.26 12.56 -1.64
C MET A 38 4.65 11.85 -2.94
N LYS A 39 4.12 12.36 -4.06
CA LYS A 39 4.57 11.97 -5.41
C LYS A 39 5.99 12.55 -5.67
N GLU A 40 6.17 13.85 -5.34
CA GLU A 40 7.45 14.57 -5.51
C GLU A 40 8.51 14.17 -4.47
N ALA A 41 8.04 13.52 -3.37
CA ALA A 41 8.85 13.07 -2.22
C ALA A 41 10.12 12.32 -2.68
N ARG A 42 11.21 13.10 -2.76
CA ARG A 42 12.46 12.72 -3.45
C ARG A 42 13.11 11.46 -2.86
N LYS A 43 13.06 11.35 -1.52
CA LYS A 43 13.68 10.25 -0.76
C LYS A 43 12.64 9.49 0.07
N MET A 44 13.02 8.28 0.52
CA MET A 44 12.10 7.32 1.18
C MET A 44 11.51 7.87 2.50
N VAL A 45 12.31 8.66 3.24
CA VAL A 45 11.91 9.21 4.55
C VAL A 45 10.84 10.30 4.38
N SER A 46 11.00 11.12 3.32
CA SER A 46 10.05 12.18 2.95
C SER A 46 8.69 11.56 2.55
N ARG A 47 8.77 10.42 1.83
CA ARG A 47 7.59 9.70 1.34
C ARG A 47 6.87 8.99 2.51
N CYS A 48 7.67 8.46 3.45
CA CYS A 48 7.19 7.70 4.63
C CYS A 48 6.38 8.60 5.59
N THR A 49 6.76 9.91 5.61
CA THR A 49 6.04 10.96 6.37
C THR A 49 4.56 11.00 5.96
N TYR A 50 4.34 11.15 4.65
CA TYR A 50 2.99 11.29 4.06
C TYR A 50 2.24 9.94 4.04
N LEU A 51 2.98 8.82 3.90
CA LEU A 51 2.38 7.46 3.99
C LEU A 51 1.66 7.29 5.34
N ASN A 52 2.32 7.77 6.42
CA ASN A 52 1.75 7.76 7.79
C ASN A 52 0.46 8.60 7.85
N ILE A 53 0.47 9.78 7.19
CA ILE A 53 -0.67 10.72 7.14
C ILE A 53 -1.93 10.02 6.59
N ILE A 54 -1.71 9.27 5.49
CA ILE A 54 -2.77 8.53 4.78
C ILE A 54 -3.29 7.37 5.67
N LEU A 55 -2.36 6.67 6.33
CA LEU A 55 -2.66 5.53 7.23
C LEU A 55 -3.46 5.97 8.48
N GLN A 56 -3.37 7.26 8.83
CA GLN A 56 -4.12 7.86 9.94
C GLN A 56 -5.49 8.38 9.48
N THR A 57 -5.63 8.65 8.17
CA THR A 57 -6.81 9.33 7.60
C THR A 57 -8.16 8.59 7.89
N ARG A 58 -9.12 9.34 8.49
CA ARG A 58 -10.46 8.83 8.84
C ARG A 58 -11.42 8.87 7.65
N ALA A 59 -11.23 9.84 6.73
CA ALA A 59 -12.21 10.19 5.68
C ALA A 59 -12.03 9.31 4.42
N PRO A 60 -12.93 8.30 4.16
CA PRO A 60 -12.81 7.40 2.99
C PRO A 60 -13.03 8.14 1.64
N GLU A 61 -13.70 9.30 1.71
CA GLU A 61 -13.94 10.20 0.55
C GLU A 61 -12.61 10.63 -0.10
N VAL A 62 -11.62 10.97 0.73
CA VAL A 62 -10.32 11.44 0.24
C VAL A 62 -9.45 10.24 -0.22
N LEU A 63 -9.70 9.04 0.35
CA LEU A 63 -9.01 7.78 -0.06
C LEU A 63 -9.45 7.31 -1.46
N VAL A 64 -10.75 7.45 -1.77
CA VAL A 64 -11.29 7.02 -3.07
C VAL A 64 -10.84 7.98 -4.18
N LYS A 65 -10.79 9.30 -3.87
CA LYS A 65 -10.33 10.31 -4.85
C LYS A 65 -8.80 10.28 -4.97
N PHE A 66 -8.10 9.73 -3.95
CA PHE A 66 -6.63 9.52 -3.99
C PHE A 66 -6.29 8.63 -5.21
N ILE A 67 -7.01 7.49 -5.30
CA ILE A 67 -6.93 6.55 -6.45
C ILE A 67 -7.23 7.28 -7.79
N ASP A 68 -8.33 8.06 -7.77
CA ASP A 68 -8.89 8.76 -8.94
C ASP A 68 -7.89 9.78 -9.57
N VAL A 69 -7.19 10.54 -8.71
CA VAL A 69 -6.29 11.63 -9.16
C VAL A 69 -4.91 11.13 -9.62
N GLY A 70 -4.66 9.80 -9.49
CA GLY A 70 -3.42 9.19 -9.98
C GLY A 70 -2.85 8.14 -9.01
N GLY A 71 -3.44 8.06 -7.80
CA GLY A 71 -3.00 7.13 -6.74
C GLY A 71 -2.99 5.66 -7.16
N TYR A 72 -3.90 5.29 -8.08
CA TYR A 72 -4.01 3.93 -8.64
C TYR A 72 -2.63 3.44 -9.17
N LYS A 73 -2.01 4.24 -10.03
CA LYS A 73 -0.72 3.90 -10.69
C LYS A 73 0.45 4.28 -9.77
N LEU A 74 0.24 5.30 -8.93
CA LEU A 74 1.29 5.89 -8.11
C LEU A 74 1.72 4.91 -6.98
N LEU A 75 0.75 4.19 -6.38
CA LEU A 75 1.00 3.12 -5.38
C LEU A 75 1.80 1.95 -6.02
N ASN A 76 1.42 1.61 -7.26
CA ASN A 76 2.08 0.54 -8.06
C ASN A 76 3.54 0.93 -8.40
N SER A 77 3.74 2.22 -8.69
CA SER A 77 5.04 2.80 -9.05
C SER A 77 5.96 2.87 -7.82
N TRP A 78 5.35 3.15 -6.65
CA TRP A 78 6.07 3.19 -5.35
C TRP A 78 6.55 1.79 -4.95
N LEU A 79 5.82 0.75 -5.38
CA LEU A 79 6.19 -0.65 -5.11
C LEU A 79 7.54 -0.96 -5.80
N THR A 80 7.66 -0.52 -7.08
CA THR A 80 8.91 -0.68 -7.88
C THR A 80 10.05 0.18 -7.28
N TYR A 81 9.71 1.41 -6.91
CA TYR A 81 10.65 2.41 -6.33
C TYR A 81 11.26 1.89 -5.01
N SER A 82 10.40 1.28 -4.17
CA SER A 82 10.78 0.79 -2.83
C SER A 82 11.51 -0.55 -2.91
N LYS A 83 11.13 -1.36 -3.90
CA LYS A 83 11.68 -2.71 -4.15
C LYS A 83 13.20 -2.64 -4.44
N THR A 84 13.55 -1.72 -5.35
CA THR A 84 14.92 -1.60 -5.88
C THR A 84 15.91 -1.06 -4.82
N THR A 85 15.43 -0.17 -3.94
CA THR A 85 16.24 0.38 -2.84
C THR A 85 16.15 -0.52 -1.57
N ASN A 86 15.07 -1.33 -1.50
CA ASN A 86 14.77 -2.28 -0.39
C ASN A 86 14.82 -1.59 1.00
N ASN A 87 13.75 -0.85 1.30
CA ASN A 87 13.53 -0.20 2.60
C ASN A 87 12.26 -0.82 3.23
N ILE A 88 12.47 -1.75 4.17
CA ILE A 88 11.38 -2.51 4.82
C ILE A 88 10.28 -1.59 5.46
N PRO A 89 10.64 -0.48 6.23
CA PRO A 89 9.63 0.46 6.80
C PRO A 89 8.83 1.20 5.69
N LEU A 90 9.40 1.27 4.47
CA LEU A 90 8.75 1.92 3.32
C LEU A 90 7.75 0.95 2.66
N LEU A 91 8.22 -0.29 2.32
CA LEU A 91 7.40 -1.33 1.66
C LEU A 91 6.12 -1.65 2.47
N GLN A 92 6.30 -1.91 3.78
CA GLN A 92 5.20 -2.31 4.68
C GLN A 92 4.11 -1.24 4.77
N GLN A 93 4.52 0.05 4.67
CA GLN A 93 3.58 1.18 4.69
C GLN A 93 2.86 1.34 3.34
N ILE A 94 3.59 1.16 2.22
CA ILE A 94 3.01 1.30 0.84
C ILE A 94 1.90 0.27 0.60
N LEU A 95 2.19 -1.00 0.93
CA LEU A 95 1.22 -2.10 0.77
C LEU A 95 0.04 -1.93 1.77
N LEU A 96 0.33 -1.30 2.92
CA LEU A 96 -0.67 -1.00 3.96
C LEU A 96 -1.53 0.23 3.57
N THR A 97 -0.95 1.14 2.76
CA THR A 97 -1.62 2.37 2.29
C THR A 97 -2.69 2.00 1.25
N LEU A 98 -2.33 1.10 0.32
CA LEU A 98 -3.28 0.59 -0.68
C LEU A 98 -4.29 -0.39 -0.03
N GLN A 99 -3.93 -0.94 1.14
CA GLN A 99 -4.87 -1.76 1.96
C GLN A 99 -5.84 -0.83 2.74
N HIS A 100 -5.35 0.36 3.12
CA HIS A 100 -6.12 1.36 3.91
C HIS A 100 -7.26 1.96 3.05
N LEU A 101 -6.97 2.16 1.75
CA LEU A 101 -7.96 2.63 0.76
C LEU A 101 -8.61 1.42 0.06
N PRO A 102 -9.86 1.57 -0.50
CA PRO A 102 -10.56 0.46 -1.22
C PRO A 102 -9.92 0.12 -2.58
N LEU A 103 -8.84 -0.67 -2.52
CA LEU A 103 -8.09 -1.15 -3.69
C LEU A 103 -8.76 -2.45 -4.21
N THR A 104 -9.54 -2.31 -5.29
CA THR A 104 -10.36 -3.43 -5.83
C THR A 104 -9.51 -4.37 -6.71
N VAL A 105 -10.08 -5.54 -7.05
CA VAL A 105 -9.41 -6.56 -7.90
C VAL A 105 -9.04 -5.98 -9.28
N ASP A 106 -9.92 -5.13 -9.83
CA ASP A 106 -9.70 -4.45 -11.11
C ASP A 106 -8.40 -3.61 -11.08
N HIS A 107 -8.18 -2.91 -9.96
CA HIS A 107 -6.98 -2.06 -9.77
C HIS A 107 -5.70 -2.94 -9.75
N LEU A 108 -5.65 -3.87 -8.80
CA LEU A 108 -4.45 -4.72 -8.54
C LEU A 108 -4.15 -5.71 -9.67
N LYS A 109 -5.15 -6.03 -10.50
CA LYS A 109 -5.01 -7.03 -11.59
C LYS A 109 -4.63 -6.35 -12.92
N GLN A 110 -5.09 -5.10 -13.13
CA GLN A 110 -4.87 -4.36 -14.41
C GLN A 110 -3.36 -4.11 -14.63
N ASN A 111 -2.73 -3.52 -13.61
CA ASN A 111 -1.27 -3.31 -13.56
C ASN A 111 -0.54 -4.55 -12.95
N ASN A 112 -1.34 -5.50 -12.43
CA ASN A 112 -0.87 -6.77 -11.85
C ASN A 112 0.07 -6.54 -10.62
N THR A 113 -0.31 -5.56 -9.76
CA THR A 113 0.37 -5.29 -8.47
C THR A 113 0.24 -6.50 -7.51
N ALA A 114 -0.82 -7.32 -7.74
CA ALA A 114 -1.06 -8.57 -6.99
C ALA A 114 0.16 -9.51 -7.04
N LYS A 115 0.70 -9.68 -8.27
CA LYS A 115 1.93 -10.44 -8.55
C LYS A 115 3.09 -9.94 -7.65
N LEU A 116 3.26 -8.60 -7.64
CA LEU A 116 4.35 -7.92 -6.89
C LEU A 116 4.29 -8.26 -5.40
N VAL A 117 3.07 -8.32 -4.84
CA VAL A 117 2.86 -8.59 -3.41
C VAL A 117 3.03 -10.10 -3.08
N LYS A 118 2.73 -10.98 -4.08
CA LYS A 118 2.84 -12.46 -3.93
C LYS A 118 4.24 -12.90 -3.44
N GLN A 119 5.30 -12.36 -4.08
CA GLN A 119 6.70 -12.72 -3.74
C GLN A 119 7.10 -12.24 -2.33
N LEU A 120 6.54 -11.09 -1.87
CA LEU A 120 6.79 -10.56 -0.51
C LEU A 120 6.12 -11.45 0.55
N SER A 121 4.85 -11.81 0.30
CA SER A 121 4.01 -12.55 1.25
C SER A 121 4.48 -14.01 1.43
N LYS A 122 5.17 -14.55 0.41
CA LYS A 122 5.70 -15.93 0.41
C LYS A 122 6.69 -16.14 1.56
N SER A 123 7.85 -15.46 1.50
CA SER A 123 8.91 -15.59 2.50
C SER A 123 9.99 -14.54 2.25
N SER A 124 9.75 -13.31 2.74
CA SER A 124 10.74 -12.23 2.72
C SER A 124 11.59 -12.28 4.00
N GLU A 125 12.59 -11.38 4.07
CA GLU A 125 13.62 -11.37 5.14
C GLU A 125 13.07 -11.05 6.55
N ASP A 126 11.83 -10.51 6.63
CA ASP A 126 11.20 -10.18 7.93
C ASP A 126 9.73 -10.62 7.92
N GLU A 127 9.25 -11.09 9.09
CA GLU A 127 7.87 -11.57 9.26
C GLU A 127 6.86 -10.41 9.15
N GLU A 128 7.20 -9.24 9.76
CA GLU A 128 6.30 -8.07 9.87
C GLU A 128 5.77 -7.62 8.48
N LEU A 129 6.69 -7.56 7.50
CA LEU A 129 6.39 -7.03 6.16
C LEU A 129 5.59 -8.07 5.34
N ARG A 130 5.95 -9.37 5.48
CA ARG A 130 5.32 -10.45 4.70
C ARG A 130 3.97 -10.86 5.27
N LYS A 131 3.75 -10.65 6.59
CA LYS A 131 2.49 -11.03 7.26
C LYS A 131 1.43 -9.96 6.97
N LEU A 132 1.88 -8.67 6.88
CA LEU A 132 1.03 -7.56 6.39
C LEU A 132 0.66 -7.81 4.91
N ALA A 133 1.66 -8.25 4.12
CA ALA A 133 1.46 -8.60 2.69
C ALA A 133 0.62 -9.89 2.53
N SER A 134 0.67 -10.79 3.54
CA SER A 134 -0.04 -12.09 3.52
C SER A 134 -1.53 -11.86 3.83
N VAL A 135 -1.81 -10.96 4.79
CA VAL A 135 -3.18 -10.52 5.14
C VAL A 135 -3.79 -9.69 3.98
N LEU A 136 -2.92 -8.90 3.33
CA LEU A 136 -3.26 -8.10 2.15
C LEU A 136 -3.76 -9.00 1.00
N VAL A 137 -2.94 -9.99 0.60
CA VAL A 137 -3.34 -10.94 -0.45
C VAL A 137 -4.46 -11.88 0.03
N SER A 138 -4.53 -12.15 1.35
CA SER A 138 -5.59 -13.01 1.94
C SER A 138 -6.97 -12.34 1.81
N ASP A 139 -6.97 -11.01 1.91
CA ASP A 139 -8.16 -10.17 1.70
C ASP A 139 -8.61 -10.25 0.22
N TRP A 140 -7.61 -10.13 -0.66
CA TRP A 140 -7.82 -10.16 -2.12
C TRP A 140 -8.32 -11.53 -2.60
N MET A 141 -7.70 -12.62 -2.14
CA MET A 141 -8.06 -13.98 -2.58
C MET A 141 -9.46 -14.33 -2.07
N ALA A 142 -9.78 -13.86 -0.84
CA ALA A 142 -11.06 -14.12 -0.17
C ALA A 142 -12.23 -13.61 -1.02
N VAL A 143 -12.17 -12.31 -1.41
CA VAL A 143 -13.23 -11.68 -2.22
C VAL A 143 -13.37 -12.37 -3.60
N ILE A 144 -12.24 -12.72 -4.24
CA ILE A 144 -12.25 -13.36 -5.58
C ILE A 144 -12.94 -14.75 -5.54
N ARG A 145 -12.44 -15.64 -4.65
CA ARG A 145 -12.86 -17.05 -4.59
C ARG A 145 -14.29 -17.22 -4.02
N SER A 146 -14.78 -16.18 -3.32
CA SER A 146 -16.16 -16.14 -2.81
C SER A 146 -17.15 -15.66 -3.90
N GLN A 147 -16.80 -14.55 -4.59
CA GLN A 147 -17.67 -13.93 -5.62
C GLN A 147 -17.75 -14.79 -6.89
N SER A 148 -16.66 -15.52 -7.20
CA SER A 148 -16.59 -16.43 -8.36
C SER A 148 -17.59 -17.58 -8.20
N GLY A 149 -17.76 -18.04 -6.95
CA GLY A 149 -18.74 -19.07 -6.62
C GLY A 149 -18.27 -19.95 -5.48
N GLY A 150 -18.24 -19.39 -4.27
CA GLY A 150 -17.82 -20.13 -3.08
C GLY A 150 -17.94 -19.31 -1.81
N GLY A 151 -17.48 -19.91 -0.70
CA GLY A 151 -17.42 -19.25 0.61
C GLY A 151 -16.01 -19.27 1.17
N SER A 152 -15.01 -19.32 0.26
CA SER A 152 -13.57 -19.33 0.60
C SER A 152 -13.19 -20.56 1.46
N GLY A 153 -12.83 -21.67 0.79
CA GLY A 153 -12.45 -22.92 1.45
C GLY A 153 -10.99 -22.90 1.89
N GLY A 154 -10.74 -22.30 3.06
CA GLY A 154 -9.39 -22.22 3.64
C GLY A 154 -9.42 -22.26 5.16
N GLY A 155 -8.31 -21.85 5.79
CA GLY A 155 -8.20 -21.82 7.25
C GLY A 155 -6.84 -21.33 7.70
N SER A 156 -6.31 -21.93 8.77
CA SER A 156 -4.93 -21.67 9.25
C SER A 156 -3.88 -22.32 8.31
N ASP A 157 -4.35 -23.34 7.54
CA ASP A 157 -3.55 -23.98 6.48
C ASP A 157 -3.91 -23.36 5.13
N LEU A 158 -2.88 -23.06 4.32
CA LEU A 158 -3.01 -22.44 2.97
C LEU A 158 -2.27 -23.32 1.94
N ASP A 159 -2.81 -23.39 0.71
CA ASP A 159 -2.15 -24.03 -0.46
C ASP A 159 -1.95 -22.98 -1.54
N TYR A 160 -0.79 -22.98 -2.21
CA TYR A 160 -0.39 -21.94 -3.19
C TYR A 160 -1.33 -21.86 -4.43
N ASP A 161 -2.16 -22.89 -4.64
CA ASP A 161 -3.19 -22.92 -5.72
C ASP A 161 -4.57 -22.51 -5.16
N SER A 162 -4.85 -22.92 -3.91
CA SER A 162 -6.15 -22.65 -3.23
C SER A 162 -6.28 -21.15 -2.90
N VAL A 163 -5.12 -20.53 -2.61
CA VAL A 163 -5.00 -19.10 -2.30
C VAL A 163 -4.72 -18.27 -3.55
N GLN A 164 -4.72 -18.95 -4.70
CA GLN A 164 -4.50 -18.35 -6.02
C GLN A 164 -5.69 -18.71 -6.92
N PRO A 165 -6.90 -18.05 -6.72
CA PRO A 165 -8.07 -18.25 -7.61
C PRO A 165 -7.98 -17.42 -8.92
N TYR A 166 -7.16 -16.35 -8.88
CA TYR A 166 -7.05 -15.37 -9.97
C TYR A 166 -5.74 -14.57 -9.81
N PHE A 167 -4.68 -15.25 -9.36
CA PHE A 167 -3.31 -14.70 -9.29
C PHE A 167 -2.36 -15.50 -10.20
N TYR A 168 -2.93 -16.41 -11.03
CA TYR A 168 -2.18 -17.25 -12.01
C TYR A 168 -1.45 -16.38 -13.05
N CYS A 169 -1.98 -15.18 -13.30
CA CYS A 169 -1.31 -14.14 -14.07
C CYS A 169 -0.15 -13.57 -13.23
N ASP A 170 0.94 -14.35 -13.19
CA ASP A 170 2.14 -14.07 -12.40
C ASP A 170 3.32 -13.89 -13.36
N GLU A 171 3.77 -12.63 -13.50
CA GLU A 171 4.91 -12.25 -14.35
C GLU A 171 6.25 -12.64 -13.70
N GLU A 172 7.35 -12.26 -14.38
CA GLU A 172 8.74 -12.60 -14.02
C GLU A 172 8.95 -14.12 -14.04
N GLU A 173 9.34 -14.62 -15.22
CA GLU A 173 9.54 -16.06 -15.45
C GLU A 173 11.05 -16.29 -15.57
N ASN A 174 11.72 -16.28 -14.40
CA ASN A 174 13.16 -16.45 -14.26
C ASN A 174 13.48 -16.87 -12.81
N MET A 1 33.66 15.73 8.63
CA MET A 1 32.18 15.75 8.58
C MET A 1 31.65 16.38 9.88
N GLY A 2 31.68 17.72 9.94
CA GLY A 2 31.21 18.49 11.11
C GLY A 2 29.71 18.52 11.22
N SER A 3 29.05 18.52 10.06
CA SER A 3 27.60 18.39 9.95
C SER A 3 27.19 16.93 10.24
N GLY A 4 26.28 16.73 11.20
CA GLY A 4 25.88 15.38 11.64
C GLY A 4 24.37 15.26 11.82
N PRO A 5 23.80 15.79 12.95
CA PRO A 5 22.34 15.75 13.20
C PRO A 5 21.59 16.93 12.52
N ILE A 6 21.42 16.83 11.18
CA ILE A 6 20.62 17.80 10.39
C ILE A 6 19.44 17.04 9.74
N ASP A 7 18.27 17.10 10.41
CA ASP A 7 17.06 16.38 9.98
C ASP A 7 16.22 17.25 9.02
N PRO A 8 15.95 16.77 7.77
CA PRO A 8 15.10 17.51 6.81
C PRO A 8 13.58 17.15 6.88
N LYS A 9 13.20 16.07 7.62
CA LYS A 9 11.80 15.53 7.59
C LYS A 9 10.85 16.44 8.41
N GLU A 10 11.37 17.04 9.50
CA GLU A 10 10.57 17.87 10.44
C GLU A 10 9.98 19.13 9.77
N LEU A 11 10.61 19.55 8.67
CA LEU A 11 10.14 20.68 7.84
C LEU A 11 8.78 20.31 7.21
N LEU A 12 8.65 19.04 6.77
CA LEU A 12 7.44 18.50 6.10
C LEU A 12 6.49 17.87 7.12
N LYS A 13 6.99 17.63 8.35
CA LYS A 13 6.14 17.26 9.51
C LYS A 13 5.46 18.52 10.07
N GLY A 14 6.10 19.69 9.87
CA GLY A 14 5.64 20.97 10.40
C GLY A 14 4.29 21.45 9.86
N LEU A 15 3.82 20.83 8.77
CA LEU A 15 2.49 21.12 8.17
C LEU A 15 1.36 20.25 8.79
N ASP A 16 1.63 19.67 9.96
CA ASP A 16 0.63 18.92 10.75
C ASP A 16 -0.59 19.81 11.12
N SER A 17 -0.32 21.11 11.28
CA SER A 17 -1.34 22.15 11.53
C SER A 17 -2.36 22.27 10.36
N PHE A 18 -1.96 21.83 9.15
CA PHE A 18 -2.87 21.77 7.98
C PHE A 18 -3.94 20.68 8.17
N LEU A 19 -3.54 19.55 8.80
CA LEU A 19 -4.45 18.43 9.12
C LEU A 19 -5.26 18.74 10.42
N THR A 20 -6.12 17.78 10.84
CA THR A 20 -6.86 17.88 12.12
C THR A 20 -5.89 17.85 13.33
N ARG A 21 -6.42 18.19 14.53
CA ARG A 21 -5.62 18.23 15.79
C ARG A 21 -5.06 16.83 16.14
N ASP A 22 -5.75 15.80 15.63
CA ASP A 22 -5.34 14.39 15.78
C ASP A 22 -4.30 14.01 14.71
N GLY A 23 -4.36 14.72 13.56
CA GLY A 23 -3.45 14.49 12.44
C GLY A 23 -3.94 13.42 11.48
N GLU A 24 -5.27 13.20 11.46
CA GLU A 24 -5.92 12.18 10.64
C GLU A 24 -5.89 12.60 9.16
N VAL A 25 -6.62 13.70 8.89
CA VAL A 25 -6.78 14.29 7.55
C VAL A 25 -7.54 15.61 7.72
N LYS A 26 -7.21 16.62 6.91
CA LYS A 26 -7.96 17.88 6.92
C LYS A 26 -9.32 17.69 6.22
N SER A 27 -9.26 17.48 4.89
CA SER A 27 -10.44 17.45 4.02
C SER A 27 -10.08 16.77 2.68
N VAL A 28 -11.02 16.80 1.70
CA VAL A 28 -10.86 16.16 0.38
C VAL A 28 -9.83 16.93 -0.51
N ASP A 29 -9.60 18.23 -0.20
CA ASP A 29 -8.54 19.04 -0.86
C ASP A 29 -7.17 18.76 -0.20
N GLY A 30 -7.23 18.31 1.07
CA GLY A 30 -6.05 17.93 1.85
C GLY A 30 -5.21 16.86 1.18
N ILE A 31 -5.88 15.84 0.61
CA ILE A 31 -5.21 14.76 -0.15
C ILE A 31 -4.65 15.27 -1.48
N ALA A 32 -5.32 16.27 -2.08
CA ALA A 32 -4.96 16.79 -3.41
C ALA A 32 -3.59 17.49 -3.36
N LYS A 33 -3.40 18.33 -2.33
CA LYS A 33 -2.13 19.05 -2.11
C LYS A 33 -1.04 18.10 -1.59
N ILE A 34 -1.42 17.14 -0.72
CA ILE A 34 -0.52 16.07 -0.23
C ILE A 34 -0.04 15.19 -1.39
N PHE A 35 -0.94 14.94 -2.35
CA PHE A 35 -0.67 14.14 -3.55
C PHE A 35 0.38 14.85 -4.41
N SER A 36 0.09 16.12 -4.75
CA SER A 36 0.95 16.96 -5.62
C SER A 36 2.38 17.10 -5.03
N LEU A 37 2.45 17.13 -3.68
CA LEU A 37 3.72 17.25 -2.95
C LEU A 37 4.48 15.90 -2.99
N MET A 38 3.79 14.81 -2.61
CA MET A 38 4.39 13.46 -2.48
C MET A 38 4.67 12.80 -3.86
N LYS A 39 4.01 13.33 -4.90
CA LYS A 39 4.11 12.85 -6.31
C LYS A 39 5.55 12.92 -6.84
N GLU A 40 6.36 13.81 -6.25
CA GLU A 40 7.80 13.95 -6.55
C GLU A 40 8.57 12.63 -6.31
N ALA A 41 8.09 11.88 -5.30
CA ALA A 41 8.73 10.67 -4.79
C ALA A 41 10.18 11.00 -4.33
N ARG A 42 11.20 10.28 -4.85
CA ARG A 42 12.64 10.58 -4.65
C ARG A 42 13.08 10.43 -3.18
N LYS A 43 12.77 11.44 -2.35
CA LYS A 43 13.14 11.48 -0.93
C LYS A 43 12.23 10.54 -0.12
N MET A 44 12.75 9.32 0.16
CA MET A 44 12.05 8.24 0.88
C MET A 44 11.30 8.74 2.14
N VAL A 45 12.05 9.38 3.04
CA VAL A 45 11.56 9.74 4.38
C VAL A 45 10.53 10.90 4.30
N SER A 46 10.70 11.76 3.30
CA SER A 46 9.82 12.91 3.06
C SER A 46 8.42 12.44 2.64
N ARG A 47 8.39 11.38 1.80
CA ARG A 47 7.15 10.77 1.29
C ARG A 47 6.51 9.91 2.36
N CYS A 48 7.35 9.30 3.21
CA CYS A 48 6.92 8.44 4.33
C CYS A 48 6.07 9.23 5.34
N THR A 49 6.36 10.55 5.48
CA THR A 49 5.60 11.50 6.32
C THR A 49 4.12 11.56 5.87
N TYR A 50 3.91 11.81 4.57
CA TYR A 50 2.55 11.94 3.98
C TYR A 50 1.88 10.57 3.86
N LEU A 51 2.69 9.54 3.56
CA LEU A 51 2.23 8.14 3.39
C LEU A 51 1.68 7.59 4.72
N ASN A 52 2.23 8.14 5.83
CA ASN A 52 1.76 7.85 7.20
C ASN A 52 0.38 8.51 7.44
N ILE A 53 0.21 9.75 6.92
CA ILE A 53 -1.03 10.52 7.04
C ILE A 53 -2.19 9.85 6.27
N ILE A 54 -1.86 9.19 5.12
CA ILE A 54 -2.86 8.46 4.29
C ILE A 54 -3.49 7.31 5.11
N LEU A 55 -2.64 6.65 5.91
CA LEU A 55 -3.04 5.58 6.84
C LEU A 55 -3.95 6.15 7.95
N GLN A 56 -3.61 7.35 8.43
CA GLN A 56 -4.36 8.06 9.50
C GLN A 56 -5.69 8.64 8.98
N THR A 57 -5.80 8.83 7.64
CA THR A 57 -6.98 9.39 6.99
C THR A 57 -8.21 8.47 7.16
N ARG A 58 -9.25 9.02 7.83
CA ARG A 58 -10.47 8.27 8.21
C ARG A 58 -11.63 8.50 7.22
N ALA A 59 -11.47 9.45 6.28
CA ALA A 59 -12.52 9.80 5.29
C ALA A 59 -12.29 9.00 3.98
N PRO A 60 -13.10 7.91 3.71
CA PRO A 60 -12.86 7.01 2.54
C PRO A 60 -13.04 7.70 1.16
N GLU A 61 -13.79 8.82 1.13
CA GLU A 61 -13.97 9.68 -0.08
C GLU A 61 -12.61 10.22 -0.58
N VAL A 62 -11.73 10.49 0.38
CA VAL A 62 -10.38 11.02 0.19
C VAL A 62 -9.48 9.96 -0.49
N LEU A 63 -9.66 8.69 -0.10
CA LEU A 63 -8.83 7.56 -0.56
C LEU A 63 -9.23 7.12 -1.99
N VAL A 64 -10.55 7.05 -2.25
CA VAL A 64 -11.07 6.65 -3.59
C VAL A 64 -10.68 7.69 -4.65
N LYS A 65 -10.71 8.99 -4.26
CA LYS A 65 -10.37 10.10 -5.17
C LYS A 65 -8.85 10.22 -5.34
N PHE A 66 -8.08 9.73 -4.33
CA PHE A 66 -6.60 9.66 -4.41
C PHE A 66 -6.18 8.72 -5.57
N ILE A 67 -6.89 7.58 -5.68
CA ILE A 67 -6.67 6.61 -6.78
C ILE A 67 -6.89 7.30 -8.16
N ASP A 68 -8.00 8.08 -8.23
CA ASP A 68 -8.44 8.75 -9.46
C ASP A 68 -7.43 9.82 -9.94
N VAL A 69 -6.90 10.63 -9.00
CA VAL A 69 -5.97 11.75 -9.33
C VAL A 69 -4.58 11.24 -9.82
N GLY A 70 -4.31 9.93 -9.60
CA GLY A 70 -3.07 9.29 -10.05
C GLY A 70 -2.32 8.63 -8.90
N GLY A 71 -3.06 8.32 -7.82
CA GLY A 71 -2.49 7.70 -6.62
C GLY A 71 -2.05 6.26 -6.82
N TYR A 72 -2.83 5.51 -7.62
CA TYR A 72 -2.47 4.12 -8.00
C TYR A 72 -1.20 4.12 -8.87
N LYS A 73 -1.07 5.15 -9.75
CA LYS A 73 0.15 5.34 -10.59
C LYS A 73 1.40 5.48 -9.68
N LEU A 74 1.25 6.27 -8.58
CA LEU A 74 2.32 6.47 -7.60
C LEU A 74 2.68 5.14 -6.91
N LEU A 75 1.70 4.50 -6.27
CA LEU A 75 1.89 3.25 -5.48
C LEU A 75 2.50 2.11 -6.32
N ASN A 76 2.11 2.06 -7.61
CA ASN A 76 2.60 1.05 -8.57
C ASN A 76 4.07 1.34 -8.98
N SER A 77 4.39 2.64 -9.16
CA SER A 77 5.73 3.11 -9.53
C SER A 77 6.71 2.97 -8.33
N TRP A 78 6.17 3.18 -7.11
CA TRP A 78 6.95 3.15 -5.85
C TRP A 78 7.28 1.71 -5.47
N LEU A 79 6.49 0.73 -5.99
CA LEU A 79 6.72 -0.70 -5.73
C LEU A 79 8.14 -1.08 -6.19
N THR A 80 8.42 -0.85 -7.50
CA THR A 80 9.70 -1.22 -8.12
C THR A 80 10.85 -0.31 -7.65
N TYR A 81 10.52 0.96 -7.30
CA TYR A 81 11.47 1.95 -6.77
C TYR A 81 12.07 1.46 -5.43
N SER A 82 11.16 1.12 -4.51
CA SER A 82 11.50 0.67 -3.16
C SER A 82 12.06 -0.76 -3.17
N LYS A 83 11.69 -1.54 -4.22
CA LYS A 83 12.10 -2.95 -4.37
C LYS A 83 13.60 -3.05 -4.72
N THR A 84 14.05 -2.21 -5.66
CA THR A 84 15.44 -2.20 -6.16
C THR A 84 16.42 -1.65 -5.10
N THR A 85 15.95 -0.64 -4.34
CA THR A 85 16.68 -0.12 -3.17
C THR A 85 16.53 -1.09 -1.95
N ASN A 86 15.44 -1.88 -1.97
CA ASN A 86 15.09 -2.89 -0.93
C ASN A 86 14.96 -2.23 0.46
N ASN A 87 13.88 -1.46 0.65
CA ASN A 87 13.58 -0.79 1.92
C ASN A 87 12.37 -1.47 2.55
N ILE A 88 12.64 -2.35 3.53
CA ILE A 88 11.65 -3.21 4.20
C ILE A 88 10.42 -2.41 4.76
N PRO A 89 10.61 -1.26 5.54
CA PRO A 89 9.47 -0.48 6.07
C PRO A 89 8.71 0.28 4.95
N LEU A 90 9.41 0.55 3.82
CA LEU A 90 8.84 1.29 2.68
C LEU A 90 7.86 0.37 1.92
N LEU A 91 8.33 -0.85 1.53
CA LEU A 91 7.47 -1.88 0.87
C LEU A 91 6.24 -2.19 1.74
N GLN A 92 6.50 -2.32 3.07
CA GLN A 92 5.46 -2.54 4.08
C GLN A 92 4.39 -1.43 4.03
N GLN A 93 4.84 -0.16 4.09
CA GLN A 93 3.95 1.02 4.02
C GLN A 93 3.18 1.11 2.68
N ILE A 94 3.81 0.72 1.55
CA ILE A 94 3.16 0.77 0.22
C ILE A 94 1.93 -0.17 0.20
N LEU A 95 2.18 -1.45 0.54
CA LEU A 95 1.14 -2.49 0.54
C LEU A 95 0.12 -2.25 1.68
N LEU A 96 0.54 -1.54 2.75
CA LEU A 96 -0.33 -1.20 3.89
C LEU A 96 -1.23 0.00 3.56
N THR A 97 -0.72 0.95 2.74
CA THR A 97 -1.47 2.14 2.32
C THR A 97 -2.62 1.73 1.40
N LEU A 98 -2.31 0.87 0.41
CA LEU A 98 -3.33 0.33 -0.51
C LEU A 98 -4.17 -0.78 0.15
N GLN A 99 -3.72 -1.32 1.30
CA GLN A 99 -4.54 -2.21 2.15
C GLN A 99 -5.64 -1.41 2.87
N HIS A 100 -5.23 -0.25 3.42
CA HIS A 100 -6.13 0.68 4.15
C HIS A 100 -7.07 1.36 3.15
N LEU A 101 -6.55 1.58 1.94
CA LEU A 101 -7.25 2.19 0.82
C LEU A 101 -8.03 1.10 0.05
N PRO A 102 -9.26 1.41 -0.48
CA PRO A 102 -10.04 0.45 -1.32
C PRO A 102 -9.35 0.13 -2.67
N LEU A 103 -8.37 -0.77 -2.62
CA LEU A 103 -7.61 -1.23 -3.79
C LEU A 103 -8.30 -2.50 -4.31
N THR A 104 -9.25 -2.30 -5.23
CA THR A 104 -10.12 -3.38 -5.75
C THR A 104 -9.38 -4.25 -6.79
N VAL A 105 -10.02 -5.37 -7.20
CA VAL A 105 -9.46 -6.33 -8.18
C VAL A 105 -9.07 -5.64 -9.49
N ASP A 106 -9.90 -4.67 -9.91
CA ASP A 106 -9.67 -3.85 -11.11
C ASP A 106 -8.27 -3.19 -11.09
N HIS A 107 -7.93 -2.60 -9.93
CA HIS A 107 -6.66 -1.89 -9.73
C HIS A 107 -5.49 -2.90 -9.71
N LEU A 108 -5.52 -3.86 -8.76
CA LEU A 108 -4.41 -4.83 -8.53
C LEU A 108 -4.16 -5.76 -9.72
N LYS A 109 -5.16 -5.91 -10.61
CA LYS A 109 -5.06 -6.77 -11.82
C LYS A 109 -4.57 -5.96 -13.03
N GLN A 110 -4.86 -4.63 -13.05
CA GLN A 110 -4.51 -3.73 -14.20
C GLN A 110 -3.00 -3.82 -14.55
N ASN A 111 -2.14 -3.83 -13.52
CA ASN A 111 -0.67 -3.98 -13.67
C ASN A 111 -0.16 -5.23 -12.92
N ASN A 112 -1.12 -6.09 -12.51
CA ASN A 112 -0.86 -7.34 -11.74
C ASN A 112 0.06 -7.10 -10.51
N THR A 113 -0.28 -6.03 -9.77
CA THR A 113 0.42 -5.64 -8.52
C THR A 113 0.22 -6.74 -7.43
N ALA A 114 -0.88 -7.50 -7.59
CA ALA A 114 -1.25 -8.62 -6.71
C ALA A 114 -0.17 -9.73 -6.68
N LYS A 115 0.41 -10.00 -7.86
CA LYS A 115 1.57 -10.91 -8.01
C LYS A 115 2.77 -10.47 -7.16
N LEU A 116 3.03 -9.15 -7.15
CA LEU A 116 4.15 -8.54 -6.41
C LEU A 116 3.94 -8.66 -4.88
N VAL A 117 2.67 -8.64 -4.46
CA VAL A 117 2.30 -8.84 -3.04
C VAL A 117 2.49 -10.31 -2.63
N LYS A 118 2.19 -11.25 -3.57
CA LYS A 118 2.34 -12.69 -3.34
C LYS A 118 3.80 -13.07 -3.03
N GLN A 119 4.74 -12.67 -3.92
CA GLN A 119 6.18 -13.01 -3.79
C GLN A 119 6.75 -12.49 -2.44
N LEU A 120 6.24 -11.32 -1.98
CA LEU A 120 6.63 -10.72 -0.69
C LEU A 120 6.11 -11.57 0.50
N SER A 121 4.83 -11.99 0.42
CA SER A 121 4.13 -12.71 1.51
C SER A 121 4.56 -14.20 1.59
N LYS A 122 5.29 -14.71 0.57
CA LYS A 122 5.74 -16.11 0.53
C LYS A 122 6.73 -16.42 1.70
N SER A 123 7.98 -15.94 1.59
CA SER A 123 9.03 -16.17 2.62
C SER A 123 10.14 -15.11 2.50
N SER A 124 9.90 -13.93 3.09
CA SER A 124 10.94 -12.91 3.28
C SER A 124 11.58 -13.08 4.67
N GLU A 125 12.83 -12.59 4.83
CA GLU A 125 13.60 -12.73 6.08
C GLU A 125 13.03 -11.83 7.21
N ASP A 126 12.24 -10.81 6.81
CA ASP A 126 11.55 -9.90 7.74
C ASP A 126 10.08 -10.28 7.84
N GLU A 127 9.58 -10.38 9.09
CA GLU A 127 8.19 -10.70 9.38
C GLU A 127 7.25 -9.58 8.90
N GLU A 128 7.57 -8.33 9.33
CA GLU A 128 6.70 -7.13 9.19
C GLU A 128 6.08 -6.94 7.78
N LEU A 129 6.93 -7.03 6.73
CA LEU A 129 6.52 -6.73 5.34
C LEU A 129 5.57 -7.84 4.82
N ARG A 130 5.94 -9.11 5.09
CA ARG A 130 5.21 -10.29 4.58
C ARG A 130 3.97 -10.59 5.42
N LYS A 131 3.97 -10.12 6.68
CA LYS A 131 2.88 -10.33 7.64
C LYS A 131 1.68 -9.49 7.21
N LEU A 132 1.93 -8.19 6.94
CA LEU A 132 0.90 -7.28 6.40
C LEU A 132 0.56 -7.61 4.93
N ALA A 133 1.52 -8.20 4.19
CA ALA A 133 1.29 -8.67 2.80
C ALA A 133 0.42 -9.94 2.79
N SER A 134 0.50 -10.75 3.87
CA SER A 134 -0.31 -11.97 4.02
C SER A 134 -1.73 -11.60 4.47
N VAL A 135 -1.82 -10.56 5.34
CA VAL A 135 -3.09 -9.90 5.71
C VAL A 135 -3.76 -9.36 4.43
N LEU A 136 -2.94 -8.75 3.57
CA LEU A 136 -3.38 -8.13 2.31
C LEU A 136 -3.88 -9.19 1.31
N VAL A 137 -3.13 -10.31 1.19
CA VAL A 137 -3.55 -11.45 0.35
C VAL A 137 -4.86 -12.06 0.90
N SER A 138 -4.99 -12.09 2.23
CA SER A 138 -6.19 -12.64 2.93
C SER A 138 -7.46 -11.81 2.61
N ASP A 139 -7.38 -10.47 2.69
CA ASP A 139 -8.56 -9.60 2.45
C ASP A 139 -8.86 -9.52 0.94
N TRP A 140 -7.80 -9.57 0.13
CA TRP A 140 -7.93 -9.60 -1.35
C TRP A 140 -8.56 -10.91 -1.84
N MET A 141 -8.11 -12.06 -1.33
CA MET A 141 -8.65 -13.37 -1.76
C MET A 141 -10.08 -13.56 -1.22
N ALA A 142 -10.40 -12.89 -0.10
CA ALA A 142 -11.75 -12.87 0.48
C ALA A 142 -12.72 -12.12 -0.46
N VAL A 143 -12.34 -10.89 -0.86
CA VAL A 143 -13.17 -10.04 -1.74
C VAL A 143 -13.22 -10.59 -3.19
N ILE A 144 -12.14 -11.28 -3.63
CA ILE A 144 -12.11 -11.98 -4.93
C ILE A 144 -13.18 -13.08 -4.94
N ARG A 145 -13.09 -13.98 -3.95
CA ARG A 145 -13.96 -15.16 -3.84
C ARG A 145 -15.40 -14.75 -3.40
N SER A 146 -15.54 -13.53 -2.88
CA SER A 146 -16.85 -12.93 -2.58
C SER A 146 -17.57 -12.55 -3.88
N GLN A 147 -16.84 -11.84 -4.78
CA GLN A 147 -17.36 -11.39 -6.08
C GLN A 147 -17.48 -12.57 -7.08
N SER A 148 -16.63 -13.59 -6.89
CA SER A 148 -16.60 -14.79 -7.74
C SER A 148 -17.65 -15.82 -7.27
N GLY A 149 -17.89 -15.86 -5.94
CA GLY A 149 -18.86 -16.78 -5.35
C GLY A 149 -18.20 -17.98 -4.65
N GLY A 150 -18.23 -17.99 -3.31
CA GLY A 150 -17.67 -19.08 -2.51
C GLY A 150 -18.32 -19.18 -1.13
N GLY A 151 -18.72 -20.40 -0.74
CA GLY A 151 -19.35 -20.67 0.56
C GLY A 151 -18.33 -20.97 1.65
N SER A 152 -18.74 -21.73 2.69
CA SER A 152 -17.87 -22.12 3.80
C SER A 152 -16.86 -23.20 3.34
N GLY A 153 -15.62 -22.76 3.01
CA GLY A 153 -14.59 -23.65 2.50
C GLY A 153 -13.20 -23.17 2.88
N GLY A 154 -12.38 -24.08 3.46
CA GLY A 154 -11.00 -23.77 3.87
C GLY A 154 -10.95 -23.24 5.31
N GLY A 155 -11.27 -24.13 6.27
CA GLY A 155 -11.24 -23.82 7.71
C GLY A 155 -9.81 -23.57 8.20
N SER A 156 -9.06 -24.66 8.41
CA SER A 156 -7.64 -24.61 8.78
C SER A 156 -6.75 -24.99 7.59
N ASP A 157 -7.35 -25.71 6.61
CA ASP A 157 -6.66 -26.12 5.37
C ASP A 157 -6.63 -24.96 4.39
N LEU A 158 -5.42 -24.56 3.99
CA LEU A 158 -5.18 -23.44 3.06
C LEU A 158 -3.96 -23.80 2.20
N ASP A 159 -4.17 -23.97 0.89
CA ASP A 159 -3.14 -24.48 -0.04
C ASP A 159 -2.65 -23.38 -1.00
N TYR A 160 -1.49 -23.65 -1.64
CA TYR A 160 -0.88 -22.73 -2.62
C TYR A 160 -1.72 -22.69 -3.91
N ASP A 161 -2.28 -23.85 -4.29
CA ASP A 161 -3.22 -23.98 -5.45
C ASP A 161 -4.66 -23.64 -4.99
N SER A 162 -4.77 -22.53 -4.24
CA SER A 162 -6.02 -22.05 -3.63
C SER A 162 -5.87 -20.54 -3.33
N VAL A 163 -4.65 -20.15 -2.88
CA VAL A 163 -4.29 -18.73 -2.63
C VAL A 163 -3.82 -18.02 -3.92
N GLN A 164 -4.28 -18.50 -5.10
CA GLN A 164 -3.97 -17.86 -6.40
C GLN A 164 -5.17 -17.99 -7.39
N PRO A 165 -6.41 -17.48 -7.03
CA PRO A 165 -7.59 -17.56 -7.93
C PRO A 165 -7.44 -16.61 -9.14
N TYR A 166 -6.91 -15.40 -8.88
CA TYR A 166 -6.51 -14.43 -9.93
C TYR A 166 -5.05 -13.99 -9.73
N PHE A 167 -4.39 -14.46 -8.65
CA PHE A 167 -2.99 -14.10 -8.36
C PHE A 167 -2.05 -14.99 -9.22
N TYR A 168 -1.95 -14.66 -10.50
CA TYR A 168 -1.11 -15.39 -11.46
C TYR A 168 0.33 -14.83 -11.44
N CYS A 169 1.25 -15.64 -10.90
CA CYS A 169 2.68 -15.35 -10.93
C CYS A 169 3.26 -15.83 -12.26
N ASP A 170 3.93 -14.92 -13.01
CA ASP A 170 4.57 -15.25 -14.29
C ASP A 170 5.81 -16.09 -14.03
N GLU A 171 5.58 -17.40 -13.87
CA GLU A 171 6.63 -18.39 -13.61
C GLU A 171 6.31 -19.64 -14.45
N GLU A 172 7.24 -20.01 -15.33
CA GLU A 172 7.04 -21.03 -16.36
C GLU A 172 7.88 -22.28 -16.04
N GLU A 173 7.19 -23.42 -15.83
CA GLU A 173 7.83 -24.74 -15.65
C GLU A 173 8.11 -25.40 -17.02
N ASN A 174 8.67 -24.60 -17.94
CA ASN A 174 8.82 -24.95 -19.35
C ASN A 174 10.26 -24.62 -19.79
N MET A 1 24.75 17.53 24.15
CA MET A 1 25.79 18.48 23.64
C MET A 1 26.34 17.98 22.29
N GLY A 2 27.16 18.83 21.64
CA GLY A 2 27.76 18.49 20.35
C GLY A 2 27.29 19.42 19.24
N SER A 3 27.22 18.88 18.02
CA SER A 3 26.80 19.62 16.83
C SER A 3 26.14 18.64 15.84
N GLY A 4 24.81 18.45 15.99
CA GLY A 4 24.04 17.57 15.09
C GLY A 4 23.69 18.25 13.76
N PRO A 5 23.34 17.46 12.69
CA PRO A 5 22.99 18.01 11.35
C PRO A 5 21.52 18.49 11.30
N ILE A 6 21.06 18.83 10.08
CA ILE A 6 19.66 19.20 9.83
C ILE A 6 18.74 17.96 9.94
N ASP A 7 17.52 18.16 10.43
CA ASP A 7 16.47 17.11 10.49
C ASP A 7 15.41 17.44 9.42
N PRO A 8 15.56 16.90 8.16
CA PRO A 8 14.69 17.28 7.02
C PRO A 8 13.23 16.79 7.21
N LYS A 9 13.06 15.76 8.08
CA LYS A 9 11.75 15.22 8.45
C LYS A 9 10.85 16.30 9.07
N GLU A 10 11.45 17.17 9.90
CA GLU A 10 10.75 18.28 10.58
C GLU A 10 10.23 19.32 9.56
N LEU A 11 11.05 19.57 8.52
CA LEU A 11 10.73 20.53 7.44
C LEU A 11 9.45 20.07 6.70
N LEU A 12 9.43 18.78 6.30
CA LEU A 12 8.30 18.17 5.57
C LEU A 12 7.10 17.89 6.51
N LYS A 13 7.37 17.79 7.83
CA LYS A 13 6.32 17.61 8.86
C LYS A 13 5.69 18.98 9.23
N GLY A 14 6.36 20.08 8.80
CA GLY A 14 5.88 21.46 8.99
C GLY A 14 4.48 21.73 8.43
N LEU A 15 4.00 20.84 7.52
CA LEU A 15 2.62 20.91 6.96
C LEU A 15 1.54 20.40 7.95
N ASP A 16 1.92 20.21 9.22
CA ASP A 16 0.98 19.85 10.30
C ASP A 16 -0.17 20.88 10.43
N SER A 17 0.14 22.14 10.07
CA SER A 17 -0.81 23.26 10.05
C SER A 17 -1.93 23.05 8.98
N PHE A 18 -1.67 22.20 7.97
CA PHE A 18 -2.64 21.87 6.90
C PHE A 18 -3.56 20.70 7.34
N LEU A 19 -3.19 20.00 8.42
CA LEU A 19 -4.04 18.95 9.04
C LEU A 19 -4.63 19.48 10.35
N THR A 20 -5.56 18.69 10.92
CA THR A 20 -6.19 18.97 12.22
C THR A 20 -5.24 18.61 13.38
N ARG A 21 -5.64 18.99 14.61
CA ARG A 21 -4.98 18.57 15.86
C ARG A 21 -5.05 17.02 16.03
N ASP A 22 -6.05 16.42 15.36
CA ASP A 22 -6.28 14.97 15.35
C ASP A 22 -5.21 14.25 14.51
N GLY A 23 -4.72 14.95 13.47
CA GLY A 23 -3.66 14.45 12.60
C GLY A 23 -4.13 13.36 11.62
N GLU A 24 -5.42 13.42 11.26
CA GLU A 24 -6.06 12.44 10.37
C GLU A 24 -6.19 13.07 8.97
N VAL A 25 -7.08 14.09 8.87
CA VAL A 25 -7.28 14.89 7.66
C VAL A 25 -8.09 16.13 8.06
N LYS A 26 -7.79 17.29 7.43
CA LYS A 26 -8.55 18.53 7.66
C LYS A 26 -9.69 18.58 6.63
N SER A 27 -9.32 18.40 5.35
CA SER A 27 -10.26 18.45 4.21
C SER A 27 -9.81 17.51 3.07
N VAL A 28 -10.72 17.29 2.11
CA VAL A 28 -10.47 16.47 0.90
C VAL A 28 -9.45 17.20 -0.03
N ASP A 29 -9.30 18.52 0.15
CA ASP A 29 -8.23 19.33 -0.52
C ASP A 29 -6.83 18.90 -0.04
N GLY A 30 -6.79 18.46 1.24
CA GLY A 30 -5.56 18.06 1.92
C GLY A 30 -4.82 16.93 1.24
N ILE A 31 -5.56 15.93 0.72
CA ILE A 31 -4.95 14.79 0.01
C ILE A 31 -4.37 15.22 -1.35
N ALA A 32 -4.97 16.23 -2.00
CA ALA A 32 -4.56 16.70 -3.34
C ALA A 32 -3.17 17.37 -3.28
N LYS A 33 -2.99 18.21 -2.26
CA LYS A 33 -1.71 18.93 -2.03
C LYS A 33 -0.64 17.99 -1.44
N ILE A 34 -1.08 17.03 -0.60
CA ILE A 34 -0.21 15.97 -0.06
C ILE A 34 0.22 15.03 -1.20
N PHE A 35 -0.70 14.77 -2.16
CA PHE A 35 -0.48 13.86 -3.30
C PHE A 35 0.67 14.35 -4.16
N SER A 36 0.62 15.65 -4.52
CA SER A 36 1.61 16.28 -5.38
C SER A 36 3.01 16.30 -4.69
N LEU A 37 3.02 16.65 -3.39
CA LEU A 37 4.26 16.77 -2.62
C LEU A 37 4.91 15.39 -2.34
N MET A 38 4.07 14.37 -2.08
CA MET A 38 4.53 12.98 -1.79
C MET A 38 4.91 12.25 -3.10
N LYS A 39 4.29 12.69 -4.23
CA LYS A 39 4.48 12.08 -5.57
C LYS A 39 5.96 12.07 -6.01
N GLU A 40 6.68 13.11 -5.56
CA GLU A 40 8.11 13.27 -5.83
C GLU A 40 8.91 12.03 -5.38
N ALA A 41 8.63 11.61 -4.11
CA ALA A 41 9.21 10.41 -3.47
C ALA A 41 10.77 10.42 -3.47
N ARG A 42 11.34 11.61 -3.72
CA ARG A 42 12.77 11.80 -3.99
C ARG A 42 13.61 11.37 -2.79
N LYS A 43 13.12 11.78 -1.60
CA LYS A 43 13.62 11.30 -0.31
C LYS A 43 12.49 10.51 0.36
N MET A 44 12.60 9.18 0.35
CA MET A 44 11.58 8.24 0.88
C MET A 44 11.37 8.42 2.39
N VAL A 45 12.43 8.85 3.09
CA VAL A 45 12.44 9.04 4.55
C VAL A 45 11.40 10.08 5.00
N SER A 46 11.26 11.16 4.19
CA SER A 46 10.31 12.25 4.47
C SER A 46 8.90 11.87 4.00
N ARG A 47 8.82 11.11 2.88
CA ARG A 47 7.54 10.68 2.27
C ARG A 47 6.83 9.59 3.09
N CYS A 48 7.61 8.78 3.83
CA CYS A 48 7.08 7.67 4.66
C CYS A 48 6.07 8.18 5.73
N THR A 49 6.22 9.46 6.13
CA THR A 49 5.32 10.11 7.10
C THR A 49 3.93 10.33 6.48
N TYR A 50 3.92 10.74 5.19
CA TYR A 50 2.69 11.02 4.42
C TYR A 50 1.81 9.76 4.35
N LEU A 51 2.44 8.62 3.95
CA LEU A 51 1.76 7.30 3.89
C LEU A 51 1.06 6.95 5.23
N ASN A 52 1.70 7.32 6.35
CA ASN A 52 1.18 7.05 7.72
C ASN A 52 -0.07 7.91 8.00
N ILE A 53 -0.05 9.16 7.51
CA ILE A 53 -1.19 10.10 7.65
C ILE A 53 -2.41 9.60 6.85
N ILE A 54 -2.15 9.01 5.66
CA ILE A 54 -3.20 8.47 4.76
C ILE A 54 -3.90 7.25 5.40
N LEU A 55 -3.13 6.50 6.21
CA LEU A 55 -3.65 5.39 7.02
C LEU A 55 -4.59 5.93 8.12
N GLN A 56 -4.19 7.05 8.74
CA GLN A 56 -4.99 7.73 9.78
C GLN A 56 -6.19 8.48 9.16
N THR A 57 -6.14 8.72 7.84
CA THR A 57 -7.27 9.28 7.12
C THR A 57 -8.34 8.18 6.92
N ARG A 58 -9.29 8.15 7.84
CA ARG A 58 -10.42 7.19 7.84
C ARG A 58 -11.61 7.68 6.99
N ALA A 59 -11.48 8.90 6.41
CA ALA A 59 -12.50 9.49 5.51
C ALA A 59 -12.43 8.82 4.12
N PRO A 60 -13.40 7.90 3.78
CA PRO A 60 -13.32 7.05 2.56
C PRO A 60 -13.34 7.86 1.23
N GLU A 61 -13.90 9.09 1.27
CA GLU A 61 -13.92 10.01 0.10
C GLU A 61 -12.50 10.35 -0.35
N VAL A 62 -11.65 10.61 0.65
CA VAL A 62 -10.26 10.99 0.45
C VAL A 62 -9.46 9.84 -0.20
N LEU A 63 -9.81 8.58 0.14
CA LEU A 63 -9.14 7.37 -0.36
C LEU A 63 -9.56 7.03 -1.81
N VAL A 64 -10.88 7.10 -2.09
CA VAL A 64 -11.41 6.78 -3.43
C VAL A 64 -11.01 7.86 -4.46
N LYS A 65 -10.91 9.12 -3.99
CA LYS A 65 -10.50 10.27 -4.82
C LYS A 65 -8.98 10.23 -5.05
N PHE A 66 -8.23 9.59 -4.12
CA PHE A 66 -6.77 9.42 -4.26
C PHE A 66 -6.47 8.52 -5.48
N ILE A 67 -7.29 7.46 -5.66
CA ILE A 67 -7.22 6.59 -6.85
C ILE A 67 -7.54 7.40 -8.13
N ASP A 68 -8.59 8.25 -8.00
CA ASP A 68 -9.13 9.06 -9.11
C ASP A 68 -8.10 10.09 -9.63
N VAL A 69 -7.29 10.66 -8.72
CA VAL A 69 -6.24 11.65 -9.08
C VAL A 69 -4.93 10.97 -9.56
N GLY A 70 -4.95 9.63 -9.71
CA GLY A 70 -3.83 8.85 -10.27
C GLY A 70 -2.93 8.22 -9.21
N GLY A 71 -3.43 8.24 -7.96
CA GLY A 71 -2.69 7.73 -6.79
C GLY A 71 -2.48 6.21 -6.80
N TYR A 72 -3.37 5.47 -7.49
CA TYR A 72 -3.24 4.01 -7.65
C TYR A 72 -1.90 3.67 -8.33
N LYS A 73 -1.65 4.29 -9.51
CA LYS A 73 -0.44 4.00 -10.31
C LYS A 73 0.81 4.53 -9.59
N LEU A 74 0.61 5.61 -8.82
CA LEU A 74 1.67 6.23 -8.02
C LEU A 74 2.20 5.26 -6.93
N LEU A 75 1.28 4.50 -6.29
CA LEU A 75 1.63 3.47 -5.29
C LEU A 75 2.43 2.32 -5.95
N ASN A 76 2.06 1.96 -7.19
CA ASN A 76 2.77 0.92 -7.99
C ASN A 76 4.11 1.44 -8.52
N SER A 77 4.19 2.75 -8.75
CA SER A 77 5.43 3.43 -9.20
C SER A 77 6.42 3.43 -8.02
N TRP A 78 5.88 3.63 -6.80
CA TRP A 78 6.65 3.56 -5.56
C TRP A 78 7.00 2.12 -5.19
N LEU A 79 6.14 1.16 -5.57
CA LEU A 79 6.39 -0.28 -5.32
C LEU A 79 7.66 -0.68 -6.10
N THR A 80 7.75 -0.22 -7.36
CA THR A 80 8.92 -0.40 -8.22
C THR A 80 10.13 0.41 -7.67
N TYR A 81 9.86 1.67 -7.26
CA TYR A 81 10.88 2.61 -6.76
C TYR A 81 11.56 2.10 -5.49
N SER A 82 10.78 1.48 -4.61
CA SER A 82 11.25 0.99 -3.31
C SER A 82 11.96 -0.36 -3.47
N LYS A 83 11.46 -1.18 -4.40
CA LYS A 83 11.98 -2.53 -4.68
C LYS A 83 13.38 -2.46 -5.33
N THR A 84 13.61 -1.46 -6.21
CA THR A 84 14.90 -1.31 -6.94
C THR A 84 16.04 -0.88 -5.98
N THR A 85 15.68 -0.14 -4.92
CA THR A 85 16.61 0.28 -3.85
C THR A 85 16.50 -0.65 -2.61
N ASN A 86 15.51 -1.57 -2.66
CA ASN A 86 15.20 -2.55 -1.58
C ASN A 86 15.05 -1.84 -0.21
N ASN A 87 13.95 -1.10 -0.06
CA ASN A 87 13.62 -0.35 1.17
C ASN A 87 12.45 -1.04 1.88
N ILE A 88 12.79 -2.01 2.74
CA ILE A 88 11.81 -2.85 3.48
C ILE A 88 10.74 -2.02 4.26
N PRO A 89 11.11 -0.95 5.08
CA PRO A 89 10.12 -0.09 5.78
C PRO A 89 9.10 0.56 4.82
N LEU A 90 9.57 0.85 3.60
CA LEU A 90 8.77 1.55 2.58
C LEU A 90 7.85 0.55 1.86
N LEU A 91 8.40 -0.64 1.45
CA LEU A 91 7.65 -1.71 0.74
C LEU A 91 6.32 -2.02 1.47
N GLN A 92 6.46 -2.29 2.77
CA GLN A 92 5.35 -2.72 3.63
C GLN A 92 4.32 -1.58 3.82
N GLN A 93 4.79 -0.32 3.90
CA GLN A 93 3.92 0.87 4.11
C GLN A 93 3.12 1.22 2.85
N ILE A 94 3.72 1.03 1.66
CA ILE A 94 3.07 1.29 0.36
C ILE A 94 1.88 0.33 0.18
N LEU A 95 2.16 -0.98 0.38
CA LEU A 95 1.14 -2.03 0.23
C LEU A 95 0.10 -1.94 1.37
N LEU A 96 0.52 -1.41 2.53
CA LEU A 96 -0.37 -1.16 3.70
C LEU A 96 -1.37 -0.02 3.40
N THR A 97 -0.92 0.98 2.61
CA THR A 97 -1.75 2.14 2.24
C THR A 97 -2.84 1.73 1.23
N LEU A 98 -2.47 0.92 0.21
CA LEU A 98 -3.44 0.38 -0.78
C LEU A 98 -4.30 -0.77 -0.19
N GLN A 99 -3.85 -1.32 0.97
CA GLN A 99 -4.65 -2.26 1.79
C GLN A 99 -5.78 -1.49 2.50
N HIS A 100 -5.42 -0.33 3.08
CA HIS A 100 -6.35 0.56 3.80
C HIS A 100 -7.37 1.18 2.82
N LEU A 101 -6.85 1.52 1.65
CA LEU A 101 -7.58 2.09 0.52
C LEU A 101 -8.33 0.96 -0.24
N PRO A 102 -9.59 1.20 -0.73
CA PRO A 102 -10.38 0.15 -1.43
C PRO A 102 -9.91 -0.08 -2.90
N LEU A 103 -8.79 -0.83 -3.03
CA LEU A 103 -8.18 -1.15 -4.34
C LEU A 103 -8.90 -2.38 -4.95
N THR A 104 -9.49 -2.21 -6.16
CA THR A 104 -10.36 -3.23 -6.80
C THR A 104 -9.53 -4.32 -7.54
N VAL A 105 -10.22 -5.41 -7.97
CA VAL A 105 -9.59 -6.54 -8.68
C VAL A 105 -9.06 -6.14 -10.08
N ASP A 106 -9.62 -5.03 -10.61
CA ASP A 106 -9.18 -4.42 -11.88
C ASP A 106 -7.74 -3.91 -11.75
N HIS A 107 -7.48 -3.20 -10.64
CA HIS A 107 -6.20 -2.54 -10.34
C HIS A 107 -5.05 -3.55 -10.18
N LEU A 108 -5.27 -4.54 -9.29
CA LEU A 108 -4.26 -5.56 -8.94
C LEU A 108 -3.97 -6.53 -10.11
N LYS A 109 -4.81 -6.48 -11.15
CA LYS A 109 -4.60 -7.20 -12.42
C LYS A 109 -3.82 -6.33 -13.42
N GLN A 110 -4.15 -5.02 -13.44
CA GLN A 110 -3.61 -4.07 -14.45
C GLN A 110 -2.08 -3.94 -14.32
N ASN A 111 -1.59 -3.73 -13.08
CA ASN A 111 -0.14 -3.66 -12.78
C ASN A 111 0.36 -4.96 -12.13
N ASN A 112 -0.48 -6.03 -12.23
CA ASN A 112 -0.16 -7.39 -11.70
C ASN A 112 0.15 -7.37 -10.19
N THR A 113 -0.35 -6.33 -9.49
CA THR A 113 -0.04 -6.03 -8.07
C THR A 113 -0.33 -7.23 -7.14
N ALA A 114 -1.26 -8.09 -7.59
CA ALA A 114 -1.64 -9.35 -6.93
C ALA A 114 -0.44 -10.28 -6.70
N LYS A 115 0.33 -10.55 -7.79
CA LYS A 115 1.53 -11.42 -7.70
C LYS A 115 2.71 -10.65 -7.04
N LEU A 116 2.74 -9.30 -7.21
CA LEU A 116 3.77 -8.41 -6.60
C LEU A 116 3.76 -8.52 -5.06
N VAL A 117 2.56 -8.56 -4.47
CA VAL A 117 2.39 -8.62 -3.01
C VAL A 117 2.61 -10.05 -2.46
N LYS A 118 2.02 -11.08 -3.13
CA LYS A 118 2.05 -12.47 -2.60
C LYS A 118 3.44 -13.14 -2.72
N GLN A 119 4.28 -12.64 -3.65
CA GLN A 119 5.67 -13.13 -3.79
C GLN A 119 6.52 -12.73 -2.55
N LEU A 120 6.14 -11.59 -1.91
CA LEU A 120 6.80 -11.07 -0.69
C LEU A 120 6.38 -11.88 0.55
N SER A 121 5.22 -12.57 0.45
CA SER A 121 4.60 -13.33 1.55
C SER A 121 5.22 -14.75 1.71
N LYS A 122 6.32 -15.04 0.97
CA LYS A 122 6.97 -16.37 1.01
C LYS A 122 8.01 -16.44 2.16
N SER A 123 9.17 -15.76 1.96
CA SER A 123 10.31 -15.83 2.89
C SER A 123 11.01 -14.47 2.92
N SER A 124 10.54 -13.61 3.81
CA SER A 124 11.10 -12.28 4.03
C SER A 124 12.16 -12.29 5.16
N GLU A 125 13.20 -11.46 5.00
CA GLU A 125 14.22 -11.22 6.04
C GLU A 125 13.57 -10.51 7.25
N ASP A 126 12.58 -9.66 6.97
CA ASP A 126 11.73 -9.01 8.00
C ASP A 126 10.32 -9.61 7.88
N GLU A 127 9.94 -10.48 8.84
CA GLU A 127 8.63 -11.18 8.83
C GLU A 127 7.44 -10.18 8.86
N GLU A 128 7.71 -8.97 9.37
CA GLU A 128 6.73 -7.87 9.43
C GLU A 128 6.17 -7.52 8.04
N LEU A 129 7.03 -7.44 7.00
CA LEU A 129 6.61 -7.02 5.65
C LEU A 129 5.69 -8.08 5.01
N ARG A 130 5.99 -9.37 5.27
CA ARG A 130 5.22 -10.49 4.71
C ARG A 130 3.90 -10.67 5.50
N LYS A 131 3.90 -10.23 6.78
CA LYS A 131 2.71 -10.24 7.65
C LYS A 131 1.63 -9.29 7.08
N LEU A 132 2.10 -8.09 6.70
CA LEU A 132 1.26 -7.08 6.01
C LEU A 132 0.87 -7.56 4.59
N ALA A 133 1.78 -8.27 3.91
CA ALA A 133 1.58 -8.77 2.54
C ALA A 133 0.51 -9.89 2.49
N SER A 134 0.58 -10.83 3.43
CA SER A 134 -0.31 -12.01 3.48
C SER A 134 -1.76 -11.60 3.79
N VAL A 135 -1.94 -10.68 4.78
CA VAL A 135 -3.28 -10.17 5.17
C VAL A 135 -3.88 -9.30 4.04
N LEU A 136 -3.00 -8.66 3.24
CA LEU A 136 -3.41 -7.90 2.04
C LEU A 136 -4.02 -8.85 1.00
N VAL A 137 -3.31 -9.96 0.70
CA VAL A 137 -3.78 -10.98 -0.24
C VAL A 137 -5.07 -11.63 0.30
N SER A 138 -5.15 -11.77 1.64
CA SER A 138 -6.34 -12.32 2.32
C SER A 138 -7.57 -11.39 2.14
N ASP A 139 -7.31 -10.07 2.15
CA ASP A 139 -8.35 -9.03 1.96
C ASP A 139 -8.91 -9.10 0.52
N TRP A 140 -7.99 -9.15 -0.45
CA TRP A 140 -8.31 -9.22 -1.87
C TRP A 140 -8.99 -10.56 -2.23
N MET A 141 -8.48 -11.68 -1.68
CA MET A 141 -9.00 -13.02 -2.02
C MET A 141 -10.35 -13.27 -1.32
N ALA A 142 -10.63 -12.51 -0.23
CA ALA A 142 -11.91 -12.55 0.47
C ALA A 142 -13.03 -11.99 -0.42
N VAL A 143 -12.80 -10.79 -1.00
CA VAL A 143 -13.77 -10.16 -1.91
C VAL A 143 -13.85 -10.94 -3.24
N ILE A 144 -12.73 -11.59 -3.63
CA ILE A 144 -12.68 -12.50 -4.81
C ILE A 144 -13.50 -13.77 -4.55
N ARG A 145 -13.42 -14.30 -3.32
CA ARG A 145 -14.07 -15.57 -2.92
C ARG A 145 -15.60 -15.45 -2.97
N SER A 146 -16.10 -14.33 -2.43
CA SER A 146 -17.54 -14.00 -2.43
C SER A 146 -18.07 -13.78 -3.85
N GLN A 147 -17.19 -13.24 -4.73
CA GLN A 147 -17.53 -12.93 -6.13
C GLN A 147 -17.24 -14.12 -7.08
N SER A 148 -16.79 -15.28 -6.54
CA SER A 148 -16.54 -16.49 -7.35
C SER A 148 -17.44 -17.65 -6.87
N GLY A 149 -17.18 -18.14 -5.65
CA GLY A 149 -17.87 -19.30 -5.10
C GLY A 149 -16.88 -20.38 -4.62
N GLY A 150 -15.67 -20.37 -5.19
CA GLY A 150 -14.60 -21.29 -4.80
C GLY A 150 -13.53 -20.60 -3.96
N GLY A 151 -12.39 -21.29 -3.78
CA GLY A 151 -11.25 -20.76 -3.01
C GLY A 151 -11.30 -21.13 -1.54
N SER A 152 -12.09 -22.16 -1.20
CA SER A 152 -12.22 -22.65 0.19
C SER A 152 -11.08 -23.63 0.52
N GLY A 153 -9.86 -23.07 0.73
CA GLY A 153 -8.66 -23.85 1.04
C GLY A 153 -8.24 -23.67 2.49
N GLY A 154 -8.10 -24.79 3.22
CA GLY A 154 -7.73 -24.76 4.64
C GLY A 154 -7.46 -26.15 5.20
N GLY A 155 -6.60 -26.21 6.22
CA GLY A 155 -6.17 -27.48 6.83
C GLY A 155 -5.09 -28.18 6.02
N SER A 156 -5.15 -29.52 5.97
CA SER A 156 -4.23 -30.36 5.18
C SER A 156 -4.49 -30.19 3.65
N ASP A 157 -5.69 -29.70 3.32
CA ASP A 157 -6.15 -29.53 1.93
C ASP A 157 -6.14 -28.04 1.55
N LEU A 158 -5.10 -27.63 0.79
CA LEU A 158 -4.94 -26.24 0.30
C LEU A 158 -3.98 -26.26 -0.91
N ASP A 159 -4.48 -25.81 -2.07
CA ASP A 159 -3.70 -25.68 -3.32
C ASP A 159 -3.64 -24.22 -3.77
N TYR A 160 -2.57 -23.88 -4.50
CA TYR A 160 -2.38 -22.54 -5.06
C TYR A 160 -3.44 -22.23 -6.13
N ASP A 161 -3.86 -23.26 -6.88
CA ASP A 161 -4.90 -23.15 -7.92
C ASP A 161 -6.25 -22.74 -7.29
N SER A 162 -6.55 -23.31 -6.09
CA SER A 162 -7.79 -23.03 -5.35
C SER A 162 -7.82 -21.56 -4.87
N VAL A 163 -6.68 -21.11 -4.32
CA VAL A 163 -6.54 -19.76 -3.72
C VAL A 163 -6.21 -18.70 -4.78
N GLN A 164 -6.37 -19.07 -6.07
CA GLN A 164 -6.27 -18.14 -7.22
C GLN A 164 -7.53 -18.26 -8.14
N PRO A 165 -8.78 -17.93 -7.62
CA PRO A 165 -10.02 -17.91 -8.47
C PRO A 165 -9.92 -16.83 -9.58
N TYR A 166 -9.56 -15.60 -9.15
CA TYR A 166 -9.33 -14.46 -10.07
C TYR A 166 -7.83 -14.34 -10.39
N PHE A 167 -6.94 -14.61 -9.39
CA PHE A 167 -5.48 -14.40 -9.53
C PHE A 167 -4.89 -15.22 -10.72
N TYR A 168 -5.49 -16.38 -10.99
CA TYR A 168 -5.22 -17.18 -12.19
C TYR A 168 -6.50 -17.27 -13.05
N CYS A 169 -6.31 -17.43 -14.36
CA CYS A 169 -7.39 -17.54 -15.34
C CYS A 169 -6.95 -18.47 -16.49
N ASP A 170 -7.88 -19.31 -16.99
CA ASP A 170 -7.60 -20.27 -18.09
C ASP A 170 -7.61 -19.55 -19.45
N GLU A 171 -6.52 -18.80 -19.71
CA GLU A 171 -6.29 -18.06 -20.97
C GLU A 171 -4.86 -18.30 -21.44
N GLU A 172 -4.64 -18.16 -22.76
CA GLU A 172 -3.31 -18.31 -23.39
C GLU A 172 -2.74 -19.73 -23.18
N GLU A 173 -2.98 -20.61 -24.16
CA GLU A 173 -2.60 -22.04 -24.09
C GLU A 173 -1.15 -22.22 -24.55
N ASN A 174 -0.24 -21.59 -23.78
CA ASN A 174 1.20 -21.55 -24.06
C ASN A 174 1.93 -21.11 -22.77
N MET A 1 24.01 20.76 24.95
CA MET A 1 23.68 20.40 23.56
C MET A 1 22.53 21.30 23.06
N GLY A 2 22.90 22.45 22.45
CA GLY A 2 21.92 23.37 21.84
C GLY A 2 21.53 22.94 20.44
N SER A 3 22.48 22.31 19.73
CA SER A 3 22.30 21.75 18.38
C SER A 3 22.74 20.28 18.38
N GLY A 4 22.05 19.45 17.58
CA GLY A 4 22.33 18.01 17.53
C GLY A 4 21.92 17.37 16.21
N PRO A 5 21.36 16.12 16.22
CA PRO A 5 20.97 15.40 14.98
C PRO A 5 19.87 16.14 14.17
N ILE A 6 20.28 16.73 13.04
CA ILE A 6 19.37 17.38 12.08
C ILE A 6 18.45 16.31 11.44
N ASP A 7 17.14 16.57 11.44
CA ASP A 7 16.14 15.62 10.93
C ASP A 7 15.47 16.17 9.65
N PRO A 8 15.44 15.38 8.52
CA PRO A 8 14.93 15.86 7.22
C PRO A 8 13.38 15.87 7.11
N LYS A 9 12.69 15.05 7.94
CA LYS A 9 11.22 14.90 7.83
C LYS A 9 10.51 16.12 8.43
N GLU A 10 11.19 16.81 9.38
CA GLU A 10 10.66 18.00 10.08
C GLU A 10 10.22 19.11 9.10
N LEU A 11 11.02 19.27 8.04
CA LEU A 11 10.78 20.28 6.99
C LEU A 11 9.43 20.03 6.30
N LEU A 12 9.06 18.75 6.16
CA LEU A 12 7.80 18.33 5.52
C LEU A 12 6.72 17.94 6.56
N LYS A 13 7.12 17.94 7.85
CA LYS A 13 6.18 17.83 8.99
C LYS A 13 5.45 19.17 9.20
N GLY A 14 6.07 20.27 8.69
CA GLY A 14 5.43 21.60 8.66
C GLY A 14 4.09 21.63 7.89
N LEU A 15 3.76 20.55 7.17
CA LEU A 15 2.48 20.36 6.47
C LEU A 15 1.32 19.97 7.43
N ASP A 16 1.64 19.79 8.74
CA ASP A 16 0.65 19.39 9.80
C ASP A 16 -0.49 20.42 9.93
N SER A 17 -0.18 21.70 9.65
CA SER A 17 -1.16 22.81 9.68
C SER A 17 -2.25 22.68 8.59
N PHE A 18 -2.05 21.75 7.65
CA PHE A 18 -2.99 21.49 6.53
C PHE A 18 -3.79 20.18 6.77
N LEU A 19 -3.58 19.56 7.95
CA LEU A 19 -4.42 18.44 8.45
C LEU A 19 -5.22 18.95 9.68
N THR A 20 -6.13 18.10 10.21
CA THR A 20 -6.91 18.43 11.43
C THR A 20 -6.01 18.45 12.69
N ARG A 21 -6.63 18.78 13.84
CA ARG A 21 -5.99 18.71 15.16
C ARG A 21 -5.51 17.26 15.47
N ASP A 22 -6.20 16.29 14.84
CA ASP A 22 -5.85 14.87 14.90
C ASP A 22 -4.62 14.59 14.02
N GLY A 23 -4.59 15.22 12.84
CA GLY A 23 -3.51 15.02 11.86
C GLY A 23 -3.79 13.88 10.89
N GLU A 24 -5.04 13.37 10.89
CA GLU A 24 -5.48 12.27 10.00
C GLU A 24 -5.69 12.80 8.57
N VAL A 25 -6.58 13.80 8.47
CA VAL A 25 -6.95 14.48 7.22
C VAL A 25 -7.81 15.69 7.55
N LYS A 26 -7.61 16.81 6.84
CA LYS A 26 -8.46 17.99 6.99
C LYS A 26 -9.68 17.89 6.04
N SER A 27 -9.38 17.97 4.74
CA SER A 27 -10.39 17.94 3.67
C SER A 27 -9.82 17.24 2.42
N VAL A 28 -10.65 17.17 1.37
CA VAL A 28 -10.29 16.63 0.05
C VAL A 28 -9.23 17.54 -0.65
N ASP A 29 -9.18 18.80 -0.21
CA ASP A 29 -8.13 19.76 -0.61
C ASP A 29 -6.78 19.35 -0.01
N GLY A 30 -6.84 18.85 1.25
CA GLY A 30 -5.67 18.44 2.01
C GLY A 30 -4.93 17.26 1.37
N ILE A 31 -5.70 16.25 0.91
CA ILE A 31 -5.11 15.06 0.23
C ILE A 31 -4.49 15.46 -1.12
N ALA A 32 -5.07 16.48 -1.81
CA ALA A 32 -4.63 16.86 -3.17
C ALA A 32 -3.27 17.59 -3.15
N LYS A 33 -3.08 18.51 -2.19
CA LYS A 33 -1.79 19.22 -2.03
C LYS A 33 -0.71 18.26 -1.49
N ILE A 34 -1.11 17.38 -0.55
CA ILE A 34 -0.26 16.31 -0.03
C ILE A 34 0.11 15.33 -1.15
N PHE A 35 -0.84 15.09 -2.08
CA PHE A 35 -0.68 14.14 -3.20
C PHE A 35 0.47 14.57 -4.11
N SER A 36 0.40 15.82 -4.58
CA SER A 36 1.36 16.38 -5.55
C SER A 36 2.77 16.48 -4.95
N LEU A 37 2.84 16.68 -3.61
CA LEU A 37 4.12 16.74 -2.87
C LEU A 37 4.72 15.31 -2.71
N MET A 38 3.91 14.39 -2.18
CA MET A 38 4.34 12.99 -1.90
C MET A 38 4.63 12.22 -3.21
N LYS A 39 4.01 12.71 -4.32
CA LYS A 39 4.20 12.15 -5.66
C LYS A 39 5.66 12.27 -6.11
N GLU A 40 6.28 13.41 -5.77
CA GLU A 40 7.70 13.67 -6.07
C GLU A 40 8.59 12.64 -5.38
N ALA A 41 8.20 12.28 -4.13
CA ALA A 41 8.82 11.20 -3.34
C ALA A 41 10.35 11.36 -3.27
N ARG A 42 10.78 12.57 -2.92
CA ARG A 42 12.19 12.96 -2.95
C ARG A 42 13.02 12.18 -1.90
N LYS A 43 12.68 12.37 -0.62
CA LYS A 43 13.38 11.72 0.51
C LYS A 43 12.57 10.51 1.00
N MET A 44 13.28 9.39 1.24
CA MET A 44 12.68 8.07 1.55
C MET A 44 11.90 8.08 2.89
N VAL A 45 12.48 8.77 3.91
CA VAL A 45 11.85 8.87 5.25
C VAL A 45 10.56 9.74 5.17
N SER A 46 10.62 10.74 4.27
CA SER A 46 9.53 11.70 4.06
C SER A 46 8.35 11.05 3.31
N ARG A 47 8.65 10.00 2.50
CA ARG A 47 7.61 9.16 1.88
C ARG A 47 6.79 8.49 2.99
N CYS A 48 7.50 7.78 3.88
CA CYS A 48 6.90 7.06 5.03
C CYS A 48 6.13 8.01 5.96
N THR A 49 6.54 9.30 6.00
CA THR A 49 5.85 10.35 6.77
C THR A 49 4.41 10.57 6.23
N TYR A 50 4.29 10.85 4.91
CA TYR A 50 2.99 11.13 4.26
C TYR A 50 2.13 9.87 4.15
N LEU A 51 2.73 8.76 3.72
CA LEU A 51 2.04 7.43 3.62
C LEU A 51 1.41 7.01 4.97
N ASN A 52 2.06 7.37 6.10
CA ASN A 52 1.56 7.09 7.47
C ASN A 52 0.29 7.92 7.76
N ILE A 53 0.30 9.17 7.29
CA ILE A 53 -0.86 10.09 7.41
C ILE A 53 -2.07 9.53 6.62
N ILE A 54 -1.77 8.98 5.42
CA ILE A 54 -2.79 8.42 4.51
C ILE A 54 -3.31 7.08 5.04
N LEU A 55 -2.43 6.37 5.79
CA LEU A 55 -2.78 5.11 6.46
C LEU A 55 -3.81 5.37 7.59
N GLN A 56 -3.67 6.52 8.28
CA GLN A 56 -4.58 6.92 9.38
C GLN A 56 -5.66 7.92 8.93
N THR A 57 -5.76 8.17 7.61
CA THR A 57 -6.84 9.01 7.04
C THR A 57 -8.20 8.27 7.18
N ARG A 58 -8.97 8.64 8.22
CA ARG A 58 -10.30 8.06 8.51
C ARG A 58 -11.31 8.25 7.35
N ALA A 59 -11.07 9.30 6.53
CA ALA A 59 -11.99 9.74 5.48
C ALA A 59 -11.95 8.82 4.23
N PRO A 60 -13.05 8.06 3.92
CA PRO A 60 -13.07 7.07 2.81
C PRO A 60 -13.13 7.71 1.41
N GLU A 61 -13.91 8.81 1.26
CA GLU A 61 -14.08 9.49 -0.04
C GLU A 61 -12.77 10.19 -0.48
N VAL A 62 -11.94 10.54 0.51
CA VAL A 62 -10.59 11.04 0.30
C VAL A 62 -9.70 9.96 -0.37
N LEU A 63 -9.82 8.69 0.09
CA LEU A 63 -9.04 7.56 -0.46
C LEU A 63 -9.49 7.16 -1.88
N VAL A 64 -10.81 7.15 -2.13
CA VAL A 64 -11.35 6.71 -3.43
C VAL A 64 -10.99 7.70 -4.55
N LYS A 65 -10.95 9.01 -4.24
CA LYS A 65 -10.55 10.03 -5.21
C LYS A 65 -9.03 10.07 -5.36
N PHE A 66 -8.30 9.67 -4.29
CA PHE A 66 -6.83 9.54 -4.31
C PHE A 66 -6.40 8.45 -5.32
N ILE A 67 -7.26 7.44 -5.51
CA ILE A 67 -7.09 6.42 -6.58
C ILE A 67 -7.13 7.10 -7.97
N ASP A 68 -8.21 7.88 -8.18
CA ASP A 68 -8.56 8.47 -9.49
C ASP A 68 -7.54 9.56 -9.94
N VAL A 69 -7.02 10.35 -8.98
CA VAL A 69 -6.07 11.46 -9.28
C VAL A 69 -4.66 10.94 -9.67
N GLY A 70 -4.42 9.62 -9.50
CA GLY A 70 -3.17 8.99 -9.90
C GLY A 70 -2.43 8.31 -8.76
N GLY A 71 -2.99 8.42 -7.53
CA GLY A 71 -2.38 7.79 -6.33
C GLY A 71 -2.30 6.28 -6.41
N TYR A 72 -3.27 5.69 -7.12
CA TYR A 72 -3.28 4.27 -7.51
C TYR A 72 -1.98 3.91 -8.29
N LYS A 73 -1.68 4.73 -9.31
CA LYS A 73 -0.49 4.56 -10.19
C LYS A 73 0.80 4.72 -9.38
N LEU A 74 0.77 5.66 -8.42
CA LEU A 74 1.91 5.98 -7.56
C LEU A 74 2.28 4.80 -6.65
N LEU A 75 1.28 4.21 -5.98
CA LEU A 75 1.50 3.11 -5.01
C LEU A 75 2.04 1.84 -5.69
N ASN A 76 1.66 1.62 -6.96
CA ASN A 76 2.21 0.52 -7.79
C ASN A 76 3.68 0.81 -8.17
N SER A 77 3.92 2.06 -8.59
CA SER A 77 5.25 2.50 -9.06
C SER A 77 6.26 2.54 -7.89
N TRP A 78 5.80 2.98 -6.70
CA TRP A 78 6.63 3.07 -5.48
C TRP A 78 6.93 1.68 -4.94
N LEU A 79 5.98 0.73 -5.13
CA LEU A 79 6.17 -0.68 -4.74
C LEU A 79 7.40 -1.22 -5.50
N THR A 80 7.34 -1.15 -6.85
CA THR A 80 8.40 -1.64 -7.75
C THR A 80 9.74 -0.88 -7.54
N TYR A 81 9.62 0.45 -7.36
CA TYR A 81 10.79 1.37 -7.20
C TYR A 81 11.58 1.05 -5.94
N SER A 82 10.89 0.98 -4.81
CA SER A 82 11.52 0.81 -3.48
C SER A 82 11.90 -0.66 -3.24
N LYS A 83 11.26 -1.60 -3.99
CA LYS A 83 11.51 -3.07 -3.87
C LYS A 83 12.93 -3.42 -4.34
N THR A 84 13.50 -2.58 -5.23
CA THR A 84 14.87 -2.77 -5.76
C THR A 84 15.91 -2.79 -4.62
N THR A 85 15.71 -1.92 -3.63
CA THR A 85 16.49 -1.90 -2.37
C THR A 85 15.81 -2.76 -1.29
N ASN A 86 14.47 -2.90 -1.42
CA ASN A 86 13.58 -3.66 -0.50
C ASN A 86 13.68 -3.11 0.94
N ASN A 87 13.67 -1.77 1.03
CA ASN A 87 13.74 -1.03 2.30
C ASN A 87 12.50 -1.35 3.15
N ILE A 88 12.70 -2.08 4.27
CA ILE A 88 11.60 -2.53 5.14
C ILE A 88 10.67 -1.34 5.58
N PRO A 89 11.21 -0.16 6.11
CA PRO A 89 10.36 1.02 6.50
C PRO A 89 9.55 1.60 5.32
N LEU A 90 10.04 1.41 4.08
CA LEU A 90 9.38 1.91 2.87
C LEU A 90 8.23 0.98 2.46
N LEU A 91 8.59 -0.27 2.12
CA LEU A 91 7.67 -1.27 1.53
C LEU A 91 6.49 -1.56 2.46
N GLN A 92 6.77 -1.56 3.79
CA GLN A 92 5.75 -1.83 4.83
C GLN A 92 4.61 -0.80 4.77
N GLN A 93 4.95 0.47 4.49
CA GLN A 93 3.97 1.57 4.38
C GLN A 93 3.28 1.56 3.02
N ILE A 94 4.00 1.19 1.94
CA ILE A 94 3.48 1.24 0.55
C ILE A 94 2.28 0.29 0.38
N LEU A 95 2.44 -0.99 0.79
CA LEU A 95 1.35 -1.98 0.65
C LEU A 95 0.23 -1.69 1.66
N LEU A 96 0.57 -1.05 2.81
CA LEU A 96 -0.42 -0.64 3.84
C LEU A 96 -1.28 0.54 3.36
N THR A 97 -0.70 1.43 2.54
CA THR A 97 -1.42 2.61 2.02
C THR A 97 -2.50 2.17 1.03
N LEU A 98 -2.16 1.23 0.13
CA LEU A 98 -3.13 0.64 -0.84
C LEU A 98 -4.04 -0.42 -0.18
N GLN A 99 -3.64 -0.92 1.01
CA GLN A 99 -4.48 -1.81 1.85
C GLN A 99 -5.60 -0.98 2.53
N HIS A 100 -5.22 0.21 3.02
CA HIS A 100 -6.16 1.15 3.67
C HIS A 100 -7.10 1.75 2.61
N LEU A 101 -6.50 2.06 1.46
CA LEU A 101 -7.19 2.46 0.24
C LEU A 101 -8.05 1.27 -0.26
N PRO A 102 -9.32 1.51 -0.73
CA PRO A 102 -10.19 0.44 -1.27
C PRO A 102 -9.71 -0.04 -2.67
N LEU A 103 -8.68 -0.90 -2.65
CA LEU A 103 -8.08 -1.49 -3.86
C LEU A 103 -8.90 -2.72 -4.26
N THR A 104 -9.72 -2.57 -5.31
CA THR A 104 -10.59 -3.66 -5.81
C THR A 104 -9.77 -4.72 -6.57
N VAL A 105 -10.43 -5.85 -6.92
CA VAL A 105 -9.83 -6.88 -7.80
C VAL A 105 -9.46 -6.26 -9.16
N ASP A 106 -10.35 -5.39 -9.65
CA ASP A 106 -10.15 -4.60 -10.87
C ASP A 106 -8.82 -3.79 -10.80
N HIS A 107 -8.59 -3.13 -9.66
CA HIS A 107 -7.38 -2.31 -9.44
C HIS A 107 -6.09 -3.16 -9.40
N LEU A 108 -6.03 -4.15 -8.49
CA LEU A 108 -4.82 -5.00 -8.29
C LEU A 108 -4.47 -5.80 -9.57
N LYS A 109 -5.45 -5.99 -10.47
CA LYS A 109 -5.25 -6.68 -11.76
C LYS A 109 -4.76 -5.74 -12.86
N GLN A 110 -5.25 -4.48 -12.83
CA GLN A 110 -5.00 -3.50 -13.92
C GLN A 110 -3.50 -3.13 -14.02
N ASN A 111 -2.86 -2.92 -12.87
CA ASN A 111 -1.38 -2.67 -12.80
C ASN A 111 -0.63 -3.94 -12.37
N ASN A 112 -1.33 -5.10 -12.41
CA ASN A 112 -0.75 -6.46 -12.12
C ASN A 112 -0.12 -6.54 -10.70
N THR A 113 -0.60 -5.65 -9.81
CA THR A 113 -0.09 -5.48 -8.43
C THR A 113 -0.28 -6.75 -7.58
N ALA A 114 -1.26 -7.59 -8.00
CA ALA A 114 -1.52 -8.92 -7.42
C ALA A 114 -0.25 -9.77 -7.38
N LYS A 115 0.41 -9.86 -8.54
CA LYS A 115 1.65 -10.63 -8.73
C LYS A 115 2.83 -10.07 -7.91
N LEU A 116 2.87 -8.73 -7.77
CA LEU A 116 3.94 -8.00 -7.05
C LEU A 116 3.96 -8.39 -5.55
N VAL A 117 2.79 -8.30 -4.91
CA VAL A 117 2.63 -8.58 -3.47
C VAL A 117 2.57 -10.10 -3.20
N LYS A 118 2.09 -10.87 -4.20
CA LYS A 118 2.00 -12.35 -4.16
C LYS A 118 3.35 -12.98 -3.76
N GLN A 119 4.45 -12.46 -4.34
CA GLN A 119 5.79 -12.97 -4.06
C GLN A 119 6.29 -12.46 -2.68
N LEU A 120 5.90 -11.22 -2.29
CA LEU A 120 6.40 -10.56 -1.06
C LEU A 120 6.00 -11.35 0.22
N SER A 121 4.81 -11.95 0.20
CA SER A 121 4.26 -12.72 1.35
C SER A 121 5.04 -14.04 1.59
N LYS A 122 5.88 -14.45 0.62
CA LYS A 122 6.76 -15.63 0.75
C LYS A 122 8.26 -15.26 0.58
N SER A 123 8.55 -14.02 0.11
CA SER A 123 9.94 -13.52 -0.11
C SER A 123 10.44 -12.82 1.17
N SER A 124 10.23 -13.51 2.29
CA SER A 124 10.47 -12.99 3.62
C SER A 124 11.94 -13.09 4.04
N GLU A 125 12.68 -12.01 3.83
CA GLU A 125 13.96 -11.78 4.51
C GLU A 125 13.69 -11.30 5.96
N ASP A 126 12.48 -10.74 6.16
CA ASP A 126 12.01 -10.19 7.44
C ASP A 126 10.56 -10.66 7.66
N GLU A 127 10.13 -10.69 8.94
CA GLU A 127 8.77 -11.12 9.30
C GLU A 127 7.72 -10.10 8.85
N GLU A 128 7.93 -8.83 9.24
CA GLU A 128 6.88 -7.78 9.14
C GLU A 128 6.46 -7.50 7.70
N LEU A 129 7.40 -7.66 6.73
CA LEU A 129 7.10 -7.44 5.31
C LEU A 129 6.10 -8.50 4.80
N ARG A 130 6.34 -9.78 5.18
CA ARG A 130 5.49 -10.91 4.72
C ARG A 130 4.16 -10.92 5.49
N LYS A 131 4.22 -10.41 6.74
CA LYS A 131 3.10 -10.42 7.69
C LYS A 131 2.01 -9.43 7.27
N LEU A 132 2.45 -8.23 6.84
CA LEU A 132 1.55 -7.19 6.31
C LEU A 132 1.04 -7.58 4.91
N ALA A 133 1.96 -8.13 4.09
CA ALA A 133 1.64 -8.62 2.73
C ALA A 133 0.66 -9.81 2.80
N SER A 134 0.73 -10.59 3.89
CA SER A 134 -0.20 -11.71 4.14
C SER A 134 -1.62 -11.20 4.39
N VAL A 135 -1.74 -10.12 5.20
CA VAL A 135 -3.04 -9.47 5.50
C VAL A 135 -3.66 -8.91 4.21
N LEU A 136 -2.80 -8.32 3.37
CA LEU A 136 -3.21 -7.69 2.10
C LEU A 136 -3.69 -8.74 1.07
N VAL A 137 -2.88 -9.80 0.87
CA VAL A 137 -3.23 -10.91 -0.05
C VAL A 137 -4.46 -11.69 0.49
N SER A 138 -4.64 -11.70 1.83
CA SER A 138 -5.81 -12.31 2.49
C SER A 138 -7.08 -11.49 2.20
N ASP A 139 -6.92 -10.15 2.20
CA ASP A 139 -7.99 -9.19 1.86
C ASP A 139 -8.37 -9.34 0.37
N TRP A 140 -7.33 -9.52 -0.45
CA TRP A 140 -7.47 -9.66 -1.91
C TRP A 140 -8.16 -10.98 -2.27
N MET A 141 -7.70 -12.09 -1.70
CA MET A 141 -8.27 -13.43 -1.98
C MET A 141 -9.72 -13.50 -1.46
N ALA A 142 -10.01 -12.72 -0.38
CA ALA A 142 -11.34 -12.65 0.23
C ALA A 142 -12.36 -12.05 -0.74
N VAL A 143 -12.04 -10.87 -1.30
CA VAL A 143 -12.94 -10.16 -2.23
C VAL A 143 -13.03 -10.89 -3.59
N ILE A 144 -11.93 -11.57 -3.99
CA ILE A 144 -11.89 -12.42 -5.22
C ILE A 144 -12.90 -13.58 -5.09
N ARG A 145 -12.74 -14.38 -4.01
CA ARG A 145 -13.54 -15.60 -3.79
C ARG A 145 -14.99 -15.24 -3.39
N SER A 146 -15.19 -14.00 -2.88
CA SER A 146 -16.52 -13.46 -2.56
C SER A 146 -17.35 -13.31 -3.85
N GLN A 147 -16.70 -12.80 -4.91
CA GLN A 147 -17.32 -12.61 -6.24
C GLN A 147 -17.47 -13.96 -6.96
N SER A 148 -16.42 -14.80 -6.88
CA SER A 148 -16.26 -15.97 -7.75
C SER A 148 -15.87 -17.23 -6.94
N GLY A 149 -16.80 -18.20 -6.87
CA GLY A 149 -16.53 -19.53 -6.29
C GLY A 149 -16.64 -19.55 -4.77
N GLY A 150 -15.63 -18.99 -4.09
CA GLY A 150 -15.53 -19.05 -2.62
C GLY A 150 -14.79 -20.29 -2.17
N GLY A 151 -15.52 -21.42 -2.06
CA GLY A 151 -14.96 -22.70 -1.64
C GLY A 151 -14.85 -22.84 -0.13
N SER A 152 -14.64 -24.08 0.34
CA SER A 152 -14.40 -24.38 1.76
C SER A 152 -12.89 -24.31 2.07
N GLY A 153 -12.57 -23.90 3.29
CA GLY A 153 -11.19 -23.74 3.73
C GLY A 153 -11.14 -23.23 5.18
N GLY A 154 -10.42 -23.96 6.05
CA GLY A 154 -10.31 -23.58 7.47
C GLY A 154 -9.51 -24.60 8.27
N GLY A 155 -8.20 -24.35 8.42
CA GLY A 155 -7.32 -25.20 9.21
C GLY A 155 -5.96 -24.57 9.45
N SER A 156 -5.15 -25.19 10.34
CA SER A 156 -3.74 -24.78 10.56
C SER A 156 -2.89 -25.10 9.31
N ASP A 157 -3.36 -26.12 8.56
CA ASP A 157 -2.83 -26.46 7.24
C ASP A 157 -3.43 -25.50 6.19
N LEU A 158 -2.57 -24.88 5.38
CA LEU A 158 -2.99 -23.95 4.32
C LEU A 158 -1.91 -23.92 3.23
N ASP A 159 -2.27 -24.33 2.00
CA ASP A 159 -1.34 -24.42 0.86
C ASP A 159 -1.48 -23.17 -0.02
N TYR A 160 -0.42 -22.89 -0.81
CA TYR A 160 -0.38 -21.77 -1.77
C TYR A 160 -1.47 -21.94 -2.85
N ASP A 161 -1.61 -23.19 -3.35
CA ASP A 161 -2.61 -23.57 -4.38
C ASP A 161 -4.04 -23.09 -3.98
N SER A 162 -4.38 -23.33 -2.71
CA SER A 162 -5.71 -23.04 -2.15
C SER A 162 -5.97 -21.51 -2.06
N VAL A 163 -4.90 -20.73 -1.81
CA VAL A 163 -5.01 -19.25 -1.65
C VAL A 163 -4.68 -18.51 -2.95
N GLN A 164 -4.73 -19.22 -4.10
CA GLN A 164 -4.50 -18.64 -5.44
C GLN A 164 -5.73 -18.85 -6.37
N PRO A 165 -6.92 -18.21 -6.07
CA PRO A 165 -8.11 -18.32 -6.95
C PRO A 165 -7.90 -17.58 -8.29
N TYR A 166 -7.61 -16.27 -8.24
CA TYR A 166 -7.22 -15.49 -9.44
C TYR A 166 -5.70 -15.29 -9.51
N PHE A 167 -4.96 -15.64 -8.43
CA PHE A 167 -3.50 -15.48 -8.39
C PHE A 167 -2.80 -16.56 -9.24
N TYR A 168 -3.46 -17.73 -9.39
CA TYR A 168 -2.99 -18.79 -10.33
C TYR A 168 -3.26 -18.37 -11.78
N CYS A 169 -4.45 -17.78 -11.98
CA CYS A 169 -4.91 -17.28 -13.29
C CYS A 169 -4.20 -15.96 -13.68
N ASP A 170 -3.52 -15.33 -12.71
CA ASP A 170 -2.82 -14.04 -12.87
C ASP A 170 -1.58 -14.19 -13.77
N GLU A 171 -1.02 -15.41 -13.81
CA GLU A 171 0.21 -15.73 -14.54
C GLU A 171 -0.07 -15.92 -16.05
N GLU A 172 -0.46 -14.82 -16.70
CA GLU A 172 -0.63 -14.73 -18.15
C GLU A 172 0.68 -14.25 -18.76
N GLU A 173 1.05 -14.81 -19.93
CA GLU A 173 2.35 -14.57 -20.56
C GLU A 173 2.28 -13.28 -21.40
N ASN A 174 2.22 -12.16 -20.67
CA ASN A 174 2.13 -10.80 -21.24
C ASN A 174 3.28 -9.95 -20.68
N MET A 1 30.41 28.40 16.02
CA MET A 1 30.13 27.76 17.32
C MET A 1 28.85 26.91 17.20
N GLY A 2 29.03 25.58 17.16
CA GLY A 2 27.90 24.63 17.08
C GLY A 2 27.28 24.52 15.68
N SER A 3 26.35 23.56 15.53
CA SER A 3 25.61 23.32 14.28
C SER A 3 24.40 22.40 14.57
N GLY A 4 24.70 21.21 15.13
CA GLY A 4 23.68 20.18 15.40
C GLY A 4 23.48 19.22 14.22
N PRO A 5 22.76 18.07 14.41
CA PRO A 5 22.54 17.07 13.35
C PRO A 5 21.46 17.50 12.33
N ILE A 6 21.74 17.28 11.03
CA ILE A 6 20.82 17.66 9.94
C ILE A 6 19.64 16.66 9.82
N ASP A 7 18.51 17.01 10.46
CA ASP A 7 17.30 16.15 10.49
C ASP A 7 16.31 16.59 9.39
N PRO A 8 15.88 15.68 8.46
CA PRO A 8 14.85 16.00 7.44
C PRO A 8 13.40 15.66 7.88
N LYS A 9 13.24 14.91 8.99
CA LYS A 9 11.93 14.37 9.41
C LYS A 9 10.97 15.50 9.80
N GLU A 10 11.49 16.43 10.62
CA GLU A 10 10.70 17.56 11.17
C GLU A 10 10.14 18.47 10.06
N LEU A 11 10.83 18.51 8.92
CA LEU A 11 10.46 19.35 7.77
C LEU A 11 9.14 18.85 7.13
N LEU A 12 9.09 17.54 6.82
CA LEU A 12 7.94 16.91 6.12
C LEU A 12 6.80 16.58 7.10
N LYS A 13 7.17 16.17 8.32
CA LYS A 13 6.21 15.86 9.42
C LYS A 13 5.63 17.17 10.00
N GLY A 14 6.33 18.29 9.76
CA GLY A 14 5.85 19.63 10.14
C GLY A 14 4.64 20.11 9.33
N LEU A 15 4.27 19.34 8.29
CA LEU A 15 3.08 19.60 7.47
C LEU A 15 1.78 19.19 8.24
N ASP A 16 1.92 18.59 9.42
CA ASP A 16 0.77 18.21 10.30
C ASP A 16 -0.07 19.44 10.73
N SER A 17 0.54 20.64 10.67
CA SER A 17 -0.12 21.92 10.96
C SER A 17 -1.10 22.35 9.84
N PHE A 18 -0.99 21.72 8.66
CA PHE A 18 -1.94 21.92 7.54
C PHE A 18 -3.18 21.01 7.70
N LEU A 19 -3.16 20.15 8.73
CA LEU A 19 -4.24 19.20 9.04
C LEU A 19 -5.00 19.66 10.29
N THR A 20 -6.06 18.93 10.67
CA THR A 20 -6.86 19.23 11.87
C THR A 20 -6.04 19.07 13.18
N ARG A 21 -6.63 19.56 14.29
CA ARG A 21 -6.13 19.33 15.67
C ARG A 21 -5.92 17.82 15.93
N ASP A 22 -6.79 17.01 15.30
CA ASP A 22 -6.75 15.56 15.35
C ASP A 22 -5.50 15.05 14.60
N GLY A 23 -5.37 15.42 13.32
CA GLY A 23 -4.17 15.14 12.52
C GLY A 23 -4.38 14.12 11.39
N GLU A 24 -5.61 13.60 11.23
CA GLU A 24 -5.96 12.68 10.13
C GLU A 24 -5.84 13.40 8.78
N VAL A 25 -6.65 14.46 8.64
CA VAL A 25 -6.76 15.28 7.42
C VAL A 25 -7.64 16.50 7.71
N LYS A 26 -7.39 17.64 7.03
CA LYS A 26 -8.22 18.85 7.18
C LYS A 26 -9.47 18.74 6.28
N SER A 27 -9.22 18.60 4.97
CA SER A 27 -10.29 18.52 3.94
C SER A 27 -9.85 17.56 2.81
N VAL A 28 -10.74 17.36 1.82
CA VAL A 28 -10.48 16.48 0.66
C VAL A 28 -9.42 17.11 -0.27
N ASP A 29 -9.29 18.45 -0.21
CA ASP A 29 -8.19 19.21 -0.89
C ASP A 29 -6.81 18.81 -0.33
N GLY A 30 -6.81 18.34 0.93
CA GLY A 30 -5.60 17.91 1.64
C GLY A 30 -4.87 16.76 0.95
N ILE A 31 -5.63 15.85 0.29
CA ILE A 31 -5.04 14.70 -0.41
C ILE A 31 -4.41 15.13 -1.74
N ALA A 32 -4.95 16.19 -2.38
CA ALA A 32 -4.53 16.65 -3.72
C ALA A 32 -3.20 17.41 -3.65
N LYS A 33 -3.01 18.19 -2.58
CA LYS A 33 -1.74 18.89 -2.35
C LYS A 33 -0.65 17.89 -1.90
N ILE A 34 -1.06 16.90 -1.10
CA ILE A 34 -0.18 15.78 -0.67
C ILE A 34 0.15 14.89 -1.87
N PHE A 35 -0.81 14.78 -2.80
CA PHE A 35 -0.65 14.01 -4.04
C PHE A 35 0.51 14.62 -4.83
N SER A 36 0.37 15.92 -5.15
CA SER A 36 1.34 16.69 -5.96
C SER A 36 2.74 16.77 -5.30
N LEU A 37 2.76 16.85 -3.96
CA LEU A 37 4.01 17.02 -3.16
C LEU A 37 4.77 15.67 -3.11
N MET A 38 4.09 14.63 -2.61
CA MET A 38 4.68 13.30 -2.35
C MET A 38 4.89 12.48 -3.66
N LYS A 39 4.14 12.87 -4.72
CA LYS A 39 4.14 12.22 -6.08
C LYS A 39 5.53 11.79 -6.58
N GLU A 40 6.48 12.71 -6.44
CA GLU A 40 7.84 12.57 -7.01
C GLU A 40 8.70 11.55 -6.23
N ALA A 41 8.28 11.30 -4.96
CA ALA A 41 8.91 10.33 -4.02
C ALA A 41 10.27 10.84 -3.52
N ARG A 42 11.27 10.87 -4.46
CA ARG A 42 12.70 11.28 -4.25
C ARG A 42 13.35 10.74 -2.95
N LYS A 43 12.94 11.27 -1.78
CA LYS A 43 13.53 10.92 -0.49
C LYS A 43 12.61 9.93 0.23
N MET A 44 13.20 8.97 0.97
CA MET A 44 12.47 7.90 1.69
C MET A 44 11.51 8.50 2.73
N VAL A 45 12.07 9.18 3.74
CA VAL A 45 11.31 9.71 4.90
C VAL A 45 10.29 10.77 4.46
N SER A 46 10.57 11.43 3.31
CA SER A 46 9.68 12.42 2.70
C SER A 46 8.30 11.81 2.46
N ARG A 47 8.26 10.72 1.66
CA ARG A 47 6.99 10.03 1.34
C ARG A 47 6.46 9.21 2.52
N CYS A 48 7.37 8.64 3.34
CA CYS A 48 7.00 7.76 4.48
C CYS A 48 6.15 8.48 5.55
N THR A 49 6.47 9.78 5.81
CA THR A 49 5.71 10.61 6.76
C THR A 49 4.27 10.83 6.28
N TYR A 50 4.10 11.06 4.95
CA TYR A 50 2.79 11.27 4.34
C TYR A 50 2.01 9.96 4.20
N LEU A 51 2.72 8.82 4.00
CA LEU A 51 2.09 7.47 3.93
C LEU A 51 1.43 7.09 5.27
N ASN A 52 1.99 7.66 6.37
CA ASN A 52 1.42 7.53 7.71
C ASN A 52 0.13 8.36 7.82
N ILE A 53 0.16 9.56 7.20
CA ILE A 53 -1.01 10.47 7.15
C ILE A 53 -2.16 9.84 6.32
N ILE A 54 -1.81 9.17 5.20
CA ILE A 54 -2.79 8.49 4.33
C ILE A 54 -3.49 7.37 5.12
N LEU A 55 -2.64 6.61 5.86
CA LEU A 55 -3.08 5.46 6.67
C LEU A 55 -4.09 5.89 7.76
N GLN A 56 -3.91 7.08 8.35
CA GLN A 56 -4.80 7.58 9.41
C GLN A 56 -5.96 8.43 8.85
N THR A 57 -5.94 8.77 7.53
CA THR A 57 -7.00 9.58 6.90
C THR A 57 -8.37 8.88 7.05
N ARG A 58 -9.23 9.47 7.91
CA ARG A 58 -10.50 8.88 8.35
C ARG A 58 -11.61 9.01 7.29
N ALA A 59 -11.55 10.09 6.48
CA ALA A 59 -12.59 10.39 5.48
C ALA A 59 -12.40 9.50 4.22
N PRO A 60 -13.28 8.47 4.00
CA PRO A 60 -13.09 7.44 2.93
C PRO A 60 -13.24 7.98 1.49
N GLU A 61 -13.96 9.13 1.35
CA GLU A 61 -14.10 9.83 0.04
C GLU A 61 -12.72 10.25 -0.50
N VAL A 62 -11.88 10.70 0.45
CA VAL A 62 -10.52 11.16 0.19
C VAL A 62 -9.65 10.03 -0.43
N LEU A 63 -9.87 8.79 0.03
CA LEU A 63 -9.08 7.62 -0.39
C LEU A 63 -9.49 7.10 -1.79
N VAL A 64 -10.79 7.00 -2.06
CA VAL A 64 -11.29 6.51 -3.35
C VAL A 64 -11.00 7.53 -4.47
N LYS A 65 -11.02 8.83 -4.12
CA LYS A 65 -10.71 9.92 -5.06
C LYS A 65 -9.20 10.02 -5.25
N PHE A 66 -8.43 9.61 -4.21
CA PHE A 66 -6.95 9.52 -4.28
C PHE A 66 -6.55 8.51 -5.37
N ILE A 67 -7.27 7.37 -5.42
CA ILE A 67 -7.07 6.35 -6.47
C ILE A 67 -7.36 6.96 -7.86
N ASP A 68 -8.51 7.65 -7.97
CA ASP A 68 -9.02 8.22 -9.23
C ASP A 68 -8.08 9.30 -9.81
N VAL A 69 -7.49 10.14 -8.94
CA VAL A 69 -6.59 11.22 -9.38
C VAL A 69 -5.21 10.68 -9.82
N GLY A 70 -4.93 9.40 -9.53
CA GLY A 70 -3.69 8.72 -9.97
C GLY A 70 -2.86 8.19 -8.82
N GLY A 71 -3.50 8.02 -7.66
CA GLY A 71 -2.83 7.54 -6.45
C GLY A 71 -2.26 6.15 -6.58
N TYR A 72 -3.09 5.22 -7.09
CA TYR A 72 -2.68 3.81 -7.33
C TYR A 72 -1.45 3.74 -8.26
N LYS A 73 -1.45 4.61 -9.29
CA LYS A 73 -0.34 4.75 -10.26
C LYS A 73 0.99 5.11 -9.55
N LEU A 74 0.89 6.00 -8.54
CA LEU A 74 2.04 6.43 -7.72
C LEU A 74 2.58 5.25 -6.90
N LEU A 75 1.68 4.59 -6.13
CA LEU A 75 2.04 3.46 -5.24
C LEU A 75 2.67 2.30 -6.03
N ASN A 76 2.29 2.15 -7.32
CA ASN A 76 2.87 1.14 -8.23
C ASN A 76 4.35 1.46 -8.53
N SER A 77 4.61 2.72 -8.97
CA SER A 77 5.96 3.21 -9.29
C SER A 77 6.87 3.19 -8.05
N TRP A 78 6.28 3.55 -6.90
CA TRP A 78 6.98 3.64 -5.61
C TRP A 78 7.35 2.24 -5.11
N LEU A 79 6.47 1.25 -5.38
CA LEU A 79 6.64 -0.15 -4.94
C LEU A 79 8.00 -0.68 -5.47
N THR A 80 8.16 -0.64 -6.80
CA THR A 80 9.36 -1.17 -7.47
C THR A 80 10.60 -0.27 -7.22
N TYR A 81 10.38 1.04 -7.03
CA TYR A 81 11.46 2.03 -6.77
C TYR A 81 12.10 1.81 -5.39
N SER A 82 11.26 1.51 -4.39
CA SER A 82 11.72 1.22 -3.02
C SER A 82 12.20 -0.23 -2.89
N LYS A 83 11.72 -1.10 -3.81
CA LYS A 83 12.00 -2.55 -3.77
C LYS A 83 13.41 -2.86 -4.29
N THR A 84 13.83 -2.13 -5.35
CA THR A 84 15.19 -2.26 -5.92
C THR A 84 16.26 -1.73 -4.94
N THR A 85 15.88 -0.73 -4.13
CA THR A 85 16.74 -0.19 -3.04
C THR A 85 16.54 -1.00 -1.73
N ASN A 86 15.44 -1.78 -1.69
CA ASN A 86 15.08 -2.71 -0.59
C ASN A 86 15.00 -1.98 0.77
N ASN A 87 13.95 -1.18 0.93
CA ASN A 87 13.64 -0.46 2.18
C ASN A 87 12.37 -1.07 2.76
N ILE A 88 12.53 -2.08 3.64
CA ILE A 88 11.42 -2.90 4.18
C ILE A 88 10.30 -2.04 4.88
N PRO A 89 10.64 -1.02 5.78
CA PRO A 89 9.62 -0.12 6.38
C PRO A 89 8.87 0.75 5.33
N LEU A 90 9.49 0.92 4.14
CA LEU A 90 8.90 1.71 3.03
C LEU A 90 7.92 0.81 2.24
N LEU A 91 8.38 -0.41 1.86
CA LEU A 91 7.57 -1.40 1.09
C LEU A 91 6.25 -1.71 1.80
N GLN A 92 6.35 -1.97 3.12
CA GLN A 92 5.20 -2.33 3.93
C GLN A 92 4.19 -1.17 4.00
N GLN A 93 4.69 0.09 4.08
CA GLN A 93 3.82 1.29 4.11
C GLN A 93 3.11 1.52 2.77
N ILE A 94 3.78 1.16 1.66
CA ILE A 94 3.21 1.28 0.30
C ILE A 94 2.02 0.32 0.14
N LEU A 95 2.24 -0.96 0.50
CA LEU A 95 1.20 -2.00 0.42
C LEU A 95 0.12 -1.77 1.52
N LEU A 96 0.51 -1.07 2.60
CA LEU A 96 -0.40 -0.72 3.73
C LEU A 96 -1.29 0.48 3.35
N THR A 97 -0.79 1.35 2.46
CA THR A 97 -1.57 2.48 1.91
C THR A 97 -2.69 1.95 1.02
N LEU A 98 -2.34 1.02 0.09
CA LEU A 98 -3.33 0.39 -0.82
C LEU A 98 -4.20 -0.66 -0.09
N GLN A 99 -3.75 -1.10 1.10
CA GLN A 99 -4.55 -1.90 2.04
C GLN A 99 -5.64 -1.01 2.71
N HIS A 100 -5.24 0.22 3.08
CA HIS A 100 -6.11 1.19 3.76
C HIS A 100 -7.25 1.66 2.84
N LEU A 101 -6.89 2.13 1.63
CA LEU A 101 -7.87 2.56 0.60
C LEU A 101 -8.58 1.33 -0.01
N PRO A 102 -9.90 1.44 -0.40
CA PRO A 102 -10.64 0.34 -1.05
C PRO A 102 -10.06 -0.01 -2.45
N LEU A 103 -9.03 -0.88 -2.45
CA LEU A 103 -8.38 -1.36 -3.68
C LEU A 103 -9.19 -2.53 -4.25
N THR A 104 -9.87 -2.30 -5.39
CA THR A 104 -10.72 -3.31 -6.04
C THR A 104 -9.86 -4.34 -6.79
N VAL A 105 -10.47 -5.48 -7.17
CA VAL A 105 -9.80 -6.53 -7.98
C VAL A 105 -9.35 -5.93 -9.33
N ASP A 106 -10.18 -5.04 -9.89
CA ASP A 106 -9.88 -4.30 -11.13
C ASP A 106 -8.55 -3.51 -11.02
N HIS A 107 -8.39 -2.81 -9.87
CA HIS A 107 -7.20 -2.00 -9.59
C HIS A 107 -5.93 -2.88 -9.49
N LEU A 108 -5.94 -3.86 -8.57
CA LEU A 108 -4.75 -4.73 -8.30
C LEU A 108 -4.38 -5.64 -9.50
N LYS A 109 -5.31 -5.77 -10.48
CA LYS A 109 -5.04 -6.47 -11.76
C LYS A 109 -4.51 -5.49 -12.83
N GLN A 110 -4.86 -4.19 -12.69
CA GLN A 110 -4.48 -3.14 -13.68
C GLN A 110 -2.95 -3.06 -13.89
N ASN A 111 -2.18 -3.13 -12.80
CA ASN A 111 -0.70 -3.17 -12.87
C ASN A 111 -0.18 -4.49 -12.29
N ASN A 112 -1.05 -5.55 -12.35
CA ASN A 112 -0.86 -6.91 -11.75
C ASN A 112 -0.04 -6.92 -10.43
N THR A 113 -0.24 -5.86 -9.63
CA THR A 113 0.49 -5.60 -8.37
C THR A 113 0.19 -6.70 -7.32
N ALA A 114 -0.96 -7.39 -7.51
CA ALA A 114 -1.38 -8.54 -6.69
C ALA A 114 -0.27 -9.63 -6.62
N LYS A 115 0.39 -9.87 -7.76
CA LYS A 115 1.53 -10.80 -7.87
C LYS A 115 2.77 -10.28 -7.10
N LEU A 116 3.04 -8.96 -7.26
CA LEU A 116 4.21 -8.30 -6.65
C LEU A 116 4.15 -8.34 -5.12
N VAL A 117 2.94 -8.26 -4.56
CA VAL A 117 2.72 -8.34 -3.10
C VAL A 117 2.76 -9.82 -2.63
N LYS A 118 2.21 -10.72 -3.47
CA LYS A 118 2.15 -12.17 -3.20
C LYS A 118 3.55 -12.76 -2.99
N GLN A 119 4.50 -12.33 -3.84
CA GLN A 119 5.91 -12.80 -3.77
C GLN A 119 6.64 -12.22 -2.54
N LEU A 120 6.23 -11.02 -2.08
CA LEU A 120 6.81 -10.41 -0.86
C LEU A 120 6.42 -11.22 0.40
N SER A 121 5.20 -11.77 0.39
CA SER A 121 4.64 -12.54 1.53
C SER A 121 5.35 -13.90 1.73
N LYS A 122 5.96 -14.45 0.65
CA LYS A 122 6.65 -15.77 0.69
C LYS A 122 8.18 -15.62 0.65
N SER A 123 8.69 -14.74 -0.23
CA SER A 123 10.13 -14.51 -0.45
C SER A 123 10.63 -13.34 0.43
N SER A 124 10.13 -13.32 1.67
CA SER A 124 10.45 -12.27 2.64
C SER A 124 11.79 -12.54 3.35
N GLU A 125 12.43 -11.46 3.78
CA GLU A 125 13.62 -11.53 4.65
C GLU A 125 13.23 -11.23 6.11
N ASP A 126 11.98 -10.74 6.32
CA ASP A 126 11.52 -10.24 7.65
C ASP A 126 10.05 -10.63 7.91
N GLU A 127 9.67 -10.65 9.20
CA GLU A 127 8.31 -10.97 9.67
C GLU A 127 7.31 -9.85 9.32
N GLU A 128 7.70 -8.59 9.60
CA GLU A 128 6.79 -7.43 9.47
C GLU A 128 6.26 -7.25 8.03
N LEU A 129 7.15 -7.44 7.02
CA LEU A 129 6.80 -7.22 5.62
C LEU A 129 5.87 -8.33 5.09
N ARG A 130 6.15 -9.59 5.52
CA ARG A 130 5.41 -10.78 5.02
C ARG A 130 4.02 -10.88 5.64
N LYS A 131 3.90 -10.41 6.90
CA LYS A 131 2.67 -10.51 7.68
C LYS A 131 1.64 -9.48 7.18
N LEU A 132 2.11 -8.25 6.89
CA LEU A 132 1.28 -7.18 6.33
C LEU A 132 0.88 -7.49 4.87
N ALA A 133 1.82 -8.11 4.12
CA ALA A 133 1.58 -8.55 2.74
C ALA A 133 0.60 -9.74 2.71
N SER A 134 0.71 -10.63 3.73
CA SER A 134 -0.13 -11.84 3.86
C SER A 134 -1.61 -11.48 4.11
N VAL A 135 -1.85 -10.59 5.09
CA VAL A 135 -3.22 -10.17 5.48
C VAL A 135 -3.89 -9.37 4.33
N LEU A 136 -3.06 -8.62 3.60
CA LEU A 136 -3.48 -7.87 2.39
C LEU A 136 -3.98 -8.82 1.28
N VAL A 137 -3.15 -9.81 0.91
CA VAL A 137 -3.48 -10.80 -0.14
C VAL A 137 -4.60 -11.76 0.33
N SER A 138 -4.69 -11.99 1.65
CA SER A 138 -5.73 -12.83 2.26
C SER A 138 -7.12 -12.16 2.12
N ASP A 139 -7.14 -10.83 2.23
CA ASP A 139 -8.34 -10.01 2.03
C ASP A 139 -8.81 -10.09 0.56
N TRP A 140 -7.81 -10.04 -0.34
CA TRP A 140 -8.03 -10.13 -1.80
C TRP A 140 -8.62 -11.49 -2.19
N MET A 141 -7.96 -12.60 -1.78
CA MET A 141 -8.40 -13.97 -2.15
C MET A 141 -9.76 -14.31 -1.53
N ALA A 142 -10.11 -13.63 -0.42
CA ALA A 142 -11.41 -13.80 0.25
C ALA A 142 -12.54 -13.27 -0.66
N VAL A 143 -12.45 -11.97 -1.06
CA VAL A 143 -13.48 -11.33 -1.90
C VAL A 143 -13.54 -11.99 -3.30
N ILE A 144 -12.38 -12.41 -3.81
CA ILE A 144 -12.26 -13.12 -5.09
C ILE A 144 -13.01 -14.48 -5.03
N ARG A 145 -12.80 -15.22 -3.93
CA ARG A 145 -13.38 -16.58 -3.75
C ARG A 145 -14.91 -16.54 -3.60
N SER A 146 -15.43 -15.51 -2.93
CA SER A 146 -16.88 -15.33 -2.75
C SER A 146 -17.56 -14.97 -4.10
N GLN A 147 -16.82 -14.24 -4.96
CA GLN A 147 -17.28 -13.89 -6.32
C GLN A 147 -17.21 -15.11 -7.27
N SER A 148 -16.18 -15.95 -7.08
CA SER A 148 -15.95 -17.16 -7.89
C SER A 148 -16.83 -18.31 -7.34
N GLY A 149 -16.39 -18.91 -6.22
CA GLY A 149 -17.09 -20.03 -5.60
C GLY A 149 -16.12 -20.95 -4.88
N GLY A 150 -16.30 -22.26 -5.09
CA GLY A 150 -15.48 -23.29 -4.44
C GLY A 150 -16.31 -24.19 -3.54
N GLY A 151 -15.63 -25.05 -2.75
CA GLY A 151 -16.30 -25.96 -1.82
C GLY A 151 -17.04 -25.23 -0.71
N SER A 152 -16.30 -24.37 0.02
CA SER A 152 -16.81 -23.55 1.15
C SER A 152 -15.69 -22.68 1.72
N GLY A 153 -14.45 -23.19 1.64
CA GLY A 153 -13.28 -22.55 2.24
C GLY A 153 -12.98 -23.14 3.61
N GLY A 154 -11.91 -23.93 3.70
CA GLY A 154 -11.46 -24.53 4.96
C GLY A 154 -10.79 -23.50 5.87
N GLY A 155 -10.04 -22.57 5.24
CA GLY A 155 -9.37 -21.47 5.95
C GLY A 155 -7.99 -21.86 6.45
N SER A 156 -7.90 -23.01 7.12
CA SER A 156 -6.65 -23.55 7.68
C SER A 156 -6.23 -24.81 6.93
N ASP A 157 -4.90 -24.98 6.73
CA ASP A 157 -4.29 -26.13 6.03
C ASP A 157 -4.78 -26.22 4.57
N LEU A 158 -4.10 -25.47 3.69
CA LEU A 158 -4.44 -25.38 2.26
C LEU A 158 -3.16 -25.06 1.45
N ASP A 159 -3.28 -25.14 0.11
CA ASP A 159 -2.15 -25.05 -0.83
C ASP A 159 -2.42 -23.97 -1.91
N TYR A 160 -1.44 -23.76 -2.82
CA TYR A 160 -1.50 -22.79 -3.93
C TYR A 160 -2.80 -22.87 -4.75
N ASP A 161 -3.33 -24.10 -4.96
CA ASP A 161 -4.57 -24.33 -5.75
C ASP A 161 -5.76 -23.49 -5.20
N SER A 162 -5.77 -23.29 -3.87
CA SER A 162 -6.82 -22.57 -3.16
C SER A 162 -6.50 -21.07 -3.02
N VAL A 163 -5.20 -20.72 -2.96
CA VAL A 163 -4.75 -19.31 -2.72
C VAL A 163 -4.27 -18.62 -4.02
N GLN A 164 -4.46 -19.27 -5.18
CA GLN A 164 -4.19 -18.66 -6.51
C GLN A 164 -5.45 -18.76 -7.42
N PRO A 165 -6.58 -18.05 -7.07
CA PRO A 165 -7.77 -18.01 -7.94
C PRO A 165 -7.58 -17.04 -9.14
N TYR A 166 -7.45 -15.72 -8.87
CA TYR A 166 -7.24 -14.70 -9.93
C TYR A 166 -5.85 -14.03 -9.80
N PHE A 167 -4.95 -14.61 -8.98
CA PHE A 167 -3.56 -14.12 -8.89
C PHE A 167 -2.74 -14.78 -10.00
N TYR A 168 -2.49 -16.09 -9.84
CA TYR A 168 -1.87 -16.94 -10.87
C TYR A 168 -2.99 -17.67 -11.62
N CYS A 169 -3.04 -17.44 -12.92
CA CYS A 169 -4.12 -17.95 -13.79
C CYS A 169 -3.50 -18.64 -15.02
N ASP A 170 -3.27 -19.95 -14.88
CA ASP A 170 -2.73 -20.80 -15.96
C ASP A 170 -3.83 -21.78 -16.43
N GLU A 171 -4.22 -22.68 -15.52
CA GLU A 171 -5.31 -23.64 -15.74
C GLU A 171 -6.07 -23.87 -14.42
N GLU A 172 -7.32 -24.31 -14.54
CA GLU A 172 -8.18 -24.64 -13.40
C GLU A 172 -8.34 -26.16 -13.28
N GLU A 173 -8.57 -26.61 -12.05
CA GLU A 173 -8.91 -28.03 -11.76
C GLU A 173 -10.37 -28.31 -12.19
N ASN A 174 -11.21 -27.24 -12.17
CA ASN A 174 -12.61 -27.29 -12.62
C ASN A 174 -12.66 -27.44 -14.15
N MET A 1 26.84 23.76 21.94
CA MET A 1 26.47 23.34 20.57
C MET A 1 27.65 23.49 19.60
N GLY A 2 27.46 23.07 18.34
CA GLY A 2 28.48 23.18 17.30
C GLY A 2 27.98 22.57 16.01
N SER A 3 28.51 21.38 15.67
CA SER A 3 28.09 20.62 14.48
C SER A 3 26.78 19.86 14.77
N GLY A 4 25.70 20.25 14.06
CA GLY A 4 24.35 19.70 14.27
C GLY A 4 23.98 18.61 13.24
N PRO A 5 23.05 17.67 13.60
CA PRO A 5 22.54 16.65 12.66
C PRO A 5 21.37 17.18 11.78
N ILE A 6 20.91 16.33 10.85
CA ILE A 6 19.84 16.67 9.90
C ILE A 6 18.88 15.47 9.74
N ASP A 7 17.79 15.51 10.50
CA ASP A 7 16.68 14.55 10.39
C ASP A 7 15.54 15.25 9.58
N PRO A 8 15.47 14.98 8.23
CA PRO A 8 14.67 15.81 7.29
C PRO A 8 13.14 15.58 7.36
N LYS A 9 12.65 14.65 8.21
CA LYS A 9 11.19 14.37 8.34
C LYS A 9 10.43 15.61 8.85
N GLU A 10 11.11 16.47 9.63
CA GLU A 10 10.52 17.71 10.18
C GLU A 10 10.21 18.74 9.07
N LEU A 11 10.96 18.67 7.95
CA LEU A 11 10.74 19.52 6.76
C LEU A 11 9.39 19.16 6.10
N LEU A 12 9.01 17.87 6.20
CA LEU A 12 7.72 17.34 5.69
C LEU A 12 6.64 17.40 6.80
N LYS A 13 7.08 17.56 8.06
CA LYS A 13 6.19 17.83 9.21
C LYS A 13 5.69 19.29 9.15
N GLY A 14 6.40 20.16 8.38
CA GLY A 14 6.01 21.57 8.21
C GLY A 14 4.56 21.81 7.76
N LEU A 15 3.92 20.80 7.13
CA LEU A 15 2.51 20.89 6.70
C LEU A 15 1.51 20.25 7.70
N ASP A 16 1.97 20.01 8.95
CA ASP A 16 1.14 19.37 10.01
C ASP A 16 -0.02 20.29 10.41
N SER A 17 0.25 21.61 10.32
CA SER A 17 -0.74 22.66 10.62
C SER A 17 -1.88 22.70 9.56
N PHE A 18 -1.65 22.03 8.41
CA PHE A 18 -2.67 21.87 7.35
C PHE A 18 -3.47 20.56 7.54
N LEU A 19 -3.40 19.97 8.74
CA LEU A 19 -4.28 18.88 9.20
C LEU A 19 -5.25 19.44 10.25
N THR A 20 -6.46 18.84 10.35
CA THR A 20 -7.47 19.24 11.35
C THR A 20 -7.00 18.93 12.80
N ARG A 21 -7.81 19.32 13.80
CA ARG A 21 -7.50 19.09 15.23
C ARG A 21 -7.51 17.59 15.59
N ASP A 22 -8.22 16.79 14.78
CA ASP A 22 -8.21 15.31 14.87
C ASP A 22 -6.82 14.76 14.44
N GLY A 23 -6.15 15.52 13.56
CA GLY A 23 -4.79 15.19 13.09
C GLY A 23 -4.77 14.07 12.06
N GLU A 24 -5.87 13.92 11.30
CA GLU A 24 -6.05 12.85 10.29
C GLU A 24 -5.97 13.44 8.88
N VAL A 25 -6.95 14.31 8.57
CA VAL A 25 -7.07 15.00 7.28
C VAL A 25 -7.90 16.28 7.48
N LYS A 26 -7.43 17.40 6.91
CA LYS A 26 -8.15 18.67 6.95
C LYS A 26 -9.41 18.58 6.08
N SER A 27 -9.19 18.42 4.76
CA SER A 27 -10.27 18.40 3.75
C SER A 27 -9.86 17.52 2.55
N VAL A 28 -10.76 17.42 1.56
CA VAL A 28 -10.52 16.72 0.29
C VAL A 28 -9.49 17.49 -0.58
N ASP A 29 -9.35 18.79 -0.29
CA ASP A 29 -8.27 19.64 -0.82
C ASP A 29 -6.90 19.28 -0.16
N GLY A 30 -6.98 18.88 1.11
CA GLY A 30 -5.79 18.54 1.92
C GLY A 30 -5.03 17.32 1.41
N ILE A 31 -5.76 16.28 0.99
CA ILE A 31 -5.16 15.06 0.39
C ILE A 31 -4.51 15.38 -0.97
N ALA A 32 -5.05 16.37 -1.70
CA ALA A 32 -4.59 16.71 -3.07
C ALA A 32 -3.20 17.37 -3.04
N LYS A 33 -3.01 18.33 -2.12
CA LYS A 33 -1.70 19.02 -1.92
C LYS A 33 -0.64 18.05 -1.37
N ILE A 34 -1.08 17.15 -0.47
CA ILE A 34 -0.24 16.10 0.13
C ILE A 34 0.17 15.08 -0.95
N PHE A 35 -0.80 14.74 -1.83
CA PHE A 35 -0.57 13.78 -2.94
C PHE A 35 0.52 14.31 -3.86
N SER A 36 0.39 15.58 -4.23
CA SER A 36 1.31 16.23 -5.15
C SER A 36 2.73 16.26 -4.57
N LEU A 37 2.86 16.66 -3.29
CA LEU A 37 4.18 16.83 -2.64
C LEU A 37 4.85 15.47 -2.32
N MET A 38 4.04 14.43 -2.01
CA MET A 38 4.58 13.06 -1.75
C MET A 38 4.98 12.39 -3.07
N LYS A 39 4.29 12.80 -4.16
CA LYS A 39 4.60 12.39 -5.54
C LYS A 39 5.90 13.07 -6.03
N GLU A 40 6.12 14.31 -5.58
CA GLU A 40 7.33 15.08 -5.89
C GLU A 40 8.47 14.80 -4.90
N ALA A 41 8.16 14.09 -3.81
CA ALA A 41 9.17 13.61 -2.84
C ALA A 41 9.93 12.41 -3.45
N ARG A 42 11.28 12.46 -3.38
CA ARG A 42 12.14 11.40 -3.95
C ARG A 42 12.54 10.41 -2.85
N LYS A 43 13.08 10.96 -1.75
CA LYS A 43 13.64 10.17 -0.63
C LYS A 43 12.53 9.45 0.20
N MET A 44 12.84 8.22 0.66
CA MET A 44 11.90 7.37 1.41
C MET A 44 11.59 7.95 2.79
N VAL A 45 12.55 8.67 3.37
CA VAL A 45 12.40 9.30 4.70
C VAL A 45 11.31 10.42 4.65
N SER A 46 11.11 11.00 3.46
CA SER A 46 10.03 11.95 3.18
C SER A 46 8.70 11.18 2.93
N ARG A 47 8.74 10.19 2.03
CA ARG A 47 7.55 9.45 1.58
C ARG A 47 6.84 8.73 2.74
N CYS A 48 7.61 7.94 3.52
CA CYS A 48 7.09 7.12 4.63
C CYS A 48 6.35 7.96 5.69
N THR A 49 6.73 9.25 5.79
CA THR A 49 6.04 10.26 6.63
C THR A 49 4.56 10.43 6.16
N TYR A 50 4.40 10.59 4.84
CA TYR A 50 3.08 10.79 4.20
C TYR A 50 2.25 9.49 4.20
N LEU A 51 2.86 8.35 3.82
CA LEU A 51 2.17 7.02 3.82
C LEU A 51 1.59 6.67 5.21
N ASN A 52 2.23 7.20 6.28
CA ASN A 52 1.75 7.06 7.66
C ASN A 52 0.44 7.87 7.85
N ILE A 53 0.45 9.13 7.36
CA ILE A 53 -0.70 10.05 7.46
C ILE A 53 -1.94 9.50 6.72
N ILE A 54 -1.72 8.95 5.50
CA ILE A 54 -2.81 8.45 4.62
C ILE A 54 -3.46 7.19 5.24
N LEU A 55 -2.59 6.38 5.87
CA LEU A 55 -3.00 5.16 6.59
C LEU A 55 -3.81 5.53 7.87
N GLN A 56 -3.53 6.71 8.45
CA GLN A 56 -4.25 7.26 9.62
C GLN A 56 -5.45 8.13 9.22
N THR A 57 -5.85 8.12 7.94
CA THR A 57 -7.00 8.88 7.44
C THR A 57 -8.22 7.96 7.25
N ARG A 58 -9.22 8.10 8.15
CA ARG A 58 -10.47 7.31 8.11
C ARG A 58 -11.40 7.72 6.95
N ALA A 59 -11.29 9.00 6.50
CA ALA A 59 -12.18 9.57 5.46
C ALA A 59 -11.98 8.87 4.10
N PRO A 60 -12.94 8.00 3.64
CA PRO A 60 -12.77 7.21 2.40
C PRO A 60 -12.98 8.04 1.11
N GLU A 61 -13.54 9.27 1.26
CA GLU A 61 -13.74 10.22 0.15
C GLU A 61 -12.41 10.66 -0.45
N VAL A 62 -11.42 10.90 0.43
CA VAL A 62 -10.10 11.35 0.03
C VAL A 62 -9.25 10.16 -0.46
N LEU A 63 -9.58 8.95 0.06
CA LEU A 63 -8.92 7.68 -0.32
C LEU A 63 -9.27 7.27 -1.77
N VAL A 64 -10.57 7.39 -2.14
CA VAL A 64 -11.04 7.03 -3.50
C VAL A 64 -10.57 8.07 -4.53
N LYS A 65 -10.53 9.37 -4.15
CA LYS A 65 -10.04 10.43 -5.07
C LYS A 65 -8.51 10.41 -5.14
N PHE A 66 -7.83 9.84 -4.12
CA PHE A 66 -6.37 9.62 -4.15
C PHE A 66 -6.02 8.65 -5.29
N ILE A 67 -6.83 7.58 -5.43
CA ILE A 67 -6.73 6.62 -6.55
C ILE A 67 -6.91 7.35 -7.90
N ASP A 68 -7.96 8.20 -7.96
CA ASP A 68 -8.38 8.95 -9.17
C ASP A 68 -7.29 9.89 -9.69
N VAL A 69 -6.71 10.70 -8.78
CA VAL A 69 -5.72 11.76 -9.13
C VAL A 69 -4.38 11.19 -9.66
N GLY A 70 -4.20 9.87 -9.54
CA GLY A 70 -3.00 9.18 -10.04
C GLY A 70 -2.27 8.44 -8.93
N GLY A 71 -2.85 8.46 -7.71
CA GLY A 71 -2.27 7.80 -6.55
C GLY A 71 -2.20 6.29 -6.67
N TYR A 72 -3.11 5.70 -7.46
CA TYR A 72 -3.05 4.25 -7.79
C TYR A 72 -1.69 3.92 -8.47
N LYS A 73 -1.37 4.68 -9.53
CA LYS A 73 -0.12 4.52 -10.30
C LYS A 73 1.08 4.84 -9.41
N LEU A 74 0.93 5.88 -8.60
CA LEU A 74 1.98 6.37 -7.70
C LEU A 74 2.38 5.29 -6.66
N LEU A 75 1.39 4.54 -6.15
CA LEU A 75 1.62 3.43 -5.20
C LEU A 75 2.35 2.26 -5.87
N ASN A 76 1.99 1.95 -7.14
CA ASN A 76 2.65 0.89 -7.94
C ASN A 76 4.07 1.29 -8.37
N SER A 77 4.27 2.60 -8.57
CA SER A 77 5.59 3.17 -8.91
C SER A 77 6.52 3.03 -7.70
N TRP A 78 5.98 3.34 -6.51
CA TRP A 78 6.66 3.14 -5.23
C TRP A 78 6.85 1.65 -4.91
N LEU A 79 5.89 0.79 -5.29
CA LEU A 79 5.94 -0.65 -4.96
C LEU A 79 7.16 -1.28 -5.68
N THR A 80 7.25 -1.00 -6.99
CA THR A 80 8.35 -1.49 -7.85
C THR A 80 9.70 -0.89 -7.40
N TYR A 81 9.69 0.42 -7.09
CA TYR A 81 10.88 1.19 -6.66
C TYR A 81 11.45 0.65 -5.33
N SER A 82 10.60 0.57 -4.33
CA SER A 82 10.97 0.16 -2.96
C SER A 82 11.44 -1.30 -2.93
N LYS A 83 10.88 -2.12 -3.80
CA LYS A 83 11.20 -3.55 -3.91
C LYS A 83 12.57 -3.74 -4.61
N THR A 84 12.94 -2.83 -5.56
CA THR A 84 14.25 -2.91 -6.27
C THR A 84 15.36 -2.23 -5.44
N THR A 85 14.98 -1.28 -4.56
CA THR A 85 15.93 -0.57 -3.67
C THR A 85 16.08 -1.27 -2.31
N ASN A 86 15.23 -2.31 -2.06
CA ASN A 86 15.23 -3.14 -0.83
C ASN A 86 14.82 -2.29 0.42
N ASN A 87 14.04 -1.22 0.17
CA ASN A 87 13.45 -0.39 1.26
C ASN A 87 12.29 -1.17 1.91
N ILE A 88 12.61 -1.88 2.99
CA ILE A 88 11.62 -2.69 3.76
C ILE A 88 10.53 -1.77 4.43
N PRO A 89 10.90 -0.64 5.17
CA PRO A 89 9.91 0.27 5.82
C PRO A 89 8.94 0.92 4.81
N LEU A 90 9.46 1.30 3.61
CA LEU A 90 8.63 1.91 2.56
C LEU A 90 7.65 0.86 2.03
N LEU A 91 8.21 -0.31 1.60
CA LEU A 91 7.47 -1.39 0.91
C LEU A 91 6.20 -1.81 1.67
N GLN A 92 6.34 -2.00 2.99
CA GLN A 92 5.23 -2.40 3.87
C GLN A 92 4.19 -1.25 4.02
N GLN A 93 4.66 0.01 4.14
CA GLN A 93 3.79 1.22 4.24
C GLN A 93 2.92 1.42 2.98
N ILE A 94 3.51 1.14 1.80
CA ILE A 94 2.85 1.32 0.50
C ILE A 94 1.68 0.33 0.37
N LEU A 95 1.96 -0.96 0.64
CA LEU A 95 0.95 -2.03 0.53
C LEU A 95 -0.12 -1.90 1.65
N LEU A 96 0.28 -1.33 2.80
CA LEU A 96 -0.66 -0.94 3.88
C LEU A 96 -1.67 0.13 3.42
N THR A 97 -1.16 1.13 2.67
CA THR A 97 -1.97 2.26 2.21
C THR A 97 -3.04 1.79 1.20
N LEU A 98 -2.64 0.95 0.23
CA LEU A 98 -3.58 0.39 -0.77
C LEU A 98 -4.47 -0.73 -0.19
N GLN A 99 -4.07 -1.27 0.98
CA GLN A 99 -4.90 -2.19 1.79
C GLN A 99 -6.04 -1.39 2.46
N HIS A 100 -5.68 -0.18 2.92
CA HIS A 100 -6.58 0.70 3.69
C HIS A 100 -7.61 1.41 2.77
N LEU A 101 -7.17 1.89 1.59
CA LEU A 101 -8.05 2.50 0.58
C LEU A 101 -8.77 1.40 -0.24
N PRO A 102 -9.98 1.71 -0.84
CA PRO A 102 -10.76 0.71 -1.62
C PRO A 102 -10.11 0.38 -2.99
N LEU A 103 -9.07 -0.47 -2.97
CA LEU A 103 -8.38 -0.95 -4.17
C LEU A 103 -9.12 -2.19 -4.69
N THR A 104 -9.84 -2.03 -5.82
CA THR A 104 -10.67 -3.12 -6.39
C THR A 104 -9.80 -4.18 -7.09
N VAL A 105 -10.39 -5.38 -7.31
CA VAL A 105 -9.71 -6.50 -8.02
C VAL A 105 -9.29 -6.06 -9.45
N ASP A 106 -10.13 -5.21 -10.06
CA ASP A 106 -9.85 -4.55 -11.35
C ASP A 106 -8.50 -3.80 -11.33
N HIS A 107 -8.33 -2.93 -10.31
CA HIS A 107 -7.11 -2.11 -10.11
C HIS A 107 -5.86 -3.01 -10.03
N LEU A 108 -5.83 -3.91 -9.05
CA LEU A 108 -4.63 -4.74 -8.74
C LEU A 108 -4.32 -5.80 -9.83
N LYS A 109 -5.20 -5.91 -10.85
CA LYS A 109 -4.94 -6.74 -12.06
C LYS A 109 -4.23 -5.93 -13.15
N GLN A 110 -4.60 -4.64 -13.25
CA GLN A 110 -4.07 -3.73 -14.30
C GLN A 110 -2.53 -3.64 -14.24
N ASN A 111 -1.98 -3.31 -13.05
CA ASN A 111 -0.50 -3.22 -12.83
C ASN A 111 0.08 -4.53 -12.29
N ASN A 112 -0.74 -5.62 -12.30
CA ASN A 112 -0.33 -6.99 -11.86
C ASN A 112 0.11 -7.00 -10.38
N THR A 113 -0.50 -6.09 -9.58
CA THR A 113 -0.19 -5.87 -8.16
C THR A 113 -0.46 -7.13 -7.31
N ALA A 114 -1.40 -7.98 -7.80
CA ALA A 114 -1.72 -9.29 -7.20
C ALA A 114 -0.46 -10.18 -7.10
N LYS A 115 0.28 -10.27 -8.22
CA LYS A 115 1.53 -11.05 -8.30
C LYS A 115 2.61 -10.40 -7.40
N LEU A 116 2.67 -9.05 -7.44
CA LEU A 116 3.70 -8.26 -6.74
C LEU A 116 3.65 -8.46 -5.21
N VAL A 117 2.43 -8.61 -4.63
CA VAL A 117 2.28 -8.82 -3.18
C VAL A 117 2.54 -10.29 -2.78
N LYS A 118 2.01 -11.26 -3.58
CA LYS A 118 2.06 -12.69 -3.20
C LYS A 118 3.49 -13.26 -3.27
N GLN A 119 4.35 -12.65 -4.11
CA GLN A 119 5.79 -12.99 -4.19
C GLN A 119 6.57 -12.43 -2.97
N LEU A 120 6.06 -11.31 -2.40
CA LEU A 120 6.61 -10.67 -1.18
C LEU A 120 6.26 -11.48 0.08
N SER A 121 5.10 -12.17 0.06
CA SER A 121 4.62 -12.99 1.20
C SER A 121 5.11 -14.46 1.11
N LYS A 122 6.11 -14.73 0.25
CA LYS A 122 6.67 -16.08 0.07
C LYS A 122 7.65 -16.45 1.21
N SER A 123 8.86 -15.87 1.17
CA SER A 123 9.95 -16.23 2.10
C SER A 123 10.97 -15.08 2.24
N SER A 124 10.46 -13.84 2.30
CA SER A 124 11.28 -12.65 2.59
C SER A 124 11.77 -12.71 4.05
N GLU A 125 13.04 -12.32 4.28
CA GLU A 125 13.72 -12.52 5.57
C GLU A 125 13.13 -11.61 6.67
N ASP A 126 12.71 -10.40 6.28
CA ASP A 126 12.03 -9.47 7.17
C ASP A 126 10.59 -9.92 7.32
N GLU A 127 10.31 -10.55 8.48
CA GLU A 127 9.00 -11.10 8.82
C GLU A 127 7.94 -9.99 8.87
N GLU A 128 8.38 -8.76 9.16
CA GLU A 128 7.53 -7.55 9.19
C GLU A 128 6.84 -7.30 7.82
N LEU A 129 7.62 -7.27 6.71
CA LEU A 129 7.06 -6.89 5.38
C LEU A 129 6.07 -7.96 4.90
N ARG A 130 6.43 -9.24 5.14
CA ARG A 130 5.62 -10.39 4.70
C ARG A 130 4.38 -10.56 5.61
N LYS A 131 4.46 -10.03 6.85
CA LYS A 131 3.34 -9.99 7.80
C LYS A 131 2.19 -9.14 7.23
N LEU A 132 2.49 -7.86 6.91
CA LEU A 132 1.50 -6.93 6.33
C LEU A 132 1.07 -7.38 4.92
N ALA A 133 2.02 -7.98 4.17
CA ALA A 133 1.76 -8.51 2.82
C ALA A 133 0.80 -9.72 2.89
N SER A 134 0.96 -10.56 3.94
CA SER A 134 0.11 -11.75 4.16
C SER A 134 -1.34 -11.33 4.51
N VAL A 135 -1.47 -10.23 5.28
CA VAL A 135 -2.78 -9.62 5.60
C VAL A 135 -3.45 -9.13 4.29
N LEU A 136 -2.64 -8.52 3.41
CA LEU A 136 -3.11 -7.97 2.13
C LEU A 136 -3.55 -9.09 1.14
N VAL A 137 -2.76 -10.18 1.10
CA VAL A 137 -3.08 -11.37 0.26
C VAL A 137 -4.36 -12.07 0.79
N SER A 138 -4.51 -12.05 2.14
CA SER A 138 -5.70 -12.63 2.82
C SER A 138 -6.95 -11.76 2.55
N ASP A 139 -6.73 -10.44 2.49
CA ASP A 139 -7.79 -9.43 2.27
C ASP A 139 -8.32 -9.54 0.83
N TRP A 140 -7.38 -9.66 -0.11
CA TRP A 140 -7.69 -9.76 -1.53
C TRP A 140 -8.29 -11.12 -1.88
N MET A 141 -7.73 -12.22 -1.33
CA MET A 141 -8.29 -13.58 -1.59
C MET A 141 -9.71 -13.69 -1.02
N ALA A 142 -9.99 -12.90 0.04
CA ALA A 142 -11.32 -12.85 0.67
C ALA A 142 -12.38 -12.33 -0.32
N VAL A 143 -12.14 -11.13 -0.90
CA VAL A 143 -13.07 -10.52 -1.88
C VAL A 143 -13.13 -11.34 -3.20
N ILE A 144 -11.99 -11.98 -3.56
CA ILE A 144 -11.88 -12.83 -4.77
C ILE A 144 -12.75 -14.10 -4.63
N ARG A 145 -12.64 -14.81 -3.50
CA ARG A 145 -13.36 -16.08 -3.27
C ARG A 145 -14.83 -15.81 -2.88
N SER A 146 -15.13 -14.56 -2.50
CA SER A 146 -16.49 -14.10 -2.19
C SER A 146 -17.35 -14.06 -3.48
N GLN A 147 -16.75 -13.53 -4.56
CA GLN A 147 -17.42 -13.44 -5.88
C GLN A 147 -17.28 -14.77 -6.67
N SER A 148 -16.19 -15.51 -6.39
CA SER A 148 -15.87 -16.78 -7.09
C SER A 148 -16.69 -17.97 -6.52
N GLY A 149 -17.10 -17.85 -5.25
CA GLY A 149 -17.84 -18.92 -4.57
C GLY A 149 -16.92 -20.05 -4.12
N GLY A 150 -15.96 -19.73 -3.25
CA GLY A 150 -14.98 -20.70 -2.75
C GLY A 150 -14.33 -20.26 -1.44
N GLY A 151 -13.37 -21.07 -0.96
CA GLY A 151 -12.65 -20.79 0.28
C GLY A 151 -12.64 -22.00 1.19
N SER A 152 -11.73 -22.95 0.92
CA SER A 152 -11.57 -24.18 1.71
C SER A 152 -10.98 -23.87 3.11
N GLY A 153 -11.62 -24.42 4.15
CA GLY A 153 -11.16 -24.31 5.54
C GLY A 153 -10.95 -25.68 6.14
N GLY A 154 -12.07 -26.33 6.54
CA GLY A 154 -12.10 -27.74 6.96
C GLY A 154 -11.10 -28.12 8.05
N GLY A 155 -10.75 -27.16 8.92
CA GLY A 155 -9.75 -27.37 9.97
C GLY A 155 -8.31 -27.15 9.49
N SER A 156 -7.97 -27.76 8.34
CA SER A 156 -6.66 -27.59 7.66
C SER A 156 -6.79 -27.94 6.16
N ASP A 157 -8.02 -28.19 5.69
CA ASP A 157 -8.31 -28.48 4.28
C ASP A 157 -8.12 -27.18 3.46
N LEU A 158 -6.92 -27.02 2.90
CA LEU A 158 -6.53 -25.81 2.15
C LEU A 158 -5.34 -26.16 1.23
N ASP A 159 -5.27 -25.51 0.06
CA ASP A 159 -4.25 -25.82 -0.98
C ASP A 159 -3.51 -24.54 -1.38
N TYR A 160 -2.21 -24.70 -1.71
CA TYR A 160 -1.27 -23.57 -1.94
C TYR A 160 -1.55 -22.83 -3.26
N ASP A 161 -2.12 -23.54 -4.25
CA ASP A 161 -2.51 -22.94 -5.54
C ASP A 161 -3.96 -22.41 -5.46
N SER A 162 -4.74 -22.96 -4.50
CA SER A 162 -6.14 -22.54 -4.26
C SER A 162 -6.20 -21.24 -3.46
N VAL A 163 -5.12 -20.91 -2.71
CA VAL A 163 -4.96 -19.58 -2.06
C VAL A 163 -4.41 -18.54 -3.06
N GLN A 164 -4.24 -18.97 -4.34
CA GLN A 164 -3.80 -18.10 -5.45
C GLN A 164 -4.83 -18.15 -6.63
N PRO A 165 -6.18 -17.97 -6.38
CA PRO A 165 -7.21 -18.21 -7.42
C PRO A 165 -7.17 -17.14 -8.52
N TYR A 166 -6.87 -15.89 -8.12
CA TYR A 166 -6.61 -14.77 -9.04
C TYR A 166 -5.29 -14.06 -8.65
N PHE A 167 -4.37 -14.79 -7.99
CA PHE A 167 -2.99 -14.31 -7.73
C PHE A 167 -2.02 -14.87 -8.79
N TYR A 168 -2.46 -15.93 -9.47
CA TYR A 168 -1.84 -16.36 -10.73
C TYR A 168 -2.20 -15.34 -11.82
N CYS A 169 -1.20 -14.97 -12.60
CA CYS A 169 -1.35 -14.06 -13.74
C CYS A 169 -0.56 -14.69 -14.91
N ASP A 170 -1.20 -14.83 -16.08
CA ASP A 170 -0.59 -15.44 -17.27
C ASP A 170 0.47 -14.49 -17.87
N GLU A 171 1.65 -14.52 -17.24
CA GLU A 171 2.80 -13.68 -17.56
C GLU A 171 3.98 -14.19 -16.72
N GLU A 172 4.98 -14.73 -17.39
CA GLU A 172 6.16 -15.35 -16.76
C GLU A 172 7.31 -15.45 -17.77
N GLU A 173 8.48 -15.86 -17.30
CA GLU A 173 9.64 -16.13 -18.16
C GLU A 173 9.64 -17.63 -18.51
N ASN A 174 8.60 -18.06 -19.25
CA ASN A 174 8.43 -19.46 -19.70
C ASN A 174 9.42 -19.78 -20.85
N MET A 1 24.38 13.87 22.39
CA MET A 1 23.29 14.86 22.49
C MET A 1 23.81 16.27 22.18
N GLY A 2 22.88 17.25 22.09
CA GLY A 2 23.22 18.65 21.86
C GLY A 2 23.41 19.00 20.39
N SER A 3 24.36 18.32 19.74
CA SER A 3 24.68 18.50 18.32
C SER A 3 25.28 17.20 17.74
N GLY A 4 24.73 16.73 16.62
CA GLY A 4 25.18 15.51 15.95
C GLY A 4 24.56 15.38 14.57
N PRO A 5 23.87 14.23 14.25
CA PRO A 5 23.13 14.09 12.97
C PRO A 5 21.91 15.04 12.91
N ILE A 6 21.59 15.54 11.71
CA ILE A 6 20.39 16.38 11.50
C ILE A 6 19.13 15.49 11.47
N ASP A 7 18.05 15.98 12.11
CA ASP A 7 16.73 15.35 12.02
C ASP A 7 15.78 16.28 11.25
N PRO A 8 15.60 16.05 9.91
CA PRO A 8 14.83 16.95 9.04
C PRO A 8 13.31 16.69 9.05
N LYS A 9 12.84 15.68 9.83
CA LYS A 9 11.42 15.24 9.79
C LYS A 9 10.47 16.35 10.29
N GLU A 10 10.98 17.21 11.19
CA GLU A 10 10.23 18.34 11.77
C GLU A 10 9.79 19.33 10.69
N LEU A 11 10.64 19.50 9.67
CA LEU A 11 10.42 20.44 8.56
C LEU A 11 9.30 19.90 7.62
N LEU A 12 9.10 18.56 7.64
CA LEU A 12 8.00 17.89 6.88
C LEU A 12 6.76 17.70 7.77
N LYS A 13 6.95 17.77 9.10
CA LYS A 13 5.86 17.79 10.09
C LYS A 13 5.38 19.24 10.35
N GLY A 14 6.09 20.22 9.74
CA GLY A 14 5.68 21.62 9.76
C GLY A 14 4.30 21.87 9.13
N LEU A 15 3.94 21.02 8.13
CA LEU A 15 2.68 21.14 7.37
C LEU A 15 1.49 20.45 8.09
N ASP A 16 1.68 20.00 9.35
CA ASP A 16 0.62 19.32 10.14
C ASP A 16 -0.58 20.25 10.42
N SER A 17 -0.34 21.58 10.26
CA SER A 17 -1.38 22.62 10.32
C SER A 17 -2.49 22.41 9.25
N PHE A 18 -2.07 21.91 8.06
CA PHE A 18 -2.97 21.69 6.90
C PHE A 18 -3.81 20.41 7.05
N LEU A 19 -3.49 19.61 8.09
CA LEU A 19 -4.30 18.44 8.50
C LEU A 19 -5.07 18.81 9.78
N THR A 20 -5.95 17.90 10.22
CA THR A 20 -6.73 18.06 11.47
C THR A 20 -5.84 17.81 12.71
N ARG A 21 -6.44 17.88 13.91
CA ARG A 21 -5.75 17.64 15.20
C ARG A 21 -5.05 16.25 15.22
N ASP A 22 -5.75 15.24 14.68
CA ASP A 22 -5.25 13.84 14.58
C ASP A 22 -4.05 13.73 13.62
N GLY A 23 -3.97 14.69 12.67
CA GLY A 23 -2.94 14.67 11.63
C GLY A 23 -3.26 13.72 10.50
N GLU A 24 -4.56 13.32 10.40
CA GLU A 24 -5.01 12.40 9.35
C GLU A 24 -5.38 13.17 8.06
N VAL A 25 -6.29 14.15 8.18
CA VAL A 25 -6.84 14.91 7.05
C VAL A 25 -7.74 16.02 7.58
N LYS A 26 -7.55 17.26 7.09
CA LYS A 26 -8.44 18.38 7.42
C LYS A 26 -9.69 18.31 6.52
N SER A 27 -9.44 18.37 5.21
CA SER A 27 -10.50 18.39 4.18
C SER A 27 -10.03 17.61 2.92
N VAL A 28 -10.91 17.54 1.91
CA VAL A 28 -10.64 16.84 0.64
C VAL A 28 -9.60 17.62 -0.21
N ASP A 29 -9.41 18.91 0.08
CA ASP A 29 -8.29 19.72 -0.46
C ASP A 29 -6.96 19.36 0.26
N GLY A 30 -7.08 18.90 1.51
CA GLY A 30 -5.92 18.52 2.34
C GLY A 30 -5.11 17.38 1.75
N ILE A 31 -5.80 16.39 1.15
CA ILE A 31 -5.14 15.28 0.42
C ILE A 31 -4.49 15.78 -0.87
N ALA A 32 -5.16 16.69 -1.60
CA ALA A 32 -4.71 17.16 -2.93
C ALA A 32 -3.34 17.87 -2.87
N LYS A 33 -3.16 18.72 -1.84
CA LYS A 33 -1.87 19.42 -1.60
C LYS A 33 -0.79 18.42 -1.11
N ILE A 34 -1.17 17.53 -0.19
CA ILE A 34 -0.29 16.47 0.34
C ILE A 34 0.16 15.52 -0.80
N PHE A 35 -0.75 15.30 -1.77
CA PHE A 35 -0.54 14.38 -2.89
C PHE A 35 0.45 14.96 -3.91
N SER A 36 0.31 16.27 -4.20
CA SER A 36 1.17 16.94 -5.20
C SER A 36 2.64 16.95 -4.73
N LEU A 37 2.86 17.07 -3.40
CA LEU A 37 4.21 16.98 -2.82
C LEU A 37 4.65 15.48 -2.71
N MET A 38 3.68 14.60 -2.41
CA MET A 38 3.94 13.14 -2.25
C MET A 38 4.34 12.49 -3.59
N LYS A 39 3.75 13.02 -4.68
CA LYS A 39 3.89 12.48 -6.05
C LYS A 39 5.36 12.45 -6.50
N GLU A 40 6.14 13.40 -5.96
CA GLU A 40 7.57 13.53 -6.22
C GLU A 40 8.34 12.23 -5.90
N ALA A 41 7.97 11.61 -4.76
CA ALA A 41 8.66 10.42 -4.20
C ALA A 41 10.17 10.67 -4.07
N ARG A 42 10.50 11.93 -3.76
CA ARG A 42 11.85 12.50 -3.88
C ARG A 42 12.83 11.80 -2.92
N LYS A 43 12.59 11.98 -1.62
CA LYS A 43 13.42 11.40 -0.55
C LYS A 43 12.52 10.57 0.37
N MET A 44 13.11 9.54 1.00
CA MET A 44 12.36 8.48 1.70
C MET A 44 11.62 9.00 2.95
N VAL A 45 12.36 9.43 4.00
CA VAL A 45 11.75 9.80 5.30
C VAL A 45 10.93 11.12 5.18
N SER A 46 11.33 11.98 4.21
CA SER A 46 10.60 13.22 3.90
C SER A 46 9.21 12.91 3.32
N ARG A 47 9.15 11.92 2.43
CA ARG A 47 7.89 11.51 1.78
C ARG A 47 7.04 10.58 2.67
N CYS A 48 7.73 9.82 3.54
CA CYS A 48 7.09 8.75 4.36
C CYS A 48 6.04 9.31 5.33
N THR A 49 6.22 10.59 5.77
CA THR A 49 5.26 11.27 6.66
C THR A 49 3.90 11.48 5.95
N TYR A 50 3.94 11.69 4.61
CA TYR A 50 2.72 11.86 3.78
C TYR A 50 1.93 10.55 3.73
N LEU A 51 2.65 9.41 3.54
CA LEU A 51 2.06 8.05 3.52
C LEU A 51 1.44 7.71 4.89
N ASN A 52 2.09 8.19 5.97
CA ASN A 52 1.62 8.00 7.36
C ASN A 52 0.29 8.77 7.59
N ILE A 53 0.24 10.00 7.05
CA ILE A 53 -0.96 10.86 7.06
C ILE A 53 -2.16 10.14 6.39
N ILE A 54 -1.89 9.47 5.25
CA ILE A 54 -2.93 8.75 4.48
C ILE A 54 -3.47 7.57 5.30
N LEU A 55 -2.55 6.77 5.87
CA LEU A 55 -2.91 5.59 6.68
C LEU A 55 -3.83 5.96 7.86
N GLN A 56 -3.62 7.17 8.42
CA GLN A 56 -4.44 7.73 9.51
C GLN A 56 -5.83 8.19 8.99
N THR A 57 -5.89 8.63 7.71
CA THR A 57 -7.13 9.15 7.09
C THR A 57 -8.24 8.07 7.04
N ARG A 58 -9.33 8.31 7.77
CA ARG A 58 -10.50 7.41 7.81
C ARG A 58 -11.71 8.05 7.09
N ALA A 59 -11.49 9.19 6.41
CA ALA A 59 -12.52 9.85 5.57
C ALA A 59 -12.58 9.17 4.19
N PRO A 60 -13.65 8.34 3.89
CA PRO A 60 -13.67 7.39 2.73
C PRO A 60 -13.58 8.08 1.35
N GLU A 61 -14.13 9.32 1.23
CA GLU A 61 -14.08 10.08 -0.04
C GLU A 61 -12.62 10.44 -0.38
N VAL A 62 -11.84 10.81 0.66
CA VAL A 62 -10.43 11.18 0.50
C VAL A 62 -9.60 9.99 -0.06
N LEU A 63 -10.04 8.76 0.25
CA LEU A 63 -9.38 7.50 -0.21
C LEU A 63 -9.61 7.26 -1.70
N VAL A 64 -10.89 7.29 -2.14
CA VAL A 64 -11.27 7.10 -3.55
C VAL A 64 -10.75 8.27 -4.43
N LYS A 65 -10.66 9.46 -3.80
CA LYS A 65 -10.15 10.68 -4.43
C LYS A 65 -8.63 10.58 -4.60
N PHE A 66 -7.96 9.93 -3.64
CA PHE A 66 -6.51 9.67 -3.72
C PHE A 66 -6.19 8.78 -4.94
N ILE A 67 -7.01 7.74 -5.14
CA ILE A 67 -6.91 6.85 -6.33
C ILE A 67 -7.16 7.66 -7.63
N ASP A 68 -8.21 8.51 -7.57
CA ASP A 68 -8.72 9.30 -8.72
C ASP A 68 -7.67 10.30 -9.26
N VAL A 69 -6.97 11.00 -8.34
CA VAL A 69 -5.96 12.02 -8.70
C VAL A 69 -4.65 11.38 -9.24
N GLY A 70 -4.55 10.03 -9.19
CA GLY A 70 -3.42 9.28 -9.74
C GLY A 70 -2.61 8.56 -8.67
N GLY A 71 -3.15 8.49 -7.44
CA GLY A 71 -2.49 7.83 -6.30
C GLY A 71 -2.17 6.37 -6.51
N TYR A 72 -3.02 5.67 -7.29
CA TYR A 72 -2.78 4.26 -7.69
C TYR A 72 -1.48 4.15 -8.53
N LYS A 73 -1.32 5.08 -9.50
CA LYS A 73 -0.15 5.14 -10.40
C LYS A 73 1.15 5.31 -9.59
N LEU A 74 1.05 6.10 -8.52
CA LEU A 74 2.14 6.31 -7.55
C LEU A 74 2.50 4.99 -6.81
N LEU A 75 1.47 4.27 -6.33
CA LEU A 75 1.65 2.98 -5.62
C LEU A 75 2.40 1.95 -6.48
N ASN A 76 2.10 1.96 -7.80
CA ASN A 76 2.81 1.14 -8.81
C ASN A 76 4.31 1.49 -8.87
N SER A 77 4.56 2.81 -9.03
CA SER A 77 5.91 3.38 -9.18
C SER A 77 6.80 3.07 -7.96
N TRP A 78 6.22 3.23 -6.76
CA TRP A 78 6.91 3.07 -5.48
C TRP A 78 7.23 1.59 -5.22
N LEU A 79 6.29 0.69 -5.57
CA LEU A 79 6.46 -0.77 -5.35
C LEU A 79 7.70 -1.24 -6.15
N THR A 80 7.75 -0.83 -7.44
CA THR A 80 8.83 -1.16 -8.37
C THR A 80 10.19 -0.54 -7.92
N TYR A 81 10.13 0.74 -7.47
CA TYR A 81 11.30 1.53 -7.04
C TYR A 81 11.94 0.93 -5.76
N SER A 82 11.08 0.67 -4.77
CA SER A 82 11.50 0.19 -3.45
C SER A 82 11.91 -1.29 -3.48
N LYS A 83 11.45 -2.03 -4.52
CA LYS A 83 11.80 -3.45 -4.74
C LYS A 83 13.31 -3.56 -5.09
N THR A 84 13.77 -2.69 -5.99
CA THR A 84 15.14 -2.72 -6.53
C THR A 84 16.17 -2.13 -5.54
N THR A 85 15.73 -1.16 -4.72
CA THR A 85 16.52 -0.65 -3.58
C THR A 85 16.43 -1.61 -2.38
N ASN A 86 15.32 -2.39 -2.34
CA ASN A 86 14.96 -3.32 -1.26
C ASN A 86 14.89 -2.57 0.09
N ASN A 87 13.92 -1.64 0.16
CA ASN A 87 13.67 -0.79 1.34
C ASN A 87 12.46 -1.35 2.06
N ILE A 88 12.71 -2.32 2.95
CA ILE A 88 11.66 -3.08 3.65
C ILE A 88 10.61 -2.16 4.39
N PRO A 89 11.04 -1.08 5.15
CA PRO A 89 10.09 -0.10 5.74
C PRO A 89 9.22 0.62 4.68
N LEU A 90 9.73 0.79 3.43
CA LEU A 90 8.93 1.37 2.33
C LEU A 90 7.94 0.31 1.76
N LEU A 91 8.44 -0.92 1.49
CA LEU A 91 7.61 -2.02 0.89
C LEU A 91 6.29 -2.21 1.65
N GLN A 92 6.41 -2.24 3.00
CA GLN A 92 5.25 -2.42 3.88
C GLN A 92 4.29 -1.22 3.82
N GLN A 93 4.84 0.02 3.77
CA GLN A 93 4.03 1.27 3.72
C GLN A 93 3.19 1.35 2.43
N ILE A 94 3.80 0.93 1.30
CA ILE A 94 3.16 0.97 -0.03
C ILE A 94 1.95 0.01 -0.05
N LEU A 95 2.19 -1.25 0.39
CA LEU A 95 1.16 -2.29 0.42
C LEU A 95 0.09 -1.99 1.50
N LEU A 96 0.49 -1.23 2.56
CA LEU A 96 -0.43 -0.73 3.60
C LEU A 96 -1.41 0.28 3.01
N THR A 97 -0.89 1.19 2.16
CA THR A 97 -1.70 2.31 1.63
C THR A 97 -2.76 1.81 0.63
N LEU A 98 -2.41 0.78 -0.18
CA LEU A 98 -3.38 0.14 -1.10
C LEU A 98 -4.32 -0.85 -0.37
N GLN A 99 -3.88 -1.32 0.83
CA GLN A 99 -4.74 -2.10 1.76
C GLN A 99 -5.73 -1.13 2.46
N HIS A 100 -5.27 0.10 2.66
CA HIS A 100 -5.98 1.18 3.35
C HIS A 100 -7.16 1.68 2.50
N LEU A 101 -6.86 2.07 1.25
CA LEU A 101 -7.88 2.55 0.30
C LEU A 101 -8.70 1.35 -0.25
N PRO A 102 -9.97 1.56 -0.71
CA PRO A 102 -10.80 0.48 -1.31
C PRO A 102 -10.23 0.03 -2.68
N LEU A 103 -9.23 -0.87 -2.62
CA LEU A 103 -8.57 -1.43 -3.81
C LEU A 103 -9.45 -2.54 -4.40
N THR A 104 -9.52 -2.62 -5.73
CA THR A 104 -10.32 -3.62 -6.45
C THR A 104 -9.40 -4.69 -7.08
N VAL A 105 -10.00 -5.83 -7.51
CA VAL A 105 -9.29 -6.88 -8.29
C VAL A 105 -8.81 -6.30 -9.63
N ASP A 106 -9.63 -5.39 -10.18
CA ASP A 106 -9.33 -4.61 -11.41
C ASP A 106 -7.99 -3.84 -11.26
N HIS A 107 -7.80 -3.19 -10.10
CA HIS A 107 -6.59 -2.39 -9.80
C HIS A 107 -5.34 -3.29 -9.67
N LEU A 108 -5.41 -4.31 -8.79
CA LEU A 108 -4.24 -5.20 -8.52
C LEU A 108 -3.85 -6.03 -9.78
N LYS A 109 -4.76 -6.09 -10.78
CA LYS A 109 -4.49 -6.70 -12.09
C LYS A 109 -3.86 -5.71 -13.07
N GLN A 110 -4.24 -4.42 -12.94
CA GLN A 110 -3.84 -3.34 -13.87
C GLN A 110 -2.30 -3.22 -14.00
N ASN A 111 -1.57 -3.51 -12.91
CA ASN A 111 -0.07 -3.54 -12.92
C ASN A 111 0.47 -4.81 -12.23
N ASN A 112 -0.31 -5.92 -12.32
CA ASN A 112 0.10 -7.28 -11.87
C ASN A 112 0.52 -7.32 -10.38
N THR A 113 0.01 -6.35 -9.59
CA THR A 113 0.35 -6.17 -8.17
C THR A 113 -0.01 -7.42 -7.32
N ALA A 114 -0.96 -8.24 -7.86
CA ALA A 114 -1.37 -9.53 -7.28
C ALA A 114 -0.15 -10.44 -7.01
N LYS A 115 0.62 -10.73 -8.07
CA LYS A 115 1.79 -11.65 -8.00
C LYS A 115 2.93 -11.03 -7.18
N LEU A 116 3.08 -9.70 -7.29
CA LEU A 116 4.16 -8.95 -6.61
C LEU A 116 4.03 -9.03 -5.07
N VAL A 117 2.79 -9.01 -4.55
CA VAL A 117 2.53 -9.10 -3.10
C VAL A 117 2.58 -10.56 -2.59
N LYS A 118 1.91 -11.49 -3.30
CA LYS A 118 1.70 -12.89 -2.81
C LYS A 118 3.03 -13.68 -2.63
N GLN A 119 4.09 -13.24 -3.34
CA GLN A 119 5.43 -13.84 -3.21
C GLN A 119 6.14 -13.33 -1.93
N LEU A 120 5.88 -12.06 -1.57
CA LEU A 120 6.46 -11.39 -0.40
C LEU A 120 5.87 -11.95 0.90
N SER A 121 4.55 -12.25 0.85
CA SER A 121 3.76 -12.69 2.02
C SER A 121 4.25 -14.04 2.58
N LYS A 122 4.83 -14.87 1.70
CA LYS A 122 5.30 -16.23 2.04
C LYS A 122 6.83 -16.34 2.00
N SER A 123 7.49 -15.44 1.24
CA SER A 123 8.96 -15.42 1.10
C SER A 123 9.50 -13.99 1.25
N SER A 124 9.73 -13.60 2.50
CA SER A 124 10.47 -12.39 2.87
C SER A 124 11.65 -12.73 3.80
N GLU A 125 12.53 -11.74 4.00
CA GLU A 125 13.61 -11.77 5.00
C GLU A 125 13.09 -11.28 6.37
N ASP A 126 12.14 -10.32 6.32
CA ASP A 126 11.54 -9.71 7.51
C ASP A 126 10.09 -10.15 7.68
N GLU A 127 9.75 -10.55 8.92
CA GLU A 127 8.40 -10.99 9.31
C GLU A 127 7.39 -9.85 9.17
N GLU A 128 7.87 -8.62 9.42
CA GLU A 128 7.03 -7.40 9.45
C GLU A 128 6.28 -7.16 8.12
N LEU A 129 7.01 -7.13 6.99
CA LEU A 129 6.45 -6.76 5.67
C LEU A 129 5.50 -7.87 5.19
N ARG A 130 5.90 -9.15 5.44
CA ARG A 130 5.18 -10.32 4.93
C ARG A 130 3.91 -10.59 5.72
N LYS A 131 3.89 -10.20 7.01
CA LYS A 131 2.70 -10.35 7.86
C LYS A 131 1.61 -9.38 7.38
N LEU A 132 2.05 -8.14 7.06
CA LEU A 132 1.20 -7.08 6.47
C LEU A 132 0.76 -7.47 5.03
N ALA A 133 1.65 -8.15 4.30
CA ALA A 133 1.37 -8.64 2.93
C ALA A 133 0.45 -9.87 2.95
N SER A 134 0.50 -10.66 4.06
CA SER A 134 -0.33 -11.87 4.23
C SER A 134 -1.80 -11.51 4.53
N VAL A 135 -2.03 -10.52 5.42
CA VAL A 135 -3.40 -10.03 5.70
C VAL A 135 -4.00 -9.34 4.46
N LEU A 136 -3.12 -8.67 3.68
CA LEU A 136 -3.48 -8.02 2.41
C LEU A 136 -3.93 -9.05 1.35
N VAL A 137 -3.07 -10.05 1.07
CA VAL A 137 -3.33 -11.05 0.02
C VAL A 137 -4.49 -12.00 0.43
N SER A 138 -4.66 -12.20 1.75
CA SER A 138 -5.75 -13.04 2.30
C SER A 138 -7.10 -12.30 2.19
N ASP A 139 -7.04 -10.96 2.27
CA ASP A 139 -8.21 -10.09 2.06
C ASP A 139 -8.59 -10.05 0.57
N TRP A 140 -7.55 -10.12 -0.29
CA TRP A 140 -7.71 -10.20 -1.76
C TRP A 140 -8.35 -11.53 -2.18
N MET A 141 -7.83 -12.65 -1.65
CA MET A 141 -8.35 -14.00 -2.01
C MET A 141 -9.75 -14.21 -1.40
N ALA A 142 -10.06 -13.47 -0.31
CA ALA A 142 -11.38 -13.48 0.34
C ALA A 142 -12.47 -12.92 -0.59
N VAL A 143 -12.22 -11.71 -1.15
CA VAL A 143 -13.17 -11.06 -2.09
C VAL A 143 -13.26 -11.86 -3.40
N ILE A 144 -12.12 -12.43 -3.84
CA ILE A 144 -12.04 -13.27 -5.06
C ILE A 144 -12.93 -14.52 -4.93
N ARG A 145 -12.85 -15.22 -3.79
CA ARG A 145 -13.63 -16.46 -3.56
C ARG A 145 -15.09 -16.15 -3.14
N SER A 146 -15.35 -14.88 -2.75
CA SER A 146 -16.71 -14.40 -2.48
C SER A 146 -17.46 -14.16 -3.81
N GLN A 147 -16.71 -13.71 -4.84
CA GLN A 147 -17.25 -13.49 -6.19
C GLN A 147 -17.26 -14.79 -7.01
N SER A 148 -16.29 -15.69 -6.71
CA SER A 148 -16.13 -16.97 -7.42
C SER A 148 -15.28 -17.93 -6.55
N GLY A 149 -15.96 -18.77 -5.74
CA GLY A 149 -15.29 -19.74 -4.87
C GLY A 149 -16.19 -20.27 -3.77
N GLY A 150 -17.45 -20.60 -4.14
CA GLY A 150 -18.45 -21.11 -3.20
C GLY A 150 -18.55 -22.63 -3.25
N GLY A 151 -17.40 -23.30 -3.06
CA GLY A 151 -17.32 -24.75 -3.07
C GLY A 151 -15.90 -25.21 -2.85
N SER A 152 -15.28 -24.68 -1.77
CA SER A 152 -13.88 -24.91 -1.42
C SER A 152 -13.69 -24.82 0.11
N GLY A 153 -12.48 -25.23 0.58
CA GLY A 153 -12.13 -25.20 2.01
C GLY A 153 -11.65 -26.56 2.48
N GLY A 154 -10.37 -26.63 2.91
CA GLY A 154 -9.77 -27.87 3.42
C GLY A 154 -10.02 -28.07 4.90
N GLY A 155 -9.80 -29.30 5.39
CA GLY A 155 -9.92 -29.63 6.81
C GLY A 155 -8.70 -29.16 7.59
N SER A 156 -8.68 -27.85 7.89
CA SER A 156 -7.58 -27.13 8.59
C SER A 156 -6.21 -27.26 7.89
N ASP A 157 -6.22 -27.65 6.61
CA ASP A 157 -5.03 -27.72 5.75
C ASP A 157 -5.17 -26.67 4.64
N LEU A 158 -4.04 -26.11 4.19
CA LEU A 158 -4.02 -25.08 3.15
C LEU A 158 -2.60 -24.94 2.58
N ASP A 159 -2.51 -24.62 1.28
CA ASP A 159 -1.22 -24.37 0.60
C ASP A 159 -1.33 -23.05 -0.17
N TYR A 160 -0.17 -22.51 -0.57
CA TYR A 160 -0.09 -21.25 -1.32
C TYR A 160 -0.66 -21.41 -2.74
N ASP A 161 -0.37 -22.55 -3.40
CA ASP A 161 -0.88 -22.84 -4.77
C ASP A 161 -2.40 -23.04 -4.74
N SER A 162 -2.90 -23.53 -3.59
CA SER A 162 -4.33 -23.79 -3.35
C SER A 162 -5.15 -22.49 -3.37
N VAL A 163 -4.52 -21.37 -2.94
CA VAL A 163 -5.15 -20.04 -2.89
C VAL A 163 -4.62 -19.15 -4.04
N GLN A 164 -4.22 -19.79 -5.16
CA GLN A 164 -3.82 -19.09 -6.40
C GLN A 164 -4.78 -19.41 -7.56
N PRO A 165 -5.98 -18.76 -7.64
CA PRO A 165 -6.76 -18.70 -8.89
C PRO A 165 -6.25 -17.56 -9.79
N TYR A 166 -6.43 -16.31 -9.34
CA TYR A 166 -5.96 -15.10 -10.02
C TYR A 166 -4.46 -14.87 -9.73
N PHE A 167 -3.98 -15.37 -8.58
CA PHE A 167 -2.56 -15.22 -8.16
C PHE A 167 -1.65 -16.20 -8.93
N TYR A 168 -2.27 -17.24 -9.54
CA TYR A 168 -1.59 -18.12 -10.51
C TYR A 168 -1.64 -17.47 -11.90
N CYS A 169 -2.87 -17.23 -12.39
CA CYS A 169 -3.10 -16.60 -13.71
C CYS A 169 -2.84 -15.09 -13.63
N ASP A 170 -1.54 -14.75 -13.60
CA ASP A 170 -1.04 -13.36 -13.53
C ASP A 170 0.37 -13.30 -14.18
N GLU A 171 0.82 -14.47 -14.69
CA GLU A 171 2.20 -14.71 -15.15
C GLU A 171 2.50 -13.95 -16.45
N GLU A 172 3.14 -12.77 -16.31
CA GLU A 172 3.62 -11.97 -17.42
C GLU A 172 5.12 -11.68 -17.22
N GLU A 173 5.95 -12.37 -18.00
CA GLU A 173 7.41 -12.26 -17.94
C GLU A 173 7.88 -11.18 -18.92
N ASN A 174 7.45 -9.94 -18.63
CA ASN A 174 7.70 -8.78 -19.49
C ASN A 174 9.13 -8.23 -19.23
N MET A 1 17.85 16.65 25.98
CA MET A 1 19.00 17.60 26.01
C MET A 1 19.38 18.06 24.58
N GLY A 2 19.09 17.20 23.59
CA GLY A 2 19.56 17.41 22.22
C GLY A 2 21.06 17.13 22.09
N SER A 3 21.78 18.02 21.40
CA SER A 3 23.25 17.91 21.16
C SER A 3 23.57 16.62 20.38
N GLY A 4 22.71 16.32 19.41
CA GLY A 4 22.85 15.15 18.55
C GLY A 4 22.33 15.43 17.15
N PRO A 5 21.60 14.47 16.50
CA PRO A 5 21.10 14.65 15.12
C PRO A 5 19.80 15.49 15.06
N ILE A 6 19.25 15.60 13.85
CA ILE A 6 17.89 16.12 13.61
C ILE A 6 17.05 14.99 12.99
N ASP A 7 15.77 14.92 13.35
CA ASP A 7 14.82 14.01 12.70
C ASP A 7 14.25 14.73 11.46
N PRO A 8 14.48 14.21 10.23
CA PRO A 8 13.96 14.82 8.99
C PRO A 8 12.43 14.68 8.78
N LYS A 9 11.74 13.76 9.51
CA LYS A 9 10.28 13.54 9.34
C LYS A 9 9.45 14.73 9.88
N GLU A 10 9.89 15.29 11.03
CA GLU A 10 9.19 16.44 11.68
C GLU A 10 9.20 17.68 10.77
N LEU A 11 10.21 17.77 9.88
CA LEU A 11 10.30 18.84 8.85
C LEU A 11 9.06 18.81 7.91
N LEU A 12 8.64 17.60 7.52
CA LEU A 12 7.45 17.39 6.67
C LEU A 12 6.16 17.38 7.51
N LYS A 13 6.30 17.06 8.81
CA LYS A 13 5.20 17.13 9.78
C LYS A 13 4.96 18.61 10.22
N GLY A 14 5.83 19.53 9.74
CA GLY A 14 5.63 20.98 9.95
C GLY A 14 4.25 21.50 9.49
N LEU A 15 3.65 20.84 8.48
CA LEU A 15 2.30 21.15 7.97
C LEU A 15 1.18 20.43 8.78
N ASP A 16 1.51 20.00 10.01
CA ASP A 16 0.57 19.33 10.96
C ASP A 16 -0.68 20.18 11.24
N SER A 17 -0.49 21.52 11.18
CA SER A 17 -1.55 22.50 11.41
C SER A 17 -2.73 22.36 10.40
N PHE A 18 -2.42 21.87 9.18
CA PHE A 18 -3.44 21.60 8.15
C PHE A 18 -4.32 20.40 8.55
N LEU A 19 -3.67 19.31 9.00
CA LEU A 19 -4.37 18.06 9.39
C LEU A 19 -5.25 18.30 10.65
N THR A 20 -6.15 17.34 10.97
CA THR A 20 -6.99 17.39 12.19
C THR A 20 -6.10 17.41 13.46
N ARG A 21 -6.66 17.88 14.59
CA ARG A 21 -5.92 17.96 15.88
C ARG A 21 -5.53 16.55 16.38
N ASP A 22 -6.27 15.54 15.88
CA ASP A 22 -6.01 14.11 16.15
C ASP A 22 -4.77 13.61 15.37
N GLY A 23 -4.54 14.26 14.21
CA GLY A 23 -3.46 13.88 13.30
C GLY A 23 -3.91 12.72 12.41
N GLU A 24 -4.83 13.00 11.47
CA GLU A 24 -5.44 11.99 10.59
C GLU A 24 -5.38 12.45 9.12
N VAL A 25 -6.11 13.56 8.83
CA VAL A 25 -6.23 14.13 7.48
C VAL A 25 -6.72 15.57 7.57
N LYS A 26 -6.46 16.39 6.53
CA LYS A 26 -7.08 17.71 6.39
C LYS A 26 -8.50 17.55 5.79
N SER A 27 -8.54 17.20 4.49
CA SER A 27 -9.78 17.21 3.67
C SER A 27 -9.48 16.63 2.26
N VAL A 28 -10.50 16.73 1.37
CA VAL A 28 -10.41 16.31 -0.05
C VAL A 28 -9.38 17.17 -0.85
N ASP A 29 -9.13 18.41 -0.38
CA ASP A 29 -8.07 19.30 -0.94
C ASP A 29 -6.72 19.03 -0.28
N GLY A 30 -6.75 18.63 1.00
CA GLY A 30 -5.55 18.34 1.79
C GLY A 30 -4.76 17.16 1.24
N ILE A 31 -5.50 16.15 0.75
CA ILE A 31 -4.91 14.98 0.06
C ILE A 31 -4.39 15.37 -1.34
N ALA A 32 -5.03 16.38 -1.98
CA ALA A 32 -4.65 16.84 -3.33
C ALA A 32 -3.25 17.48 -3.32
N LYS A 33 -2.99 18.33 -2.29
CA LYS A 33 -1.68 18.97 -2.12
C LYS A 33 -0.61 17.97 -1.64
N ILE A 34 -1.03 17.02 -0.77
CA ILE A 34 -0.16 15.92 -0.27
C ILE A 34 0.21 14.97 -1.43
N PHE A 35 -0.73 14.79 -2.37
CA PHE A 35 -0.53 13.96 -3.57
C PHE A 35 0.56 14.58 -4.45
N SER A 36 0.33 15.86 -4.82
CA SER A 36 1.19 16.61 -5.75
C SER A 36 2.60 16.83 -5.19
N LEU A 37 2.71 16.84 -3.86
CA LEU A 37 4.00 16.99 -3.15
C LEU A 37 4.74 15.63 -3.13
N MET A 38 4.06 14.60 -2.56
CA MET A 38 4.63 13.23 -2.32
C MET A 38 4.94 12.49 -3.64
N LYS A 39 4.28 12.95 -4.72
CA LYS A 39 4.46 12.46 -6.11
C LYS A 39 5.94 12.54 -6.59
N GLU A 40 6.77 13.31 -5.86
CA GLU A 40 8.21 13.42 -6.12
C GLU A 40 8.90 12.03 -6.11
N ALA A 41 8.51 11.16 -5.14
CA ALA A 41 9.15 9.83 -4.90
C ALA A 41 10.68 9.93 -4.68
N ARG A 42 11.14 11.15 -4.37
CA ARG A 42 12.56 11.53 -4.31
C ARG A 42 13.13 11.21 -2.92
N LYS A 43 12.63 11.92 -1.91
CA LYS A 43 13.07 11.78 -0.52
C LYS A 43 12.21 10.71 0.17
N MET A 44 12.87 9.58 0.51
CA MET A 44 12.27 8.45 1.26
C MET A 44 11.53 8.92 2.51
N VAL A 45 12.17 9.85 3.25
CA VAL A 45 11.65 10.39 4.50
C VAL A 45 10.36 11.22 4.30
N SER A 46 10.31 11.99 3.19
CA SER A 46 9.17 12.88 2.90
C SER A 46 7.93 12.05 2.56
N ARG A 47 8.09 11.13 1.60
CA ARG A 47 6.99 10.30 1.08
C ARG A 47 6.46 9.33 2.15
N CYS A 48 7.33 8.85 3.08
CA CYS A 48 6.90 7.93 4.17
C CYS A 48 6.01 8.68 5.18
N THR A 49 6.33 9.97 5.42
CA THR A 49 5.57 10.83 6.34
C THR A 49 4.13 11.05 5.80
N TYR A 50 4.01 11.30 4.48
CA TYR A 50 2.71 11.55 3.85
C TYR A 50 1.91 10.25 3.66
N LEU A 51 2.61 9.12 3.41
CA LEU A 51 1.98 7.77 3.37
C LEU A 51 1.39 7.42 4.75
N ASN A 52 2.11 7.85 5.82
CA ASN A 52 1.69 7.64 7.22
C ASN A 52 0.38 8.38 7.48
N ILE A 53 0.28 9.61 6.92
CA ILE A 53 -0.93 10.45 6.99
C ILE A 53 -2.13 9.75 6.32
N ILE A 54 -1.89 9.08 5.17
CA ILE A 54 -2.98 8.38 4.43
C ILE A 54 -3.48 7.17 5.24
N LEU A 55 -2.55 6.49 5.91
CA LEU A 55 -2.83 5.29 6.73
C LEU A 55 -3.75 5.62 7.93
N GLN A 56 -3.54 6.81 8.53
CA GLN A 56 -4.34 7.29 9.68
C GLN A 56 -5.58 8.09 9.22
N THR A 57 -5.71 8.31 7.89
CA THR A 57 -6.93 8.88 7.29
C THR A 57 -8.05 7.82 7.31
N ARG A 58 -8.95 7.95 8.29
CA ARG A 58 -10.13 7.08 8.44
C ARG A 58 -11.21 7.40 7.37
N ALA A 59 -11.15 8.63 6.80
CA ALA A 59 -12.13 9.11 5.81
C ALA A 59 -11.93 8.41 4.44
N PRO A 60 -12.85 7.46 4.03
CA PRO A 60 -12.69 6.66 2.79
C PRO A 60 -12.91 7.50 1.51
N GLU A 61 -13.60 8.65 1.66
CA GLU A 61 -13.80 9.66 0.60
C GLU A 61 -12.45 10.15 0.04
N VAL A 62 -11.50 10.37 0.96
CA VAL A 62 -10.14 10.84 0.67
C VAL A 62 -9.34 9.74 -0.05
N LEU A 63 -9.54 8.49 0.41
CA LEU A 63 -8.87 7.28 -0.11
C LEU A 63 -9.23 7.04 -1.60
N VAL A 64 -10.55 7.03 -1.89
CA VAL A 64 -11.08 6.67 -3.22
C VAL A 64 -10.75 7.76 -4.28
N LYS A 65 -10.75 9.04 -3.86
CA LYS A 65 -10.42 10.15 -4.76
C LYS A 65 -8.90 10.24 -4.98
N PHE A 66 -8.11 9.75 -3.99
CA PHE A 66 -6.64 9.65 -4.11
C PHE A 66 -6.27 8.63 -5.22
N ILE A 67 -7.08 7.58 -5.35
CA ILE A 67 -6.96 6.59 -6.43
C ILE A 67 -7.23 7.26 -7.79
N ASP A 68 -8.28 8.10 -7.82
CA ASP A 68 -8.73 8.84 -9.02
C ASP A 68 -7.66 9.83 -9.52
N VAL A 69 -7.04 10.59 -8.58
CA VAL A 69 -6.09 11.67 -8.93
C VAL A 69 -4.75 11.13 -9.46
N GLY A 70 -4.46 9.85 -9.19
CA GLY A 70 -3.24 9.20 -9.73
C GLY A 70 -2.45 8.43 -8.68
N GLY A 71 -2.95 8.42 -7.42
CA GLY A 71 -2.34 7.67 -6.32
C GLY A 71 -2.26 6.17 -6.59
N TYR A 72 -3.24 5.65 -7.35
CA TYR A 72 -3.22 4.27 -7.88
C TYR A 72 -1.93 4.02 -8.70
N LYS A 73 -1.65 4.94 -9.64
CA LYS A 73 -0.49 4.85 -10.53
C LYS A 73 0.82 5.00 -9.75
N LEU A 74 0.83 5.93 -8.78
CA LEU A 74 2.01 6.23 -7.95
C LEU A 74 2.42 5.02 -7.10
N LEU A 75 1.50 4.56 -6.22
CA LEU A 75 1.75 3.46 -5.24
C LEU A 75 2.23 2.17 -5.94
N ASN A 76 1.75 1.93 -7.18
CA ASN A 76 2.16 0.77 -7.98
C ASN A 76 3.63 0.91 -8.46
N SER A 77 3.94 2.09 -9.03
CA SER A 77 5.30 2.40 -9.55
C SER A 77 6.32 2.45 -8.39
N TRP A 78 5.84 2.91 -7.22
CA TRP A 78 6.61 3.02 -5.98
C TRP A 78 6.90 1.64 -5.39
N LEU A 79 5.96 0.69 -5.58
CA LEU A 79 6.08 -0.69 -5.06
C LEU A 79 7.36 -1.33 -5.64
N THR A 80 7.45 -1.36 -6.99
CA THR A 80 8.59 -1.95 -7.71
C THR A 80 9.91 -1.18 -7.41
N TYR A 81 9.81 0.17 -7.41
CA TYR A 81 10.94 1.08 -7.14
C TYR A 81 11.58 0.82 -5.75
N SER A 82 10.72 0.71 -4.72
CA SER A 82 11.16 0.55 -3.32
C SER A 82 11.49 -0.92 -2.98
N LYS A 83 10.98 -1.84 -3.79
CA LYS A 83 11.23 -3.28 -3.66
C LYS A 83 12.66 -3.61 -4.14
N THR A 84 13.09 -2.97 -5.26
CA THR A 84 14.42 -3.24 -5.86
C THR A 84 15.57 -2.76 -4.93
N THR A 85 15.37 -1.60 -4.27
CA THR A 85 16.31 -1.05 -3.27
C THR A 85 16.13 -1.75 -1.90
N ASN A 86 14.95 -2.40 -1.72
CA ASN A 86 14.60 -3.20 -0.53
C ASN A 86 14.60 -2.33 0.75
N ASN A 87 13.97 -1.14 0.65
CA ASN A 87 13.75 -0.26 1.81
C ASN A 87 12.48 -0.74 2.53
N ILE A 88 12.64 -1.74 3.42
CA ILE A 88 11.53 -2.45 4.11
C ILE A 88 10.53 -1.49 4.84
N PRO A 89 10.98 -0.49 5.71
CA PRO A 89 10.05 0.45 6.40
C PRO A 89 9.21 1.31 5.43
N LEU A 90 9.82 1.63 4.28
CA LEU A 90 9.20 2.49 3.25
C LEU A 90 8.22 1.64 2.39
N LEU A 91 8.68 0.44 2.02
CA LEU A 91 7.98 -0.47 1.09
C LEU A 91 6.71 -1.03 1.73
N GLN A 92 6.79 -1.33 3.04
CA GLN A 92 5.65 -1.88 3.81
C GLN A 92 4.54 -0.82 3.96
N GLN A 93 4.93 0.47 3.99
CA GLN A 93 3.96 1.59 4.04
C GLN A 93 3.25 1.75 2.69
N ILE A 94 3.99 1.53 1.58
CA ILE A 94 3.43 1.60 0.22
C ILE A 94 2.31 0.56 0.05
N LEU A 95 2.63 -0.71 0.36
CA LEU A 95 1.67 -1.81 0.23
C LEU A 95 0.52 -1.61 1.23
N LEU A 96 0.84 -1.08 2.44
CA LEU A 96 -0.17 -0.81 3.49
C LEU A 96 -1.17 0.26 3.00
N THR A 97 -0.65 1.27 2.26
CA THR A 97 -1.46 2.39 1.76
C THR A 97 -2.41 1.93 0.64
N LEU A 98 -1.90 1.10 -0.31
CA LEU A 98 -2.71 0.59 -1.42
C LEU A 98 -3.69 -0.53 -0.96
N GLN A 99 -3.39 -1.11 0.22
CA GLN A 99 -4.31 -2.04 0.94
C GLN A 99 -5.39 -1.23 1.66
N HIS A 100 -4.99 -0.06 2.19
CA HIS A 100 -5.84 0.85 2.97
C HIS A 100 -6.89 1.50 2.07
N LEU A 101 -6.48 1.94 0.87
CA LEU A 101 -7.39 2.58 -0.10
C LEU A 101 -8.11 1.49 -0.91
N PRO A 102 -9.46 1.62 -1.16
CA PRO A 102 -10.26 0.58 -1.83
C PRO A 102 -9.89 0.39 -3.31
N LEU A 103 -8.91 -0.51 -3.56
CA LEU A 103 -8.62 -1.01 -4.92
C LEU A 103 -9.61 -2.11 -5.27
N THR A 104 -9.80 -2.30 -6.58
CA THR A 104 -10.64 -3.37 -7.12
C THR A 104 -9.74 -4.43 -7.78
N VAL A 105 -10.29 -5.64 -7.98
CA VAL A 105 -9.55 -6.74 -8.64
C VAL A 105 -9.22 -6.40 -10.11
N ASP A 106 -9.96 -5.42 -10.68
CA ASP A 106 -9.68 -4.82 -11.99
C ASP A 106 -8.37 -3.99 -11.94
N HIS A 107 -8.23 -3.15 -10.88
CA HIS A 107 -7.04 -2.29 -10.64
C HIS A 107 -5.75 -3.14 -10.52
N LEU A 108 -5.75 -4.06 -9.56
CA LEU A 108 -4.58 -4.89 -9.23
C LEU A 108 -4.30 -5.98 -10.30
N LYS A 109 -5.20 -6.12 -11.29
CA LYS A 109 -4.98 -6.95 -12.51
C LYS A 109 -4.40 -6.15 -13.68
N GLN A 110 -4.66 -4.84 -13.70
CA GLN A 110 -4.18 -3.94 -14.78
C GLN A 110 -2.64 -3.96 -14.84
N ASN A 111 -2.01 -3.91 -13.65
CA ASN A 111 -0.54 -4.06 -13.48
C ASN A 111 -0.17 -5.49 -13.06
N ASN A 112 -1.21 -6.25 -12.65
CA ASN A 112 -1.08 -7.62 -12.10
C ASN A 112 -0.24 -7.59 -10.78
N THR A 113 -0.51 -6.54 -9.98
CA THR A 113 0.14 -6.29 -8.67
C THR A 113 -0.10 -7.45 -7.67
N ALA A 114 -1.16 -8.23 -7.93
CA ALA A 114 -1.55 -9.44 -7.15
C ALA A 114 -0.35 -10.40 -6.93
N LYS A 115 0.41 -10.68 -8.01
CA LYS A 115 1.57 -11.60 -7.97
C LYS A 115 2.80 -10.92 -7.32
N LEU A 116 2.89 -9.57 -7.45
CA LEU A 116 3.98 -8.76 -6.86
C LEU A 116 3.97 -8.88 -5.32
N VAL A 117 2.82 -8.55 -4.71
CA VAL A 117 2.65 -8.58 -3.24
C VAL A 117 2.73 -10.03 -2.70
N LYS A 118 2.28 -10.99 -3.53
CA LYS A 118 2.29 -12.44 -3.22
C LYS A 118 3.72 -12.96 -2.91
N GLN A 119 4.76 -12.33 -3.51
CA GLN A 119 6.16 -12.76 -3.31
C GLN A 119 6.75 -12.23 -1.99
N LEU A 120 6.26 -11.06 -1.52
CA LEU A 120 6.72 -10.45 -0.24
C LEU A 120 6.23 -11.29 0.97
N SER A 121 4.98 -11.75 0.88
CA SER A 121 4.31 -12.50 1.96
C SER A 121 4.92 -13.90 2.19
N LYS A 122 5.48 -14.50 1.12
CA LYS A 122 6.08 -15.86 1.18
C LYS A 122 7.60 -15.78 1.43
N SER A 123 8.29 -14.91 0.68
CA SER A 123 9.77 -14.79 0.67
C SER A 123 10.14 -13.49 1.40
N SER A 124 10.03 -13.54 2.72
CA SER A 124 10.36 -12.45 3.62
C SER A 124 11.68 -12.69 4.38
N GLU A 125 12.37 -11.58 4.68
CA GLU A 125 13.53 -11.57 5.58
C GLU A 125 13.09 -11.13 7.00
N ASP A 126 11.89 -10.51 7.09
CA ASP A 126 11.32 -9.99 8.34
C ASP A 126 9.82 -10.33 8.43
N GLU A 127 9.31 -10.42 9.67
CA GLU A 127 7.88 -10.68 9.95
C GLU A 127 7.01 -9.48 9.49
N GLU A 128 7.50 -8.27 9.78
CA GLU A 128 6.76 -7.00 9.53
C GLU A 128 6.30 -6.87 8.07
N LEU A 129 7.23 -7.13 7.13
CA LEU A 129 6.97 -6.96 5.69
C LEU A 129 5.99 -8.04 5.21
N ARG A 130 6.07 -9.26 5.79
CA ARG A 130 5.29 -10.41 5.30
C ARG A 130 3.86 -10.38 5.83
N LYS A 131 3.67 -9.95 7.10
CA LYS A 131 2.35 -9.98 7.77
C LYS A 131 1.46 -8.84 7.26
N LEU A 132 2.10 -7.71 6.90
CA LEU A 132 1.43 -6.58 6.23
C LEU A 132 1.07 -6.97 4.77
N ALA A 133 1.96 -7.71 4.10
CA ALA A 133 1.76 -8.17 2.71
C ALA A 133 0.74 -9.33 2.64
N SER A 134 0.68 -10.16 3.70
CA SER A 134 -0.20 -11.35 3.72
C SER A 134 -1.61 -10.97 4.15
N VAL A 135 -1.75 -9.94 5.04
CA VAL A 135 -3.07 -9.38 5.40
C VAL A 135 -3.65 -8.60 4.20
N LEU A 136 -2.75 -8.06 3.36
CA LEU A 136 -3.09 -7.44 2.09
C LEU A 136 -3.69 -8.48 1.13
N VAL A 137 -2.94 -9.59 0.93
CA VAL A 137 -3.40 -10.73 0.08
C VAL A 137 -4.67 -11.37 0.70
N SER A 138 -4.80 -11.32 2.03
CA SER A 138 -5.97 -11.85 2.78
C SER A 138 -7.19 -10.96 2.58
N ASP A 139 -6.95 -9.64 2.47
CA ASP A 139 -8.00 -8.64 2.24
C ASP A 139 -8.54 -8.80 0.82
N TRP A 140 -7.60 -8.89 -0.13
CA TRP A 140 -7.89 -9.04 -1.56
C TRP A 140 -8.55 -10.39 -1.87
N MET A 141 -8.10 -11.47 -1.20
CA MET A 141 -8.62 -12.85 -1.45
C MET A 141 -10.03 -13.00 -0.85
N ALA A 142 -10.33 -12.24 0.21
CA ALA A 142 -11.67 -12.19 0.82
C ALA A 142 -12.67 -11.54 -0.14
N VAL A 143 -12.20 -10.46 -0.82
CA VAL A 143 -12.95 -9.76 -1.88
C VAL A 143 -13.22 -10.73 -3.07
N ILE A 144 -12.15 -11.39 -3.54
CA ILE A 144 -12.20 -12.37 -4.66
C ILE A 144 -13.12 -13.57 -4.31
N ARG A 145 -13.07 -13.98 -3.03
CA ARG A 145 -13.89 -15.07 -2.49
C ARG A 145 -15.38 -14.72 -2.59
N SER A 146 -15.70 -13.46 -2.27
CA SER A 146 -17.06 -12.92 -2.33
C SER A 146 -17.54 -12.75 -3.80
N GLN A 147 -16.58 -12.45 -4.71
CA GLN A 147 -16.87 -12.19 -6.14
C GLN A 147 -16.84 -13.49 -6.99
N SER A 148 -16.23 -14.58 -6.47
CA SER A 148 -16.02 -15.82 -7.25
C SER A 148 -15.93 -17.06 -6.34
N GLY A 149 -14.77 -17.23 -5.65
CA GLY A 149 -14.44 -18.48 -4.96
C GLY A 149 -15.12 -18.64 -3.59
N GLY A 150 -16.47 -18.78 -3.61
CA GLY A 150 -17.27 -18.88 -2.40
C GLY A 150 -17.70 -20.32 -2.13
N GLY A 151 -17.57 -20.76 -0.87
CA GLY A 151 -17.87 -22.14 -0.47
C GLY A 151 -16.85 -23.15 -0.98
N SER A 152 -15.59 -22.69 -1.10
CA SER A 152 -14.46 -23.50 -1.60
C SER A 152 -14.20 -24.70 -0.68
N GLY A 153 -14.71 -25.88 -1.10
CA GLY A 153 -14.58 -27.13 -0.33
C GLY A 153 -15.35 -27.11 0.99
N GLY A 154 -16.34 -26.19 1.09
CA GLY A 154 -17.08 -25.94 2.32
C GLY A 154 -16.20 -25.23 3.36
N GLY A 155 -15.31 -26.02 3.97
CA GLY A 155 -14.29 -25.53 4.91
C GLY A 155 -13.32 -26.64 5.27
N SER A 156 -12.34 -26.32 6.16
CA SER A 156 -11.29 -27.23 6.65
C SER A 156 -10.31 -27.63 5.52
N ASP A 157 -10.79 -28.49 4.60
CA ASP A 157 -10.05 -28.90 3.39
C ASP A 157 -10.13 -27.79 2.33
N LEU A 158 -9.34 -26.74 2.55
CA LEU A 158 -9.27 -25.56 1.66
C LEU A 158 -8.00 -25.67 0.79
N ASP A 159 -8.19 -25.69 -0.54
CA ASP A 159 -7.12 -25.95 -1.52
C ASP A 159 -6.31 -24.67 -1.78
N TYR A 160 -5.02 -24.86 -2.14
CA TYR A 160 -4.15 -23.79 -2.60
C TYR A 160 -4.67 -23.23 -3.95
N ASP A 161 -5.23 -24.12 -4.79
CA ASP A 161 -5.84 -23.77 -6.09
C ASP A 161 -7.08 -22.88 -5.90
N SER A 162 -7.86 -23.16 -4.84
CA SER A 162 -9.08 -22.40 -4.50
C SER A 162 -8.72 -20.98 -4.00
N VAL A 163 -7.62 -20.89 -3.21
CA VAL A 163 -7.13 -19.61 -2.66
C VAL A 163 -6.10 -18.95 -3.60
N GLN A 164 -5.92 -19.51 -4.81
CA GLN A 164 -5.08 -18.90 -5.88
C GLN A 164 -5.87 -18.92 -7.23
N PRO A 165 -7.03 -18.16 -7.33
CA PRO A 165 -7.75 -18.03 -8.61
C PRO A 165 -7.19 -16.84 -9.43
N TYR A 166 -7.05 -15.67 -8.78
CA TYR A 166 -6.53 -14.44 -9.39
C TYR A 166 -5.09 -14.15 -8.94
N PHE A 167 -4.52 -15.05 -8.11
CA PHE A 167 -3.08 -14.97 -7.75
C PHE A 167 -2.26 -15.93 -8.62
N TYR A 168 -2.96 -16.56 -9.60
CA TYR A 168 -2.38 -17.53 -10.54
C TYR A 168 -1.25 -16.89 -11.37
N CYS A 169 -0.22 -17.69 -11.60
CA CYS A 169 0.96 -17.29 -12.36
C CYS A 169 1.39 -18.47 -13.22
N ASP A 170 1.22 -18.35 -14.55
CA ASP A 170 1.58 -19.41 -15.50
C ASP A 170 3.12 -19.53 -15.57
N GLU A 171 3.65 -20.60 -14.98
CA GLU A 171 5.10 -20.85 -14.89
C GLU A 171 5.63 -21.45 -16.20
N GLU A 172 5.76 -20.59 -17.22
CA GLU A 172 6.40 -20.89 -18.52
C GLU A 172 7.21 -19.66 -18.97
N GLU A 173 8.23 -19.90 -19.81
CA GLU A 173 9.11 -18.83 -20.32
C GLU A 173 8.38 -17.96 -21.34
N ASN A 174 7.62 -18.59 -22.25
CA ASN A 174 6.82 -17.87 -23.26
C ASN A 174 5.58 -17.23 -22.58
N MET A 1 30.20 19.58 18.46
CA MET A 1 29.49 20.82 18.03
C MET A 1 29.50 20.92 16.50
N GLY A 2 28.54 21.67 15.95
CA GLY A 2 28.38 21.83 14.50
C GLY A 2 26.92 21.91 14.10
N SER A 3 26.66 21.80 12.78
CA SER A 3 25.30 21.83 12.23
C SER A 3 24.50 20.59 12.67
N GLY A 4 25.16 19.42 12.60
CA GLY A 4 24.55 18.14 12.94
C GLY A 4 23.73 17.55 11.81
N PRO A 5 22.98 16.42 12.07
CA PRO A 5 22.09 15.80 11.07
C PRO A 5 20.95 16.75 10.65
N ILE A 6 20.97 17.20 9.37
CA ILE A 6 19.93 18.10 8.84
C ILE A 6 18.56 17.38 8.82
N ASP A 7 17.56 18.00 9.46
CA ASP A 7 16.25 17.38 9.68
C ASP A 7 15.22 18.06 8.75
N PRO A 8 14.81 17.40 7.63
CA PRO A 8 13.69 17.87 6.79
C PRO A 8 12.30 17.38 7.30
N LYS A 9 12.30 16.41 8.25
CA LYS A 9 11.06 15.75 8.71
C LYS A 9 10.13 16.76 9.39
N GLU A 10 10.69 17.56 10.32
CA GLU A 10 9.94 18.61 11.06
C GLU A 10 9.33 19.66 10.11
N LEU A 11 10.08 19.96 9.03
CA LEU A 11 9.69 20.96 8.02
C LEU A 11 8.44 20.48 7.25
N LEU A 12 8.52 19.24 6.72
CA LEU A 12 7.42 18.62 5.96
C LEU A 12 6.27 18.15 6.87
N LYS A 13 6.58 17.93 8.16
CA LYS A 13 5.59 17.56 9.19
C LYS A 13 4.76 18.78 9.60
N GLY A 14 5.42 19.96 9.59
CA GLY A 14 4.78 21.23 9.98
C GLY A 14 3.65 21.68 9.06
N LEU A 15 3.53 21.04 7.86
CA LEU A 15 2.47 21.35 6.88
C LEU A 15 1.08 20.92 7.38
N ASP A 16 1.05 20.16 8.49
CA ASP A 16 -0.20 19.63 9.10
C ASP A 16 -1.18 20.74 9.53
N SER A 17 -0.68 21.99 9.56
CA SER A 17 -1.50 23.18 9.83
C SER A 17 -2.58 23.41 8.73
N PHE A 18 -2.33 22.88 7.51
CA PHE A 18 -3.34 22.81 6.42
C PHE A 18 -4.48 21.86 6.82
N LEU A 19 -4.11 20.80 7.56
CA LEU A 19 -5.05 19.81 8.11
C LEU A 19 -5.59 20.30 9.46
N THR A 20 -6.49 19.50 10.05
CA THR A 20 -7.00 19.74 11.43
C THR A 20 -5.84 19.64 12.45
N ARG A 21 -6.06 20.21 13.64
CA ARG A 21 -5.09 20.21 14.76
C ARG A 21 -4.71 18.78 15.24
N ASP A 22 -5.58 17.80 14.94
CA ASP A 22 -5.35 16.37 15.24
C ASP A 22 -4.22 15.78 14.38
N GLY A 23 -4.01 16.39 13.20
CA GLY A 23 -2.92 16.03 12.29
C GLY A 23 -3.15 14.72 11.56
N GLU A 24 -4.43 14.38 11.31
CA GLU A 24 -4.81 13.14 10.61
C GLU A 24 -5.32 13.46 9.20
N VAL A 25 -6.38 14.29 9.14
CA VAL A 25 -7.00 14.73 7.87
C VAL A 25 -8.01 15.87 8.16
N LYS A 26 -8.04 16.88 7.29
CA LYS A 26 -9.05 17.95 7.33
C LYS A 26 -10.16 17.64 6.32
N SER A 27 -9.79 17.70 5.02
CA SER A 27 -10.73 17.57 3.90
C SER A 27 -10.05 16.88 2.70
N VAL A 28 -10.83 16.74 1.62
CA VAL A 28 -10.35 16.26 0.29
C VAL A 28 -9.35 17.28 -0.34
N ASP A 29 -9.48 18.54 0.07
CA ASP A 29 -8.47 19.61 -0.18
C ASP A 29 -7.08 19.16 0.34
N GLY A 30 -7.09 18.56 1.54
CA GLY A 30 -5.89 18.10 2.23
C GLY A 30 -5.13 17.02 1.48
N ILE A 31 -5.85 15.97 1.02
CA ILE A 31 -5.22 14.86 0.26
C ILE A 31 -4.68 15.35 -1.10
N ALA A 32 -5.30 16.39 -1.68
CA ALA A 32 -4.90 16.92 -2.99
C ALA A 32 -3.50 17.56 -2.94
N LYS A 33 -3.26 18.39 -1.90
CA LYS A 33 -1.94 19.06 -1.70
C LYS A 33 -0.88 18.10 -1.13
N ILE A 34 -1.32 17.16 -0.28
CA ILE A 34 -0.45 16.11 0.29
C ILE A 34 -0.03 15.12 -0.81
N PHE A 35 -0.93 14.88 -1.79
CA PHE A 35 -0.64 14.05 -2.97
C PHE A 35 0.43 14.72 -3.82
N SER A 36 0.20 16.02 -4.10
CA SER A 36 1.10 16.87 -4.88
C SER A 36 2.50 16.95 -4.23
N LEU A 37 2.56 16.77 -2.90
CA LEU A 37 3.83 16.76 -2.16
C LEU A 37 4.51 15.37 -2.30
N MET A 38 3.80 14.30 -1.90
CA MET A 38 4.36 12.91 -1.87
C MET A 38 4.70 12.39 -3.29
N LYS A 39 4.08 12.99 -4.33
CA LYS A 39 4.23 12.61 -5.75
C LYS A 39 5.68 12.75 -6.24
N GLU A 40 6.43 13.66 -5.61
CA GLU A 40 7.87 13.82 -5.88
C GLU A 40 8.64 12.54 -5.49
N ALA A 41 8.26 11.95 -4.32
CA ALA A 41 8.81 10.66 -3.81
C ALA A 41 10.37 10.63 -3.76
N ARG A 42 10.96 11.83 -3.66
CA ARG A 42 12.40 12.05 -3.84
C ARG A 42 13.20 11.44 -2.68
N LYS A 43 12.84 11.85 -1.45
CA LYS A 43 13.54 11.46 -0.22
C LYS A 43 12.66 10.52 0.61
N MET A 44 13.15 9.29 0.84
CA MET A 44 12.42 8.20 1.54
C MET A 44 11.78 8.67 2.85
N VAL A 45 12.62 9.10 3.82
CA VAL A 45 12.19 9.42 5.19
C VAL A 45 11.22 10.63 5.24
N SER A 46 11.43 11.58 4.32
CA SER A 46 10.65 12.82 4.26
C SER A 46 9.22 12.55 3.74
N ARG A 47 9.13 11.79 2.62
CA ARG A 47 7.87 11.53 1.89
C ARG A 47 7.02 10.42 2.55
N CYS A 48 7.68 9.46 3.23
CA CYS A 48 6.98 8.32 3.90
C CYS A 48 6.15 8.81 5.11
N THR A 49 6.53 9.99 5.64
CA THR A 49 5.79 10.69 6.71
C THR A 49 4.34 11.02 6.26
N TYR A 50 4.19 11.30 4.95
CA TYR A 50 2.88 11.58 4.32
C TYR A 50 2.04 10.32 4.20
N LEU A 51 2.67 9.20 3.81
CA LEU A 51 2.01 7.86 3.75
C LEU A 51 1.45 7.46 5.12
N ASN A 52 2.13 7.90 6.20
CA ASN A 52 1.67 7.71 7.60
C ASN A 52 0.37 8.51 7.84
N ILE A 53 0.36 9.77 7.38
CA ILE A 53 -0.79 10.70 7.53
C ILE A 53 -2.07 10.13 6.85
N ILE A 54 -1.89 9.44 5.71
CA ILE A 54 -2.98 8.82 4.93
C ILE A 54 -3.59 7.62 5.69
N LEU A 55 -2.73 6.94 6.47
CA LEU A 55 -3.14 5.85 7.37
C LEU A 55 -3.93 6.39 8.57
N GLN A 56 -3.64 7.65 8.96
CA GLN A 56 -4.36 8.33 10.07
C GLN A 56 -5.74 8.82 9.61
N THR A 57 -5.89 8.99 8.28
CA THR A 57 -7.15 9.40 7.65
C THR A 57 -8.23 8.30 7.80
N ARG A 58 -9.32 8.62 8.51
CA ARG A 58 -10.47 7.70 8.69
C ARG A 58 -11.48 7.81 7.54
N ALA A 59 -11.46 8.95 6.82
CA ALA A 59 -12.42 9.27 5.76
C ALA A 59 -12.11 8.47 4.47
N PRO A 60 -12.97 7.45 4.08
CA PRO A 60 -12.69 6.55 2.92
C PRO A 60 -12.79 7.29 1.57
N GLU A 61 -13.51 8.42 1.58
CA GLU A 61 -13.65 9.34 0.42
C GLU A 61 -12.28 9.85 -0.07
N VAL A 62 -11.38 10.09 0.90
CA VAL A 62 -10.02 10.57 0.67
C VAL A 62 -9.17 9.49 -0.03
N LEU A 63 -9.34 8.24 0.40
CA LEU A 63 -8.58 7.08 -0.08
C LEU A 63 -8.93 6.74 -1.55
N VAL A 64 -10.23 6.68 -1.85
CA VAL A 64 -10.71 6.36 -3.21
C VAL A 64 -10.42 7.51 -4.20
N LYS A 65 -10.38 8.76 -3.68
CA LYS A 65 -10.08 9.96 -4.51
C LYS A 65 -8.56 10.05 -4.75
N PHE A 66 -7.75 9.46 -3.85
CA PHE A 66 -6.29 9.34 -4.04
C PHE A 66 -5.99 8.51 -5.31
N ILE A 67 -6.76 7.42 -5.48
CA ILE A 67 -6.71 6.57 -6.70
C ILE A 67 -7.03 7.42 -7.96
N ASP A 68 -8.08 8.24 -7.81
CA ASP A 68 -8.67 9.04 -8.90
C ASP A 68 -7.71 10.14 -9.42
N VAL A 69 -6.97 10.78 -8.50
CA VAL A 69 -6.05 11.91 -8.83
C VAL A 69 -4.70 11.43 -9.41
N GLY A 70 -4.54 10.11 -9.57
CA GLY A 70 -3.33 9.52 -10.15
C GLY A 70 -2.48 8.78 -9.13
N GLY A 71 -2.94 8.75 -7.85
CA GLY A 71 -2.26 8.02 -6.78
C GLY A 71 -2.19 6.52 -7.03
N TYR A 72 -3.12 6.02 -7.85
CA TYR A 72 -3.11 4.65 -8.39
C TYR A 72 -1.76 4.34 -9.08
N LYS A 73 -1.35 5.29 -9.93
CA LYS A 73 -0.10 5.23 -10.70
C LYS A 73 1.11 5.27 -9.76
N LEU A 74 1.02 6.14 -8.73
CA LEU A 74 2.07 6.31 -7.71
C LEU A 74 2.32 4.99 -6.95
N LEU A 75 1.25 4.29 -6.54
CA LEU A 75 1.34 3.01 -5.80
C LEU A 75 2.10 1.93 -6.61
N ASN A 76 1.90 1.95 -7.94
CA ASN A 76 2.58 1.02 -8.87
C ASN A 76 4.07 1.39 -9.03
N SER A 77 4.31 2.71 -9.15
CA SER A 77 5.67 3.27 -9.33
C SER A 77 6.54 3.04 -8.07
N TRP A 78 5.90 3.20 -6.90
CA TRP A 78 6.55 3.09 -5.59
C TRP A 78 6.84 1.62 -5.27
N LEU A 79 5.94 0.71 -5.71
CA LEU A 79 6.12 -0.74 -5.51
C LEU A 79 7.43 -1.18 -6.19
N THR A 80 7.58 -0.80 -7.47
CA THR A 80 8.75 -1.17 -8.29
C THR A 80 10.04 -0.48 -7.78
N TYR A 81 9.95 0.84 -7.56
CA TYR A 81 11.07 1.71 -7.11
C TYR A 81 11.67 1.20 -5.79
N SER A 82 10.80 1.01 -4.82
CA SER A 82 11.18 0.65 -3.45
C SER A 82 11.58 -0.83 -3.35
N LYS A 83 11.14 -1.66 -4.31
CA LYS A 83 11.47 -3.10 -4.34
C LYS A 83 12.91 -3.32 -4.86
N THR A 84 13.23 -2.62 -5.96
CA THR A 84 14.56 -2.70 -6.61
C THR A 84 15.68 -2.19 -5.67
N THR A 85 15.35 -1.15 -4.87
CA THR A 85 16.23 -0.65 -3.79
C THR A 85 16.11 -1.57 -2.56
N ASN A 86 14.89 -2.05 -2.33
CA ASN A 86 14.49 -2.95 -1.24
C ASN A 86 14.68 -2.26 0.13
N ASN A 87 13.76 -1.35 0.45
CA ASN A 87 13.69 -0.67 1.75
C ASN A 87 12.39 -1.11 2.44
N ILE A 88 12.47 -2.16 3.25
CA ILE A 88 11.29 -2.82 3.88
C ILE A 88 10.45 -1.84 4.78
N PRO A 89 11.08 -0.91 5.61
CA PRO A 89 10.35 0.18 6.32
C PRO A 89 9.49 1.07 5.37
N LEU A 90 9.94 1.19 4.10
CA LEU A 90 9.20 1.95 3.07
C LEU A 90 8.11 1.07 2.44
N LEU A 91 8.46 -0.20 2.08
CA LEU A 91 7.52 -1.17 1.44
C LEU A 91 6.24 -1.34 2.27
N GLN A 92 6.42 -1.55 3.58
CA GLN A 92 5.32 -1.81 4.51
C GLN A 92 4.34 -0.62 4.55
N GLN A 93 4.87 0.62 4.56
CA GLN A 93 4.05 1.85 4.60
C GLN A 93 3.28 2.05 3.28
N ILE A 94 3.91 1.75 2.14
CA ILE A 94 3.27 1.85 0.81
C ILE A 94 2.08 0.87 0.72
N LEU A 95 2.32 -0.39 1.13
CA LEU A 95 1.33 -1.47 1.02
C LEU A 95 0.23 -1.31 2.09
N LEU A 96 0.58 -0.68 3.25
CA LEU A 96 -0.40 -0.34 4.31
C LEU A 96 -1.38 0.71 3.79
N THR A 97 -0.85 1.68 3.03
CA THR A 97 -1.65 2.78 2.47
C THR A 97 -2.72 2.21 1.53
N LEU A 98 -2.31 1.30 0.61
CA LEU A 98 -3.22 0.64 -0.35
C LEU A 98 -4.05 -0.50 0.29
N GLN A 99 -3.64 -0.97 1.49
CA GLN A 99 -4.42 -1.94 2.31
C GLN A 99 -5.67 -1.22 2.86
N HIS A 100 -5.43 -0.07 3.49
CA HIS A 100 -6.48 0.77 4.12
C HIS A 100 -7.37 1.41 3.03
N LEU A 101 -6.73 1.76 1.92
CA LEU A 101 -7.36 2.27 0.71
C LEU A 101 -8.12 1.12 0.02
N PRO A 102 -9.43 1.30 -0.34
CA PRO A 102 -10.21 0.25 -1.04
C PRO A 102 -9.74 0.05 -2.50
N LEU A 103 -8.90 -0.99 -2.70
CA LEU A 103 -8.54 -1.48 -4.04
C LEU A 103 -9.65 -2.40 -4.57
N THR A 104 -9.53 -2.76 -5.85
CA THR A 104 -10.40 -3.76 -6.52
C THR A 104 -9.51 -4.77 -7.27
N VAL A 105 -10.13 -5.79 -7.86
CA VAL A 105 -9.40 -6.86 -8.60
C VAL A 105 -8.65 -6.26 -9.81
N ASP A 106 -9.33 -5.36 -10.53
CA ASP A 106 -8.77 -4.72 -11.75
C ASP A 106 -7.54 -3.86 -11.41
N HIS A 107 -7.50 -3.30 -10.17
CA HIS A 107 -6.35 -2.49 -9.68
C HIS A 107 -5.09 -3.36 -9.51
N LEU A 108 -5.21 -4.43 -8.71
CA LEU A 108 -4.10 -5.36 -8.39
C LEU A 108 -3.70 -6.22 -9.61
N LYS A 109 -4.62 -6.34 -10.58
CA LYS A 109 -4.42 -7.10 -11.83
C LYS A 109 -3.62 -6.26 -12.83
N GLN A 110 -3.98 -4.97 -12.94
CA GLN A 110 -3.41 -4.04 -13.95
C GLN A 110 -2.00 -3.61 -13.54
N ASN A 111 -1.82 -3.32 -12.24
CA ASN A 111 -0.48 -3.03 -11.66
C ASN A 111 0.34 -4.32 -11.51
N ASN A 112 -0.36 -5.49 -11.60
CA ASN A 112 0.22 -6.84 -11.42
C ASN A 112 0.75 -7.04 -9.99
N THR A 113 0.24 -6.22 -9.05
CA THR A 113 0.65 -6.25 -7.63
C THR A 113 0.26 -7.59 -6.96
N ALA A 114 -0.77 -8.25 -7.52
CA ALA A 114 -1.30 -9.56 -7.03
C ALA A 114 -0.21 -10.66 -6.97
N LYS A 115 0.44 -10.90 -8.12
CA LYS A 115 1.50 -11.91 -8.26
C LYS A 115 2.77 -11.52 -7.46
N LEU A 116 3.04 -10.19 -7.40
CA LEU A 116 4.24 -9.63 -6.72
C LEU A 116 4.16 -9.80 -5.20
N VAL A 117 2.97 -9.52 -4.63
CA VAL A 117 2.75 -9.63 -3.17
C VAL A 117 2.63 -11.11 -2.74
N LYS A 118 2.10 -11.96 -3.64
CA LYS A 118 1.87 -13.40 -3.38
C LYS A 118 3.18 -14.12 -3.02
N GLN A 119 4.24 -13.88 -3.82
CA GLN A 119 5.57 -14.49 -3.60
C GLN A 119 6.22 -13.96 -2.31
N LEU A 120 5.97 -12.66 -2.01
CA LEU A 120 6.45 -12.01 -0.78
C LEU A 120 5.86 -12.67 0.47
N SER A 121 4.59 -13.11 0.37
CA SER A 121 3.84 -13.73 1.49
C SER A 121 4.34 -15.17 1.79
N LYS A 122 5.03 -15.79 0.83
CA LYS A 122 5.52 -17.18 0.96
C LYS A 122 6.75 -17.26 1.89
N SER A 123 7.90 -16.75 1.42
CA SER A 123 9.16 -16.78 2.17
C SER A 123 10.07 -15.61 1.73
N SER A 124 9.88 -14.46 2.39
CA SER A 124 10.71 -13.27 2.19
C SER A 124 11.74 -13.12 3.33
N GLU A 125 12.60 -12.09 3.20
CA GLU A 125 13.69 -11.81 4.14
C GLU A 125 13.18 -11.44 5.56
N ASP A 126 12.03 -10.75 5.62
CA ASP A 126 11.46 -10.25 6.89
C ASP A 126 10.00 -10.71 7.03
N GLU A 127 9.64 -11.11 8.26
CA GLU A 127 8.28 -11.48 8.63
C GLU A 127 7.32 -10.28 8.51
N GLU A 128 7.82 -9.10 8.89
CA GLU A 128 7.02 -7.85 8.93
C GLU A 128 6.37 -7.53 7.57
N LEU A 129 7.14 -7.67 6.48
CA LEU A 129 6.65 -7.35 5.13
C LEU A 129 5.65 -8.44 4.68
N ARG A 130 5.93 -9.72 5.01
CA ARG A 130 5.13 -10.87 4.53
C ARG A 130 3.86 -11.09 5.36
N LYS A 131 3.84 -10.62 6.60
CA LYS A 131 2.65 -10.73 7.49
C LYS A 131 1.61 -9.69 7.05
N LEU A 132 2.12 -8.52 6.60
CA LEU A 132 1.30 -7.47 5.99
C LEU A 132 0.97 -7.80 4.51
N ALA A 133 1.87 -8.57 3.86
CA ALA A 133 1.68 -9.02 2.46
C ALA A 133 0.60 -10.11 2.39
N SER A 134 0.65 -11.05 3.34
CA SER A 134 -0.30 -12.18 3.39
C SER A 134 -1.74 -11.72 3.69
N VAL A 135 -1.90 -10.64 4.49
CA VAL A 135 -3.22 -10.04 4.75
C VAL A 135 -3.74 -9.29 3.50
N LEU A 136 -2.80 -8.75 2.67
CA LEU A 136 -3.16 -8.22 1.32
C LEU A 136 -3.76 -9.34 0.47
N VAL A 137 -2.98 -10.43 0.25
CA VAL A 137 -3.37 -11.55 -0.63
C VAL A 137 -4.68 -12.21 -0.12
N SER A 138 -4.83 -12.26 1.23
CA SER A 138 -6.01 -12.84 1.90
C SER A 138 -7.27 -11.97 1.69
N ASP A 139 -7.08 -10.64 1.81
CA ASP A 139 -8.18 -9.64 1.66
C ASP A 139 -8.67 -9.61 0.20
N TRP A 140 -7.70 -9.68 -0.71
CA TRP A 140 -7.94 -9.60 -2.15
C TRP A 140 -8.58 -10.89 -2.67
N MET A 141 -8.15 -12.07 -2.15
CA MET A 141 -8.77 -13.36 -2.52
C MET A 141 -10.12 -13.52 -1.80
N ALA A 142 -10.31 -12.80 -0.69
CA ALA A 142 -11.57 -12.84 0.08
C ALA A 142 -12.71 -12.25 -0.75
N VAL A 143 -12.46 -11.08 -1.37
CA VAL A 143 -13.46 -10.40 -2.22
C VAL A 143 -13.70 -11.18 -3.54
N ILE A 144 -12.65 -11.85 -4.07
CA ILE A 144 -12.77 -12.67 -5.30
C ILE A 144 -13.61 -13.93 -5.01
N ARG A 145 -13.18 -14.70 -4.01
CA ARG A 145 -13.81 -15.98 -3.62
C ARG A 145 -15.28 -15.79 -3.21
N SER A 146 -15.57 -14.66 -2.52
CA SER A 146 -16.92 -14.36 -2.03
C SER A 146 -17.83 -13.82 -3.15
N GLN A 147 -17.45 -12.68 -3.76
CA GLN A 147 -18.30 -11.96 -4.75
C GLN A 147 -18.45 -12.76 -6.06
N SER A 148 -17.41 -13.51 -6.43
CA SER A 148 -17.39 -14.33 -7.67
C SER A 148 -17.65 -15.82 -7.35
N GLY A 149 -18.37 -16.07 -6.23
CA GLY A 149 -18.76 -17.42 -5.84
C GLY A 149 -19.52 -17.41 -4.51
N GLY A 150 -18.79 -17.55 -3.41
CA GLY A 150 -19.35 -17.51 -2.06
C GLY A 150 -18.33 -17.97 -1.04
N GLY A 151 -17.83 -19.19 -1.25
CA GLY A 151 -16.86 -19.81 -0.36
C GLY A 151 -16.57 -21.25 -0.79
N SER A 152 -16.60 -22.19 0.18
CA SER A 152 -16.47 -23.66 -0.02
C SER A 152 -15.01 -24.12 -0.30
N GLY A 153 -14.28 -23.38 -1.14
CA GLY A 153 -12.87 -23.65 -1.42
C GLY A 153 -11.97 -23.28 -0.23
N GLY A 154 -11.85 -24.20 0.74
CA GLY A 154 -11.05 -23.99 1.94
C GLY A 154 -10.82 -25.29 2.71
N GLY A 155 -10.93 -25.23 4.05
CA GLY A 155 -10.75 -26.40 4.93
C GLY A 155 -9.35 -26.48 5.55
N SER A 156 -8.75 -25.28 5.79
CA SER A 156 -7.39 -25.09 6.36
C SER A 156 -6.31 -25.47 5.33
N ASP A 157 -6.31 -26.76 4.91
CA ASP A 157 -5.53 -27.24 3.76
C ASP A 157 -6.05 -26.54 2.49
N LEU A 158 -5.21 -25.70 1.88
CA LEU A 158 -5.59 -24.84 0.76
C LEU A 158 -4.57 -24.97 -0.37
N ASP A 159 -5.07 -25.03 -1.60
CA ASP A 159 -4.27 -25.38 -2.80
C ASP A 159 -3.67 -24.11 -3.41
N TYR A 160 -2.56 -24.26 -4.19
CA TYR A 160 -1.89 -23.11 -4.82
C TYR A 160 -2.82 -22.41 -5.84
N ASP A 161 -3.52 -23.18 -6.67
CA ASP A 161 -4.50 -22.63 -7.65
C ASP A 161 -5.75 -22.08 -6.93
N SER A 162 -5.97 -22.51 -5.66
CA SER A 162 -7.08 -22.01 -4.82
C SER A 162 -6.69 -20.69 -4.11
N VAL A 163 -5.37 -20.49 -3.84
CA VAL A 163 -4.85 -19.19 -3.34
C VAL A 163 -4.51 -18.26 -4.53
N GLN A 164 -4.73 -18.77 -5.75
CA GLN A 164 -4.64 -18.02 -7.00
C GLN A 164 -5.98 -18.10 -7.77
N PRO A 165 -7.16 -17.73 -7.15
CA PRO A 165 -8.50 -17.96 -7.76
C PRO A 165 -8.73 -17.03 -8.97
N TYR A 166 -8.02 -15.90 -8.96
CA TYR A 166 -8.04 -14.89 -10.02
C TYR A 166 -6.77 -14.02 -9.87
N PHE A 167 -5.68 -14.65 -9.41
CA PHE A 167 -4.32 -14.06 -9.38
C PHE A 167 -3.41 -14.80 -10.38
N TYR A 168 -3.79 -16.05 -10.71
CA TYR A 168 -2.95 -17.01 -11.45
C TYR A 168 -2.46 -16.43 -12.80
N CYS A 169 -1.19 -16.66 -13.10
CA CYS A 169 -0.57 -16.23 -14.34
C CYS A 169 -0.98 -17.20 -15.47
N ASP A 170 -1.97 -16.78 -16.26
CA ASP A 170 -2.39 -17.50 -17.47
C ASP A 170 -1.25 -17.41 -18.50
N GLU A 171 -0.40 -18.45 -18.49
CA GLU A 171 0.80 -18.52 -19.33
C GLU A 171 0.59 -19.52 -20.48
N GLU A 172 1.70 -19.84 -21.20
CA GLU A 172 1.72 -20.69 -22.41
C GLU A 172 1.06 -19.96 -23.59
N GLU A 173 1.88 -19.58 -24.58
CA GLU A 173 1.41 -18.95 -25.84
C GLU A 173 1.72 -19.90 -27.02
N ASN A 174 1.77 -21.21 -26.70
CA ASN A 174 2.10 -22.28 -27.66
C ASN A 174 0.91 -22.49 -28.63
#